data_7ZAG
#
_entry.id   7ZAG
#
_cell.length_a   1.00
_cell.length_b   1.00
_cell.length_c   1.00
_cell.angle_alpha   90.00
_cell.angle_beta   90.00
_cell.angle_gamma   90.00
#
_symmetry.space_group_name_H-M   'P 1'
#
loop_
_entity.id
_entity.type
_entity.pdbx_description
1 polymer rRNA
2 polymer '30S ribosomal protein S3Ae'
3 polymer '30S ribosomal protein S2'
4 polymer 'Zn-ribbon RNA-binding protein involved in translation'
5 polymer '30S ribosomal protein S4'
6 polymer '30S ribosomal protein S4e'
7 polymer '30S ribosomal protein S5'
8 polymer '30S ribosomal protein S6e'
9 polymer '30S ribosomal protein S7'
10 polymer '30S ribosomal protein S8'
11 polymer '30S ribosomal protein S8e'
12 polymer '30S ribosomal protein S9'
13 polymer '30S ribosomal protein S10'
14 polymer '30S ribosomal protein S11'
15 polymer '30S ribosomal protein S12'
16 polymer '30S ribosomal protein S13'
17 polymer '30S ribosomal protein S14 type Z'
18 polymer '30S ribosomal protein S15'
19 polymer '30S ribosomal protein S17'
20 polymer '30S ribosomal protein S17e'
21 polymer '30S ribosomal protein S19'
22 polymer '30S ribosomal protein S19e'
23 polymer '30S ribosomal protein S24e'
24 polymer '30S ribosomal protein S27e'
25 polymer '30S ribosomal protein S28e'
26 polymer '30S ribosomal protein S27ae'
27 polymer '30S ribosomal protein S3'
28 polymer '50S ribosomal protein L41e'
29 polymer '50S ribosomal protein L7Ae'
30 polymer mRNA
31 polymer Met-tRNAiMET
32 polymer 'Translation initiation factor 1A'
33 polymer 'Translation initiation factor 5B'
34 non-polymer 'MAGNESIUM ION'
35 non-polymer 'ZINC ION'
36 non-polymer METHIONINE
37 water water
#
loop_
_entity_poly.entity_id
_entity_poly.type
_entity_poly.pdbx_seq_one_letter_code
_entity_poly.pdbx_strand_id
1 'polyribonucleotide'
;AUUC(4AC)GG(OMU)UGAUCCUGCCGGAGGCCACUGCUAUGGGGGUC(4AC)GACUAAGCCA(OMU)GCGAGUCAAGGG
GGCGUCCCUUCUGGGACGCCACCGGCGGACGGCUCAGUAACACGUCGGUAAC(OMC)UACCCUCGGGAGGGGGAUAACCC
CGGGAAACUGGGGCUAAUCCCCCAUAGGCCUGGGGUACUGGAAGGUCCCCAGGCCGAAAGGGAGCCGUAAGGCUCCGCCC
GAGGAUGGGCCGGCGGC(LHH)GAUUAGGUAGUUGGUGGGGUAACGGCCCACCAAGC(4AC)GAAGAUCGGUACGGGC
(4AC)GUGAGAGCGGGAGCC(4AC)GGAGAUGGACACUGAGACACGGGUCCAGGCCCUACGGGGCGCAGCAGGCGCGA
(A2M)ACCUC(4AC)GCAAUGCGGGAAAC(4AC)GCGACGGGGGGACCCCCAGUGCCGUGCCUCUGGCACGGCUUUUCCG
GAGUGUAAAAAGCUCCGGGAAUAAGG(OMG)CUG(OMG)GCAAGGC(4AC)GGUGGCAGCCGCCGCGGUAAUACCGGCGG
CC(4AC)GAGUGGU(OMG)GCCACUAUUAUUGGG(5MC)CUAAAGCGGC(4AC)GUAGCCGGGCCCGUAAGUCCCUGGCG
AAAUCCCACGGCUCAAC(4AC)GUGGGGCUCGCUGGGGAUACUGCGGGCCUUGGGAC(4AC)GGGAGAGGC(4AC)GGGG
GUACCCCCGGGGUAGG(OMG)GUGAAAUCCUAUAAUCCCGGGG(OMG)GACCGCCAGUGG(5MC)GAAGGCGCC(4AC)G
GCUGGAACGGGUC(4AC)GACGGUGAGGGC(4AC)GAAGGCCAGGGGAGCGAAC(4AC)GGAUUAGAUACCCGGGUAGUC
(OMC)(OMU)GGCUGUAAAGGA(OMU)GCGGGCUAGGUGUCGGGCGAGCUUCGAGCUCGCCCGGUGC(4AC)G(OMU)AG
GGAAGC(4AC)GUUAAG(OMC)C(4AC)GC(4AC)GCCUGGGGAGUACGGC(4AC)GCAA(OMG)G(5MC)UGAAACUUA
AAGGAAUUGGCGGGGGAGCACUACAAGG(OMG)GUGGAGCGUGCGGUUUAAUU(OMG)GAU(B8H)CAACGCCGGGAACC
UCAC(4AC)GGGGGCGACGGCAGGAUGAAGGCCAGGCUGAAGGUCUUGCCGGACGCGCCGAGAGGAGGUGCAUGGC
(5MC)GC(4AC)GUCAGCU(OMC)GUA(OMC)(LHH)GUGAGGCGUCCACUUAAGUGUGGUAAC(OMG)AGCGAGACCCG
CGCCCCCAGUUGCCAGUCCCUCCCGCUCGGGAGGGAGGCACUCUGGGGGGACUGCCGGCGAUAAGC(4AC)GGAGGAAGG
GGCGGGCGACGGUAGGUCAG(OMU)AUGCCC(4AC)GAAACCCCCGGGCUACA(5MC)GCGCGCUACAAUGGGCGGGACA
AUGGGUGC(4AC)GACCC(4AC)GAAAGGGGGAGGUAAUCCCCUAAACCCGCCCUCAGUUCGGAUCGCGGGCUGCAACUC
GCCCGCGUGAAGCUGGAAUCCCUAGUACCCGCGCGUCAUCAUCGCGCGGCGAAUACGUCCCUGCUCCUUGCACACAC
(5MC)G(OMC)CCG(OMU)CACUCCACCCGAGCGGGGCCUAGGUGAGGCCCGAUCUCCUUCGGGAGGUCGGGUCGAGCCU
AGGCUCCGUGAGGGGGGAGAAGUCG(UR3)A(6MZ)CAAGGUAGC(4AC)GUAGGGG(MA6)(MA6)CCUACGG(5MC)U
(5MC)GAUCAC(5MC)UCCU
;
2
2 'polypeptide(L)'
;MAAKRRVSAAKDKWKLKQWYVIYAPDFFGGVEVGLTPADDPEKVLNRVVEVTLKDITGDFLKGHVKLYFQVYDVKGQNAY
TKFKGMKLARSYIRSLVRRRTTRIDGIFNITTKDGYKLRVMAMVIAARRIQTSQERAIRKIMQEIIYKKAEELNFKDFVL
EAVNGKIAAEIAKEAKKIYPLKKAEIRKIKVLGEPEVAA
;
A
3 'polypeptide(L)'
;MADEYLVPLDQYLAAGVHIGTQQKTKDMKKFIYRVRQDGLYVLDVRKTDERLKVAGKFLARFDPQSILAVSVRLYGQKPV
KKFGEVTGARAIPGRFLPGTMTNPAVKNFFEPDVIIITDPRADHQAMKEAIEIGIPIVALVDTENLLSYVDLAIPTNNKG
RKALALIYWILAREILYNRGEISSREEFKIPVEEFEMKIVRR
;
B
4 'polypeptide(L)' MAENVELKFEIPVCTSCGREITPREHATHFVCPNCGEAIIWRCETCRLLAKPYKCPKCGWEGP C
5 'polypeptide(L)'
;MGDPKRQRKKYETPPHPWIKERLDRERVLMDKYELKNKKELWKHETQLKNFRRRARRLLAARGKQAEIEREQLLARLKRL
GLLPEDAVLDDVLSLTIEDILERRLQTIVYKKGLARTMRQARQLIVHGHIEVNGQIIRSPSYLVLKEEEDTITYARTSPF
ANPQHPERMMIEKAKQGGEA
;
D
6 'polypeptide(L)'
;MARKGPKRHLKRLAAPTSWYIERKAYKWAVRPRPGPHNMRTSIPLLYIVRDYLGYAKTAREARKILNEGKFLVDGRVRKD
YKFPVGIMDVVSIPETGEHYRVLPNRIGKLILHPISEEEANIKPLRIRNKRMVKGAKIQLNFHDGTNHLIPLSEKDNYFT
SYTVLMKVPEREILEVLPFEKGAYVFVTQGKNVARKGRIVEIKKFPMGWPDVVTIEDEEGELFDTLKEYAFVVGRDKPRI
SLP
;
E
7 'polypeptide(L)'
;MSQEWKEYAKRVLDEWQPKTKLGMLVKEGQITDIHEIFRKGYQIKEPEIIDVLLPEVNARENQEILDIALTVRMTDSGRR
VRFRVLAAVGNRDGYVGLGIGHGREVGIAIRKAINYAKLNIIEIKRGCGSWECRCRRPHSVPFTVEGKEGSVRVKLIPGP
RGLGLVIGDVGKKILRLAGIQDVWSQTLGETRTTVNFAKAVFNALYNTNKVVVTPEMIERYGIVVGRAMPASFTLE
;
F
8 'polypeptide(L)'
;MATFKLVISDPKTGIAKQIEITGPEAEKLIGKRIGDQIPVKELGINLNELFGKEFPEDVKMEIRGGTDKDGFPMRPDIHG
PRRVRILLSKGPGFRPKEKGERRKKTVRGNTISPEIVQVNVKLVY
;
G
9 'polypeptide(L)'
;MAKPLSERFFIPHEIKVMGRWSTEDVEVRDPSLKPYINLEPRLLPHTHGRHAKKHFGKANVHIVERLINKIMRSGGSHYK
VAGHFMRREHRSLNSKKVKAYEVVKEAFKIIEKRTGKNPIQVLVWAIENAAPREDTTSVMFGGIRYHVAVDISPMRRLDV
ALRNIALGASAKCYRTKMSFAEALAEEIILAANKDPKSYAYSKKLEIERIAESSR
;
H
10 'polypeptide(L)'
;MTLLDPLANALSHITNSERVGKREVYIKPASKLIGEVLRVMQKYGYIGEFEFIDDGRAGVYRVQLLGKINKAGAIKPRFP
VKARDYERWEKRFLPAFEFGILIVSTSQGVMSHKEAREKGIGGRLIAYVY
;
I
11 'polypeptide(L)'
;MAIWQGRSLRKPSGGRIVLARKKRKRELGREPSNTRVAEQDKRKIIRTYGGNKKVRLTAAAYANVFDKSGKGRKVRIIRV
IENPANRQFARRNIITKGAIIETEIGKAKVTSRPGQDGVVNAILLEE
;
J
12 'polypeptide(L)'
;MRIIQTTGKRKTAIARAVIREGKGRVRINGKPVELVEPEIARFTILEPLILAGEEIWNSVDIDVKVQGGGFMGQAEAARI
AIARALVEWTGDMNLKEKFIKYDRTMLVGDPRRTEPHKPNRSTKGPRAKRQKSYR
;
K
13 'polypeptide(L)'
;MQKARIKLASTNVRSLEEVANQIKQIAERTGVRMSGPIPLPTKRIRIVTRKSPDGEGSATFDRWELRIHKRLIDIEADER
AMRQIMRIRVPEDVTIEIELIS
;
L
14 'polypeptide(L)'
;MSEEQVNIKKKEKWGIAHIYSSYNNTIIHITDITGAETISRWSGGMVVKADRDEPSPYAAMLAARRAAEEALEKGIVGVH
IRVRAPGGSKSKTPGPGAQAAIRALARAGLKIGRVEDVTPIPHDGTRPKGGRRGRRV
;
M
15 'polypeptide(L)'
;MPGKKAPNGEFAGRKLKLKRKKFRWSDIRYKRRVLRLKEKSDPLEGAPQARGIVLEKIAVEAKQPNSGMRKAVRVQLIKN
GKVVTAFCPGDGAIKFIDEHDEVIIEGIGGPKGGSMGDIPGIRYKVVKVNRVSLKELVKGRKEKPRR
;
N
16 'polypeptide(L)'
;MADFRHIVRVAGVDLDGNKQLRWALTAIKGVGINFATMVCRVAGLDPFMKAGYLTDEQVKKIEEILQDPVAHGIPRWAVN
RPKDYETGRDLHLITAKLDMAIREDIMRLRRIRAYRGIRHELGLPVRGQRTRSNFRRGQTVGVSRKKK
;
O
17 'polypeptide(L)' MAKADYNKRKPRKFGKGARRCIRCGQYGPIIRIHGLMLCRHCFREVAPKLGFRKYE P
18 'polypeptide(L)'
;MARMHARKRGKSGSKRPPRTAPPIWLEYTVEDIENLVVKLRKEGYSTAMIGTILRDQYGIPTVKLFRDPDNPNRKLTITR
ILEKHGLAPEIPEDLMFLIKRAVNLRKHLEQHPKDLHSMRGLQLIESKIRRLVKYYKRKGKLPKDWRYDPEQAKLLVR
;
Q
19 'polypeptide(L)'
;MVRDIGLRIQPPAEKCDDPKCPWHGHLKIHGRVFEGIVVSDKPRKTVTVERQYYHYLKKYERYELRRSRIHAHNPPCINA
KVGDRVLIAETRPLSKTKHFVVVAVLERAEERR
;
R
20 'polypeptide(L)' MGKIRQGFIKRVARELFNKYPNEFTRDFEHNKKKVEELTNVTSKKIRNRIAGYITKLVRMKEEGKIL S
21 'polypeptide(L)'
;MARKEFRYRGYTLEQLMNMSLEELAKLLPARQRRSLKRGLTPEQKKLLRKIRLAKKGKYNKPIRTHCRDMIVLPEMVGLT
IYVHNGKEFVPVEIKPEMIGHYLGEFAPTRKRVQHGAPGIGATRSSMFVAVK
;
T
22 'polypeptide(L)'
;MATVYDVPGDLLVERVAQRLKEIPEIKPPEWAPFVKTGRHKERLPEQEDWWYYRVASILRRVYLDGPVGIERLRTYYGGR
KNRGHAPERFYKAGGSIIRKALQQLEAAGFVEKVPGKGRVITPKGRSFLDKIATELKKELEEIIPELKKY
;
U
23 'polypeptide(L)'
;MEIKITEVKENKLIGRKEIYFEIYHPGEPTPSRKDVKGKLVAMLDLNPETTVIQYIRSYFGSYKSKGYAKYYYDKDRMLY
IEPEYILIRDGIIEKKEGE
;
V
24 'polypeptide(L)' MALPRNVIPMPRSRFLRVKCIDCGNEQIVFSHPATRVRCNVCGATLVEPTGGKGIIRAKILEVLE W
25 'polypeptide(L)' MAEDEGYPAEVIEIIGRTGTTGDVTQVKVRILEGRDKGRVIRRNVRGPVRVGDILILRETEREAREIKSRR X
26 'polypeptide(L)' MGQKWKLYIVKDGKVIRKNKFCPRCGPGVFMADHGDRWACGRCGYTEWKKK Y
27 'polypeptide(L)'
;MAIERYFIREAVKEMLIDEFLEKELRRAGYGGLDIKKTPLGTKVIIFAANPGYVIGRGGRRIRELTRILERQFGLENPQI
DVQEIKNPYLNAKVQAVRIAQALERGIHFRRAAYAAMRAIMSNGARGVEIRISGKLTGERAKSVRFYQGYLAKVGNPAET
LVSKGYAQALLKLGVIGVKVAIMPPDARLPDEIEIIEKPVEEEVSSNEAE
;
Z
28 'polypeptide(L)' MKRRPRKWKKKGRMRWKWIKKRIRRLKRQRKKERGL 0
29 'polypeptide(L)'
;MAKPSYVKFEVPKELAEKALQAVEIARDTGKIRKGTNETTKAVERGQAKLVIIAEDVDPEEIVAHLPPLCEEKEIPYIYV
PSKKELGAAAGIEVAAASVAIIEPGKARDLVEEIAMKVRELMK
;
3
30 'polyribonucleotide' UUUGGAGGUGAUUUAAAUGCCAAAG 5
31 'polyribonucleotide'
;AGCGGGG(4SU)GGAGCAGCCUGG(H2U)AGCUCGUCGGG(OMC)UCAUAACCCGAAGAUCGUCGG(5MU)(PSU)CAAA
UCCGGCCCCCGCUACCA
;
4
32 'polypeptide(L)'
;MGSSSHHHHHHSSGLVPRGSHMPKKERKVEGDEVIRVPLPEGNQLFGVVEQALGAGWMDVRCEDGKIRRCRIPGKLRRRV
WIRVGDLVIVQPWPVQSDKRGDIVYRYTQTQVDWLLRKGKITQEFLTGGSLLVE
;
6
33 'polypeptide(L)'
;MGSSHHHHHHSSGLVPRGSHMMTKRIRQPIIAVLGHVDHGKTTLLDRIRKTNVAAKEAGGITQHIGATEVPIEVVKKIAG
PLIKLWKAEIKLPGLLFIDTPGHEAFTSLRARGGSLADLAVLVVDINEGFQPQTIESIEILRKYRTPFVVAANKIDRIKG
WVIEEDEPFLMNIKKQDQRAVQELETKLWELIGKFYEFGFQANRFDRVQNFTRELAIVPISAKYGIGIAELLVLIAGLSQ
RYLEEKLKIEVEGPARGTILEVREEPGLGHTIDVIIYDGTLHKDDTIVVGGKDKAIVTKIRALLKPKPLDEIRDPRFRFD
YVDEVTAAAGVKIAAPGLEEALAGSPVIAAPTPEDVEKAKQEILEQIERVVISTDKVGVIVKADTLGSLEALSKELQEKE
IPIRKADVGNVSKTDVMEALSVKEEEPKYGVILGFNVKVNEDAEEVAKAKDVKIFVGNVIYKLIEDYEEWVKEEEEKKKR
ELLSKVTFPGVIRLYPDERYVFRRSNPAIVGIEVIEGRIKPGVTLIKQNGQKVGVIRSIKSRDEFLQEAKKGQAVAIAIE
GAIVGRHIHPGETLYVDLSRDDAITLLKHLRDTLEDTDIKALKMIAKVKAKEDPFWRAI
;
7
#
loop_
_chem_comp.id
_chem_comp.type
_chem_comp.name
_chem_comp.formula
4AC RNA linking N(4)-ACETYLCYTIDINE-5'-MONOPHOSPHATE 'C11 H16 N3 O9 P'
4SU RNA linking 4-THIOURIDINE-5'-MONOPHOSPHATE 'C9 H13 N2 O8 P S'
5MC RNA linking 5-METHYLCYTIDINE-5'-MONOPHOSPHATE 'C10 H16 N3 O8 P'
5MU RNA linking '5-METHYLURIDINE 5'-MONOPHOSPHATE' 'C10 H15 N2 O9 P'
6MZ RNA linking N6-METHYLADENOSINE-5'-MONOPHOSPHATE 'C11 H16 N5 O7 P'
A RNA linking ADENOSINE-5'-MONOPHOSPHATE 'C10 H14 N5 O7 P'
A2M RNA linking '2'-O-methyladenosine 5'-(dihydrogen phosphate)' 'C11 H16 N5 O7 P'
B8H RNA linking '[(2~{R},3~{S},4~{R},5~{S})-5-[1-methyl-2,4-bis(oxidanylidene)pyrimidin-5-yl]-3,4-bis(oxidanyl)oxolan-2-yl]methyl dihydrogen phosphate' 'C10 H15 N2 O9 P'
C RNA linking CYTIDINE-5'-MONOPHOSPHATE 'C9 H14 N3 O8 P'
G RNA linking GUANOSINE-5'-MONOPHOSPHATE 'C10 H14 N5 O8 P'
H2U RNA linking 5,6-DIHYDROURIDINE-5'-MONOPHOSPHATE 'C9 H15 N2 O9 P'
LHH RNA linking '[(2~{R},3~{R},4~{R},5~{R})-5-(4-acetamido-2-oxidanylidene-pyrimidin-1-yl)-4-methoxy-3-oxidanyl-oxolan-2-yl]methyl dihydrogen phosphate' 'C12 H18 N3 O9 P'
MA6 RNA linking 6N-DIMETHYLADENOSINE-5'-MONOPHOSHATE 'C12 H18 N5 O7 P'
MG non-polymer 'MAGNESIUM ION' 'Mg 2'
OMC RNA linking O2'-METHYLYCYTIDINE-5'-MONOPHOSPHATE 'C10 H16 N3 O8 P'
OMG RNA linking O2'-METHYLGUANOSINE-5'-MONOPHOSPHATE 'C11 H16 N5 O8 P'
OMU RNA linking 'O2'-METHYLURIDINE 5'-MONOPHOSPHATE' 'C10 H15 N2 O9 P'
PSU RNA linking PSEUDOURIDINE-5'-MONOPHOSPHATE 'C9 H13 N2 O9 P'
U RNA linking URIDINE-5'-MONOPHOSPHATE 'C9 H13 N2 O9 P'
UR3 RNA linking 3-METHYLURIDINE-5'-MONOPHOSHATE 'C10 H15 N2 O9 P'
ZN non-polymer 'ZINC ION' 'Zn 2'
#
# COMPACT_ATOMS: atom_id res chain seq x y z
P 4AC A 5 12.28 8.92 -17.09
OP1 4AC A 5 12.32 7.54 -17.68
OP2 4AC A 5 10.96 9.59 -16.85
O5' 4AC A 5 13.09 8.87 -15.72
C5' 4AC A 5 14.13 7.92 -15.52
C4' 4AC A 5 15.00 8.30 -14.35
O4' 4AC A 5 15.26 9.73 -14.36
C3' 4AC A 5 14.43 8.06 -12.97
O3' 4AC A 5 14.49 6.71 -12.56
C2' 4AC A 5 15.29 8.98 -12.12
O2' 4AC A 5 16.56 8.41 -11.90
C1' 4AC A 5 15.44 10.18 -13.04
N1 4AC A 5 14.42 11.21 -12.75
C2 4AC A 5 14.57 11.98 -11.57
O2 4AC A 5 15.53 11.83 -10.83
N3 4AC A 5 13.63 12.94 -11.26
C4 4AC A 5 12.62 13.09 -12.02
N4 4AC A 5 11.70 14.05 -11.69
C5 4AC A 5 12.41 12.32 -13.25
C6 4AC A 5 13.32 11.40 -13.55
C7 4AC A 5 10.55 14.41 -12.35
O7 4AC A 5 10.08 13.98 -13.38
CM7 4AC A 5 9.85 15.52 -11.59
N1 OMU A 8 2.16 9.13 -2.11
C2 OMU A 8 1.45 10.21 -1.59
N3 OMU A 8 1.03 11.20 -2.36
C4 OMU A 8 1.24 11.16 -3.66
C5 OMU A 8 1.92 10.09 -4.22
C6 OMU A 8 2.38 9.05 -3.42
O2 OMU A 8 1.24 10.26 -0.37
O4 OMU A 8 0.83 12.09 -4.37
C1' OMU A 8 2.58 8.07 -1.20
C2' OMU A 8 2.67 6.68 -1.81
O2' OMU A 8 1.40 6.11 -2.00
CM2 OMU A 8 1.34 5.35 -3.20
C3' OMU A 8 3.53 5.98 -0.76
C4' OMU A 8 4.50 7.07 -0.32
O3' OMU A 8 2.69 5.63 0.33
O4' OMU A 8 3.88 8.33 -0.71
C5' OMU A 8 5.88 6.99 -0.91
O5' OMU A 8 5.90 6.38 -2.19
P OMU A 8 7.14 5.48 -2.65
OP1 OMU A 8 7.13 4.22 -1.85
OP2 OMU A 8 7.12 5.41 -4.15
P 4AC A 41 37.69 46.67 -9.60
OP1 4AC A 41 36.47 47.44 -9.22
OP2 4AC A 41 38.85 47.38 -10.24
O5' 4AC A 41 38.22 45.94 -8.29
C5' 4AC A 41 37.31 45.26 -7.44
C4' 4AC A 41 38.03 44.62 -6.28
O4' 4AC A 41 38.98 43.64 -6.78
C3' 4AC A 41 38.89 45.55 -5.44
O3' 4AC A 41 38.14 46.29 -4.50
C2' 4AC A 41 39.88 44.58 -4.79
O2' 4AC A 41 39.28 43.91 -3.70
C1' 4AC A 41 40.10 43.57 -5.91
N1 4AC A 41 41.31 43.86 -6.70
C2 4AC A 41 42.57 43.48 -6.17
O2 4AC A 41 42.65 42.93 -5.08
N3 4AC A 41 43.72 43.75 -6.89
C4 4AC A 41 43.62 44.33 -8.03
N4 4AC A 41 44.77 44.58 -8.74
C5 4AC A 41 42.35 44.73 -8.61
C6 4AC A 41 41.25 44.49 -7.93
C7 4AC A 41 44.92 45.19 -9.97
O7 4AC A 41 44.06 45.64 -10.71
CM7 4AC A 41 46.38 45.25 -10.34
N1 OMU A 52 50.36 61.13 8.12
C2 OMU A 52 50.34 60.39 6.92
N3 OMU A 52 49.19 60.11 6.32
C4 OMU A 52 48.04 60.52 6.84
C5 OMU A 52 48.01 61.24 8.01
C6 OMU A 52 49.21 61.53 8.65
O2 OMU A 52 51.40 59.98 6.42
O4 OMU A 52 46.97 60.25 6.26
C1' OMU A 52 51.62 61.43 8.81
C2' OMU A 52 52.51 62.38 8.00
O2' OMU A 52 53.86 62.08 8.32
CM2 OMU A 52 54.60 61.66 7.18
C3' OMU A 52 52.12 63.72 8.58
C4' OMU A 52 51.94 63.40 10.05
O3' OMU A 52 53.08 64.75 8.35
O4' OMU A 52 51.33 62.09 10.03
C5' OMU A 52 51.06 64.34 10.83
O5' OMU A 52 49.70 64.24 10.46
P OMU A 52 48.56 65.00 11.27
OP1 OMU A 52 49.19 66.22 11.87
OP2 OMU A 52 47.36 65.14 10.39
N1 OMC A 117 23.36 82.43 -22.90
C2 OMC A 117 24.07 81.21 -22.96
N3 OMC A 117 23.94 80.40 -24.02
C4 OMC A 117 23.13 80.74 -25.04
C5 OMC A 117 22.43 81.93 -25.00
C6 OMC A 117 22.56 82.77 -23.90
O2 OMC A 117 24.83 80.88 -22.03
N4 OMC A 117 23.00 79.92 -26.10
C1' OMC A 117 23.51 83.31 -21.73
C2' OMC A 117 24.85 84.03 -21.70
O2' OMC A 117 25.18 84.25 -20.34
CM2 OMC A 117 26.16 83.33 -19.87
C3' OMC A 117 24.50 85.34 -22.37
C4' OMC A 117 23.12 85.61 -21.83
O4' OMC A 117 22.51 84.30 -21.78
O3' OMC A 117 25.41 86.38 -22.11
C5' OMC A 117 22.25 86.53 -22.66
O5' OMC A 117 21.87 85.93 -23.88
P OMC A 117 20.71 86.53 -24.77
OP1 OMC A 117 20.78 88.03 -24.64
OP2 OMC A 117 20.76 85.89 -26.11
C4 LHH A 238 4.25 51.10 -6.43
C5 LHH A 238 4.37 50.34 -7.59
C6 LHH A 238 4.64 48.97 -7.49
N1 LHH A 238 4.79 48.47 -6.30
C7 LHH A 238 3.77 53.38 -7.65
N3 LHH A 238 4.42 50.50 -5.26
N4 LHH A 238 3.97 52.56 -6.44
C1 LHH A 238 4.22 45.46 -3.52
C2 LHH A 238 4.67 49.22 -5.20
C1' LHH A 238 5.05 47.03 -6.12
C2' LHH A 238 3.78 46.28 -5.73
C3' LHH A 238 3.30 45.83 -7.10
C4' LHH A 238 4.60 45.45 -7.77
C5' LHH A 238 4.58 45.39 -9.28
CM7 LHH A 238 3.48 54.89 -7.51
O2 LHH A 238 4.80 48.72 -4.17
O2' LHH A 238 4.15 45.16 -4.94
O3' LHH A 238 2.36 44.78 -7.06
O4' LHH A 238 5.51 46.49 -7.34
O5' LHH A 238 4.16 46.62 -9.84
O7 LHH A 238 3.83 52.91 -8.74
OP1 LHH A 238 3.75 45.55 -12.06
OP2 LHH A 238 3.49 48.13 -11.73
P LHH A 238 4.19 46.84 -11.41
P 4AC A 274 -7.91 67.81 -15.44
OP1 4AC A 274 -7.12 67.44 -16.67
OP2 4AC A 274 -9.40 67.83 -15.49
O5' 4AC A 274 -7.46 66.82 -14.28
C5' 4AC A 274 -6.10 66.50 -14.08
C4' 4AC A 274 -5.90 65.57 -12.91
O4' 4AC A 274 -6.34 66.22 -11.69
C3' 4AC A 274 -6.70 64.29 -12.94
O3' 4AC A 274 -6.17 63.31 -13.80
C2' 4AC A 274 -6.68 63.89 -11.48
O2' 4AC A 274 -5.42 63.33 -11.14
C1' 4AC A 274 -6.80 65.24 -10.79
N1 4AC A 274 -8.20 65.53 -10.42
C2 4AC A 274 -8.75 64.84 -9.31
O2 4AC A 274 -8.09 64.03 -8.68
N3 4AC A 274 -10.07 65.09 -8.94
C4 4AC A 274 -10.75 65.93 -9.61
N4 4AC A 274 -12.05 66.16 -9.22
C5 4AC A 274 -10.23 66.68 -10.76
C6 4AC A 274 -8.97 66.44 -11.11
C7 4AC A 274 -12.99 67.01 -9.75
O7 4AC A 274 -12.88 67.77 -10.71
CM7 4AC A 274 -14.28 66.92 -8.99
P 4AC A 291 26.36 42.52 -23.21
OP1 4AC A 291 27.70 42.10 -23.74
OP2 4AC A 291 25.12 42.15 -23.99
O5' 4AC A 291 26.22 41.96 -21.74
C5' 4AC A 291 27.29 42.06 -20.82
C4' 4AC A 291 26.88 41.60 -19.45
O4' 4AC A 291 25.80 42.44 -18.96
C3' 4AC A 291 26.31 40.20 -19.34
O3' 4AC A 291 27.31 39.19 -19.34
C2' 4AC A 291 25.52 40.26 -18.05
O2' 4AC A 291 26.37 40.16 -16.93
C1' 4AC A 291 24.97 41.69 -18.10
N1 4AC A 291 23.59 41.73 -18.62
C2 4AC A 291 22.53 41.33 -17.77
O2 4AC A 291 22.76 40.98 -16.62
N3 4AC A 291 21.24 41.35 -18.24
C4 4AC A 291 21.02 41.73 -19.44
N4 4AC A 291 19.72 41.75 -19.88
C5 4AC A 291 22.06 42.15 -20.36
C6 4AC A 291 23.31 42.13 -19.92
C7 4AC A 291 19.23 42.11 -21.11
O7 4AC A 291 19.84 42.50 -22.11
CM7 4AC A 291 17.73 41.97 -21.16
P 4AC A 307 32.29 59.48 -20.80
OP1 4AC A 307 32.95 60.67 -21.45
OP2 4AC A 307 32.48 59.24 -19.33
O5' 4AC A 307 30.74 59.60 -21.09
C5' 4AC A 307 30.27 60.01 -22.37
C4' 4AC A 307 28.77 59.94 -22.46
O4' 4AC A 307 28.32 58.58 -22.19
C3' 4AC A 307 27.99 60.75 -21.45
O3' 4AC A 307 27.96 62.14 -21.73
C2' 4AC A 307 26.64 60.08 -21.50
O2' 4AC A 307 25.97 60.42 -22.70
C1' 4AC A 307 27.05 58.62 -21.59
N1 4AC A 307 27.13 58.01 -20.24
C2 4AC A 307 25.94 57.58 -19.62
O2 4AC A 307 24.86 57.69 -20.22
N3 4AC A 307 25.97 57.04 -18.35
C4 4AC A 307 27.09 56.94 -17.76
N4 4AC A 307 27.12 56.40 -16.50
C5 4AC A 307 28.35 57.38 -18.34
C6 4AC A 307 28.32 57.90 -19.56
C7 4AC A 307 28.19 56.19 -15.65
O7 4AC A 307 29.38 56.45 -15.85
CM7 4AC A 307 27.74 55.56 -14.37
P A2M A 361 35.32 38.59 8.03
OP1 A2M A 361 36.77 38.32 8.30
O5' A2M A 361 35.20 39.07 6.51
C5' A2M A 361 36.05 38.47 5.54
C4' A2M A 361 35.60 38.89 4.16
O4' A2M A 361 34.20 38.66 4.02
C3' A2M A 361 35.80 40.36 3.93
O3' A2M A 361 37.07 40.61 3.31
C2' A2M A 361 34.66 40.72 3.01
O2' A2M A 361 35.06 40.48 1.68
C1' A2M A 361 33.57 39.72 3.31
CM' A2M A 361 34.38 41.32 0.76
N9 A2M A 361 32.53 40.31 4.17
C8 A2M A 361 32.57 40.35 5.52
N7 A2M A 361 31.48 40.95 6.03
C5 A2M A 361 30.70 41.32 5.00
C6 A2M A 361 29.40 41.99 4.83
N6 A2M A 361 28.70 42.41 5.90
N1 A2M A 361 28.94 42.17 3.58
C2 A2M A 361 29.64 41.76 2.52
N3 A2M A 361 30.83 41.14 2.59
C4 A2M A 361 31.40 40.88 3.79
OP2 A2M A 361 34.55 39.53 8.91
P 4AC A 367 59.06 56.50 -4.19
OP1 4AC A 367 60.32 57.15 -3.70
OP2 4AC A 367 57.76 57.27 -4.12
O5' 4AC A 367 59.29 56.04 -5.68
C5' 4AC A 367 60.57 55.60 -6.11
C4' 4AC A 367 60.61 55.32 -7.59
O4' 4AC A 367 59.60 54.33 -7.94
C3' 4AC A 367 60.30 56.49 -8.51
O3' 4AC A 367 61.39 57.37 -8.68
C2' 4AC A 367 59.86 55.79 -9.78
O2' 4AC A 367 60.99 55.31 -10.50
C1' 4AC A 367 59.10 54.60 -9.23
N1 4AC A 367 57.66 54.88 -9.13
C2 4AC A 367 56.86 54.88 -10.29
O2 4AC A 367 57.35 54.64 -11.39
N3 4AC A 367 55.51 55.14 -10.20
C4 4AC A 367 55.00 55.39 -9.05
N4 4AC A 367 53.66 55.65 -8.96
C5 4AC A 367 55.78 55.40 -7.81
C6 4AC A 367 57.07 55.15 -7.90
C7 4AC A 367 52.90 55.93 -7.84
O7 4AC A 367 53.25 56.02 -6.67
CM7 4AC A 367 51.46 56.16 -8.23
P 4AC A 382 61.41 70.56 -18.63
OP1 4AC A 382 62.70 70.19 -17.93
OP2 4AC A 382 60.68 69.54 -19.45
O5' 4AC A 382 60.42 71.11 -17.51
C5' 4AC A 382 60.86 72.06 -16.55
C4' 4AC A 382 59.71 72.70 -15.84
O4' 4AC A 382 58.86 73.38 -16.79
C3' 4AC A 382 58.77 71.75 -15.13
O3' 4AC A 382 59.25 71.35 -13.85
C2' 4AC A 382 57.48 72.56 -15.04
O2' 4AC A 382 57.55 73.48 -13.96
C1' 4AC A 382 57.52 73.35 -16.35
N1 4AC A 382 56.69 72.75 -17.40
C2 4AC A 382 55.29 72.90 -17.38
O2 4AC A 382 54.75 73.52 -16.48
N3 4AC A 382 54.52 72.34 -18.38
C4 4AC A 382 55.09 71.69 -19.32
N4 4AC A 382 54.31 71.14 -20.31
C5 4AC A 382 56.53 71.51 -19.41
C6 4AC A 382 57.27 72.04 -18.44
C7 4AC A 382 54.69 70.40 -21.42
O7 4AC A 382 55.82 70.07 -21.77
CM7 4AC A 382 53.49 70.00 -22.22
P OMG A 455 38.91 15.95 0.40
OP1 OMG A 455 38.31 16.52 1.66
OP2 OMG A 455 39.92 14.83 0.50
O5' OMG A 455 37.73 15.47 -0.54
C5' OMG A 455 36.49 16.15 -0.55
C4' OMG A 455 35.65 15.75 -1.74
O4' OMG A 455 36.48 15.65 -2.92
C3' OMG A 455 34.98 14.39 -1.67
O3' OMG A 455 33.81 14.39 -0.88
C2' OMG A 455 34.72 14.10 -3.13
O2' OMG A 455 33.66 14.89 -3.62
CM2 OMG A 455 32.96 14.26 -4.68
C1' OMG A 455 36.00 14.64 -3.76
N9 OMG A 455 37.03 13.61 -3.87
C8 OMG A 455 38.14 13.52 -3.13
N7 OMG A 455 38.89 12.45 -3.50
C5 OMG A 455 38.25 11.83 -4.49
C6 OMG A 455 38.47 10.64 -5.32
O6 OMG A 455 39.50 9.94 -5.17
N1 OMG A 455 37.57 10.33 -6.25
C2 OMG A 455 36.47 11.07 -6.43
N2 OMG A 455 35.60 10.68 -7.38
N3 OMG A 455 36.19 12.16 -5.70
C4 OMG A 455 37.02 12.59 -4.74
P OMG A 459 25.09 1.66 -6.10
OP1 OMG A 459 25.42 0.85 -7.32
OP2 OMG A 459 25.89 2.87 -5.77
O5' OMG A 459 23.55 2.08 -6.22
C5' OMG A 459 22.61 1.20 -6.80
C4' OMG A 459 21.24 1.83 -6.83
O4' OMG A 459 20.90 2.26 -5.50
C3' OMG A 459 21.10 3.09 -7.67
O3' OMG A 459 20.88 2.80 -9.03
C2' OMG A 459 19.94 3.82 -7.01
O2' OMG A 459 18.71 3.27 -7.47
CM2 OMG A 459 17.66 4.22 -7.43
C1' OMG A 459 20.10 3.41 -5.55
N9 OMG A 459 20.72 4.44 -4.71
C8 OMG A 459 21.95 4.34 -4.17
N7 OMG A 459 22.25 5.41 -3.39
C5 OMG A 459 21.18 6.22 -3.41
C6 OMG A 459 20.83 7.50 -2.80
O6 OMG A 459 21.64 8.10 -2.07
N1 OMG A 459 19.62 8.02 -3.06
C2 OMG A 459 18.74 7.39 -3.84
N2 OMG A 459 17.56 7.97 -4.05
N3 OMG A 459 19.00 6.20 -4.43
C4 OMG A 459 20.18 5.57 -4.26
P 4AC A 467 36.05 -10.83 3.74
OP1 4AC A 467 36.11 -12.28 4.18
OP2 4AC A 467 34.78 -10.05 3.93
O5' 4AC A 467 37.23 -10.06 4.48
C5' 4AC A 467 38.54 -10.60 4.49
C4' 4AC A 467 39.54 -9.64 5.10
O4' 4AC A 467 39.58 -8.42 4.31
C3' 4AC A 467 39.23 -9.15 6.50
O3' 4AC A 467 39.54 -10.09 7.51
C2' 4AC A 467 40.06 -7.88 6.57
O2' 4AC A 467 41.43 -8.19 6.75
C1' 4AC A 467 39.88 -7.33 5.15
N1 4AC A 467 38.76 -6.36 5.10
C2 4AC A 467 38.97 -5.03 5.54
O2 4AC A 467 40.08 -4.66 5.93
N3 4AC A 467 37.92 -4.12 5.51
C4 4AC A 467 36.78 -4.52 5.09
N4 4AC A 467 35.75 -3.61 5.07
C5 4AC A 467 36.51 -5.87 4.64
C6 4AC A 467 37.50 -6.74 4.67
C7 4AC A 467 34.44 -3.79 4.66
O7 4AC A 467 33.90 -4.81 4.24
CM7 4AC A 467 33.66 -2.52 4.81
P 4AC A 499 36.13 12.26 -16.56
OP1 4AC A 499 35.39 12.70 -17.78
OP2 4AC A 499 37.20 11.21 -16.68
O5' 4AC A 499 36.76 13.54 -15.87
C5' 4AC A 499 36.08 14.79 -15.91
C4' 4AC A 499 36.56 15.73 -14.84
O4' 4AC A 499 36.63 15.02 -13.57
C3' 4AC A 499 37.95 16.29 -15.00
O3' 4AC A 499 38.04 17.32 -15.96
C2' 4AC A 499 38.25 16.76 -13.58
O2' 4AC A 499 37.53 17.94 -13.30
C1' 4AC A 499 37.65 15.62 -12.78
N1 4AC A 499 38.67 14.62 -12.46
C2 4AC A 499 39.54 14.88 -11.38
O2 4AC A 499 39.41 15.91 -10.72
N3 4AC A 499 40.52 13.98 -11.04
C4 4AC A 499 40.64 12.91 -11.74
N4 4AC A 499 41.63 12.02 -11.38
C5 4AC A 499 39.78 12.58 -12.86
C6 4AC A 499 38.83 13.45 -13.18
C7 4AC A 499 41.97 10.81 -11.95
O7 4AC A 499 41.46 10.24 -12.91
CM7 4AC A 499 43.13 10.20 -11.21
P OMG A 507 22.47 26.45 2.04
OP1 OMG A 507 21.25 26.18 2.86
OP2 OMG A 507 22.78 25.59 0.84
O5' OMG A 507 22.42 27.97 1.55
C5' OMG A 507 21.88 28.98 2.38
C4' OMG A 507 22.22 30.36 1.86
O4' OMG A 507 23.63 30.44 1.56
C3' OMG A 507 21.56 30.76 0.55
O3' OMG A 507 20.21 31.16 0.69
C2' OMG A 507 22.47 31.89 0.10
O2' OMG A 507 22.27 33.05 0.88
CM2 OMG A 507 22.43 34.24 0.12
C1' OMG A 507 23.84 31.32 0.48
N9 OMG A 507 24.44 30.57 -0.64
C8 OMG A 507 24.65 29.25 -0.67
N7 OMG A 507 25.23 28.88 -1.83
C5 OMG A 507 25.39 29.98 -2.57
C6 OMG A 507 25.93 30.30 -3.90
O6 OMG A 507 26.40 29.42 -4.64
N1 OMG A 507 25.91 31.57 -4.30
C2 OMG A 507 25.42 32.55 -3.53
N2 OMG A 507 25.43 33.82 -4.01
N3 OMG A 507 24.90 32.33 -2.30
C4 OMG A 507 24.87 31.09 -1.78
P 5MC A 523 -10.30 20.28 -15.69
OP1 5MC A 523 -10.44 18.79 -15.64
OP2 5MC A 523 -10.56 21.02 -16.96
O5' 5MC A 523 -11.23 20.90 -14.56
C5' 5MC A 523 -11.18 20.41 -13.22
C4' 5MC A 523 -11.87 21.37 -12.29
O4' 5MC A 523 -11.19 22.63 -12.33
C3' 5MC A 523 -13.30 21.69 -12.63
O3' 5MC A 523 -14.22 20.73 -12.16
C2' 5MC A 523 -13.50 23.06 -12.00
O2' 5MC A 523 -13.83 22.92 -10.63
C1' 5MC A 523 -12.10 23.67 -12.08
N1 5MC A 523 -11.98 24.66 -13.17
C2 5MC A 523 -12.38 25.99 -12.96
O2 5MC A 523 -12.85 26.30 -11.85
N3 5MC A 523 -12.27 26.91 -13.92
C4 5MC A 523 -11.77 26.59 -15.12
N4 5MC A 523 -11.67 27.51 -16.09
C5 5MC A 523 -11.34 25.20 -15.35
C6 5MC A 523 -11.47 24.29 -14.33
CM5 5MC A 523 -10.77 24.80 -16.68
P 4AC A 534 -30.89 36.67 -16.32
OP1 4AC A 534 -31.66 36.44 -17.59
OP2 4AC A 534 -29.40 36.48 -16.31
O5' 4AC A 534 -31.19 38.14 -15.82
C5' 4AC A 534 -32.45 38.76 -16.05
C4' 4AC A 534 -32.48 40.15 -15.51
O4' 4AC A 534 -32.00 40.15 -14.15
C3' 4AC A 534 -31.58 41.15 -16.22
O3' 4AC A 534 -32.16 41.69 -17.38
C2' 4AC A 534 -31.34 42.20 -15.14
O2' 4AC A 534 -32.43 43.10 -15.07
C1' 4AC A 534 -31.33 41.36 -13.87
N1 4AC A 534 -29.98 41.05 -13.37
C2 4AC A 534 -29.28 42.03 -12.63
O2 4AC A 534 -29.77 43.12 -12.41
N3 4AC A 534 -28.01 41.73 -12.15
C4 4AC A 534 -27.51 40.58 -12.38
N4 4AC A 534 -26.25 40.31 -11.91
C5 4AC A 534 -28.19 39.54 -13.15
C6 4AC A 534 -29.40 39.82 -13.60
C7 4AC A 534 -25.50 39.15 -12.04
O7 4AC A 534 -25.80 38.10 -12.61
CM7 4AC A 534 -24.18 39.29 -11.35
P 4AC A 578 40.33 43.94 -27.23
OP1 4AC A 578 40.03 45.16 -26.41
OP2 4AC A 578 39.21 43.15 -27.83
O5' 4AC A 578 41.31 44.37 -28.40
C5' 4AC A 578 42.16 45.50 -28.25
C4' 4AC A 578 43.11 45.66 -29.43
O4' 4AC A 578 43.71 44.39 -29.75
C3' 4AC A 578 42.49 46.09 -30.74
O3' 4AC A 578 42.19 47.48 -30.79
C2' 4AC A 578 43.55 45.68 -31.74
O2' 4AC A 578 44.64 46.59 -31.71
C1' 4AC A 578 44.03 44.36 -31.13
N1 4AC A 578 43.35 43.20 -31.75
C2 4AC A 578 43.76 42.80 -33.04
O2 4AC A 578 44.66 43.39 -33.62
N3 4AC A 578 43.14 41.73 -33.65
C4 4AC A 578 42.20 41.13 -33.04
N4 4AC A 578 41.60 40.07 -33.67
C5 4AC A 578 41.73 41.50 -31.72
C6 4AC A 578 42.32 42.52 -31.12
C7 4AC A 578 40.57 39.25 -33.24
O7 4AC A 578 39.96 39.29 -32.18
CM7 4AC A 578 40.25 38.21 -34.28
P 4AC A 614 -52.37 40.46 -29.40
OP1 4AC A 614 -53.60 41.19 -28.95
OP2 4AC A 614 -51.55 39.68 -28.42
O5' 4AC A 614 -52.80 39.49 -30.59
C5' 4AC A 614 -53.71 39.92 -31.59
C4' 4AC A 614 -53.92 38.88 -32.65
O4' 4AC A 614 -52.64 38.55 -33.26
C3' 4AC A 614 -54.45 37.54 -32.19
O3' 4AC A 614 -55.85 37.53 -31.97
C2' 4AC A 614 -54.02 36.61 -33.32
O2' 4AC A 614 -54.87 36.78 -34.44
C1' 4AC A 614 -52.65 37.20 -33.67
N1 4AC A 614 -51.56 36.48 -32.98
C2 4AC A 614 -51.10 35.26 -33.50
O2 4AC A 614 -51.59 34.78 -34.52
N3 4AC A 614 -50.09 34.57 -32.85
C4 4AC A 614 -49.59 35.07 -31.78
N4 4AC A 614 -48.59 34.39 -31.15
C5 4AC A 614 -50.03 36.34 -31.20
C6 4AC A 614 -51.00 36.99 -31.82
C7 4AC A 614 -47.90 34.72 -30.00
O7 4AC A 614 -48.02 35.70 -29.29
CM7 4AC A 614 -46.88 33.67 -29.67
P 4AC A 624 -52.43 36.13 -0.22
OP1 4AC A 624 -52.12 36.83 1.08
OP2 4AC A 624 -52.41 34.63 -0.27
O5' 4AC A 624 -53.85 36.63 -0.72
C5' 4AC A 624 -54.29 37.95 -0.46
C4' 4AC A 624 -55.65 38.23 -1.03
O4' 4AC A 624 -55.68 37.87 -2.43
C3' 4AC A 624 -56.82 37.45 -0.45
O3' 4AC A 624 -57.28 37.97 0.77
C2' 4AC A 624 -57.85 37.55 -1.56
O2' 4AC A 624 -58.46 38.82 -1.56
C1' 4AC A 624 -56.97 37.44 -2.80
N1 4AC A 624 -56.88 36.05 -3.27
C2 4AC A 624 -57.95 35.47 -3.99
O2 4AC A 624 -58.95 36.11 -4.25
N3 4AC A 624 -57.84 34.15 -4.42
C4 4AC A 624 -56.78 33.50 -4.13
N4 4AC A 624 -56.65 32.20 -4.53
C5 4AC A 624 -55.66 34.05 -3.38
C6 4AC A 624 -55.75 35.31 -2.98
C7 4AC A 624 -55.59 31.35 -4.32
O7 4AC A 624 -54.52 31.53 -3.72
CM7 4AC A 624 -55.85 30.00 -4.95
P OMG A 645 -54.30 -1.18 26.14
OP1 OMG A 645 -54.69 -1.00 24.70
OP2 OMG A 645 -53.76 -2.51 26.60
O5' OMG A 645 -53.22 -0.07 26.49
C5' OMG A 645 -53.31 1.24 25.96
C4' OMG A 645 -52.24 2.12 26.53
O4' OMG A 645 -52.25 1.97 27.97
C3' OMG A 645 -50.82 1.76 26.13
O3' OMG A 645 -50.46 2.39 24.91
C2' OMG A 645 -49.99 2.23 27.31
O2' OMG A 645 -49.70 3.61 27.21
CM2 OMG A 645 -48.55 3.96 27.96
C1' OMG A 645 -50.95 2.04 28.48
N9 OMG A 645 -50.71 0.82 29.27
C8 OMG A 645 -51.56 -0.21 29.31
N7 OMG A 645 -51.13 -1.17 30.15
C5 OMG A 645 -49.99 -0.75 30.70
C6 OMG A 645 -49.02 -1.29 31.67
O6 OMG A 645 -49.20 -2.41 32.18
N1 OMG A 645 -47.97 -0.54 31.98
C2 OMG A 645 -47.77 0.66 31.43
N2 OMG A 645 -46.68 1.36 31.80
N3 OMG A 645 -48.62 1.23 30.53
C4 OMG A 645 -49.72 0.58 30.13
P OMG A 668 -65.15 26.79 17.34
OP1 OMG A 668 -65.11 28.28 17.15
OP2 OMG A 668 -65.79 25.92 16.29
O5' OMG A 668 -63.66 26.29 17.56
C5' OMG A 668 -62.78 26.96 18.43
C4' OMG A 668 -61.56 26.14 18.72
O4' OMG A 668 -61.97 24.79 19.02
C3' OMG A 668 -60.58 25.97 17.58
O3' OMG A 668 -59.69 27.08 17.46
C2' OMG A 668 -59.86 24.67 17.92
O2' OMG A 668 -58.83 24.90 18.85
CM2 OMG A 668 -57.92 23.80 18.90
C1' OMG A 668 -60.96 23.89 18.64
N9 OMG A 668 -61.57 22.82 17.81
C8 OMG A 668 -62.81 22.87 17.31
N7 OMG A 668 -63.11 21.74 16.64
C5 OMG A 668 -62.04 20.93 16.72
C6 OMG A 668 -61.71 19.59 16.23
O6 OMG A 668 -62.52 18.92 15.56
N1 OMG A 668 -60.52 19.10 16.53
C2 OMG A 668 -59.63 19.79 17.26
N2 OMG A 668 -58.43 19.21 17.51
N3 OMG A 668 -59.87 21.03 17.73
C4 OMG A 668 -61.04 21.65 17.51
P 5MC A 681 -43.53 21.34 -18.24
OP1 5MC A 681 -43.73 21.99 -19.58
OP2 5MC A 681 -42.22 20.68 -17.93
O5' 5MC A 681 -43.80 22.45 -17.15
C5' 5MC A 681 -44.87 23.37 -17.30
C4' 5MC A 681 -44.95 24.31 -16.14
O4' 5MC A 681 -45.13 23.55 -14.91
C3' 5MC A 681 -43.73 25.14 -15.86
O3' 5MC A 681 -43.58 26.24 -16.73
C2' 5MC A 681 -43.92 25.53 -14.41
O2' 5MC A 681 -44.91 26.54 -14.31
C1' 5MC A 681 -44.51 24.24 -13.85
N1 5MC A 681 -43.46 23.37 -13.27
C2 5MC A 681 -43.01 23.63 -11.97
O2 5MC A 681 -43.51 24.57 -11.32
N3 5MC A 681 -42.06 22.88 -11.39
C4 5MC A 681 -41.50 21.86 -12.06
N4 5MC A 681 -40.54 21.11 -11.50
C5 5MC A 681 -41.96 21.59 -13.43
C6 5MC A 681 -42.94 22.38 -13.98
CM5 5MC A 681 -41.36 20.45 -14.21
P 4AC A 691 -62.61 22.85 -9.52
OP1 4AC A 691 -63.12 22.31 -10.82
OP2 4AC A 691 -61.18 23.31 -9.42
O5' 4AC A 691 -63.57 24.04 -9.08
C5' 4AC A 691 -64.93 24.03 -9.44
C4' 4AC A 691 -65.67 25.24 -8.92
O4' 4AC A 691 -65.48 25.34 -7.48
C3' 4AC A 691 -65.19 26.59 -9.43
O3' 4AC A 691 -65.69 26.89 -10.72
C2' 4AC A 691 -65.70 27.53 -8.37
O2' 4AC A 691 -67.09 27.75 -8.50
C1' 4AC A 691 -65.46 26.70 -7.10
N1 4AC A 691 -64.16 27.00 -6.49
C2 4AC A 691 -64.00 28.15 -5.71
O2 4AC A 691 -64.94 28.91 -5.50
N3 4AC A 691 -62.76 28.43 -5.14
C4 4AC A 691 -61.81 27.62 -5.37
N4 4AC A 691 -60.58 27.88 -4.82
C5 4AC A 691 -61.92 26.42 -6.18
C6 4AC A 691 -63.09 26.15 -6.71
C7 4AC A 691 -59.42 27.14 -4.93
O7 4AC A 691 -59.22 26.10 -5.54
CM7 4AC A 691 -58.32 27.80 -4.17
P 4AC A 706 -42.86 46.83 -41.05
OP1 4AC A 706 -43.07 48.25 -41.51
OP2 4AC A 706 -42.37 45.80 -42.02
O5' 4AC A 706 -41.87 46.91 -39.81
C5' 4AC A 706 -41.95 47.97 -38.87
C4' 4AC A 706 -40.92 47.82 -37.79
O4' 4AC A 706 -41.02 46.51 -37.21
C3' 4AC A 706 -39.47 47.90 -38.24
O3' 4AC A 706 -39.00 49.23 -38.35
C2' 4AC A 706 -38.72 47.09 -37.18
O2' 4AC A 706 -38.31 47.93 -36.13
C1' 4AC A 706 -39.79 46.14 -36.65
N1 4AC A 706 -39.52 44.72 -36.95
C2 4AC A 706 -38.53 44.04 -36.23
O2 4AC A 706 -37.88 44.62 -35.37
N3 4AC A 706 -38.29 42.70 -36.48
C4 4AC A 706 -38.98 42.10 -37.37
N4 4AC A 706 -38.72 40.78 -37.61
C5 4AC A 706 -40.03 42.76 -38.15
C6 4AC A 706 -40.26 44.04 -37.91
C7 4AC A 706 -39.32 39.91 -38.51
O7 4AC A 706 -40.21 40.15 -39.30
CM7 4AC A 706 -38.70 38.55 -38.43
P 4AC A 719 -36.36 41.71 -2.63
OP1 4AC A 719 -37.75 41.98 -2.14
OP2 4AC A 719 -35.20 41.92 -1.70
O5' 4AC A 719 -36.31 40.21 -3.14
C5' 4AC A 719 -37.47 39.60 -3.69
C4' 4AC A 719 -37.15 38.23 -4.26
O4' 4AC A 719 -35.92 38.31 -5.01
C3' 4AC A 719 -36.89 37.14 -3.24
O3' 4AC A 719 -38.06 36.56 -2.71
C2' 4AC A 719 -36.06 36.15 -4.05
O2' 4AC A 719 -36.90 35.39 -4.91
C1' 4AC A 719 -35.22 37.08 -4.91
N1 4AC A 719 -33.90 37.34 -4.34
C2 4AC A 719 -32.90 36.32 -4.34
O2 4AC A 719 -33.15 35.22 -4.81
N3 4AC A 719 -31.66 36.57 -3.81
C4 4AC A 719 -31.41 37.72 -3.32
N4 4AC A 719 -30.17 37.96 -2.79
C5 4AC A 719 -32.39 38.81 -3.29
C6 4AC A 719 -33.58 38.57 -3.80
C7 4AC A 719 -29.67 39.11 -2.22
O7 4AC A 719 -30.23 40.19 -2.04
CM7 4AC A 719 -28.25 38.91 -1.77
P 4AC A 739 -33.50 19.05 35.54
OP1 4AC A 739 -32.91 19.49 36.85
OP2 4AC A 739 -32.72 18.11 34.66
O5' 4AC A 739 -34.91 18.40 35.85
C5' 4AC A 739 -35.86 19.09 36.66
C4' 4AC A 739 -37.15 18.32 36.77
O4' 4AC A 739 -37.79 18.22 35.48
C3' 4AC A 739 -37.05 16.88 37.23
O3' 4AC A 739 -36.85 16.75 38.62
C2' 4AC A 739 -38.36 16.30 36.75
O2' 4AC A 739 -39.41 16.64 37.63
C1' 4AC A 739 -38.58 17.06 35.44
N1 4AC A 739 -38.20 16.25 34.26
C2 4AC A 739 -39.04 15.19 33.85
O2 4AC A 739 -40.07 14.94 34.45
N3 4AC A 739 -38.70 14.44 32.74
C4 4AC A 739 -37.62 14.71 32.11
N4 4AC A 739 -37.31 13.95 31.02
C5 4AC A 739 -36.71 15.79 32.49
C6 4AC A 739 -37.04 16.51 33.55
C7 4AC A 739 -36.21 14.03 30.17
O7 4AC A 739 -35.28 14.82 30.21
CM7 4AC A 739 -36.28 12.98 29.11
N1 OMC A 761 -49.97 34.05 12.14
C2 OMC A 761 -49.71 35.17 12.94
N3 OMC A 761 -48.59 35.22 13.70
C4 OMC A 761 -47.72 34.20 13.68
C5 OMC A 761 -47.95 33.10 12.88
C6 OMC A 761 -49.09 33.03 12.12
O2 OMC A 761 -50.51 36.12 12.99
N4 OMC A 761 -46.60 34.27 14.43
C1' OMC A 761 -51.18 33.95 11.31
C2' OMC A 761 -51.26 35.03 10.23
O2' OMC A 761 -52.63 35.31 10.00
CM2 OMC A 761 -52.98 36.63 10.39
C3' OMC A 761 -50.68 34.30 9.04
C4' OMC A 761 -51.24 32.90 9.22
O4' OMC A 761 -51.19 32.70 10.66
O3' OMC A 761 -51.03 34.87 7.79
C5' OMC A 761 -50.50 31.78 8.53
O5' OMC A 761 -49.19 31.62 9.04
P OMC A 761 -48.23 30.50 8.47
OP1 OMC A 761 -48.50 30.37 7.01
OP2 OMC A 761 -46.83 30.79 8.95
N1 OMU A 762 -48.78 38.98 11.19
C2 OMU A 762 -47.98 39.60 12.14
N3 OMU A 762 -46.91 38.99 12.65
C4 OMU A 762 -46.61 37.75 12.25
C5 OMU A 762 -47.38 37.11 11.31
C6 OMU A 762 -48.50 37.75 10.79
O2 OMU A 762 -48.25 40.75 12.54
O4 OMU A 762 -45.61 37.18 12.72
C1' OMU A 762 -49.97 39.68 10.65
C2' OMU A 762 -49.58 40.81 9.71
O2' OMU A 762 -50.56 41.82 9.80
CM2 OMU A 762 -50.00 43.07 10.20
C3' OMU A 762 -49.67 40.12 8.36
C4' OMU A 762 -50.88 39.24 8.53
O3' OMU A 762 -49.78 41.01 7.26
O4' OMU A 762 -50.73 38.76 9.90
C5' OMU A 762 -51.00 38.07 7.60
O5' OMU A 762 -49.94 37.14 7.77
P OMU A 762 -49.95 35.75 7.00
OP1 OMU A 762 -50.50 36.00 5.62
OP2 OMU A 762 -48.60 35.12 7.16
N1 OMU A 775 -21.42 18.71 -13.67
C2 OMU A 775 -20.76 17.77 -14.48
N3 OMU A 775 -21.00 16.47 -14.36
C4 OMU A 775 -21.87 16.04 -13.45
C5 OMU A 775 -22.54 16.94 -12.64
C6 OMU A 775 -22.29 18.30 -12.77
O2 OMU A 775 -19.95 18.17 -15.33
O4 OMU A 775 -22.08 14.83 -13.33
C1' OMU A 775 -21.11 20.13 -13.87
C2' OMU A 775 -22.29 21.07 -13.73
O2' OMU A 775 -23.07 21.10 -14.89
CM2 OMU A 775 -24.27 21.83 -14.70
C3' OMU A 775 -21.57 22.38 -13.44
C4' OMU A 775 -20.41 21.92 -12.55
O3' OMU A 775 -21.06 22.87 -14.69
O4' OMU A 775 -20.19 20.52 -12.86
C5' OMU A 775 -20.63 22.08 -11.07
O5' OMU A 775 -21.71 21.29 -10.60
P OMU A 775 -22.37 21.56 -9.18
OP1 OMU A 775 -22.15 23.01 -8.84
OP2 OMU A 775 -23.77 21.03 -9.22
P 4AC A 816 -28.08 3.47 -19.10
OP1 4AC A 816 -27.42 2.56 -18.11
OP2 4AC A 816 -27.54 4.85 -19.31
O5' 4AC A 816 -28.12 2.73 -20.51
C5' 4AC A 816 -28.20 1.31 -20.58
C4' 4AC A 816 -28.20 0.82 -22.01
O4' 4AC A 816 -29.21 1.53 -22.78
C3' 4AC A 816 -26.94 1.06 -22.81
O3' 4AC A 816 -25.89 0.17 -22.51
C2' 4AC A 816 -27.45 0.92 -24.24
O2' 4AC A 816 -27.63 -0.44 -24.57
C1' 4AC A 816 -28.82 1.57 -24.13
N1 4AC A 816 -28.80 2.98 -24.58
C2 4AC A 816 -28.77 3.23 -25.97
O2 4AC A 816 -28.80 2.29 -26.77
N3 4AC A 816 -28.74 4.53 -26.44
C4 4AC A 816 -28.72 5.48 -25.60
N4 4AC A 816 -28.69 6.77 -26.08
C5 4AC A 816 -28.73 5.29 -24.15
C6 4AC A 816 -28.76 4.04 -23.70
C7 4AC A 816 -28.66 7.96 -25.39
O7 4AC A 816 -28.66 8.15 -24.18
CM7 4AC A 816 -28.64 9.12 -26.35
N1 OMU A 818 -21.21 5.56 -31.62
C2 OMU A 818 -21.15 6.82 -32.24
N3 OMU A 818 -21.39 7.93 -31.55
C4 OMU A 818 -21.69 7.86 -30.26
C5 OMU A 818 -21.76 6.64 -29.61
C6 OMU A 818 -21.51 5.49 -30.32
O2 OMU A 818 -20.88 6.90 -33.45
O4 OMU A 818 -21.91 8.91 -29.63
C1' OMU A 818 -20.95 4.34 -32.40
C2' OMU A 818 -19.48 4.22 -32.81
O2' OMU A 818 -19.44 3.65 -34.10
CM2 OMU A 818 -18.95 4.58 -35.05
C3' OMU A 818 -18.96 3.24 -31.77
C4' OMU A 818 -20.15 2.30 -31.60
O3' OMU A 818 -17.78 2.56 -32.17
O4' OMU A 818 -21.28 3.20 -31.64
C5' OMU A 818 -20.19 1.48 -30.34
O5' OMU A 818 -20.39 2.29 -29.19
P OMU A 818 -20.33 1.65 -27.73
OP1 OMU A 818 -19.31 0.55 -27.76
OP2 OMU A 818 -20.18 2.77 -26.74
P 4AC A 827 -22.29 7.52 -17.31
OP1 4AC A 827 -23.50 7.99 -16.55
OP2 4AC A 827 -22.39 6.30 -18.17
O5' 4AC A 827 -21.81 8.72 -18.23
C5' 4AC A 827 -21.85 10.06 -17.76
C4' 4AC A 827 -21.23 11.01 -18.75
O4' 4AC A 827 -19.87 10.61 -19.04
C3' 4AC A 827 -21.88 11.06 -20.12
O3' 4AC A 827 -23.06 11.82 -20.16
C2' 4AC A 827 -20.76 11.64 -20.97
O2' 4AC A 827 -20.65 13.03 -20.76
C1' 4AC A 827 -19.54 10.98 -20.36
N1 4AC A 827 -19.13 9.77 -21.11
C2 4AC A 827 -18.34 9.95 -22.27
O2 4AC A 827 -18.02 11.07 -22.64
N3 4AC A 827 -17.92 8.85 -22.99
C4 4AC A 827 -18.26 7.68 -22.59
N4 4AC A 827 -17.84 6.59 -23.33
C5 4AC A 827 -19.07 7.44 -21.40
C6 4AC A 827 -19.47 8.50 -20.72
C7 4AC A 827 -18.06 5.26 -23.12
O7 4AC A 827 -18.70 4.72 -22.22
CM7 4AC A 827 -17.40 4.44 -24.18
N1 OMC A 834 -15.13 19.94 -31.42
C2 OMC A 834 -16.08 20.84 -31.93
N3 OMC A 834 -17.09 21.27 -31.16
C4 OMC A 834 -17.18 20.88 -29.88
C5 OMC A 834 -16.26 20.00 -29.36
C6 OMC A 834 -15.22 19.53 -30.16
O2 OMC A 834 -16.00 21.22 -33.11
N4 OMC A 834 -18.20 21.32 -29.11
C1' OMC A 834 -14.04 19.45 -32.27
C2' OMC A 834 -12.99 20.52 -32.54
O2' OMC A 834 -12.42 20.26 -33.81
CM2 OMC A 834 -12.75 21.26 -34.75
C3' OMC A 834 -11.99 20.22 -31.43
C4' OMC A 834 -12.00 18.71 -31.41
O4' OMC A 834 -13.39 18.38 -31.63
O3' OMC A 834 -10.72 20.79 -31.66
C5' OMC A 834 -11.53 18.06 -30.14
O5' OMC A 834 -12.33 18.41 -29.03
P OMC A 834 -12.09 17.78 -27.60
OP1 OMC A 834 -10.64 17.41 -27.50
OP2 OMC A 834 -12.68 18.71 -26.57
P 4AC A 836 -11.03 28.31 -31.90
OP1 4AC A 836 -9.89 29.02 -32.56
OP2 4AC A 836 -10.91 27.81 -30.50
O5' 4AC A 836 -12.30 29.26 -31.99
C5' 4AC A 836 -12.54 30.04 -33.15
C4' 4AC A 836 -13.77 30.89 -33.01
O4' 4AC A 836 -14.92 30.05 -32.76
C3' 4AC A 836 -13.81 31.86 -31.86
O3' 4AC A 836 -13.02 33.02 -32.07
C2' 4AC A 836 -15.29 32.15 -31.73
O2' 4AC A 836 -15.71 33.04 -32.75
C1' 4AC A 836 -15.88 30.78 -32.03
N1 4AC A 836 -16.18 30.06 -30.77
C2 4AC A 836 -17.38 30.36 -30.11
O2 4AC A 836 -18.16 31.17 -30.59
N3 4AC A 836 -17.70 29.73 -28.93
C4 4AC A 836 -16.87 28.88 -28.44
N4 4AC A 836 -17.21 28.26 -27.26
C5 4AC A 836 -15.61 28.53 -29.08
C6 4AC A 836 -15.31 29.14 -30.22
C7 4AC A 836 -16.50 27.32 -26.54
O7 4AC A 836 -15.41 26.82 -26.79
CM7 4AC A 836 -17.26 26.94 -25.30
P 4AC A 839 -13.67 39.24 -19.87
OP1 4AC A 839 -13.16 40.62 -19.59
OP2 4AC A 839 -12.72 38.18 -20.34
O5' 4AC A 839 -14.39 38.73 -18.55
C5' 4AC A 839 -15.24 39.59 -17.82
C4' 4AC A 839 -16.14 38.84 -16.88
O4' 4AC A 839 -16.76 37.72 -17.57
C3' 4AC A 839 -15.48 38.18 -15.70
O3' 4AC A 839 -15.13 39.09 -14.67
C2' 4AC A 839 -16.53 37.18 -15.27
O2' 4AC A 839 -17.59 37.82 -14.60
C1' 4AC A 839 -17.04 36.71 -16.64
N1 4AC A 839 -16.38 35.46 -17.04
C2 4AC A 839 -16.68 34.29 -16.31
O2 4AC A 839 -17.49 34.30 -15.40
N3 4AC A 839 -16.07 33.10 -16.64
C4 4AC A 839 -15.22 33.09 -17.60
N4 4AC A 839 -14.63 31.89 -17.89
C5 4AC A 839 -14.87 34.26 -18.38
C6 4AC A 839 -15.45 35.40 -18.06
C7 4AC A 839 -13.70 31.59 -18.86
O7 4AC A 839 -13.19 32.34 -19.69
CM7 4AC A 839 -13.34 30.13 -18.81
P 4AC A 856 -21.20 50.72 7.87
OP1 4AC A 856 -22.07 51.84 7.38
OP2 4AC A 856 -20.62 50.79 9.26
O5' 4AC A 856 -22.04 49.38 7.75
C5' 4AC A 856 -22.89 49.16 6.64
C4' 4AC A 856 -23.51 47.79 6.66
O4' 4AC A 856 -22.49 46.77 6.77
C3' 4AC A 856 -24.42 47.49 7.83
O3' 4AC A 856 -25.71 48.07 7.73
C2' 4AC A 856 -24.46 45.97 7.80
O2' 4AC A 856 -25.29 45.52 6.75
C1' 4AC A 856 -23.01 45.64 7.43
N1 4AC A 856 -22.21 45.37 8.64
C2 4AC A 856 -22.44 44.17 9.35
O2 4AC A 856 -23.28 43.36 8.98
N3 4AC A 856 -21.71 43.89 10.49
C4 4AC A 856 -20.83 44.73 10.89
N4 4AC A 856 -20.13 44.41 12.02
C5 4AC A 856 -20.55 45.98 10.19
C6 4AC A 856 -21.25 46.26 9.11
C7 4AC A 856 -19.14 45.13 12.65
O7 4AC A 856 -18.66 46.22 12.34
CM7 4AC A 856 -18.64 44.38 13.87
P OMG A 861 -22.26 34.11 17.49
OP1 OMG A 861 -21.47 33.07 18.22
OP2 OMG A 861 -21.66 35.48 17.29
O5' OMG A 861 -22.64 33.53 16.06
C5' OMG A 861 -21.94 33.93 14.89
C4' OMG A 861 -22.90 34.46 13.86
O4' OMG A 861 -23.53 35.67 14.36
C3' OMG A 861 -22.29 34.91 12.54
O3' OMG A 861 -22.02 33.83 11.65
C2' OMG A 861 -23.34 35.87 12.02
O2' OMG A 861 -24.48 35.15 11.58
CM2 OMG A 861 -24.97 35.62 10.33
C1' OMG A 861 -23.72 36.58 13.31
N9 OMG A 861 -22.87 37.76 13.55
C8 OMG A 861 -22.01 37.90 14.56
N7 OMG A 861 -21.38 39.09 14.49
C5 OMG A 861 -21.85 39.73 13.41
C6 OMG A 861 -21.60 41.02 12.74
O6 OMG A 861 -20.79 41.84 13.21
N1 OMG A 861 -22.28 41.29 11.64
C2 OMG A 861 -23.17 40.44 11.12
N2 OMG A 861 -23.83 40.80 9.99
N3 OMG A 861 -23.45 39.24 11.67
C4 OMG A 861 -22.83 38.84 12.79
P 5MC A 863 -19.74 34.60 4.96
OP1 5MC A 863 -19.97 33.58 3.88
OP2 5MC A 863 -18.83 34.29 6.10
O5' 5MC A 863 -19.23 35.93 4.24
C5' 5MC A 863 -19.86 36.42 3.07
C4' 5MC A 863 -19.28 37.74 2.64
O4' 5MC A 863 -19.52 38.73 3.68
C3' 5MC A 863 -17.77 37.78 2.47
O3' 5MC A 863 -17.35 37.24 1.23
C2' 5MC A 863 -17.46 39.25 2.61
O2' 5MC A 863 -17.81 39.95 1.42
C1' 5MC A 863 -18.46 39.66 3.69
N1 5MC A 863 -17.84 39.66 5.04
C2 5MC A 863 -16.95 40.68 5.41
O2 5MC A 863 -16.68 41.58 4.59
N3 5MC A 863 -16.38 40.72 6.62
C4 5MC A 863 -16.65 39.76 7.52
N4 5MC A 863 -16.08 39.79 8.74
C5 5MC A 863 -17.58 38.69 7.15
C6 5MC A 863 -18.15 38.69 5.89
CM5 5MC A 863 -17.90 37.60 8.14
P OMG A 901 -26.08 -43.23 33.07
OP1 OMG A 901 -26.39 -44.26 34.12
OP2 OMG A 901 -26.76 -41.89 33.13
O5' OMG A 901 -24.51 -43.00 33.06
C5' OMG A 901 -23.62 -44.10 33.09
C4' OMG A 901 -22.21 -43.68 32.76
O4' OMG A 901 -22.18 -42.92 31.54
C3' OMG A 901 -21.55 -42.75 33.76
O3' OMG A 901 -21.11 -43.40 34.94
C2' OMG A 901 -20.42 -42.17 32.93
O2' OMG A 901 -19.37 -43.11 32.79
CM2 OMG A 901 -18.11 -42.55 33.10
C1' OMG A 901 -21.09 -42.02 31.56
N9 OMG A 901 -21.59 -40.65 31.38
C8 OMG A 901 -22.85 -40.24 31.56
N7 OMG A 901 -22.96 -38.91 31.31
C5 OMG A 901 -21.74 -38.46 30.97
C6 OMG A 901 -21.14 -37.18 30.59
O6 OMG A 901 -21.84 -36.15 30.53
N1 OMG A 901 -19.84 -37.13 30.32
C2 OMG A 901 -19.07 -38.22 30.38
N2 OMG A 901 -17.77 -38.10 30.09
N3 OMG A 901 -19.55 -39.44 30.72
C4 OMG A 901 -20.85 -39.62 31.03
P OMG A 922 17.66 -24.91 35.41
OP1 OMG A 922 17.91 -23.44 35.32
OP2 OMG A 922 16.50 -25.43 36.20
O5' OMG A 922 17.53 -25.45 33.91
C5' OMG A 922 18.03 -24.68 32.83
C4' OMG A 922 18.03 -25.45 31.52
O4' OMG A 922 18.15 -26.87 31.77
C3' OMG A 922 16.78 -25.36 30.68
O3' OMG A 922 16.65 -24.13 30.00
C2' OMG A 922 16.94 -26.55 29.77
O2' OMG A 922 17.93 -26.30 28.79
CM2 OMG A 922 17.57 -26.83 27.52
C1' OMG A 922 17.50 -27.58 30.74
N9 OMG A 922 16.41 -28.38 31.32
C8 OMG A 922 16.09 -28.48 32.62
N7 OMG A 922 15.03 -29.30 32.80
C5 OMG A 922 14.66 -29.74 31.58
C6 OMG A 922 13.62 -30.64 31.05
O6 OMG A 922 12.80 -31.19 31.81
N1 OMG A 922 13.56 -30.84 29.73
C2 OMG A 922 14.42 -30.26 28.90
N2 OMG A 922 14.30 -30.50 27.58
N3 OMG A 922 15.40 -29.43 29.32
C4 OMG A 922 15.57 -29.14 30.62
N1 B8H A 926 -3.32 -18.82 22.20
C2 B8H A 926 -4.35 -18.41 21.37
C4 B8H A 926 -5.78 -19.98 22.51
C1' B8H A 926 -4.90 -21.38 24.40
C2' B8H A 926 -4.78 -22.87 24.18
C3' B8H A 926 -3.42 -23.18 24.77
C4' B8H A 926 -3.28 -22.17 25.89
C5 B8H A 926 -4.72 -20.37 23.31
C5' B8H A 926 -1.89 -21.69 26.18
C6 B8H A 926 -3.52 -19.76 23.16
CN1 B8H A 926 -2.02 -18.19 22.04
N3 B8H A 926 -5.58 -19.00 21.53
O2 B8H A 926 -4.16 -17.56 20.53
O2' B8H A 926 -5.80 -23.51 24.93
O3' B8H A 926 -3.31 -24.51 25.24
O4 B8H A 926 -6.91 -20.48 22.61
O4' B8H A 926 -4.09 -21.04 25.48
O5' B8H A 926 -1.26 -21.18 25.02
OP1 B8H A 926 0.74 -20.22 23.86
OP2 B8H A 926 -0.70 -18.78 25.47
P B8H A 926 -0.10 -20.11 25.11
P 4AC A 945 27.38 -25.89 38.44
OP1 4AC A 945 27.57 -24.40 38.51
OP2 4AC A 945 28.32 -26.72 37.63
O5' 4AC A 945 27.36 -26.44 39.94
C5' 4AC A 945 26.65 -25.74 40.95
C4' 4AC A 945 26.69 -26.48 42.27
O4' 4AC A 945 26.07 -27.78 42.13
C3' 4AC A 945 28.07 -26.80 42.82
O3' 4AC A 945 28.71 -25.69 43.42
C2' 4AC A 945 27.76 -27.92 43.80
O2' 4AC A 945 27.20 -27.39 45.00
C1' 4AC A 945 26.65 -28.67 43.06
N1 4AC A 945 27.18 -29.85 42.35
C2 4AC A 945 27.53 -31.01 43.08
O2 4AC A 945 27.39 -31.04 44.30
N3 4AC A 945 28.02 -32.12 42.43
C4 4AC A 945 28.17 -32.07 41.16
N4 4AC A 945 28.67 -33.18 40.52
C5 4AC A 945 27.83 -30.90 40.35
C6 4AC A 945 27.35 -29.84 40.98
C7 4AC A 945 28.91 -33.37 39.17
O7 4AC A 945 28.74 -32.60 38.24
CM7 4AC A 945 29.47 -34.75 38.92
P 5MC A 1013 8.13 -36.58 8.95
OP1 5MC A 1013 7.43 -37.91 8.88
OP2 5MC A 1013 8.05 -35.64 7.78
O5' 5MC A 1013 7.58 -35.82 10.24
C5' 5MC A 1013 7.31 -36.53 11.44
C4' 5MC A 1013 7.06 -35.59 12.58
O4' 5MC A 1013 8.08 -34.56 12.60
C3' 5MC A 1013 5.77 -34.79 12.52
O3' 5MC A 1013 4.64 -35.54 12.93
C2' 5MC A 1013 6.08 -33.61 13.43
O2' 5MC A 1013 5.93 -33.97 14.78
C1' 5MC A 1013 7.56 -33.37 13.16
N1 5MC A 1013 7.77 -32.27 12.20
C2 5MC A 1013 7.65 -30.95 12.65
O2 5MC A 1013 7.40 -30.74 13.86
N3 5MC A 1013 7.82 -29.91 11.83
C4 5MC A 1013 8.08 -30.11 10.54
N4 5MC A 1013 8.25 -29.08 9.69
C5 5MC A 1013 8.20 -31.50 10.04
C6 5MC A 1013 8.02 -32.54 10.92
CM5 5MC A 1013 8.50 -31.75 8.60
P 4AC A 1016 -5.90 -28.57 12.68
OP1 4AC A 1016 -7.22 -28.59 13.40
OP2 4AC A 1016 -5.45 -29.79 11.94
O5' 4AC A 1016 -5.90 -27.35 11.67
C5' 4AC A 1016 -6.33 -26.06 12.10
C4' 4AC A 1016 -6.16 -25.04 11.01
O4' 4AC A 1016 -4.75 -24.89 10.72
C3' 4AC A 1016 -6.77 -25.39 9.67
O3' 4AC A 1016 -8.16 -25.14 9.63
C2' 4AC A 1016 -5.95 -24.54 8.71
O2' 4AC A 1016 -6.45 -23.21 8.71
C1' 4AC A 1016 -4.58 -24.54 9.37
N1 4AC A 1016 -3.66 -25.51 8.74
C2 4AC A 1016 -2.77 -25.07 7.75
O2 4AC A 1016 -2.75 -23.89 7.40
N3 4AC A 1016 -1.90 -25.96 7.15
C4 4AC A 1016 -1.92 -27.18 7.53
N4 4AC A 1016 -1.05 -28.06 6.93
C5 4AC A 1016 -2.82 -27.69 8.55
C6 4AC A 1016 -3.64 -26.83 9.12
C7 4AC A 1016 -0.88 -29.41 7.16
O7 4AC A 1016 -1.48 -30.14 7.94
CM7 4AC A 1016 0.19 -29.97 6.27
N1 OMC A 1024 -1.68 -24.22 -16.34
C2 OMC A 1024 -2.53 -24.85 -17.25
N3 OMC A 1024 -3.85 -24.59 -17.24
C4 OMC A 1024 -4.36 -23.74 -16.35
C5 OMC A 1024 -3.54 -23.10 -15.44
C6 OMC A 1024 -2.19 -23.37 -15.45
O2 OMC A 1024 -2.09 -25.65 -18.08
N4 OMC A 1024 -5.69 -23.48 -16.35
C1' OMC A 1024 -0.23 -24.50 -16.31
C2' OMC A 1024 0.50 -24.00 -17.56
O2' OMC A 1024 1.53 -24.93 -17.85
CM2 OMC A 1024 1.24 -25.68 -19.02
C3' OMC A 1024 1.10 -22.69 -17.06
C4' OMC A 1024 1.43 -23.00 -15.61
O4' OMC A 1024 0.35 -23.87 -15.19
O3' OMC A 1024 2.23 -22.29 -17.80
C5' OMC A 1024 1.52 -21.82 -14.68
O5' OMC A 1024 0.26 -21.20 -14.52
P OMC A 1024 -0.03 -20.23 -13.30
OP1 OMC A 1024 1.08 -19.20 -13.26
OP2 OMC A 1024 -1.46 -19.78 -13.36
N1 OMC A 1028 -8.26 -13.57 -24.80
C2 OMC A 1028 -8.35 -13.55 -23.40
N3 OMC A 1028 -7.25 -13.56 -22.65
C4 OMC A 1028 -6.04 -13.59 -23.23
C5 OMC A 1028 -5.93 -13.62 -24.60
C6 OMC A 1028 -7.07 -13.60 -25.38
O2 OMC A 1028 -9.46 -13.52 -22.85
N4 OMC A 1028 -4.93 -13.60 -22.47
C1' OMC A 1028 -9.49 -13.56 -25.61
C2' OMC A 1028 -10.16 -12.19 -25.65
O2' OMC A 1028 -11.55 -12.39 -25.80
CM2 OMC A 1028 -12.30 -11.84 -24.74
C3' OMC A 1028 -9.57 -11.61 -26.92
C4' OMC A 1028 -9.54 -12.82 -27.83
O4' OMC A 1028 -9.16 -13.91 -26.94
O3' OMC A 1028 -10.30 -10.53 -27.45
C5' OMC A 1028 -8.58 -12.77 -28.99
O5' OMC A 1028 -7.24 -12.94 -28.56
P OMC A 1028 -6.14 -13.52 -29.53
OP1 OMC A 1028 -6.38 -12.92 -30.89
OP2 OMC A 1028 -4.80 -13.38 -28.87
C4 LHH A 1029 -6.78 -9.79 -21.29
C5 LHH A 1029 -7.26 -9.84 -22.59
C6 LHH A 1029 -8.60 -9.51 -22.86
N1 LHH A 1029 -9.34 -9.16 -21.83
C7 LHH A 1029 -4.32 -10.56 -21.87
N3 LHH A 1029 -7.60 -9.43 -20.32
N4 LHH A 1029 -5.38 -10.14 -20.91
C1 LHH A 1029 -12.23 -6.90 -19.98
C2 LHH A 1029 -8.85 -9.12 -20.60
C1' LHH A 1029 -10.75 -8.78 -22.02
C2' LHH A 1029 -10.94 -7.26 -21.98
C3' LHH A 1029 -10.93 -6.94 -23.47
C4' LHH A 1029 -11.69 -8.11 -24.04
C5' LHH A 1029 -11.51 -8.36 -25.52
CM7 LHH A 1029 -2.91 -10.88 -21.35
O2 LHH A 1029 -9.54 -8.81 -19.73
O2' LHH A 1029 -12.21 -6.98 -21.44
O3' LHH A 1029 -11.48 -5.68 -23.78
O4' LHH A 1029 -11.20 -9.23 -23.28
O5' LHH A 1029 -10.16 -8.60 -25.85
O7 LHH A 1029 -4.55 -10.65 -23.03
OP1 LHH A 1029 -10.51 -8.16 -28.29
OP2 LHH A 1029 -8.25 -9.10 -27.40
P LHH A 1029 -9.75 -9.03 -27.32
P OMG A 1057 -13.17 -29.04 -25.06
OP1 OMG A 1057 -14.07 -30.01 -25.78
OP2 OMG A 1057 -13.45 -28.72 -23.62
O5' OMG A 1057 -11.69 -29.57 -25.16
C5' OMG A 1057 -10.99 -30.04 -24.02
C4' OMG A 1057 -9.51 -29.80 -24.14
O4' OMG A 1057 -9.23 -28.40 -23.90
C3' OMG A 1057 -8.64 -30.52 -23.13
O3' OMG A 1057 -8.42 -31.87 -23.46
C2' OMG A 1057 -7.38 -29.66 -23.14
O2' OMG A 1057 -6.60 -29.95 -24.29
CM2 OMG A 1057 -5.30 -30.41 -23.93
C1' OMG A 1057 -7.96 -28.27 -23.32
N9 OMG A 1057 -8.12 -27.58 -22.02
C8 OMG A 1057 -9.27 -27.31 -21.40
N7 OMG A 1057 -9.05 -26.68 -20.23
C5 OMG A 1057 -7.72 -26.52 -20.09
C6 OMG A 1057 -6.81 -25.94 -19.10
O6 OMG A 1057 -7.26 -25.41 -18.06
N1 OMG A 1057 -5.51 -26.00 -19.33
C2 OMG A 1057 -5.00 -26.56 -20.43
N2 OMG A 1057 -3.67 -26.57 -20.60
N3 OMG A 1057 -5.78 -27.11 -21.39
C4 OMG A 1057 -7.12 -27.12 -21.28
P 4AC A 1135 -30.34 -41.23 -0.58
OP1 4AC A 1135 -29.99 -40.84 0.83
OP2 4AC A 1135 -29.57 -42.34 -1.25
O5' 4AC A 1135 -31.89 -41.59 -0.60
C5' 4AC A 1135 -32.82 -40.77 0.08
C4' 4AC A 1135 -34.24 -41.22 -0.15
O4' 4AC A 1135 -34.56 -41.15 -1.57
C3' 4AC A 1135 -34.56 -42.66 0.20
O3' 4AC A 1135 -34.73 -42.88 1.59
C2' 4AC A 1135 -35.82 -42.91 -0.61
O2' 4AC A 1135 -36.94 -42.30 0.01
C1' 4AC A 1135 -35.50 -42.13 -1.89
N1 4AC A 1135 -34.94 -43.02 -2.93
C2 4AC A 1135 -35.82 -43.72 -3.79
O2 4AC A 1135 -37.04 -43.58 -3.68
N3 4AC A 1135 -35.31 -44.57 -4.77
C4 4AC A 1135 -34.04 -44.71 -4.87
N4 4AC A 1135 -33.55 -45.55 -5.82
C5 4AC A 1135 -33.09 -44.02 -4.00
C6 4AC A 1135 -33.58 -43.22 -3.07
C7 4AC A 1135 -32.22 -45.85 -6.11
O7 4AC A 1135 -31.20 -45.44 -5.58
CM7 4AC A 1135 -32.14 -46.83 -7.26
N1 OMU A 1165 21.45 -36.35 14.04
C2 OMU A 1165 20.84 -36.08 12.81
N3 OMU A 1165 20.07 -35.02 12.65
C4 OMU A 1165 19.86 -34.18 13.67
C5 OMU A 1165 20.44 -34.41 14.90
C6 OMU A 1165 21.24 -35.52 15.06
O2 OMU A 1165 21.04 -36.85 11.85
O4 OMU A 1165 19.13 -33.18 13.50
C1' OMU A 1165 22.31 -37.53 14.20
C2' OMU A 1165 23.65 -37.35 13.50
O2' OMU A 1165 24.11 -38.64 13.12
CM2 OMU A 1165 24.63 -38.65 11.80
C3' OMU A 1165 24.50 -36.80 14.64
C4' OMU A 1165 24.00 -37.61 15.82
O3' OMU A 1165 25.89 -36.93 14.42
O4' OMU A 1165 22.58 -37.71 15.58
C5' OMU A 1165 24.24 -37.01 17.18
O5' OMU A 1165 23.40 -35.89 17.41
P OMU A 1165 23.20 -35.30 18.87
OP1 OMU A 1165 24.52 -35.37 19.59
OP2 OMU A 1165 22.47 -34.00 18.76
P 4AC A 1172 37.36 -17.40 24.22
OP1 4AC A 1172 37.90 -16.22 24.99
OP2 4AC A 1172 37.90 -17.71 22.84
O5' 4AC A 1172 37.52 -18.70 25.12
C5' 4AC A 1172 36.79 -18.83 26.33
C4' 4AC A 1172 36.81 -20.24 26.83
O4' 4AC A 1172 35.91 -21.05 26.04
C3' 4AC A 1172 38.13 -20.96 26.71
O3' 4AC A 1172 39.05 -20.61 27.72
C2' 4AC A 1172 37.72 -22.42 26.75
O2' 4AC A 1172 37.48 -22.84 28.07
C1' 4AC A 1172 36.38 -22.38 26.00
N1 4AC A 1172 36.51 -22.78 24.59
C2 4AC A 1172 36.68 -24.15 24.26
O2 4AC A 1172 36.72 -25.01 25.14
N3 4AC A 1172 36.79 -24.53 22.94
C4 4AC A 1172 36.73 -23.62 22.03
N4 4AC A 1172 36.85 -24.00 20.72
C5 4AC A 1172 36.57 -22.20 22.32
C6 4AC A 1172 36.46 -21.83 23.58
C7 4AC A 1172 36.82 -23.20 19.59
O7 4AC A 1172 36.69 -21.98 19.51
CM7 4AC A 1172 36.98 -24.04 18.34
P 5MC A 1190 0.22 -25.97 52.66
OP1 5MC A 1190 -1.11 -26.44 53.17
OP2 5MC A 1190 1.30 -26.98 52.37
O5' 5MC A 1190 -0.04 -25.10 51.35
C5' 5MC A 1190 -1.09 -24.17 51.30
C4' 5MC A 1190 -0.83 -23.10 50.27
O4' 5MC A 1190 0.59 -22.97 50.08
C3' 5MC A 1190 -1.36 -23.37 48.88
O3' 5MC A 1190 -2.74 -23.06 48.74
C2' 5MC A 1190 -0.47 -22.50 48.01
O2' 5MC A 1190 -0.89 -21.15 48.05
C1' 5MC A 1190 0.87 -22.60 48.75
N1 5MC A 1190 1.75 -23.62 48.14
C2 5MC A 1190 2.37 -23.38 46.90
O2 5MC A 1190 2.16 -22.30 46.32
N3 5MC A 1190 3.17 -24.29 46.33
C4 5MC A 1190 3.41 -25.46 46.93
N4 5MC A 1190 4.22 -26.37 46.37
C5 5MC A 1190 2.77 -25.73 48.23
C6 5MC A 1190 1.95 -24.77 48.79
CM5 5MC A 1190 3.02 -27.03 48.93
P 4AC A 1221 13.71 -65.26 32.73
OP1 4AC A 1221 12.90 -64.19 33.40
OP2 4AC A 1221 14.63 -66.14 33.55
O5' 4AC A 1221 12.69 -66.20 31.95
C5' 4AC A 1221 11.64 -65.64 31.18
C4' 4AC A 1221 10.75 -66.71 30.61
O4' 4AC A 1221 11.49 -67.54 29.69
C3' 4AC A 1221 10.18 -67.70 31.61
O3' 4AC A 1221 9.07 -67.20 32.33
C2' 4AC A 1221 9.85 -68.90 30.74
O2' 4AC A 1221 8.63 -68.68 30.06
C1' 4AC A 1221 10.99 -68.85 29.71
N1 4AC A 1221 12.08 -69.77 30.06
C2 4AC A 1221 11.94 -71.16 29.80
O2 4AC A 1221 10.92 -71.59 29.29
N3 4AC A 1221 12.97 -72.02 30.12
C4 4AC A 1221 14.04 -71.54 30.66
N4 4AC A 1221 15.06 -72.41 30.97
C5 4AC A 1221 14.22 -70.12 30.95
C6 4AC A 1221 13.25 -69.30 30.63
C7 4AC A 1221 16.28 -72.13 31.55
O7 4AC A 1221 16.74 -71.05 31.90
CM7 4AC A 1221 17.08 -73.39 31.72
P 4AC A 1227 8.39 -81.83 52.12
OP1 4AC A 1227 8.32 -82.66 53.37
OP2 4AC A 1227 7.11 -81.39 51.45
O5' 4AC A 1227 9.25 -80.53 52.45
C5' 4AC A 1227 10.43 -80.61 53.23
C4' 4AC A 1227 11.00 -79.26 53.55
O4' 4AC A 1227 11.44 -78.60 52.34
C3' 4AC A 1227 10.05 -78.25 54.15
O3' 4AC A 1227 9.79 -78.47 55.53
C2' 4AC A 1227 10.76 -76.93 53.89
O2' 4AC A 1227 11.84 -76.76 54.79
C1' 4AC A 1227 11.35 -77.20 52.51
N1 4AC A 1227 10.50 -76.62 51.43
C2 4AC A 1227 10.51 -75.23 51.22
O2 4AC A 1227 11.19 -74.49 51.92
N3 4AC A 1227 9.73 -74.68 50.23
C4 4AC A 1227 9.00 -75.45 49.51
N4 4AC A 1227 8.23 -74.90 48.52
C5 4AC A 1227 8.97 -76.90 49.68
C6 4AC A 1227 9.71 -77.43 50.63
C7 4AC A 1227 7.38 -75.52 47.63
O7 4AC A 1227 7.13 -76.72 47.51
CM7 4AC A 1227 6.72 -74.53 46.70
P 5MC A 1362 -10.10 -9.53 17.29
OP1 5MC A 1362 -9.90 -10.86 16.65
OP2 5MC A 1362 -11.16 -9.37 18.33
O5' 5MC A 1362 -8.73 -9.07 17.95
C5' 5MC A 1362 -8.55 -7.73 18.39
C4' 5MC A 1362 -7.13 -7.49 18.86
O4' 5MC A 1362 -6.73 -8.61 19.70
C3' 5MC A 1362 -6.09 -7.39 17.76
O3' 5MC A 1362 -5.04 -6.52 18.19
C2' 5MC A 1362 -5.55 -8.81 17.70
O2' 5MC A 1362 -4.26 -8.92 17.15
C1' 5MC A 1362 -5.56 -9.20 19.17
N1 5MC A 1362 -5.63 -10.64 19.40
C2 5MC A 1362 -4.51 -11.31 19.92
O2 5MC A 1362 -3.49 -10.65 20.17
N3 5MC A 1362 -4.52 -12.63 20.14
C4 5MC A 1362 -5.61 -13.35 19.87
N4 5MC A 1362 -5.64 -14.69 20.09
C5 5MC A 1362 -6.80 -12.67 19.32
C6 5MC A 1362 -6.75 -11.31 19.10
CM5 5MC A 1362 -8.03 -13.46 19.01
N1 OMC A 1364 -7.44 1.01 14.03
C2 OMC A 1364 -8.66 1.56 14.47
N3 OMC A 1364 -9.10 1.35 15.72
C4 OMC A 1364 -8.36 0.61 16.57
C5 OMC A 1364 -7.16 0.07 16.16
C6 OMC A 1364 -6.72 0.28 14.87
O2 OMC A 1364 -9.35 2.24 13.70
N4 OMC A 1364 -8.80 0.40 17.83
C1' OMC A 1364 -6.99 1.25 12.64
C2' OMC A 1364 -6.53 2.68 12.41
O2' OMC A 1364 -6.82 2.99 11.06
CM2 OMC A 1364 -7.88 3.93 10.94
C3' OMC A 1364 -5.03 2.54 12.61
C4' OMC A 1364 -4.75 1.18 11.99
O4' OMC A 1364 -5.91 0.39 12.38
O3' OMC A 1364 -4.28 3.59 12.01
C5' OMC A 1364 -3.51 0.48 12.46
O5' OMC A 1364 -3.71 -0.13 13.73
P OMC A 1364 -2.71 -1.24 14.27
OP1 OMC A 1364 -1.34 -0.92 13.73
OP2 OMC A 1364 -2.92 -1.37 15.74
N1 OMU A 1368 -9.40 15.97 27.15
C2 OMU A 1368 -9.44 15.07 28.22
N3 OMU A 1368 -8.64 14.01 28.22
C4 OMU A 1368 -7.82 13.78 27.21
C5 OMU A 1368 -7.77 14.65 26.14
C6 OMU A 1368 -8.59 15.76 26.13
O2 OMU A 1368 -10.21 15.27 29.18
O4 OMU A 1368 -7.08 12.78 27.22
C1' OMU A 1368 -10.30 17.14 27.17
C2' OMU A 1368 -9.81 18.22 28.13
O2' OMU A 1368 -10.96 18.84 28.71
CM2 OMU A 1368 -11.04 18.59 30.10
C3' OMU A 1368 -9.13 19.18 27.16
C4' OMU A 1368 -10.05 19.12 25.96
O3' OMU A 1368 -8.99 20.49 27.67
O4' OMU A 1368 -10.37 17.71 25.88
C5' OMU A 1368 -9.46 19.58 24.64
O5' OMU A 1368 -8.54 18.67 24.12
P OMU A 1368 -8.13 18.73 22.58
OP1 OMU A 1368 -8.04 20.18 22.20
OP2 OMU A 1368 -6.96 17.82 22.36
P UR3 A 1455 -16.36 3.41 27.30
OP1 UR3 A 1455 -17.80 3.00 27.47
OP2 UR3 A 1455 -15.27 2.42 27.58
O5' UR3 A 1455 -16.18 3.94 25.82
C5' UR3 A 1455 -17.08 4.91 25.29
C4' UR3 A 1455 -16.68 5.32 23.89
O4' UR3 A 1455 -15.26 5.63 23.88
C1' UR3 A 1455 -14.59 4.80 22.96
N1 UR3 A 1455 -13.30 4.44 23.55
C6 UR3 A 1455 -13.24 4.07 24.82
C2 UR3 A 1455 -12.14 4.47 22.76
O2 UR3 A 1455 -12.20 4.82 21.57
N3 UR3 A 1455 -10.91 4.12 23.33
C3U UR3 A 1455 -9.69 4.15 22.53
C4 UR3 A 1455 -10.87 3.73 24.67
O4 UR3 A 1455 -9.78 3.41 25.18
C5 UR3 A 1455 -12.04 3.71 25.40
C2' UR3 A 1455 -15.50 3.61 22.73
O2' UR3 A 1455 -15.24 2.99 21.49
C3' UR3 A 1455 -16.88 4.26 22.82
O3' UR3 A 1455 -17.18 4.88 21.58
C2 6MZ A 1457 -11.76 4.95 13.22
C4 6MZ A 1457 -13.68 5.90 14.12
C5 6MZ A 1457 -13.49 5.10 15.33
O1P 6MZ A 1457 -20.94 6.21 15.80
O2P 6MZ A 1457 -18.96 5.27 17.17
N9 6MZ A 1457 -14.78 6.62 14.30
N3 6MZ A 1457 -12.79 5.78 13.12
N1 6MZ A 1457 -11.51 4.19 14.29
C6 6MZ A 1457 -12.31 4.20 15.37
N6 6MZ A 1457 -11.99 3.39 16.40
C9 6MZ A 1457 -12.76 3.31 17.61
N7 6MZ A 1457 -14.50 5.42 16.14
C8 6MZ A 1457 -15.27 6.32 15.51
O5' 6MZ A 1457 -18.57 6.73 15.18
C5' 6MZ A 1457 -18.79 7.84 14.33
C4' 6MZ A 1457 -17.68 7.99 13.34
O4' 6MZ A 1457 -16.43 8.24 14.03
C1' 6MZ A 1457 -15.37 7.60 13.37
C2' 6MZ A 1457 -15.94 6.95 12.11
O2' 6MZ A 1457 -15.82 7.89 11.06
C3' 6MZ A 1457 -17.39 6.76 12.49
O3' 6MZ A 1457 -18.24 6.67 11.37
P 6MZ A 1457 -19.56 6.39 16.36
P 4AC A 1467 -20.55 17.82 9.40
OP1 4AC A 1467 -19.30 18.60 9.67
OP2 4AC A 1467 -21.45 17.43 10.54
O5' 4AC A 1467 -21.42 18.61 8.36
C5' 4AC A 1467 -20.82 19.23 7.23
C4' 4AC A 1467 -21.83 20.03 6.44
O4' 4AC A 1467 -22.95 19.18 6.10
C3' 4AC A 1467 -22.46 21.19 7.17
O3' 4AC A 1467 -21.66 22.36 7.17
C2' 4AC A 1467 -23.77 21.38 6.42
O2' 4AC A 1467 -23.56 22.05 5.20
C1' 4AC A 1467 -24.14 19.94 6.11
N1 4AC A 1467 -25.08 19.35 7.10
C2 4AC A 1467 -26.39 19.84 7.22
O2 4AC A 1467 -26.80 20.75 6.52
N3 4AC A 1467 -27.25 19.28 8.15
C4 4AC A 1467 -26.83 18.33 8.90
N4 4AC A 1467 -27.69 17.79 9.82
C5 4AC A 1467 -25.48 17.78 8.81
C6 4AC A 1467 -24.66 18.32 7.93
C7 4AC A 1467 -27.48 16.78 10.72
O7 4AC A 1467 -26.48 16.11 10.90
CM7 4AC A 1467 -28.72 16.50 11.53
C2 MA6 A 1475 -15.00 10.71 27.20
C4 MA6 A 1475 -15.36 13.01 27.45
C5 MA6 A 1475 -16.68 12.72 28.02
P MA6 A 1475 -17.16 18.92 28.52
OP1 MA6 A 1475 -17.16 20.39 28.27
OP2 MA6 A 1475 -18.44 18.15 28.57
O5' MA6 A 1475 -16.23 18.22 27.44
C5' MA6 A 1475 -14.84 18.54 27.35
C4' MA6 A 1475 -14.07 17.40 26.75
O4' MA6 A 1475 -14.02 16.29 27.68
C1' MA6 A 1475 -14.05 15.08 26.98
N9 MA6 A 1475 -15.22 14.32 27.44
N3 MA6 A 1475 -14.58 11.97 27.07
N1 MA6 A 1475 -16.18 10.38 27.70
C6 MA6 A 1475 -17.07 11.30 28.13
N6 MA6 A 1475 -18.29 10.86 28.65
C9 MA6 A 1475 -18.55 9.42 28.71
C10 MA6 A 1475 -19.31 11.79 29.13
N7 MA6 A 1475 -17.22 13.92 28.31
C8 MA6 A 1475 -16.33 14.86 27.95
C2' MA6 A 1475 -14.11 15.39 25.49
O2' MA6 A 1475 -12.79 15.39 24.99
C3' MA6 A 1475 -14.68 16.80 25.49
O3' MA6 A 1475 -14.36 17.54 24.33
C2 MA6 A 1476 -16.14 9.00 23.65
C4 MA6 A 1476 -16.10 11.31 23.46
C5 MA6 A 1476 -17.41 11.39 24.11
P MA6 A 1476 -15.49 17.83 23.23
OP1 MA6 A 1476 -15.54 19.33 23.03
OP2 MA6 A 1476 -16.72 17.08 23.63
O5' MA6 A 1476 -14.91 17.19 21.92
C5' MA6 A 1476 -15.57 16.13 21.26
C4' MA6 A 1476 -14.71 14.90 21.19
O4' MA6 A 1476 -14.48 14.39 22.53
C1' MA6 A 1476 -14.51 12.98 22.51
N9 MA6 A 1476 -15.75 12.57 23.19
N3 MA6 A 1476 -15.53 10.12 23.26
N1 MA6 A 1476 -17.33 8.97 24.26
C6 MA6 A 1476 -18.02 10.10 24.52
N6 MA6 A 1476 -19.26 9.98 25.16
C9 MA6 A 1476 -19.74 8.65 25.50
C10 MA6 A 1476 -20.09 11.15 25.49
N7 MA6 A 1476 -17.73 12.68 24.18
C8 MA6 A 1476 -16.72 13.38 23.61
C2' MA6 A 1476 -14.55 12.55 21.05
O2' MA6 A 1476 -13.21 12.51 20.58
C3' MA6 A 1476 -15.29 13.71 20.44
O3' MA6 A 1476 -15.18 13.82 19.04
P 5MC A 1484 -32.87 16.47 -0.33
OP1 5MC A 1484 -33.25 16.64 -1.77
OP2 5MC A 1484 -33.63 15.50 0.52
O5' 5MC A 1484 -31.34 16.07 -0.31
C5' 5MC A 1484 -30.41 16.65 -1.22
C4' 5MC A 1484 -29.02 16.13 -0.97
O4' 5MC A 1484 -28.70 16.29 0.41
C3' 5MC A 1484 -28.82 14.66 -1.23
O3' 5MC A 1484 -28.55 14.38 -2.60
C2' 5MC A 1484 -27.67 14.29 -0.31
O2' 5MC A 1484 -26.43 14.60 -0.93
C1' 5MC A 1484 -27.86 15.26 0.85
N1 5MC A 1484 -28.46 14.65 2.05
C2 5MC A 1484 -27.66 13.91 2.94
O2 5MC A 1484 -26.46 13.73 2.69
N3 5MC A 1484 -28.18 13.37 4.06
C4 5MC A 1484 -29.47 13.56 4.36
N4 5MC A 1484 -30.00 13.03 5.48
C5 5MC A 1484 -30.32 14.35 3.44
C6 5MC A 1484 -29.74 14.88 2.30
CM5 5MC A 1484 -31.76 14.58 3.76
P 5MC A 1486 -23.88 8.62 -4.15
OP1 5MC A 1486 -23.92 9.86 -5.00
OP2 5MC A 1486 -24.42 7.32 -4.69
O5' 5MC A 1486 -22.37 8.38 -3.72
C5' 5MC A 1486 -21.58 9.45 -3.22
C4' 5MC A 1486 -20.90 9.08 -1.93
O4' 5MC A 1486 -20.02 10.17 -1.53
C3' 5MC A 1486 -21.85 8.84 -0.74
O3' 5MC A 1486 -21.28 7.84 0.12
C2' 5MC A 1486 -21.81 10.17 -0.03
O2' 5MC A 1486 -22.16 10.12 1.34
C1' 5MC A 1486 -20.35 10.58 -0.22
N1 5MC A 1486 -20.07 12.01 -0.09
C2 5MC A 1486 -20.69 12.98 -0.92
O2 5MC A 1486 -21.50 12.63 -1.80
N3 5MC A 1486 -20.42 14.29 -0.79
C4 5MC A 1486 -19.56 14.72 0.14
N4 5MC A 1486 -19.30 16.03 0.28
C5 5MC A 1486 -18.92 13.73 1.01
C6 5MC A 1486 -19.21 12.40 0.84
CM5 5MC A 1486 -17.95 14.18 2.06
P 5MC A 1493 -45.23 -6.74 -5.79
OP1 5MC A 1493 -46.50 -7.31 -6.38
OP2 5MC A 1493 -43.90 -7.27 -6.24
O5' 5MC A 1493 -45.24 -5.17 -6.02
C5' 5MC A 1493 -46.39 -4.39 -5.68
C4' 5MC A 1493 -46.08 -2.92 -5.77
O4' 5MC A 1493 -45.00 -2.59 -4.88
C3' 5MC A 1493 -45.59 -2.43 -7.13
O3' 5MC A 1493 -46.65 -2.22 -8.05
C2' 5MC A 1493 -44.85 -1.16 -6.77
O2' 5MC A 1493 -45.75 -0.09 -6.54
C1' 5MC A 1493 -44.22 -1.55 -5.43
N1 5MC A 1493 -42.83 -2.01 -5.58
C2 5MC A 1493 -41.79 -1.08 -5.77
O2 5MC A 1493 -42.07 0.14 -5.83
N3 5MC A 1493 -40.50 -1.47 -5.91
C4 5MC A 1493 -40.19 -2.77 -5.86
N4 5MC A 1493 -38.91 -3.17 -6.00
C5 5MC A 1493 -41.26 -3.76 -5.66
C6 5MC A 1493 -42.57 -3.32 -5.52
CM5 5MC A 1493 -40.94 -5.23 -5.60
N ALA B 9 -76.62 -8.25 41.95
CA ALA B 9 -77.16 -6.92 41.71
C ALA B 9 -77.07 -6.56 40.23
N ALA B 10 -76.02 -7.05 39.57
CA ALA B 10 -75.87 -6.78 38.14
C ALA B 10 -76.96 -7.48 37.34
N LYS B 11 -77.17 -8.77 37.57
CA LYS B 11 -78.25 -9.48 36.88
C LYS B 11 -79.59 -8.92 37.25
N ASP B 12 -79.70 -8.31 38.43
CA ASP B 12 -80.93 -7.63 38.81
C ASP B 12 -81.21 -6.46 37.88
N LYS B 13 -80.18 -5.69 37.54
CA LYS B 13 -80.40 -4.52 36.68
C LYS B 13 -80.74 -4.94 35.26
N TRP B 14 -80.17 -6.05 34.79
CA TRP B 14 -80.47 -6.50 33.43
C TRP B 14 -81.93 -6.90 33.27
N LYS B 15 -82.58 -7.37 34.34
CA LYS B 15 -83.98 -7.77 34.26
C LYS B 15 -84.93 -6.58 34.16
N LEU B 16 -84.43 -5.36 34.35
CA LEU B 16 -85.28 -4.18 34.22
C LEU B 16 -85.37 -3.67 32.79
N LYS B 17 -84.68 -4.29 31.85
CA LYS B 17 -84.64 -3.82 30.48
C LYS B 17 -85.74 -4.48 29.66
N GLN B 18 -86.37 -3.70 28.79
CA GLN B 18 -87.35 -4.20 27.85
C GLN B 18 -86.86 -4.00 26.42
N TRP B 19 -87.44 -4.77 25.51
CA TRP B 19 -87.03 -4.76 24.11
C TRP B 19 -88.02 -3.96 23.27
N TYR B 20 -87.48 -3.13 22.40
CA TYR B 20 -88.27 -2.31 21.47
C TYR B 20 -87.94 -2.72 20.05
N VAL B 21 -88.95 -2.66 19.19
CA VAL B 21 -88.80 -3.02 17.78
C VAL B 21 -88.55 -1.75 16.99
N ILE B 22 -87.63 -1.82 16.04
CA ILE B 22 -87.24 -0.67 15.22
C ILE B 22 -87.81 -0.86 13.82
N TYR B 23 -88.43 0.18 13.29
CA TYR B 23 -89.05 0.15 11.98
C TYR B 23 -88.34 1.10 11.03
N ALA B 24 -88.29 0.71 9.76
CA ALA B 24 -87.71 1.56 8.74
C ALA B 24 -88.61 2.76 8.48
N PRO B 25 -88.06 3.84 7.91
CA PRO B 25 -88.89 5.00 7.59
C PRO B 25 -90.00 4.65 6.62
N ASP B 26 -90.95 5.57 6.51
CA ASP B 26 -92.21 5.26 5.83
C ASP B 26 -92.00 4.94 4.36
N PHE B 27 -91.20 5.72 3.66
CA PHE B 27 -91.08 5.56 2.21
C PHE B 27 -90.11 4.46 1.81
N PHE B 28 -89.47 3.80 2.76
CA PHE B 28 -88.69 2.61 2.48
C PHE B 28 -89.48 1.32 2.67
N GLY B 29 -90.75 1.43 3.06
CA GLY B 29 -91.60 0.27 3.29
C GLY B 29 -92.06 0.13 4.72
N GLY B 30 -91.33 0.71 5.67
CA GLY B 30 -91.70 0.63 7.07
C GLY B 30 -91.66 -0.76 7.65
N VAL B 31 -90.66 -1.56 7.27
CA VAL B 31 -90.56 -2.93 7.75
C VAL B 31 -89.69 -2.98 8.99
N GLU B 32 -89.77 -4.07 9.74
CA GLU B 32 -88.98 -4.27 10.95
C GLU B 32 -87.52 -4.48 10.56
N VAL B 33 -86.60 -3.92 11.34
CA VAL B 33 -85.17 -4.03 11.05
C VAL B 33 -84.37 -4.57 12.22
N GLY B 34 -84.92 -4.59 13.43
CA GLY B 34 -84.18 -5.11 14.56
C GLY B 34 -84.86 -4.77 15.87
N LEU B 35 -84.20 -5.18 16.95
CA LEU B 35 -84.69 -4.99 18.31
C LEU B 35 -83.58 -4.44 19.18
N THR B 36 -83.94 -3.56 20.12
CA THR B 36 -82.96 -2.96 21.01
C THR B 36 -83.45 -2.93 22.44
N PRO B 37 -82.58 -3.13 23.42
CA PRO B 37 -82.99 -3.10 24.82
C PRO B 37 -82.79 -1.75 25.46
N ALA B 38 -83.66 -1.45 26.42
CA ALA B 38 -83.59 -0.23 27.22
C ALA B 38 -84.61 -0.33 28.34
N ASP B 39 -84.31 0.31 29.46
CA ASP B 39 -85.22 0.29 30.59
C ASP B 39 -86.19 1.47 30.56
N ASP B 40 -85.71 2.65 30.20
CA ASP B 40 -86.55 3.82 30.09
C ASP B 40 -86.79 4.16 28.63
N PRO B 41 -88.04 4.23 28.18
CA PRO B 41 -88.30 4.45 26.75
C PRO B 41 -87.74 5.75 26.21
N GLU B 42 -87.52 6.75 27.08
CA GLU B 42 -86.95 8.00 26.61
C GLU B 42 -85.50 7.84 26.16
N LYS B 43 -84.79 6.84 26.68
CA LYS B 43 -83.39 6.64 26.31
C LYS B 43 -83.22 6.10 24.90
N VAL B 44 -84.30 5.69 24.24
CA VAL B 44 -84.17 5.11 22.91
C VAL B 44 -84.09 6.19 21.82
N LEU B 45 -84.43 7.44 22.15
CA LEU B 45 -84.44 8.48 21.13
C LEU B 45 -83.04 8.74 20.61
N ASN B 46 -82.96 9.06 19.32
CA ASN B 46 -81.74 9.46 18.62
C ASN B 46 -80.76 8.33 18.42
N ARG B 47 -81.15 7.08 18.66
CA ARG B 47 -80.29 5.96 18.32
C ARG B 47 -80.26 5.75 16.82
N VAL B 48 -79.11 5.30 16.32
CA VAL B 48 -78.88 5.16 14.89
C VAL B 48 -78.59 3.69 14.58
N VAL B 49 -79.25 3.17 13.56
CA VAL B 49 -79.07 1.79 13.11
C VAL B 49 -78.73 1.80 11.63
N GLU B 50 -77.79 0.94 11.25
CA GLU B 50 -77.31 0.85 9.88
C GLU B 50 -77.79 -0.45 9.24
N VAL B 51 -78.38 -0.36 8.05
CA VAL B 51 -78.83 -1.54 7.33
C VAL B 51 -78.41 -1.43 5.88
N THR B 52 -78.24 -2.58 5.23
CA THR B 52 -77.89 -2.58 3.82
C THR B 52 -79.14 -2.60 2.96
N LEU B 53 -79.01 -2.06 1.75
CA LEU B 53 -80.15 -1.99 0.84
C LEU B 53 -80.62 -3.38 0.44
N LYS B 54 -79.75 -4.38 0.49
CA LYS B 54 -80.16 -5.73 0.17
C LYS B 54 -81.17 -6.26 1.17
N ASP B 55 -81.08 -5.84 2.43
CA ASP B 55 -82.04 -6.30 3.44
C ASP B 55 -83.43 -5.74 3.19
N ILE B 56 -83.52 -4.48 2.77
CA ILE B 56 -84.82 -3.88 2.51
C ILE B 56 -85.50 -4.55 1.33
N THR B 57 -84.84 -4.54 0.18
CA THR B 57 -85.32 -5.22 -1.02
C THR B 57 -84.29 -6.26 -1.41
N GLY B 58 -84.75 -7.48 -1.65
CA GLY B 58 -83.83 -8.57 -1.93
C GLY B 58 -83.18 -8.51 -3.30
N ASP B 59 -81.90 -8.20 -3.34
CA ASP B 59 -81.11 -8.32 -4.56
C ASP B 59 -79.64 -8.29 -4.19
N PHE B 60 -78.90 -9.31 -4.59
CA PHE B 60 -77.51 -9.48 -4.18
C PHE B 60 -76.59 -8.46 -4.82
N LEU B 61 -77.06 -7.70 -5.80
CA LEU B 61 -76.23 -6.69 -6.43
C LEU B 61 -75.98 -5.51 -5.50
N LYS B 62 -77.02 -5.02 -4.83
CA LYS B 62 -76.90 -3.83 -3.99
C LYS B 62 -76.62 -4.19 -2.54
N GLY B 63 -75.59 -5.00 -2.32
CA GLY B 63 -75.20 -5.37 -0.97
C GLY B 63 -74.17 -4.46 -0.35
N HIS B 64 -73.66 -3.48 -1.09
CA HIS B 64 -72.64 -2.58 -0.59
C HIS B 64 -73.17 -1.18 -0.34
N VAL B 65 -74.49 -0.98 -0.35
CA VAL B 65 -75.10 0.31 -0.06
C VAL B 65 -75.62 0.26 1.36
N LYS B 66 -75.20 1.20 2.19
CA LYS B 66 -75.54 1.22 3.61
C LYS B 66 -76.34 2.47 3.92
N LEU B 67 -77.41 2.31 4.68
CA LEU B 67 -78.33 3.38 5.03
C LEU B 67 -78.43 3.50 6.53
N TYR B 68 -78.55 4.74 7.02
CA TYR B 68 -78.61 5.01 8.45
C TYR B 68 -79.97 5.57 8.82
N PHE B 69 -80.62 4.94 9.80
CA PHE B 69 -81.93 5.37 10.28
C PHE B 69 -81.81 5.79 11.73
N GLN B 70 -82.46 6.88 12.10
CA GLN B 70 -82.37 7.43 13.44
C GLN B 70 -83.76 7.51 14.06
N VAL B 71 -83.89 7.02 15.29
CA VAL B 71 -85.18 6.98 15.98
C VAL B 71 -85.58 8.40 16.37
N TYR B 72 -86.85 8.74 16.12
CA TYR B 72 -87.37 10.04 16.50
C TYR B 72 -88.62 9.98 17.36
N ASP B 73 -89.28 8.83 17.47
CA ASP B 73 -90.53 8.74 18.21
C ASP B 73 -90.76 7.32 18.66
N VAL B 74 -91.25 7.16 19.90
CA VAL B 74 -91.51 5.86 20.49
C VAL B 74 -92.95 5.82 20.97
N LYS B 75 -93.66 4.76 20.62
CA LYS B 75 -95.05 4.56 21.04
C LYS B 75 -95.24 3.10 21.38
N GLY B 76 -95.53 2.82 22.65
CA GLY B 76 -95.69 1.45 23.09
C GLY B 76 -94.37 0.72 23.12
N GLN B 77 -94.25 -0.34 22.32
CA GLN B 77 -93.00 -1.09 22.19
C GLN B 77 -92.39 -0.95 20.81
N ASN B 78 -92.73 0.12 20.09
CA ASN B 78 -92.27 0.32 18.72
C ASN B 78 -91.51 1.62 18.61
N ALA B 79 -90.50 1.64 17.74
CA ALA B 79 -89.70 2.83 17.50
C ALA B 79 -89.71 3.13 16.01
N TYR B 80 -89.95 4.39 15.66
CA TYR B 80 -90.01 4.82 14.28
C TYR B 80 -88.85 5.75 13.97
N THR B 81 -88.33 5.65 12.75
CA THR B 81 -87.05 6.25 12.40
C THR B 81 -87.19 7.22 11.24
N LYS B 82 -86.13 7.97 11.01
CA LYS B 82 -86.02 8.90 9.89
C LYS B 82 -84.75 8.59 9.13
N PHE B 83 -84.71 9.03 7.87
CA PHE B 83 -83.50 8.88 7.07
C PHE B 83 -82.47 9.92 7.47
N LYS B 84 -81.22 9.52 7.55
CA LYS B 84 -80.14 10.40 7.98
C LYS B 84 -79.00 10.49 6.97
N GLY B 85 -78.62 9.38 6.37
CA GLY B 85 -77.51 9.38 5.45
C GLY B 85 -77.33 8.02 4.81
N MET B 86 -76.45 7.99 3.82
CA MET B 86 -76.20 6.80 3.03
C MET B 86 -74.75 6.81 2.58
N LYS B 87 -74.14 5.63 2.55
CA LYS B 87 -72.73 5.50 2.21
C LYS B 87 -72.51 4.22 1.43
N LEU B 88 -71.41 4.18 0.69
CA LEU B 88 -70.96 2.95 0.04
C LEU B 88 -69.88 2.28 0.86
N ALA B 89 -69.82 0.96 0.79
CA ALA B 89 -68.86 0.20 1.58
C ALA B 89 -67.44 0.58 1.20
N ARG B 90 -66.57 0.62 2.21
CA ARG B 90 -65.20 1.05 1.97
C ARG B 90 -64.47 0.09 1.06
N SER B 91 -64.66 -1.22 1.28
CA SER B 91 -63.98 -2.22 0.45
C SER B 91 -64.43 -2.11 -1.00
N TYR B 92 -65.65 -1.65 -1.24
CA TYR B 92 -66.13 -1.53 -2.61
C TYR B 92 -65.39 -0.44 -3.35
N ILE B 93 -65.45 0.80 -2.85
CA ILE B 93 -64.81 1.90 -3.55
C ILE B 93 -63.30 1.78 -3.53
N ARG B 94 -62.74 1.04 -2.56
CA ARG B 94 -61.29 0.87 -2.57
C ARG B 94 -60.84 -0.04 -3.70
N SER B 95 -61.75 -0.83 -4.25
CA SER B 95 -61.42 -1.71 -5.37
C SER B 95 -61.66 -1.04 -6.72
N LEU B 96 -62.26 0.14 -6.76
CA LEU B 96 -62.45 0.83 -8.02
C LEU B 96 -61.26 1.69 -8.40
N VAL B 97 -60.53 2.21 -7.42
CA VAL B 97 -59.41 3.09 -7.69
C VAL B 97 -58.20 2.25 -8.08
N ARG B 98 -57.70 2.47 -9.30
CA ARG B 98 -56.59 1.72 -9.85
C ARG B 98 -55.58 2.68 -10.44
N ARG B 99 -54.34 2.22 -10.59
CA ARG B 99 -53.35 3.00 -11.30
C ARG B 99 -53.71 3.05 -12.79
N ARG B 100 -53.20 4.07 -13.46
CA ARG B 100 -53.47 4.34 -14.87
C ARG B 100 -54.95 4.63 -15.13
N THR B 101 -55.66 5.13 -14.13
CA THR B 101 -57.01 5.62 -14.29
C THR B 101 -57.12 6.96 -13.58
N THR B 102 -58.27 7.60 -13.71
CA THR B 102 -58.51 8.91 -13.13
C THR B 102 -59.76 8.86 -12.27
N ARG B 103 -59.69 9.49 -11.11
CA ARG B 103 -60.81 9.57 -10.19
C ARG B 103 -61.25 11.02 -10.07
N ILE B 104 -62.54 11.27 -10.28
CA ILE B 104 -63.11 12.61 -10.19
C ILE B 104 -64.14 12.61 -9.08
N ASP B 105 -63.99 13.54 -8.13
CA ASP B 105 -64.91 13.69 -7.02
C ASP B 105 -65.57 15.07 -7.08
N GLY B 106 -66.79 15.14 -6.57
CA GLY B 106 -67.51 16.39 -6.49
C GLY B 106 -68.45 16.42 -5.32
N ILE B 107 -68.35 17.45 -4.48
CA ILE B 107 -69.11 17.56 -3.24
C ILE B 107 -69.97 18.81 -3.33
N PHE B 108 -71.29 18.64 -3.18
CA PHE B 108 -72.23 19.72 -3.43
C PHE B 108 -73.21 19.86 -2.26
N ASN B 109 -73.49 21.12 -1.91
CA ASN B 109 -74.53 21.46 -0.95
C ASN B 109 -75.77 21.87 -1.71
N ILE B 110 -76.89 21.18 -1.46
CA ILE B 110 -78.11 21.46 -2.18
C ILE B 110 -79.28 21.60 -1.23
N THR B 111 -80.35 22.22 -1.74
CA THR B 111 -81.63 22.32 -1.06
C THR B 111 -82.70 21.72 -1.95
N THR B 112 -83.47 20.79 -1.42
CA THR B 112 -84.50 20.15 -2.21
C THR B 112 -85.65 21.11 -2.45
N LYS B 113 -86.68 20.64 -3.17
CA LYS B 113 -87.83 21.48 -3.45
C LYS B 113 -88.54 21.88 -2.17
N ASP B 114 -88.73 20.94 -1.26
CA ASP B 114 -89.36 21.23 0.03
C ASP B 114 -88.33 21.50 1.12
N GLY B 115 -87.37 22.38 0.85
CA GLY B 115 -86.52 22.94 1.88
C GLY B 115 -85.74 21.98 2.75
N TYR B 116 -85.10 20.98 2.15
CA TYR B 116 -84.20 20.08 2.88
C TYR B 116 -82.76 20.37 2.48
N LYS B 117 -81.89 20.47 3.47
CA LYS B 117 -80.47 20.73 3.25
C LYS B 117 -79.73 19.41 3.16
N LEU B 118 -79.02 19.18 2.06
CA LEU B 118 -78.30 17.94 1.86
C LEU B 118 -76.89 18.23 1.39
N ARG B 119 -75.97 17.32 1.72
CA ARG B 119 -74.64 17.33 1.14
C ARG B 119 -74.41 16.00 0.43
N VAL B 120 -73.97 16.08 -0.83
CA VAL B 120 -73.89 14.93 -1.72
C VAL B 120 -72.48 14.82 -2.28
N MET B 121 -71.93 13.61 -2.27
CA MET B 121 -70.62 13.33 -2.85
C MET B 121 -70.79 12.30 -3.94
N ALA B 122 -70.36 12.65 -5.15
CA ALA B 122 -70.44 11.79 -6.33
C ALA B 122 -69.04 11.49 -6.84
N MET B 123 -68.88 10.32 -7.44
CA MET B 123 -67.57 9.88 -7.90
C MET B 123 -67.67 9.31 -9.30
N VAL B 124 -66.65 9.55 -10.11
CA VAL B 124 -66.57 9.04 -11.48
C VAL B 124 -65.17 8.49 -11.70
N ILE B 125 -65.08 7.37 -12.41
CA ILE B 125 -63.82 6.72 -12.73
C ILE B 125 -63.65 6.70 -14.24
N ALA B 126 -62.54 7.26 -14.71
CA ALA B 126 -62.26 7.30 -16.14
C ALA B 126 -61.41 6.09 -16.54
N ALA B 127 -61.45 5.76 -17.82
CA ALA B 127 -60.78 4.56 -18.31
C ALA B 127 -59.27 4.69 -18.27
N ARG B 128 -58.76 5.90 -18.48
CA ARG B 128 -57.32 6.14 -18.51
C ARG B 128 -56.99 7.45 -17.84
N ARG B 129 -55.70 7.76 -17.77
CA ARG B 129 -55.29 9.08 -17.34
C ARG B 129 -55.75 10.12 -18.33
N ILE B 130 -56.32 11.22 -17.82
CA ILE B 130 -56.83 12.29 -18.67
C ILE B 130 -56.29 13.61 -18.15
N GLN B 131 -56.50 14.65 -18.94
CA GLN B 131 -56.01 15.98 -18.60
C GLN B 131 -56.94 16.66 -17.61
N THR B 132 -56.40 17.66 -16.92
CA THR B 132 -57.13 18.28 -15.82
C THR B 132 -58.35 19.05 -16.32
N SER B 133 -58.25 19.67 -17.50
CA SER B 133 -59.39 20.40 -18.03
C SER B 133 -60.58 19.48 -18.27
N GLN B 134 -60.33 18.26 -18.71
CA GLN B 134 -61.42 17.29 -18.87
C GLN B 134 -62.04 16.93 -17.52
N GLU B 135 -61.21 16.85 -16.47
CA GLU B 135 -61.75 16.64 -15.14
C GLU B 135 -62.66 17.78 -14.73
N ARG B 136 -62.25 19.02 -15.00
CA ARG B 136 -63.12 20.14 -14.67
C ARG B 136 -64.42 20.09 -15.43
N ALA B 137 -64.37 19.72 -16.71
CA ALA B 137 -65.59 19.62 -17.50
C ALA B 137 -66.54 18.58 -16.94
N ILE B 138 -66.01 17.41 -16.56
CA ILE B 138 -66.86 16.37 -16.01
C ILE B 138 -67.46 16.81 -14.69
N ARG B 139 -66.66 17.46 -13.84
CA ARG B 139 -67.19 17.93 -12.57
C ARG B 139 -68.31 18.95 -12.78
N LYS B 140 -68.16 19.83 -13.77
CA LYS B 140 -69.20 20.80 -14.06
C LYS B 140 -70.48 20.12 -14.52
N ILE B 141 -70.36 19.08 -15.35
CA ILE B 141 -71.55 18.34 -15.77
C ILE B 141 -72.25 17.72 -14.58
N MET B 142 -71.48 17.11 -13.68
CA MET B 142 -72.05 16.54 -12.46
C MET B 142 -72.83 17.60 -11.68
N GLN B 143 -72.22 18.76 -11.50
CA GLN B 143 -72.86 19.82 -10.74
C GLN B 143 -74.18 20.23 -11.37
N GLU B 144 -74.19 20.41 -12.69
CA GLU B 144 -75.41 20.86 -13.36
C GLU B 144 -76.53 19.85 -13.19
N ILE B 145 -76.22 18.57 -13.40
CA ILE B 145 -77.26 17.55 -13.29
C ILE B 145 -77.81 17.49 -11.87
N ILE B 146 -76.92 17.53 -10.88
CA ILE B 146 -77.40 17.41 -9.49
C ILE B 146 -78.23 18.61 -9.10
N TYR B 147 -77.82 19.82 -9.49
CA TYR B 147 -78.62 21.00 -9.17
C TYR B 147 -79.99 20.92 -9.81
N LYS B 148 -80.06 20.49 -11.07
CA LYS B 148 -81.37 20.38 -11.72
C LYS B 148 -82.26 19.37 -11.02
N LYS B 149 -81.71 18.20 -10.67
CA LYS B 149 -82.51 17.20 -9.98
C LYS B 149 -83.00 17.72 -8.63
N ALA B 150 -82.13 18.40 -7.89
CA ALA B 150 -82.53 18.94 -6.60
C ALA B 150 -83.64 19.96 -6.74
N GLU B 151 -83.55 20.82 -7.76
CA GLU B 151 -84.60 21.81 -7.97
C GLU B 151 -85.92 21.16 -8.37
N GLU B 152 -85.84 20.02 -9.06
CA GLU B 152 -87.07 19.43 -9.60
C GLU B 152 -87.81 18.56 -8.57
N LEU B 153 -87.13 17.66 -7.90
CA LEU B 153 -87.78 16.62 -7.11
C LEU B 153 -87.94 17.01 -5.65
N ASN B 154 -88.69 16.19 -4.93
CA ASN B 154 -88.84 16.32 -3.49
C ASN B 154 -87.82 15.46 -2.76
N PHE B 155 -87.84 15.54 -1.44
CA PHE B 155 -86.82 14.89 -0.63
C PHE B 155 -86.84 13.38 -0.80
N LYS B 156 -88.00 12.76 -0.62
CA LYS B 156 -88.09 11.31 -0.70
C LYS B 156 -87.77 10.80 -2.09
N ASP B 157 -88.31 11.46 -3.12
CA ASP B 157 -88.03 11.06 -4.49
C ASP B 157 -86.55 11.22 -4.82
N PHE B 158 -85.95 12.32 -4.36
CA PHE B 158 -84.53 12.53 -4.60
C PHE B 158 -83.70 11.42 -3.97
N VAL B 159 -84.02 11.05 -2.73
CA VAL B 159 -83.26 10.00 -2.05
C VAL B 159 -83.43 8.67 -2.77
N LEU B 160 -84.66 8.35 -3.17
CA LEU B 160 -84.89 7.08 -3.85
C LEU B 160 -84.14 7.02 -5.17
N GLU B 161 -84.15 8.11 -5.94
CA GLU B 161 -83.41 8.12 -7.18
C GLU B 161 -81.91 8.04 -6.95
N ALA B 162 -81.42 8.66 -5.88
CA ALA B 162 -79.99 8.61 -5.60
C ALA B 162 -79.55 7.20 -5.25
N VAL B 163 -80.35 6.47 -4.46
CA VAL B 163 -79.93 5.13 -4.08
C VAL B 163 -80.22 4.10 -5.16
N ASN B 164 -81.20 4.33 -6.04
CA ASN B 164 -81.49 3.35 -7.08
C ASN B 164 -80.48 3.39 -8.21
N GLY B 165 -79.79 4.51 -8.39
CA GLY B 165 -78.80 4.64 -9.43
C GLY B 165 -79.24 5.39 -10.67
N LYS B 166 -80.42 5.99 -10.66
CA LYS B 166 -80.89 6.73 -11.83
C LYS B 166 -80.00 7.94 -12.09
N ILE B 167 -79.65 8.68 -11.03
CA ILE B 167 -78.84 9.87 -11.20
C ILE B 167 -77.48 9.52 -11.76
N ALA B 168 -76.88 8.44 -11.27
CA ALA B 168 -75.57 8.02 -11.78
C ALA B 168 -75.65 7.66 -13.25
N ALA B 169 -76.72 6.96 -13.66
CA ALA B 169 -76.87 6.61 -15.07
C ALA B 169 -76.99 7.84 -15.93
N GLU B 170 -77.79 8.82 -15.50
CA GLU B 170 -77.91 10.05 -16.28
C GLU B 170 -76.57 10.77 -16.37
N ILE B 171 -75.83 10.82 -15.27
CA ILE B 171 -74.53 11.48 -15.28
C ILE B 171 -73.60 10.80 -16.26
N ALA B 172 -73.56 9.47 -16.24
CA ALA B 172 -72.67 8.75 -17.15
C ALA B 172 -73.05 9.00 -18.60
N LYS B 173 -74.34 8.96 -18.90
CA LYS B 173 -74.77 9.20 -20.27
C LYS B 173 -74.36 10.59 -20.73
N GLU B 174 -74.51 11.59 -19.87
CA GLU B 174 -74.18 12.94 -20.28
C GLU B 174 -72.68 13.15 -20.37
N ALA B 175 -71.90 12.47 -19.53
CA ALA B 175 -70.46 12.70 -19.47
C ALA B 175 -69.68 11.83 -20.43
N LYS B 176 -70.30 10.88 -21.11
CA LYS B 176 -69.58 10.12 -22.13
C LYS B 176 -68.99 11.04 -23.20
N LYS B 177 -69.59 12.22 -23.40
CA LYS B 177 -69.15 13.09 -24.48
C LYS B 177 -67.78 13.70 -24.23
N ILE B 178 -67.29 13.68 -22.99
CA ILE B 178 -65.96 14.20 -22.70
C ILE B 178 -64.92 13.10 -22.75
N TYR B 179 -65.21 11.96 -22.13
CA TYR B 179 -64.29 10.83 -22.14
C TYR B 179 -65.09 9.58 -21.77
N PRO B 180 -64.77 8.43 -22.36
CA PRO B 180 -65.44 7.20 -21.96
C PRO B 180 -65.22 6.89 -20.48
N LEU B 181 -66.27 6.39 -19.84
CA LEU B 181 -66.26 6.16 -18.41
C LEU B 181 -66.27 4.67 -18.09
N LYS B 182 -65.73 4.34 -16.93
CA LYS B 182 -65.78 2.99 -16.41
C LYS B 182 -66.86 2.81 -15.36
N LYS B 183 -67.02 3.76 -14.45
CA LYS B 183 -68.05 3.70 -13.44
C LYS B 183 -68.48 5.12 -13.07
N ALA B 184 -69.67 5.22 -12.47
CA ALA B 184 -70.19 6.49 -12.01
C ALA B 184 -71.16 6.21 -10.87
N GLU B 185 -70.94 6.83 -9.71
CA GLU B 185 -71.71 6.52 -8.53
C GLU B 185 -72.03 7.79 -7.75
N ILE B 186 -73.10 7.72 -6.96
CA ILE B 186 -73.32 8.68 -5.88
C ILE B 186 -72.69 8.07 -4.63
N ARG B 187 -71.56 8.64 -4.21
CA ARG B 187 -70.76 8.00 -3.19
C ARG B 187 -71.35 8.14 -1.81
N LYS B 188 -71.90 9.30 -1.47
CA LYS B 188 -72.31 9.52 -0.09
C LYS B 188 -73.36 10.62 -0.02
N ILE B 189 -74.27 10.48 0.94
CA ILE B 189 -75.29 11.49 1.20
C ILE B 189 -75.40 11.71 2.70
N LYS B 190 -75.45 12.96 3.12
CA LYS B 190 -75.74 13.28 4.51
C LYS B 190 -76.74 14.41 4.59
N VAL B 191 -77.77 14.25 5.45
CA VAL B 191 -78.74 15.32 5.64
C VAL B 191 -78.21 16.29 6.67
N LEU B 192 -78.49 17.58 6.48
CA LEU B 192 -77.98 18.63 7.34
C LEU B 192 -79.08 19.32 8.14
N GLY B 193 -80.19 19.64 7.49
CA GLY B 193 -81.31 20.28 8.16
C GLY B 193 -82.60 19.87 7.52
N GLU B 194 -83.70 20.19 8.20
CA GLU B 194 -85.04 19.84 7.76
C GLU B 194 -85.92 21.07 7.87
N PRO B 195 -87.01 21.11 7.10
CA PRO B 195 -87.86 22.31 7.11
C PRO B 195 -88.48 22.53 8.48
N GLU B 196 -88.70 23.80 8.80
CA GLU B 196 -89.30 24.17 10.08
C GLU B 196 -90.82 24.23 9.97
N GLU C 4 -36.82 -13.80 -65.45
CA GLU C 4 -37.46 -12.83 -64.57
C GLU C 4 -37.06 -13.05 -63.12
N TYR C 5 -37.78 -13.94 -62.45
CA TYR C 5 -37.54 -14.24 -61.05
C TYR C 5 -37.14 -15.70 -60.90
N LEU C 6 -36.34 -15.98 -59.87
CA LEU C 6 -35.93 -17.36 -59.62
C LEU C 6 -37.12 -18.24 -59.29
N VAL C 7 -38.05 -17.73 -58.52
CA VAL C 7 -39.30 -18.44 -58.21
C VAL C 7 -40.45 -17.45 -58.30
N PRO C 8 -41.67 -17.95 -58.50
CA PRO C 8 -42.83 -17.04 -58.56
C PRO C 8 -43.00 -16.25 -57.26
N LEU C 9 -43.45 -15.01 -57.40
CA LEU C 9 -43.64 -14.16 -56.22
C LEU C 9 -44.66 -14.74 -55.26
N ASP C 10 -45.59 -15.56 -55.75
CA ASP C 10 -46.54 -16.21 -54.87
C ASP C 10 -45.83 -17.12 -53.89
N GLN C 11 -44.80 -17.84 -54.36
CA GLN C 11 -44.03 -18.71 -53.47
C GLN C 11 -43.29 -17.89 -52.42
N TYR C 12 -42.69 -16.77 -52.83
CA TYR C 12 -42.05 -15.88 -51.87
C TYR C 12 -43.02 -15.45 -50.79
N LEU C 13 -44.20 -14.98 -51.19
CA LEU C 13 -45.16 -14.47 -50.21
C LEU C 13 -45.69 -15.58 -49.33
N ALA C 14 -45.90 -16.78 -49.89
CA ALA C 14 -46.35 -17.90 -49.08
C ALA C 14 -45.31 -18.30 -48.05
N ALA C 15 -44.04 -18.29 -48.41
CA ALA C 15 -42.98 -18.60 -47.47
C ALA C 15 -42.83 -17.53 -46.39
N GLY C 16 -43.41 -16.36 -46.57
CA GLY C 16 -43.32 -15.31 -45.57
C GLY C 16 -42.00 -14.58 -45.54
N VAL C 17 -41.31 -14.50 -46.68
CA VAL C 17 -40.01 -13.84 -46.72
C VAL C 17 -40.16 -12.35 -46.47
N HIS C 18 -41.24 -11.74 -46.92
CA HIS C 18 -41.40 -10.30 -46.88
C HIS C 18 -41.72 -9.76 -45.49
N ILE C 19 -42.01 -10.61 -44.52
CA ILE C 19 -42.47 -10.17 -43.21
C ILE C 19 -41.27 -9.71 -42.39
N GLY C 20 -41.32 -8.47 -41.92
CA GLY C 20 -40.28 -7.91 -41.09
C GLY C 20 -40.63 -7.99 -39.61
N THR C 21 -40.18 -7.00 -38.86
CA THR C 21 -40.46 -6.93 -37.43
C THR C 21 -41.05 -5.57 -37.10
N GLN C 22 -41.16 -5.31 -35.80
CA GLN C 22 -41.80 -4.08 -35.32
C GLN C 22 -40.83 -2.91 -35.32
N GLN C 23 -39.55 -3.17 -35.49
CA GLN C 23 -38.52 -2.15 -35.43
C GLN C 23 -37.89 -1.95 -36.80
N LYS C 24 -37.09 -0.90 -36.91
CA LYS C 24 -36.42 -0.57 -38.16
C LYS C 24 -35.07 0.06 -37.84
N THR C 25 -34.28 0.27 -38.90
CA THR C 25 -32.99 0.93 -38.78
C THR C 25 -32.83 1.87 -39.96
N LYS C 26 -32.03 2.92 -39.77
CA LYS C 26 -31.85 3.90 -40.83
C LYS C 26 -31.19 3.29 -42.05
N ASP C 27 -30.16 2.47 -41.85
CA ASP C 27 -29.44 1.93 -42.99
C ASP C 27 -30.16 0.80 -43.70
N MET C 28 -31.25 0.29 -43.12
CA MET C 28 -32.04 -0.75 -43.77
C MET C 28 -33.17 -0.18 -44.62
N LYS C 29 -33.36 1.14 -44.64
CA LYS C 29 -34.52 1.68 -45.33
C LYS C 29 -34.40 1.60 -46.84
N LYS C 30 -33.22 1.30 -47.36
CA LYS C 30 -33.09 1.10 -48.80
C LYS C 30 -33.80 -0.16 -49.27
N PHE C 31 -34.15 -1.06 -48.36
CA PHE C 31 -34.84 -2.29 -48.71
C PHE C 31 -36.29 -2.33 -48.28
N ILE C 32 -36.70 -1.45 -47.38
CA ILE C 32 -38.06 -1.46 -46.85
C ILE C 32 -39.02 -0.95 -47.90
N TYR C 33 -40.14 -1.66 -48.07
CA TYR C 33 -41.17 -1.33 -49.05
C TYR C 33 -42.22 -0.39 -48.50
N ARG C 34 -42.84 -0.74 -47.38
CA ARG C 34 -43.85 0.10 -46.75
C ARG C 34 -44.04 -0.40 -45.32
N VAL C 35 -44.82 0.35 -44.55
CA VAL C 35 -45.15 0.01 -43.17
C VAL C 35 -46.66 -0.18 -43.08
N ARG C 36 -47.07 -1.29 -42.50
CA ARG C 36 -48.49 -1.60 -42.40
C ARG C 36 -49.11 -0.83 -41.24
N GLN C 37 -50.45 -0.84 -41.20
CA GLN C 37 -51.20 -0.06 -40.23
C GLN C 37 -51.01 -0.54 -38.79
N ASP C 38 -50.46 -1.73 -38.58
CA ASP C 38 -50.23 -2.24 -37.24
C ASP C 38 -48.83 -1.91 -36.73
N GLY C 39 -48.05 -1.14 -37.48
CA GLY C 39 -46.71 -0.80 -37.07
C GLY C 39 -45.63 -1.80 -37.42
N LEU C 40 -45.89 -2.69 -38.36
CA LEU C 40 -44.95 -3.72 -38.77
C LEU C 40 -44.43 -3.40 -40.17
N TYR C 41 -43.13 -3.54 -40.36
CA TYR C 41 -42.49 -3.16 -41.62
C TYR C 41 -42.45 -4.34 -42.58
N VAL C 42 -42.43 -4.03 -43.88
CA VAL C 42 -42.44 -5.03 -44.93
C VAL C 42 -41.23 -4.81 -45.84
N LEU C 43 -40.60 -5.90 -46.25
CA LEU C 43 -39.46 -5.86 -47.13
C LEU C 43 -39.90 -5.91 -48.59
N ASP C 44 -39.00 -5.49 -49.48
CA ASP C 44 -39.24 -5.57 -50.91
C ASP C 44 -38.66 -6.86 -51.45
N VAL C 45 -39.47 -7.63 -52.17
CA VAL C 45 -39.06 -8.94 -52.62
C VAL C 45 -38.15 -8.89 -53.86
N ARG C 46 -38.31 -7.89 -54.72
CA ARG C 46 -37.49 -7.82 -55.91
C ARG C 46 -36.02 -7.63 -55.56
N LYS C 47 -35.74 -6.77 -54.57
CA LYS C 47 -34.36 -6.59 -54.13
C LYS C 47 -33.79 -7.89 -53.60
N THR C 48 -34.61 -8.67 -52.90
CA THR C 48 -34.15 -9.97 -52.40
C THR C 48 -33.74 -10.88 -53.55
N ASP C 49 -34.55 -10.93 -54.60
CA ASP C 49 -34.22 -11.78 -55.75
C ASP C 49 -32.95 -11.33 -56.42
N GLU C 50 -32.80 -10.02 -56.64
CA GLU C 50 -31.60 -9.52 -57.29
C GLU C 50 -30.35 -9.83 -56.47
N ARG C 51 -30.43 -9.59 -55.15
CA ARG C 51 -29.29 -9.87 -54.30
C ARG C 51 -28.99 -11.36 -54.24
N LEU C 52 -30.02 -12.20 -54.28
CA LEU C 52 -29.78 -13.64 -54.31
C LEU C 52 -29.02 -14.04 -55.57
N LYS C 53 -29.40 -13.49 -56.71
CA LYS C 53 -28.69 -13.81 -57.95
C LYS C 53 -27.24 -13.36 -57.87
N VAL C 54 -27.02 -12.13 -57.37
CA VAL C 54 -25.64 -11.63 -57.26
C VAL C 54 -24.82 -12.51 -56.33
N ALA C 55 -25.38 -12.87 -55.18
CA ALA C 55 -24.66 -13.70 -54.23
C ALA C 55 -24.37 -15.08 -54.81
N GLY C 56 -25.31 -15.64 -55.55
CA GLY C 56 -25.07 -16.91 -56.21
C GLY C 56 -23.91 -16.83 -57.17
N LYS C 57 -23.82 -15.75 -57.93
CA LYS C 57 -22.65 -15.58 -58.79
C LYS C 57 -21.38 -15.44 -57.97
N PHE C 58 -21.46 -14.74 -56.84
CA PHE C 58 -20.26 -14.39 -56.09
C PHE C 58 -19.64 -15.62 -55.43
N LEU C 59 -20.47 -16.45 -54.78
CA LEU C 59 -19.94 -17.57 -54.02
C LEU C 59 -19.41 -18.70 -54.89
N ALA C 60 -19.76 -18.72 -56.18
CA ALA C 60 -19.34 -19.83 -57.03
C ALA C 60 -17.87 -19.76 -57.42
N ARG C 61 -17.20 -18.63 -57.19
CA ARG C 61 -15.80 -18.51 -57.59
C ARG C 61 -14.82 -19.01 -56.54
N PHE C 62 -15.30 -19.35 -55.34
CA PHE C 62 -14.40 -19.80 -54.29
C PHE C 62 -14.21 -21.31 -54.35
N ASP C 63 -13.16 -21.76 -53.69
CA ASP C 63 -12.94 -23.19 -53.53
C ASP C 63 -14.09 -23.79 -52.72
N PRO C 64 -14.66 -24.92 -53.14
CA PRO C 64 -15.92 -25.38 -52.51
C PRO C 64 -15.83 -25.61 -51.02
N GLN C 65 -14.69 -26.10 -50.52
CA GLN C 65 -14.60 -26.46 -49.11
C GLN C 65 -14.06 -25.34 -48.25
N SER C 66 -13.83 -24.15 -48.79
CA SER C 66 -13.38 -23.01 -48.01
C SER C 66 -14.51 -22.06 -47.65
N ILE C 67 -15.75 -22.49 -47.81
CA ILE C 67 -16.93 -21.70 -47.46
C ILE C 67 -17.48 -22.20 -46.14
N LEU C 68 -17.81 -21.28 -45.24
CA LEU C 68 -18.34 -21.62 -43.93
C LEU C 68 -19.69 -20.94 -43.74
N ALA C 69 -20.66 -21.70 -43.24
CA ALA C 69 -21.99 -21.18 -42.93
C ALA C 69 -22.34 -21.55 -41.50
N VAL C 70 -22.91 -20.59 -40.76
CA VAL C 70 -23.19 -20.75 -39.34
C VAL C 70 -24.62 -20.35 -39.05
N SER C 71 -25.16 -20.90 -37.97
CA SER C 71 -26.51 -20.58 -37.54
C SER C 71 -26.67 -21.02 -36.08
N VAL C 72 -26.95 -20.06 -35.20
CA VAL C 72 -27.21 -20.39 -33.81
C VAL C 72 -28.68 -20.69 -33.58
N ARG C 73 -29.57 -19.99 -34.28
CA ARG C 73 -31.00 -20.18 -34.09
C ARG C 73 -31.40 -21.60 -34.44
N LEU C 74 -32.39 -22.12 -33.71
CA LEU C 74 -32.82 -23.49 -33.92
C LEU C 74 -33.39 -23.70 -35.31
N TYR C 75 -34.21 -22.77 -35.80
CA TYR C 75 -34.86 -22.94 -37.09
C TYR C 75 -33.89 -22.90 -38.26
N GLY C 76 -32.67 -22.42 -38.06
CA GLY C 76 -31.71 -22.37 -39.12
C GLY C 76 -30.68 -23.47 -39.13
N GLN C 77 -30.73 -24.40 -38.19
CA GLN C 77 -29.70 -25.42 -38.10
C GLN C 77 -29.83 -26.45 -39.22
N LYS C 78 -31.04 -26.92 -39.47
CA LYS C 78 -31.24 -27.86 -40.58
C LYS C 78 -30.91 -27.25 -41.93
N PRO C 79 -31.37 -26.05 -42.29
CA PRO C 79 -31.03 -25.51 -43.62
C PRO C 79 -29.55 -25.37 -43.87
N VAL C 80 -28.77 -24.92 -42.89
CA VAL C 80 -27.33 -24.77 -43.14
C VAL C 80 -26.68 -26.12 -43.28
N LYS C 81 -27.13 -27.11 -42.52
CA LYS C 81 -26.57 -28.45 -42.64
C LYS C 81 -26.84 -29.02 -44.02
N LYS C 82 -28.08 -28.89 -44.51
CA LYS C 82 -28.40 -29.38 -45.84
C LYS C 82 -27.62 -28.62 -46.90
N PHE C 83 -27.49 -27.30 -46.73
CA PHE C 83 -26.74 -26.49 -47.67
C PHE C 83 -25.29 -26.94 -47.75
N GLY C 84 -24.68 -27.22 -46.61
CA GLY C 84 -23.32 -27.72 -46.61
C GLY C 84 -23.21 -29.08 -47.25
N GLU C 85 -24.21 -29.94 -47.03
CA GLU C 85 -24.18 -31.26 -47.64
C GLU C 85 -24.25 -31.18 -49.16
N VAL C 86 -25.12 -30.33 -49.68
CA VAL C 86 -25.30 -30.23 -51.13
C VAL C 86 -24.07 -29.64 -51.79
N THR C 87 -23.57 -28.52 -51.28
CA THR C 87 -22.53 -27.77 -51.95
C THR C 87 -21.12 -28.12 -51.50
N GLY C 88 -20.98 -28.95 -50.48
CA GLY C 88 -19.66 -29.31 -50.00
C GLY C 88 -18.99 -28.32 -49.09
N ALA C 89 -19.69 -27.26 -48.69
CA ALA C 89 -19.13 -26.29 -47.77
C ALA C 89 -19.30 -26.75 -46.34
N ARG C 90 -18.43 -26.25 -45.46
CA ARG C 90 -18.49 -26.62 -44.06
C ARG C 90 -19.61 -25.85 -43.36
N ALA C 91 -20.32 -26.53 -42.47
CA ALA C 91 -21.45 -25.94 -41.76
C ALA C 91 -21.32 -26.21 -40.27
N ILE C 92 -21.55 -25.18 -39.46
CA ILE C 92 -21.48 -25.29 -38.01
C ILE C 92 -22.82 -24.84 -37.43
N PRO C 93 -23.70 -25.79 -37.11
CA PRO C 93 -24.94 -25.43 -36.43
C PRO C 93 -24.81 -25.50 -34.91
N GLY C 94 -25.60 -24.68 -34.25
CA GLY C 94 -25.59 -24.66 -32.80
C GLY C 94 -24.60 -23.68 -32.23
N ARG C 95 -24.04 -23.99 -31.07
CA ARG C 95 -23.11 -23.08 -30.42
C ARG C 95 -21.81 -23.00 -31.19
N PHE C 96 -21.31 -21.78 -31.37
CA PHE C 96 -20.02 -21.56 -32.00
C PHE C 96 -18.95 -21.51 -30.91
N LEU C 97 -18.00 -22.42 -30.98
CA LEU C 97 -16.98 -22.48 -29.94
C LEU C 97 -16.04 -21.29 -30.08
N PRO C 98 -15.92 -20.43 -29.07
CA PRO C 98 -15.03 -19.28 -29.19
C PRO C 98 -13.59 -19.71 -29.40
N GLY C 99 -12.89 -18.96 -30.24
CA GLY C 99 -11.54 -19.32 -30.62
C GLY C 99 -11.44 -20.30 -31.75
N THR C 100 -12.55 -20.63 -32.41
CA THR C 100 -12.50 -21.57 -33.53
C THR C 100 -11.67 -21.02 -34.68
N MET C 101 -11.69 -19.71 -34.88
CA MET C 101 -10.94 -19.10 -35.96
C MET C 101 -9.74 -18.28 -35.50
N THR C 102 -9.49 -18.18 -34.21
CA THR C 102 -8.37 -17.38 -33.72
C THR C 102 -7.39 -18.16 -32.84
N ASN C 103 -7.72 -19.36 -32.40
CA ASN C 103 -6.86 -20.11 -31.49
C ASN C 103 -6.35 -21.37 -32.18
N PRO C 104 -5.11 -21.37 -32.68
CA PRO C 104 -4.62 -22.55 -33.40
C PRO C 104 -4.54 -23.80 -32.57
N ALA C 105 -4.51 -23.69 -31.24
CA ALA C 105 -4.39 -24.88 -30.40
C ALA C 105 -5.70 -25.65 -30.29
N VAL C 106 -6.82 -25.08 -30.69
CA VAL C 106 -8.09 -25.79 -30.62
C VAL C 106 -8.08 -26.97 -31.57
N LYS C 107 -8.80 -28.03 -31.19
CA LYS C 107 -8.80 -29.26 -31.99
C LYS C 107 -9.41 -29.02 -33.37
N ASN C 108 -10.48 -28.25 -33.45
CA ASN C 108 -11.19 -28.01 -34.71
C ASN C 108 -10.88 -26.64 -35.28
N PHE C 109 -9.65 -26.17 -35.16
CA PHE C 109 -9.25 -24.90 -35.72
C PHE C 109 -9.44 -24.90 -37.23
N PHE C 110 -9.94 -23.79 -37.77
CA PHE C 110 -10.27 -23.73 -39.19
C PHE C 110 -10.34 -22.29 -39.64
N GLU C 111 -9.72 -21.99 -40.79
CA GLU C 111 -9.73 -20.65 -41.36
C GLU C 111 -10.38 -20.66 -42.73
N PRO C 112 -11.59 -20.11 -42.88
CA PRO C 112 -12.25 -20.12 -44.17
C PRO C 112 -11.80 -18.94 -45.02
N ASP C 113 -12.41 -18.83 -46.20
CA ASP C 113 -12.19 -17.69 -47.09
C ASP C 113 -13.38 -16.77 -47.21
N VAL C 114 -14.58 -17.26 -46.86
CA VAL C 114 -15.78 -16.45 -46.86
C VAL C 114 -16.75 -17.11 -45.91
N ILE C 115 -17.57 -16.31 -45.24
CA ILE C 115 -18.48 -16.80 -44.22
C ILE C 115 -19.87 -16.28 -44.52
N ILE C 116 -20.88 -17.08 -44.17
CA ILE C 116 -22.28 -16.71 -44.33
C ILE C 116 -22.91 -16.66 -42.95
N ILE C 117 -23.51 -15.52 -42.61
CA ILE C 117 -24.09 -15.30 -41.29
C ILE C 117 -25.60 -15.33 -41.44
N THR C 118 -26.26 -16.19 -40.67
CA THR C 118 -27.71 -16.28 -40.74
C THR C 118 -28.35 -15.08 -40.06
N ASP C 119 -27.80 -14.64 -38.94
CA ASP C 119 -28.33 -13.50 -38.22
C ASP C 119 -27.22 -12.79 -37.47
N PRO C 120 -26.87 -11.56 -37.86
CA PRO C 120 -25.78 -10.86 -37.18
C PRO C 120 -26.01 -10.67 -35.70
N ARG C 121 -27.27 -10.54 -35.27
CA ARG C 121 -27.55 -10.36 -33.84
C ARG C 121 -27.26 -11.63 -33.07
N ALA C 122 -27.75 -12.77 -33.55
CA ALA C 122 -27.58 -14.02 -32.83
C ALA C 122 -26.16 -14.54 -32.94
N ASP C 123 -25.56 -14.46 -34.12
CA ASP C 123 -24.21 -14.97 -34.34
C ASP C 123 -23.16 -13.89 -34.13
N HIS C 124 -23.21 -13.20 -32.99
CA HIS C 124 -22.27 -12.10 -32.78
C HIS C 124 -20.85 -12.60 -32.61
N GLN C 125 -20.66 -13.76 -31.97
CA GLN C 125 -19.31 -14.27 -31.76
C GLN C 125 -18.64 -14.62 -33.07
N ALA C 126 -19.37 -15.29 -33.97
CA ALA C 126 -18.78 -15.67 -35.25
C ALA C 126 -18.41 -14.44 -36.07
N MET C 127 -19.29 -13.45 -36.10
CA MET C 127 -18.97 -12.22 -36.83
C MET C 127 -17.77 -11.51 -36.22
N LYS C 128 -17.71 -11.46 -34.88
CA LYS C 128 -16.60 -10.81 -34.23
C LYS C 128 -15.28 -11.48 -34.56
N GLU C 129 -15.26 -12.81 -34.59
CA GLU C 129 -14.02 -13.49 -34.96
C GLU C 129 -13.71 -13.33 -36.45
N ALA C 130 -14.73 -13.29 -37.31
CA ALA C 130 -14.47 -13.13 -38.73
C ALA C 130 -13.91 -11.77 -39.06
N ILE C 131 -14.28 -10.74 -38.30
CA ILE C 131 -13.76 -9.40 -38.54
C ILE C 131 -12.23 -9.39 -38.38
N GLU C 132 -11.71 -10.16 -37.43
CA GLU C 132 -10.31 -10.04 -37.08
C GLU C 132 -9.39 -10.74 -38.07
N ILE C 133 -9.93 -11.56 -38.97
CA ILE C 133 -9.10 -12.27 -39.94
C ILE C 133 -9.28 -11.74 -41.36
N GLY C 134 -10.07 -10.68 -41.53
CA GLY C 134 -10.12 -9.99 -42.81
C GLY C 134 -10.64 -10.76 -44.00
N ILE C 135 -11.76 -11.45 -43.84
CA ILE C 135 -12.38 -12.16 -44.96
C ILE C 135 -13.72 -11.51 -45.28
N PRO C 136 -14.22 -11.64 -46.51
CA PRO C 136 -15.53 -11.07 -46.83
C PRO C 136 -16.64 -11.72 -46.02
N ILE C 137 -17.69 -10.95 -45.75
CA ILE C 137 -18.81 -11.39 -44.92
C ILE C 137 -20.09 -11.24 -45.70
N VAL C 138 -20.87 -12.33 -45.78
CA VAL C 138 -22.18 -12.34 -46.41
C VAL C 138 -23.20 -12.66 -45.35
N ALA C 139 -24.25 -11.86 -45.24
CA ALA C 139 -25.21 -12.01 -44.16
C ALA C 139 -26.63 -11.80 -44.66
N LEU C 140 -27.56 -12.47 -44.01
CA LEU C 140 -28.99 -12.22 -44.22
C LEU C 140 -29.46 -11.24 -43.17
N VAL C 141 -30.05 -10.14 -43.61
CA VAL C 141 -30.39 -9.02 -42.73
C VAL C 141 -31.89 -8.82 -42.74
N ASP C 142 -32.46 -8.57 -41.56
CA ASP C 142 -33.86 -8.25 -41.40
C ASP C 142 -34.01 -6.74 -41.18
N THR C 143 -35.25 -6.30 -40.98
CA THR C 143 -35.50 -4.88 -40.80
C THR C 143 -34.88 -4.33 -39.52
N GLU C 144 -34.46 -5.21 -38.62
CA GLU C 144 -33.93 -4.79 -37.33
C GLU C 144 -32.40 -4.67 -37.32
N ASN C 145 -31.71 -5.42 -38.16
CA ASN C 145 -30.26 -5.48 -38.10
C ASN C 145 -29.61 -4.22 -38.64
N LEU C 146 -28.33 -4.06 -38.31
CA LEU C 146 -27.48 -3.05 -38.90
C LEU C 146 -26.56 -3.69 -39.93
N LEU C 147 -26.02 -2.85 -40.81
CA LEU C 147 -25.16 -3.32 -41.89
C LEU C 147 -23.69 -3.12 -41.57
N SER C 148 -23.34 -2.92 -40.31
CA SER C 148 -21.95 -2.73 -39.95
C SER C 148 -21.14 -3.98 -40.22
N TYR C 149 -19.98 -3.81 -40.86
CA TYR C 149 -19.06 -4.90 -41.19
C TYR C 149 -19.69 -5.96 -42.08
N VAL C 150 -20.68 -5.61 -42.89
CA VAL C 150 -21.29 -6.53 -43.83
C VAL C 150 -20.88 -6.12 -45.23
N ASP C 151 -20.30 -7.04 -45.98
CA ASP C 151 -19.80 -6.73 -47.30
C ASP C 151 -20.79 -7.06 -48.42
N LEU C 152 -21.73 -7.96 -48.17
CA LEU C 152 -22.79 -8.27 -49.12
C LEU C 152 -24.02 -8.66 -48.34
N ALA C 153 -25.10 -7.90 -48.52
CA ALA C 153 -26.30 -8.06 -47.71
C ALA C 153 -27.43 -8.64 -48.52
N ILE C 154 -28.18 -9.55 -47.90
CA ILE C 154 -29.35 -10.17 -48.53
C ILE C 154 -30.58 -9.88 -47.68
N PRO C 155 -31.45 -8.95 -48.09
CA PRO C 155 -32.60 -8.58 -47.27
C PRO C 155 -33.65 -9.67 -47.27
N THR C 156 -33.99 -10.17 -46.09
CA THR C 156 -34.99 -11.23 -45.97
C THR C 156 -35.40 -11.34 -44.51
N ASN C 157 -36.47 -12.09 -44.28
CA ASN C 157 -36.83 -12.50 -42.95
C ASN C 157 -35.95 -13.65 -42.53
N ASN C 158 -35.14 -13.44 -41.48
CA ASN C 158 -34.18 -14.44 -41.04
C ASN C 158 -34.57 -15.07 -39.72
N LYS C 159 -35.87 -15.21 -39.44
CA LYS C 159 -36.34 -15.86 -38.24
C LYS C 159 -37.37 -16.95 -38.49
N GLY C 160 -38.04 -16.94 -39.63
CA GLY C 160 -39.04 -17.94 -39.92
C GLY C 160 -38.44 -19.25 -40.41
N ARG C 161 -39.24 -20.31 -40.30
CA ARG C 161 -38.76 -21.64 -40.70
C ARG C 161 -38.76 -21.79 -42.21
N LYS C 162 -39.93 -21.62 -42.83
CA LYS C 162 -40.04 -21.78 -44.27
C LYS C 162 -39.20 -20.76 -45.00
N ALA C 163 -39.07 -19.55 -44.45
CA ALA C 163 -38.27 -18.52 -45.10
C ALA C 163 -36.81 -18.94 -45.20
N LEU C 164 -36.23 -19.39 -44.09
CA LEU C 164 -34.84 -19.82 -44.12
C LEU C 164 -34.66 -21.02 -45.03
N ALA C 165 -35.58 -21.98 -44.97
CA ALA C 165 -35.49 -23.14 -45.85
C ALA C 165 -35.46 -22.72 -47.31
N LEU C 166 -36.39 -21.85 -47.71
CA LEU C 166 -36.45 -21.43 -49.10
C LEU C 166 -35.20 -20.67 -49.51
N ILE C 167 -34.72 -19.78 -48.65
CA ILE C 167 -33.55 -18.97 -49.00
C ILE C 167 -32.35 -19.86 -49.24
N TYR C 168 -32.10 -20.81 -48.34
CA TYR C 168 -30.93 -21.67 -48.51
C TYR C 168 -31.09 -22.60 -49.70
N TRP C 169 -32.30 -23.09 -49.96
CA TRP C 169 -32.52 -23.92 -51.14
C TRP C 169 -32.19 -23.15 -52.41
N ILE C 170 -32.69 -21.92 -52.52
CA ILE C 170 -32.42 -21.11 -53.70
C ILE C 170 -30.94 -20.85 -53.85
N LEU C 171 -30.27 -20.51 -52.75
CA LEU C 171 -28.85 -20.18 -52.84
C LEU C 171 -28.03 -21.38 -53.27
N ALA C 172 -28.35 -22.56 -52.73
CA ALA C 172 -27.62 -23.76 -53.14
C ALA C 172 -27.82 -24.05 -54.61
N ARG C 173 -29.06 -23.92 -55.10
CA ARG C 173 -29.30 -24.17 -56.52
C ARG C 173 -28.53 -23.18 -57.38
N GLU C 174 -28.51 -21.91 -56.97
CA GLU C 174 -27.79 -20.90 -57.75
C GLU C 174 -26.30 -21.19 -57.80
N ILE C 175 -25.72 -21.59 -56.67
CA ILE C 175 -24.29 -21.90 -56.65
C ILE C 175 -24.00 -23.08 -57.58
N LEU C 176 -24.82 -24.13 -57.50
CA LEU C 176 -24.60 -25.29 -58.35
C LEU C 176 -24.70 -24.91 -59.81
N TYR C 177 -25.69 -24.10 -60.17
CA TYR C 177 -25.84 -23.70 -61.56
C TYR C 177 -24.67 -22.86 -62.04
N ASN C 178 -24.20 -21.92 -61.22
CA ASN C 178 -23.12 -21.04 -61.66
C ASN C 178 -21.80 -21.77 -61.78
N ARG C 179 -21.53 -22.75 -60.92
CA ARG C 179 -20.25 -23.44 -61.01
C ARG C 179 -20.26 -24.57 -62.03
N GLY C 180 -21.36 -24.77 -62.74
CA GLY C 180 -21.37 -25.68 -63.87
C GLY C 180 -21.63 -27.13 -63.55
N GLU C 181 -22.13 -27.45 -62.36
CA GLU C 181 -22.43 -28.85 -62.05
C GLU C 181 -23.80 -29.29 -62.53
N ILE C 182 -24.68 -28.37 -62.89
CA ILE C 182 -25.95 -28.70 -63.52
C ILE C 182 -26.13 -27.80 -64.73
N SER C 183 -26.71 -28.34 -65.80
CA SER C 183 -26.81 -27.62 -67.05
C SER C 183 -27.99 -26.65 -67.11
N SER C 184 -28.95 -26.78 -66.21
CA SER C 184 -30.09 -25.86 -66.23
C SER C 184 -30.69 -25.79 -64.83
N ARG C 185 -31.51 -24.76 -64.62
CA ARG C 185 -32.14 -24.56 -63.34
C ARG C 185 -33.09 -25.70 -62.99
N GLU C 186 -33.81 -26.21 -63.98
CA GLU C 186 -34.83 -27.22 -63.72
C GLU C 186 -34.22 -28.58 -63.35
N GLU C 187 -32.95 -28.80 -63.65
CA GLU C 187 -32.35 -30.11 -63.38
C GLU C 187 -32.22 -30.39 -61.89
N PHE C 188 -32.28 -29.36 -61.06
CA PHE C 188 -32.06 -29.51 -59.62
C PHE C 188 -33.29 -30.16 -59.00
N LYS C 189 -33.23 -31.48 -58.87
CA LYS C 189 -34.37 -32.26 -58.37
C LYS C 189 -34.16 -32.63 -56.90
N ILE C 190 -34.39 -31.64 -56.04
CA ILE C 190 -34.40 -31.84 -54.60
C ILE C 190 -35.56 -31.02 -54.04
N PRO C 191 -36.50 -31.63 -53.33
CA PRO C 191 -37.65 -30.88 -52.82
C PRO C 191 -37.21 -29.86 -51.76
N VAL C 192 -37.98 -28.78 -51.69
CA VAL C 192 -37.69 -27.74 -50.71
C VAL C 192 -37.90 -28.26 -49.29
N GLU C 193 -38.89 -29.14 -49.10
CA GLU C 193 -39.21 -29.63 -47.76
C GLU C 193 -38.05 -30.37 -47.13
N GLU C 194 -37.09 -30.84 -47.93
CA GLU C 194 -35.93 -31.52 -47.38
C GLU C 194 -34.96 -30.57 -46.68
N PHE C 195 -35.14 -29.26 -46.84
CA PHE C 195 -34.29 -28.28 -46.19
C PHE C 195 -34.83 -27.80 -44.86
N GLU C 196 -36.10 -28.04 -44.55
CA GLU C 196 -36.73 -27.43 -43.38
C GLU C 196 -36.89 -28.43 -42.25
N MET C 197 -36.74 -27.92 -41.04
CA MET C 197 -36.93 -28.72 -39.83
C MET C 197 -38.39 -29.07 -39.65
N LYS C 198 -38.67 -30.33 -39.34
CA LYS C 198 -40.02 -30.80 -39.15
C LYS C 198 -40.44 -30.65 -37.69
N ILE C 199 -41.76 -30.60 -37.49
CA ILE C 199 -42.36 -30.43 -36.17
C ILE C 199 -41.87 -29.14 -35.52
N LEU D 7 12.67 -1.28 -58.24
CA LEU D 7 11.38 -0.60 -58.17
C LEU D 7 10.69 -0.89 -56.85
N LYS D 8 9.76 -0.02 -56.46
CA LYS D 8 9.05 -0.13 -55.20
C LYS D 8 7.71 -0.83 -55.42
N PHE D 9 6.91 -0.87 -54.37
CA PHE D 9 5.59 -1.49 -54.39
C PHE D 9 4.54 -0.43 -54.14
N GLU D 10 3.35 -0.66 -54.68
CA GLU D 10 2.25 0.28 -54.53
C GLU D 10 1.40 -0.07 -53.33
N ILE D 11 0.94 0.97 -52.63
CA ILE D 11 0.13 0.81 -51.43
C ILE D 11 -1.33 0.74 -51.85
N PRO D 12 -2.10 -0.24 -51.38
CA PRO D 12 -3.51 -0.32 -51.76
C PRO D 12 -4.32 0.85 -51.23
N VAL D 13 -5.40 1.17 -51.93
CA VAL D 13 -6.22 2.34 -51.67
C VAL D 13 -7.68 1.92 -51.57
N CYS D 14 -8.37 2.44 -50.57
CA CYS D 14 -9.79 2.11 -50.38
C CYS D 14 -10.61 2.55 -51.57
N THR D 15 -11.57 1.72 -51.96
CA THR D 15 -12.40 2.05 -53.11
C THR D 15 -13.37 3.18 -52.80
N SER D 16 -13.90 3.22 -51.59
CA SER D 16 -14.93 4.20 -51.25
C SER D 16 -14.32 5.57 -50.99
N CYS D 17 -13.45 5.68 -49.99
CA CYS D 17 -12.92 6.96 -49.56
C CYS D 17 -11.64 7.37 -50.26
N GLY D 18 -10.89 6.43 -50.82
CA GLY D 18 -9.67 6.76 -51.53
C GLY D 18 -8.44 6.92 -50.66
N ARG D 19 -8.53 6.61 -49.37
CA ARG D 19 -7.38 6.71 -48.49
C ARG D 19 -6.58 5.42 -48.50
N GLU D 20 -5.35 5.52 -48.01
CA GLU D 20 -4.47 4.36 -47.99
C GLU D 20 -4.80 3.44 -46.82
N ILE D 21 -4.36 2.19 -46.93
CA ILE D 21 -4.60 1.17 -45.92
C ILE D 21 -3.40 1.08 -45.01
N THR D 22 -3.64 1.20 -43.71
CA THR D 22 -2.56 1.12 -42.73
C THR D 22 -2.15 -0.34 -42.52
N PRO D 23 -0.94 -0.57 -42.01
CA PRO D 23 -0.41 -1.94 -41.97
C PRO D 23 -1.25 -2.95 -41.22
N ARG D 24 -1.88 -2.57 -40.11
CA ARG D 24 -2.54 -3.56 -39.26
C ARG D 24 -4.01 -3.25 -39.00
N GLU D 25 -4.71 -2.66 -39.96
CA GLU D 25 -6.12 -2.40 -39.73
C GLU D 25 -6.98 -3.52 -40.31
N HIS D 26 -8.26 -3.50 -39.95
CA HIS D 26 -9.19 -4.56 -40.34
C HIS D 26 -9.86 -4.21 -41.67
N ALA D 27 -9.03 -4.16 -42.71
CA ALA D 27 -9.53 -3.91 -44.06
C ALA D 27 -9.85 -5.24 -44.73
N THR D 28 -10.41 -5.14 -45.95
CA THR D 28 -10.69 -6.36 -46.70
C THR D 28 -10.64 -6.06 -48.18
N HIS D 29 -10.48 -7.12 -48.98
CA HIS D 29 -10.43 -6.99 -50.42
C HIS D 29 -11.01 -8.25 -51.05
N PHE D 30 -11.74 -8.05 -52.14
CA PHE D 30 -12.37 -9.18 -52.82
C PHE D 30 -12.75 -8.78 -54.24
N VAL D 31 -12.93 -9.78 -55.09
CA VAL D 31 -13.33 -9.48 -56.47
C VAL D 31 -14.76 -8.96 -56.49
N CYS D 32 -15.09 -8.23 -57.56
CA CYS D 32 -16.41 -7.66 -57.67
C CYS D 32 -17.45 -8.77 -57.78
N PRO D 33 -18.46 -8.79 -56.92
CA PRO D 33 -19.44 -9.89 -56.96
C PRO D 33 -20.18 -9.97 -58.28
N ASN D 34 -20.48 -8.85 -58.92
CA ASN D 34 -21.34 -8.87 -60.08
C ASN D 34 -20.59 -9.28 -61.34
N CYS D 35 -19.39 -8.74 -61.55
CA CYS D 35 -18.62 -9.02 -62.75
C CYS D 35 -17.43 -9.91 -62.52
N GLY D 36 -16.74 -9.76 -61.39
CA GLY D 36 -15.57 -10.57 -61.12
C GLY D 36 -14.32 -10.11 -61.82
N GLU D 37 -14.28 -8.88 -62.31
CA GLU D 37 -13.13 -8.40 -63.06
C GLU D 37 -12.27 -7.41 -62.30
N ALA D 38 -12.82 -6.72 -61.30
CA ALA D 38 -12.08 -5.72 -60.55
C ALA D 38 -11.96 -6.18 -59.10
N ILE D 39 -11.05 -5.54 -58.37
CA ILE D 39 -10.81 -5.86 -56.97
C ILE D 39 -11.28 -4.68 -56.14
N ILE D 40 -12.19 -4.95 -55.20
CA ILE D 40 -12.74 -3.95 -54.29
C ILE D 40 -11.95 -4.01 -52.99
N TRP D 41 -11.53 -2.85 -52.51
CA TRP D 41 -10.88 -2.71 -51.22
C TRP D 41 -11.76 -1.87 -50.30
N ARG D 42 -11.93 -2.30 -49.07
CA ARG D 42 -12.71 -1.57 -48.08
C ARG D 42 -11.85 -1.38 -46.84
N CYS D 43 -11.73 -0.13 -46.39
CA CYS D 43 -10.99 0.19 -45.18
C CYS D 43 -11.86 -0.03 -43.95
N GLU D 44 -11.22 0.01 -42.79
CA GLU D 44 -11.92 -0.31 -41.55
C GLU D 44 -13.05 0.66 -41.27
N THR D 45 -12.81 1.95 -41.47
CA THR D 45 -13.84 2.95 -41.19
C THR D 45 -15.04 2.78 -42.11
N CYS D 46 -14.81 2.54 -43.40
CA CYS D 46 -15.91 2.37 -44.32
C CYS D 46 -16.71 1.12 -44.00
N ARG D 47 -16.05 0.04 -43.59
CA ARG D 47 -16.76 -1.15 -43.18
C ARG D 47 -17.59 -0.90 -41.94
N LEU D 48 -17.04 -0.16 -40.97
CA LEU D 48 -17.77 0.10 -39.74
C LEU D 48 -19.01 0.95 -39.99
N LEU D 49 -18.90 1.96 -40.83
CA LEU D 49 -20.00 2.89 -41.07
C LEU D 49 -20.91 2.48 -42.23
N ALA D 50 -20.62 1.35 -42.88
CA ALA D 50 -21.44 0.82 -43.96
C ALA D 50 -21.57 1.81 -45.12
N LYS D 51 -20.44 2.38 -45.51
CA LYS D 51 -20.43 3.26 -46.67
C LYS D 51 -20.58 2.44 -47.95
N PRO D 52 -21.41 2.89 -48.88
CA PRO D 52 -21.59 2.15 -50.13
C PRO D 52 -20.36 2.23 -51.02
N TYR D 53 -20.19 1.21 -51.86
CA TYR D 53 -19.11 1.16 -52.82
C TYR D 53 -19.67 0.81 -54.20
N LYS D 54 -18.93 1.21 -55.23
CA LYS D 54 -19.37 1.04 -56.61
C LYS D 54 -18.23 0.45 -57.44
N CYS D 55 -18.54 -0.56 -58.23
CA CYS D 55 -17.51 -1.21 -59.03
C CYS D 55 -17.07 -0.32 -60.18
N PRO D 56 -15.77 -0.23 -60.48
CA PRO D 56 -15.32 0.63 -61.58
C PRO D 56 -15.55 0.05 -62.96
N LYS D 57 -15.88 -1.24 -63.08
CA LYS D 57 -16.04 -1.88 -64.38
C LYS D 57 -17.50 -2.05 -64.76
N CYS D 58 -18.30 -2.72 -63.91
CA CYS D 58 -19.69 -2.99 -64.24
C CYS D 58 -20.65 -1.95 -63.70
N GLY D 59 -20.23 -1.14 -62.75
CA GLY D 59 -21.08 -0.12 -62.20
C GLY D 59 -22.03 -0.59 -61.11
N TRP D 60 -22.07 -1.88 -60.83
CA TRP D 60 -22.90 -2.38 -59.75
C TRP D 60 -22.37 -1.87 -58.42
N GLU D 61 -23.28 -1.49 -57.53
CA GLU D 61 -22.89 -0.79 -56.32
C GLU D 61 -23.61 -1.33 -55.11
N GLY D 62 -23.03 -1.07 -53.94
CA GLY D 62 -23.69 -1.32 -52.69
C GLY D 62 -23.19 -2.57 -51.99
N PRO D 63 -23.04 -2.50 -50.67
CA PRO D 63 -22.73 -3.65 -49.83
C PRO D 63 -23.94 -4.55 -49.66
N GLY E 2 24.28 49.07 -16.27
CA GLY E 2 24.50 47.71 -16.75
C GLY E 2 25.78 47.15 -16.23
N ASP E 3 26.33 46.17 -16.94
CA ASP E 3 27.58 45.55 -16.54
C ASP E 3 28.55 45.53 -17.71
N PRO E 4 29.84 45.64 -17.45
CA PRO E 4 30.83 45.59 -18.53
C PRO E 4 31.07 44.16 -18.98
N LYS E 5 31.90 44.02 -20.00
CA LYS E 5 32.16 42.72 -20.61
C LYS E 5 32.91 41.81 -19.65
N ARG E 6 32.51 40.54 -19.65
CA ARG E 6 33.23 39.48 -18.96
C ARG E 6 33.60 38.42 -19.98
N GLN E 7 34.86 38.01 -20.00
CA GLN E 7 35.30 37.01 -20.95
C GLN E 7 34.75 35.64 -20.57
N ARG E 8 34.35 34.86 -21.57
CA ARG E 8 33.62 33.62 -21.35
C ARG E 8 34.42 32.43 -21.83
N LYS E 9 34.09 31.26 -21.27
CA LYS E 9 34.76 30.03 -21.67
C LYS E 9 34.47 29.70 -23.13
N LYS E 10 35.41 29.03 -23.77
CA LYS E 10 35.29 28.67 -25.17
C LYS E 10 34.90 27.23 -25.40
N TYR E 11 34.49 26.51 -24.35
CA TYR E 11 34.06 25.12 -24.47
C TYR E 11 32.86 24.88 -23.57
N GLU E 12 32.16 23.78 -23.81
CA GLU E 12 30.96 23.43 -23.07
C GLU E 12 31.12 22.06 -22.42
N THR E 13 30.70 21.96 -21.18
CA THR E 13 30.78 20.75 -20.38
C THR E 13 29.54 19.89 -20.59
N PRO E 14 29.64 18.58 -20.32
CA PRO E 14 28.50 17.70 -20.59
C PRO E 14 27.33 18.03 -19.69
N PRO E 15 26.10 17.81 -20.16
CA PRO E 15 24.93 18.04 -19.30
C PRO E 15 24.89 17.14 -18.08
N HIS E 16 25.38 15.90 -18.17
CA HIS E 16 25.35 14.98 -17.06
C HIS E 16 26.71 14.32 -16.98
N PRO E 17 27.36 14.37 -15.82
CA PRO E 17 28.77 13.93 -15.76
C PRO E 17 28.96 12.43 -15.88
N TRP E 18 27.95 11.61 -15.62
CA TRP E 18 28.14 10.16 -15.55
C TRP E 18 27.10 9.45 -16.43
N ILE E 19 27.39 9.36 -17.72
CA ILE E 19 26.62 8.56 -18.65
C ILE E 19 27.58 7.55 -19.27
N LYS E 20 27.25 6.26 -19.15
CA LYS E 20 28.22 5.21 -19.44
C LYS E 20 28.67 5.24 -20.90
N GLU E 21 27.73 5.38 -21.82
CA GLU E 21 28.07 5.34 -23.24
C GLU E 21 28.98 6.50 -23.62
N ARG E 22 28.66 7.70 -23.15
CA ARG E 22 29.49 8.86 -23.43
C ARG E 22 30.88 8.69 -22.85
N LEU E 23 30.98 8.15 -21.63
CA LEU E 23 32.27 7.92 -21.04
C LEU E 23 33.11 6.96 -21.87
N ASP E 24 32.49 5.89 -22.35
CA ASP E 24 33.23 4.92 -23.17
C ASP E 24 33.74 5.55 -24.45
N ARG E 25 32.87 6.28 -25.15
CA ARG E 25 33.27 6.89 -26.42
C ARG E 25 34.40 7.88 -26.21
N GLU E 26 34.27 8.74 -25.20
CA GLU E 26 35.30 9.74 -24.95
C GLU E 26 36.60 9.09 -24.51
N ARG E 27 36.53 8.00 -23.75
CA ARG E 27 37.76 7.32 -23.35
C ARG E 27 38.48 6.75 -24.57
N VAL E 28 37.73 6.20 -25.52
CA VAL E 28 38.34 5.69 -26.74
C VAL E 28 39.06 6.82 -27.46
N LEU E 29 38.40 7.96 -27.63
CA LEU E 29 39.02 9.07 -28.34
C LEU E 29 40.27 9.56 -27.62
N MET E 30 40.19 9.73 -26.29
CA MET E 30 41.32 10.22 -25.52
C MET E 30 42.51 9.28 -25.64
N ASP E 31 42.27 7.98 -25.55
CA ASP E 31 43.37 7.03 -25.69
C ASP E 31 43.97 7.07 -27.08
N LYS E 32 43.13 7.17 -28.12
CA LYS E 32 43.67 7.09 -29.46
C LYS E 32 44.51 8.31 -29.81
N TYR E 33 44.02 9.51 -29.52
CA TYR E 33 44.73 10.71 -29.95
C TYR E 33 45.65 11.29 -28.87
N GLU E 34 45.72 10.67 -27.70
CA GLU E 34 46.69 11.04 -26.66
C GLU E 34 46.55 12.49 -26.24
N LEU E 35 45.35 12.85 -25.79
CA LEU E 35 45.12 14.18 -25.26
C LEU E 35 45.43 14.22 -23.77
N LYS E 36 45.54 15.43 -23.22
CA LYS E 36 45.93 15.54 -21.82
C LYS E 36 44.74 15.42 -20.89
N ASN E 37 43.68 16.20 -21.11
CA ASN E 37 42.55 16.22 -20.20
C ASN E 37 41.27 16.33 -21.02
N LYS E 38 40.14 16.10 -20.35
CA LYS E 38 38.87 16.08 -21.06
C LYS E 38 38.55 17.43 -21.69
N LYS E 39 38.83 18.53 -20.97
CA LYS E 39 38.44 19.85 -21.47
C LYS E 39 39.04 20.11 -22.84
N GLU E 40 40.29 19.71 -23.05
CA GLU E 40 40.89 19.85 -24.37
C GLU E 40 40.02 19.21 -25.43
N LEU E 41 39.65 17.94 -25.22
CA LEU E 41 38.73 17.28 -26.14
C LEU E 41 37.46 18.10 -26.32
N TRP E 42 36.86 18.52 -25.21
CA TRP E 42 35.61 19.26 -25.29
C TRP E 42 35.77 20.50 -26.15
N LYS E 43 36.92 21.17 -26.06
CA LYS E 43 37.14 22.35 -26.87
C LYS E 43 36.89 22.04 -28.33
N HIS E 44 37.52 21.00 -28.85
CA HIS E 44 37.36 20.68 -30.26
C HIS E 44 35.90 20.37 -30.57
N GLU E 45 35.22 19.64 -29.68
CA GLU E 45 33.81 19.36 -29.92
C GLU E 45 33.04 20.65 -30.13
N THR E 46 33.26 21.64 -29.27
CA THR E 46 32.52 22.89 -29.41
C THR E 46 32.74 23.49 -30.78
N GLN E 47 33.99 23.47 -31.26
CA GLN E 47 34.26 24.01 -32.58
C GLN E 47 33.36 23.38 -33.61
N LEU E 48 33.30 22.04 -33.63
CA LEU E 48 32.45 21.36 -34.58
C LEU E 48 31.02 21.88 -34.48
N LYS E 49 30.49 21.94 -33.26
CA LYS E 49 29.11 22.37 -33.09
C LYS E 49 28.89 23.73 -33.71
N ASN E 50 29.82 24.66 -33.48
CA ASN E 50 29.62 26.01 -34.01
C ASN E 50 29.46 25.95 -35.52
N PHE E 51 30.33 25.21 -36.20
CA PHE E 51 30.21 25.09 -37.65
C PHE E 51 28.83 24.61 -38.02
N ARG E 52 28.36 23.54 -37.38
CA ARG E 52 27.04 23.03 -37.71
C ARG E 52 25.97 24.07 -37.46
N ARG E 53 26.08 24.78 -36.34
CA ARG E 53 25.04 25.76 -36.03
C ARG E 53 25.02 26.90 -37.04
N ARG E 54 26.15 27.17 -37.69
CA ARG E 54 26.13 28.19 -38.74
C ARG E 54 25.50 27.65 -40.01
N ALA E 55 25.69 26.36 -40.29
CA ALA E 55 25.11 25.79 -41.50
C ALA E 55 23.59 25.69 -41.37
N ARG E 56 23.11 25.33 -40.18
CA ARG E 56 21.67 25.20 -39.99
C ARG E 56 20.97 26.55 -40.14
N ARG E 57 21.60 27.62 -39.65
CA ARG E 57 20.96 28.93 -39.73
C ARG E 57 20.93 29.46 -41.16
N LEU E 58 21.95 29.14 -41.97
CA LEU E 58 22.03 29.71 -43.30
C LEU E 58 21.18 28.95 -44.32
N LEU E 59 20.86 27.69 -44.06
CA LEU E 59 20.01 26.95 -44.98
C LEU E 59 18.62 27.58 -45.06
N ALA E 60 18.07 28.00 -43.93
CA ALA E 60 16.73 28.55 -43.86
C ALA E 60 16.69 30.06 -44.00
N ALA E 61 17.74 30.66 -44.55
CA ALA E 61 17.81 32.10 -44.70
C ALA E 61 17.80 32.49 -46.17
N ARG E 62 17.63 33.79 -46.41
CA ARG E 62 17.67 34.33 -47.76
C ARG E 62 17.98 35.81 -47.67
N GLY E 63 18.48 36.36 -48.76
CA GLY E 63 18.85 37.76 -48.79
C GLY E 63 20.22 37.99 -49.37
N LYS E 64 20.81 39.15 -49.11
CA LYS E 64 22.11 39.48 -49.68
C LYS E 64 23.25 39.11 -48.74
N GLN E 65 23.11 39.41 -47.44
CA GLN E 65 24.15 39.05 -46.49
C GLN E 65 24.28 37.55 -46.34
N ALA E 66 23.17 36.82 -46.49
CA ALA E 66 23.19 35.38 -46.30
C ALA E 66 24.11 34.70 -47.30
N GLU E 67 24.08 35.14 -48.56
CA GLU E 67 24.95 34.54 -49.57
C GLU E 67 26.42 34.81 -49.25
N ILE E 68 26.73 36.02 -48.81
CA ILE E 68 28.10 36.36 -48.46
C ILE E 68 28.58 35.46 -47.32
N GLU E 69 27.77 35.31 -46.28
CA GLU E 69 28.20 34.50 -45.15
C GLU E 69 28.29 33.03 -45.55
N ARG E 70 27.43 32.57 -46.45
CA ARG E 70 27.47 31.19 -46.89
C ARG E 70 28.77 30.90 -47.62
N GLU E 71 29.13 31.74 -48.58
CA GLU E 71 30.38 31.51 -49.30
C GLU E 71 31.59 31.68 -48.38
N GLN E 72 31.53 32.59 -47.42
CA GLN E 72 32.63 32.74 -46.48
C GLN E 72 32.80 31.48 -45.65
N LEU E 73 31.71 30.90 -45.18
CA LEU E 73 31.79 29.67 -44.40
C LEU E 73 32.40 28.55 -45.23
N LEU E 74 31.95 28.39 -46.48
CA LEU E 74 32.51 27.32 -47.31
C LEU E 74 34.01 27.54 -47.55
N ALA E 75 34.40 28.77 -47.84
CA ALA E 75 35.81 29.05 -48.10
C ALA E 75 36.66 28.78 -46.88
N ARG E 76 36.20 29.21 -45.70
CA ARG E 76 36.97 28.97 -44.49
C ARG E 76 37.09 27.48 -44.20
N LEU E 77 35.99 26.74 -44.38
CA LEU E 77 36.04 25.31 -44.09
C LEU E 77 37.01 24.59 -45.02
N LYS E 78 36.99 24.90 -46.30
CA LYS E 78 37.89 24.17 -47.19
C LYS E 78 39.30 24.73 -47.17
N ARG E 79 39.51 25.91 -46.58
CA ARG E 79 40.87 26.38 -46.37
C ARG E 79 41.56 25.59 -45.28
N LEU E 80 40.82 25.15 -44.27
CA LEU E 80 41.38 24.35 -43.19
C LEU E 80 41.67 22.92 -43.61
N GLY E 81 41.21 22.49 -44.78
CA GLY E 81 41.41 21.12 -45.19
C GLY E 81 40.36 20.16 -44.69
N LEU E 82 39.20 20.65 -44.25
CA LEU E 82 38.14 19.79 -43.76
C LEU E 82 37.18 19.36 -44.86
N LEU E 83 37.20 20.02 -46.02
CA LEU E 83 36.29 19.69 -47.10
C LEU E 83 37.05 19.66 -48.42
N PRO E 84 36.58 18.88 -49.39
CA PRO E 84 37.15 18.94 -50.73
C PRO E 84 36.83 20.27 -51.39
N GLU E 85 37.45 20.48 -52.56
CA GLU E 85 37.29 21.75 -53.25
C GLU E 85 35.90 21.94 -53.84
N ASP E 86 35.18 20.85 -54.10
CA ASP E 86 33.89 20.92 -54.78
C ASP E 86 32.72 20.64 -53.85
N ALA E 87 32.90 20.91 -52.56
CA ALA E 87 31.84 20.65 -51.59
C ALA E 87 30.76 21.71 -51.68
N VAL E 88 29.57 21.35 -51.17
CA VAL E 88 28.45 22.27 -51.10
C VAL E 88 28.06 22.42 -49.63
N LEU E 89 27.06 23.26 -49.36
CA LEU E 89 26.72 23.58 -47.98
C LEU E 89 26.27 22.35 -47.21
N ASP E 90 25.48 21.49 -47.85
CA ASP E 90 24.95 20.32 -47.15
C ASP E 90 26.05 19.45 -46.56
N ASP E 91 27.20 19.35 -47.23
CA ASP E 91 28.27 18.51 -46.74
C ASP E 91 28.79 18.95 -45.38
N VAL E 92 28.49 20.17 -44.96
CA VAL E 92 28.91 20.61 -43.64
C VAL E 92 28.26 19.77 -42.56
N LEU E 93 27.03 19.32 -42.78
CA LEU E 93 26.30 18.63 -41.72
C LEU E 93 26.81 17.22 -41.47
N SER E 94 27.70 16.70 -42.31
CA SER E 94 28.19 15.33 -42.16
C SER E 94 29.59 15.26 -41.56
N LEU E 95 30.15 16.38 -41.10
CA LEU E 95 31.46 16.35 -40.46
C LEU E 95 31.37 15.67 -39.11
N THR E 96 32.45 15.00 -38.72
CA THR E 96 32.52 14.28 -37.46
C THR E 96 33.64 14.85 -36.60
N ILE E 97 33.69 14.38 -35.35
CA ILE E 97 34.71 14.85 -34.42
C ILE E 97 36.10 14.39 -34.85
N GLU E 98 36.20 13.18 -35.41
CA GLU E 98 37.50 12.68 -35.84
C GLU E 98 38.10 13.53 -36.94
N ASP E 99 37.27 14.19 -37.74
CA ASP E 99 37.80 15.04 -38.81
C ASP E 99 38.61 16.19 -38.24
N ILE E 100 38.13 16.79 -37.15
CA ILE E 100 38.86 17.92 -36.56
C ILE E 100 40.13 17.45 -35.89
N LEU E 101 40.06 16.34 -35.15
CA LEU E 101 41.24 15.86 -34.43
C LEU E 101 42.36 15.47 -35.40
N GLU E 102 42.01 15.13 -36.64
CA GLU E 102 43.03 14.82 -37.63
C GLU E 102 43.82 16.03 -38.08
N ARG E 103 43.36 17.23 -37.74
CA ARG E 103 44.02 18.46 -38.17
C ARG E 103 44.94 19.04 -37.11
N ARG E 104 45.03 18.43 -35.94
CA ARG E 104 45.94 18.93 -34.92
C ARG E 104 47.38 18.80 -35.38
N LEU E 105 48.23 19.70 -34.92
CA LEU E 105 49.65 19.64 -35.28
C LEU E 105 50.29 18.37 -34.79
N GLN E 106 49.90 17.90 -33.60
CA GLN E 106 50.43 16.67 -33.06
C GLN E 106 50.16 15.49 -33.99
N THR E 107 48.90 15.33 -34.39
CA THR E 107 48.54 14.22 -35.27
C THR E 107 49.27 14.31 -36.59
N ILE E 108 49.33 15.51 -37.18
CA ILE E 108 49.96 15.67 -38.48
C ILE E 108 51.45 15.36 -38.40
N VAL E 109 52.11 15.76 -37.31
CA VAL E 109 53.50 15.40 -37.14
C VAL E 109 53.65 13.89 -37.05
N TYR E 110 52.75 13.21 -36.32
CA TYR E 110 52.84 11.76 -36.23
C TYR E 110 52.59 11.09 -37.57
N LYS E 111 51.61 11.57 -38.35
CA LYS E 111 51.28 10.91 -39.60
C LYS E 111 52.37 11.11 -40.64
N LYS E 112 53.02 12.28 -40.64
CA LYS E 112 54.06 12.55 -41.62
C LYS E 112 55.30 11.72 -41.40
N GLY E 113 55.41 11.05 -40.25
CA GLY E 113 56.55 10.21 -39.98
C GLY E 113 57.69 10.89 -39.26
N LEU E 114 57.47 12.10 -38.72
CA LEU E 114 58.52 12.75 -37.95
C LEU E 114 58.72 12.13 -36.58
N ALA E 115 57.80 11.26 -36.15
CA ALA E 115 57.91 10.61 -34.86
C ALA E 115 57.32 9.21 -34.95
N ARG E 116 57.70 8.36 -34.00
CA ARG E 116 57.18 7.00 -33.95
C ARG E 116 55.85 6.89 -33.23
N THR E 117 55.58 7.79 -32.28
CA THR E 117 54.43 7.67 -31.40
C THR E 117 53.81 9.04 -31.21
N MET E 118 52.53 9.05 -30.82
CA MET E 118 51.85 10.31 -30.56
C MET E 118 52.52 11.10 -29.45
N ARG E 119 52.86 10.43 -28.34
CA ARG E 119 53.49 11.11 -27.22
C ARG E 119 54.83 11.69 -27.62
N GLN E 120 55.60 10.96 -28.42
CA GLN E 120 56.87 11.50 -28.89
C GLN E 120 56.66 12.74 -29.73
N ALA E 121 55.62 12.74 -30.56
CA ALA E 121 55.31 13.92 -31.36
C ALA E 121 54.96 15.10 -30.46
N ARG E 122 54.19 14.85 -29.40
CA ARG E 122 53.86 15.93 -28.47
C ARG E 122 55.12 16.50 -27.84
N GLN E 123 56.04 15.64 -27.40
CA GLN E 123 57.26 16.14 -26.81
C GLN E 123 58.10 16.91 -27.82
N LEU E 124 58.17 16.43 -29.05
CA LEU E 124 58.93 17.14 -30.07
C LEU E 124 58.36 18.54 -30.30
N ILE E 125 57.03 18.65 -30.35
CA ILE E 125 56.42 19.96 -30.53
C ILE E 125 56.71 20.86 -29.35
N VAL E 126 56.55 20.35 -28.13
CA VAL E 126 56.66 21.20 -26.95
C VAL E 126 58.09 21.70 -26.77
N HIS E 127 59.08 20.85 -26.99
CA HIS E 127 60.47 21.26 -26.79
C HIS E 127 60.98 22.15 -27.91
N GLY E 128 60.23 22.29 -29.00
CA GLY E 128 60.62 23.24 -30.04
C GLY E 128 61.53 22.68 -31.11
N HIS E 129 61.21 21.48 -31.61
CA HIS E 129 61.97 20.85 -32.68
C HIS E 129 61.25 20.84 -34.00
N ILE E 130 60.07 21.43 -34.10
CA ILE E 130 59.24 21.38 -35.28
C ILE E 130 59.03 22.80 -35.80
N GLU E 131 59.23 23.01 -37.09
CA GLU E 131 58.98 24.29 -37.71
C GLU E 131 57.91 24.15 -38.77
N VAL E 132 57.01 25.13 -38.81
CA VAL E 132 55.90 25.21 -39.74
C VAL E 132 56.10 26.47 -40.57
N ASN E 133 56.43 26.30 -41.85
CA ASN E 133 56.60 27.42 -42.76
C ASN E 133 57.62 28.42 -42.23
N GLY E 134 58.72 27.90 -41.71
CA GLY E 134 59.81 28.74 -41.23
C GLY E 134 59.62 29.32 -39.85
N GLN E 135 58.56 28.93 -39.14
CA GLN E 135 58.27 29.45 -37.82
C GLN E 135 58.13 28.30 -36.85
N ILE E 136 58.61 28.49 -35.62
CA ILE E 136 58.51 27.47 -34.59
C ILE E 136 57.24 27.69 -33.79
N ILE E 137 56.45 26.64 -33.62
CA ILE E 137 55.20 26.69 -32.87
C ILE E 137 55.27 25.60 -31.80
N ARG E 138 54.85 25.94 -30.58
CA ARG E 138 54.92 25.00 -29.46
C ARG E 138 53.54 24.66 -28.90
N SER E 139 52.49 24.77 -29.69
CA SER E 139 51.15 24.42 -29.22
C SER E 139 50.68 23.18 -29.95
N PRO E 140 50.64 22.01 -29.32
CA PRO E 140 50.25 20.79 -30.03
C PRO E 140 48.84 20.82 -30.56
N SER E 141 47.97 21.69 -30.08
CA SER E 141 46.59 21.74 -30.50
C SER E 141 46.35 22.68 -31.67
N TYR E 142 47.38 23.31 -32.21
CA TYR E 142 47.23 24.22 -33.33
C TYR E 142 46.70 23.47 -34.55
N LEU E 143 45.70 24.06 -35.21
CA LEU E 143 45.11 23.46 -36.40
C LEU E 143 45.87 23.91 -37.63
N VAL E 144 46.27 22.96 -38.46
CA VAL E 144 47.15 23.24 -39.59
C VAL E 144 46.34 23.51 -40.85
N LEU E 145 46.63 24.63 -41.50
CA LEU E 145 45.99 24.94 -42.77
C LEU E 145 46.49 24.01 -43.86
N LYS E 146 45.66 23.85 -44.90
CA LYS E 146 46.05 22.98 -46.00
C LYS E 146 47.26 23.52 -46.76
N GLU E 147 47.28 24.84 -46.98
CA GLU E 147 48.32 25.44 -47.82
C GLU E 147 49.71 25.31 -47.21
N GLU E 148 49.83 25.17 -45.90
CA GLU E 148 51.12 25.12 -45.23
C GLU E 148 51.46 23.72 -44.73
N GLU E 149 50.67 22.71 -45.09
CA GLU E 149 50.88 21.38 -44.54
C GLU E 149 52.20 20.78 -44.98
N ASP E 150 52.57 20.99 -46.24
CA ASP E 150 53.76 20.37 -46.79
C ASP E 150 55.06 20.97 -46.27
N THR E 151 55.04 22.21 -45.79
CA THR E 151 56.25 22.86 -45.31
C THR E 151 56.43 22.69 -43.81
N ILE E 152 56.35 21.45 -43.33
CA ILE E 152 56.50 21.15 -41.91
C ILE E 152 57.71 20.24 -41.78
N THR E 153 58.72 20.69 -41.05
CA THR E 153 59.97 19.94 -40.95
C THR E 153 60.54 20.06 -39.55
N TYR E 154 61.71 19.45 -39.36
CA TYR E 154 62.49 19.72 -38.17
C TYR E 154 63.03 21.14 -38.22
N ALA E 155 63.11 21.76 -37.05
CA ALA E 155 63.70 23.09 -36.96
C ALA E 155 65.15 23.04 -37.40
N ARG E 156 65.54 24.01 -38.23
CA ARG E 156 66.87 23.98 -38.82
C ARG E 156 68.00 24.10 -37.80
N THR E 157 67.69 24.52 -36.58
CA THR E 157 68.68 24.57 -35.50
C THR E 157 68.52 23.43 -34.51
N SER E 158 67.62 22.51 -34.76
CA SER E 158 67.40 21.41 -33.84
C SER E 158 68.47 20.34 -34.01
N PRO E 159 68.80 19.61 -32.93
CA PRO E 159 69.71 18.47 -33.08
C PRO E 159 69.16 17.41 -34.01
N PHE E 160 67.85 17.24 -34.07
CA PHE E 160 67.24 16.26 -34.95
C PHE E 160 67.41 16.60 -36.43
N ALA E 161 67.79 17.83 -36.76
CA ALA E 161 67.98 18.21 -38.16
C ALA E 161 69.34 17.78 -38.67
N ASN E 162 69.67 16.52 -38.42
CA ASN E 162 70.92 15.91 -38.85
C ASN E 162 70.71 14.41 -38.95
N PRO E 163 70.80 13.83 -40.14
CA PRO E 163 70.43 12.41 -40.31
C PRO E 163 71.31 11.45 -39.54
N GLN E 164 72.42 11.90 -38.97
CA GLN E 164 73.29 11.03 -38.20
C GLN E 164 72.96 11.04 -36.71
N HIS E 165 71.92 11.76 -36.30
CA HIS E 165 71.57 11.80 -34.89
C HIS E 165 71.10 10.44 -34.42
N PRO E 166 71.53 9.99 -33.24
CA PRO E 166 71.13 8.64 -32.78
C PRO E 166 69.64 8.45 -32.67
N GLU E 167 68.90 9.47 -32.22
CA GLU E 167 67.47 9.30 -32.03
C GLU E 167 66.71 9.38 -33.35
N ARG E 168 67.19 10.20 -34.29
CA ARG E 168 66.50 10.30 -35.58
C ARG E 168 66.58 8.99 -36.34
N MET E 169 67.72 8.31 -36.27
CA MET E 169 67.86 7.04 -36.98
C MET E 169 66.85 6.03 -36.47
N MET E 170 66.60 6.00 -35.16
CA MET E 170 65.59 5.12 -34.61
C MET E 170 64.21 5.47 -35.13
N ILE E 171 63.89 6.75 -35.29
CA ILE E 171 62.61 7.14 -35.86
C ILE E 171 62.50 6.66 -37.30
N GLU E 172 63.56 6.86 -38.09
CA GLU E 172 63.55 6.42 -39.48
C GLU E 172 63.40 4.92 -39.60
N LYS E 173 63.78 4.17 -38.57
CA LYS E 173 63.75 2.71 -38.62
C LYS E 173 62.35 2.16 -38.78
N ALA E 174 61.33 2.95 -38.48
CA ALA E 174 59.95 2.51 -38.61
C ALA E 174 59.40 2.86 -39.99
N ALA F 2 29.81 67.70 -16.36
CA ALA F 2 29.87 69.16 -16.34
C ALA F 2 28.90 69.72 -15.31
N ARG F 3 29.23 69.59 -14.04
CA ARG F 3 28.36 70.07 -12.99
C ARG F 3 28.41 71.60 -12.88
N LYS F 4 29.60 72.17 -12.91
CA LYS F 4 29.75 73.59 -12.63
C LYS F 4 30.27 74.43 -13.79
N GLY F 5 30.75 73.82 -14.86
CA GLY F 5 31.29 74.58 -15.95
C GLY F 5 31.62 73.75 -17.17
N PRO F 6 32.22 74.38 -18.17
CA PRO F 6 32.47 73.70 -19.44
C PRO F 6 33.44 72.54 -19.30
N LYS F 7 33.29 71.55 -20.18
CA LYS F 7 34.18 70.41 -20.23
C LYS F 7 35.49 70.78 -20.94
N ARG F 8 36.57 70.14 -20.53
CA ARG F 8 37.89 70.40 -21.11
C ARG F 8 38.54 69.15 -21.69
N HIS F 9 38.02 67.97 -21.41
CA HIS F 9 38.67 66.72 -21.80
C HIS F 9 37.78 65.95 -22.76
N LEU F 10 38.32 64.86 -23.28
CA LEU F 10 37.60 64.02 -24.23
C LEU F 10 38.20 62.61 -24.18
N LYS F 11 37.39 61.63 -23.81
CA LYS F 11 37.85 60.25 -23.80
C LYS F 11 37.97 59.72 -25.22
N ARG F 12 38.82 58.72 -25.40
CA ARG F 12 39.01 58.10 -26.70
C ARG F 12 37.75 57.40 -27.19
N LEU F 13 37.02 56.75 -26.28
CA LEU F 13 35.83 56.02 -26.66
C LEU F 13 34.69 56.93 -27.07
N ALA F 14 34.73 58.20 -26.67
CA ALA F 14 33.68 59.15 -27.00
C ALA F 14 34.06 60.08 -28.13
N ALA F 15 35.15 59.79 -28.85
CA ALA F 15 35.57 60.63 -29.93
C ALA F 15 34.58 60.54 -31.09
N PRO F 16 34.49 61.60 -31.90
CA PRO F 16 33.55 61.58 -33.03
C PRO F 16 33.84 60.43 -33.98
N THR F 17 32.78 59.87 -34.54
CA THR F 17 32.90 58.66 -35.32
C THR F 17 33.41 58.89 -36.74
N SER F 18 33.76 60.13 -37.09
CA SER F 18 34.28 60.41 -38.43
C SER F 18 35.79 60.46 -38.49
N TRP F 19 36.48 60.15 -37.41
CA TRP F 19 37.94 60.17 -37.41
C TRP F 19 38.51 58.80 -37.67
N TYR F 20 39.75 58.77 -38.15
CA TYR F 20 40.53 57.53 -38.23
C TYR F 20 41.47 57.50 -37.03
N ILE F 21 41.08 56.78 -36.00
CA ILE F 21 41.80 56.79 -34.73
C ILE F 21 41.56 55.47 -34.04
N GLU F 22 42.57 55.01 -33.29
CA GLU F 22 42.45 53.76 -32.55
C GLU F 22 41.90 54.07 -31.16
N ARG F 23 40.70 53.57 -30.87
CA ARG F 23 39.94 54.01 -29.71
C ARG F 23 40.35 53.31 -28.43
N LYS F 24 41.08 52.21 -28.48
CA LYS F 24 41.47 51.49 -27.28
C LYS F 24 42.95 51.58 -26.98
N ALA F 25 43.73 52.27 -27.82
CA ALA F 25 45.16 52.35 -27.58
C ALA F 25 45.50 53.18 -26.35
N TYR F 26 44.77 54.26 -26.10
CA TYR F 26 45.06 55.14 -24.99
C TYR F 26 43.76 55.58 -24.34
N LYS F 27 43.89 56.44 -23.33
CA LYS F 27 42.73 56.87 -22.57
C LYS F 27 42.15 58.17 -23.12
N TRP F 28 42.98 59.13 -23.47
CA TRP F 28 42.54 60.47 -23.81
C TRP F 28 42.69 60.73 -25.30
N ALA F 29 41.95 61.73 -25.77
CA ALA F 29 42.06 62.24 -27.13
C ALA F 29 42.05 63.76 -27.09
N VAL F 30 42.50 64.38 -28.17
CA VAL F 30 42.57 65.83 -28.22
C VAL F 30 41.17 66.42 -28.32
N ARG F 31 40.83 67.32 -27.41
CA ARG F 31 39.56 68.03 -27.50
C ARG F 31 39.74 69.21 -28.42
N PRO F 32 39.03 69.27 -29.56
CA PRO F 32 39.30 70.33 -30.52
C PRO F 32 38.86 71.69 -30.02
N ARG F 33 39.56 72.70 -30.47
CA ARG F 33 39.26 74.09 -30.20
C ARG F 33 38.05 74.53 -31.02
N PRO F 34 37.28 75.49 -30.53
CA PRO F 34 36.28 76.13 -31.38
C PRO F 34 36.93 76.79 -32.57
N GLY F 35 36.27 76.72 -33.72
CA GLY F 35 36.82 77.25 -34.94
C GLY F 35 35.88 77.22 -36.12
N PRO F 36 36.43 76.97 -37.30
CA PRO F 36 35.63 77.11 -38.54
C PRO F 36 34.45 76.16 -38.68
N HIS F 37 34.67 74.86 -38.69
CA HIS F 37 33.59 73.92 -38.93
C HIS F 37 32.98 73.49 -37.59
N ASN F 38 32.15 72.46 -37.59
CA ASN F 38 31.59 71.93 -36.37
C ASN F 38 32.28 70.63 -36.01
N MET F 39 31.87 70.05 -34.88
CA MET F 39 32.53 68.85 -34.37
C MET F 39 32.38 67.67 -35.32
N ARG F 40 31.22 67.49 -35.92
CA ARG F 40 30.95 66.30 -36.70
C ARG F 40 31.60 66.30 -38.07
N THR F 41 32.18 67.41 -38.51
CA THR F 41 32.74 67.49 -39.85
C THR F 41 34.16 68.04 -39.85
N SER F 42 34.95 67.78 -38.82
CA SER F 42 36.30 68.31 -38.76
C SER F 42 37.14 67.43 -37.83
N ILE F 43 38.44 67.65 -37.89
CA ILE F 43 39.40 66.88 -37.10
C ILE F 43 40.54 67.79 -36.68
N PRO F 44 41.12 67.61 -35.50
CA PRO F 44 42.24 68.46 -35.09
C PRO F 44 43.46 68.25 -35.98
N LEU F 45 44.26 69.31 -36.10
CA LEU F 45 45.41 69.30 -36.99
C LEU F 45 46.47 68.29 -36.54
N LEU F 46 46.56 68.04 -35.24
CA LEU F 46 47.59 67.15 -34.73
C LEU F 46 47.45 65.75 -35.32
N TYR F 47 46.22 65.27 -35.44
CA TYR F 47 46.01 63.96 -36.04
C TYR F 47 46.38 63.92 -37.51
N ILE F 48 46.22 65.03 -38.22
CA ILE F 48 46.68 65.08 -39.59
C ILE F 48 48.20 65.00 -39.65
N VAL F 49 48.89 65.75 -38.80
CA VAL F 49 50.34 65.76 -38.85
C VAL F 49 50.91 64.40 -38.44
N ARG F 50 50.35 63.81 -37.39
CA ARG F 50 50.96 62.63 -36.79
C ARG F 50 50.41 61.32 -37.34
N ASP F 51 49.09 61.18 -37.40
CA ASP F 51 48.51 59.88 -37.72
C ASP F 51 48.32 59.68 -39.22
N TYR F 52 47.83 60.71 -39.92
CA TYR F 52 47.53 60.54 -41.34
C TYR F 52 48.79 60.56 -42.19
N LEU F 53 49.52 61.67 -42.18
CA LEU F 53 50.69 61.79 -43.03
C LEU F 53 51.90 61.07 -42.45
N GLY F 54 51.99 60.99 -41.13
CA GLY F 54 53.08 60.27 -40.51
C GLY F 54 54.39 61.00 -40.46
N TYR F 55 54.39 62.33 -40.59
CA TYR F 55 55.64 63.08 -40.51
C TYR F 55 56.22 63.12 -39.11
N ALA F 56 55.43 62.79 -38.08
CA ALA F 56 55.91 62.83 -36.71
C ALA F 56 55.47 61.57 -35.99
N LYS F 57 56.28 61.14 -35.03
CA LYS F 57 55.98 59.93 -34.28
C LYS F 57 55.31 60.24 -32.94
N THR F 58 55.74 61.31 -32.27
CA THR F 58 55.19 61.70 -30.99
C THR F 58 54.56 63.08 -31.10
N ALA F 59 53.70 63.40 -30.13
CA ALA F 59 53.06 64.70 -30.12
C ALA F 59 54.08 65.82 -29.94
N ARG F 60 55.11 65.60 -29.14
CA ARG F 60 56.06 66.68 -28.86
C ARG F 60 56.77 67.14 -30.12
N GLU F 61 57.23 66.22 -30.95
CA GLU F 61 57.91 66.62 -32.16
C GLU F 61 56.95 67.14 -33.21
N ALA F 62 55.68 66.76 -33.15
CA ALA F 62 54.70 67.32 -34.05
C ALA F 62 54.48 68.80 -33.77
N ARG F 63 54.48 69.19 -32.49
CA ARG F 63 54.33 70.59 -32.16
C ARG F 63 55.53 71.41 -32.60
N LYS F 64 56.71 70.81 -32.58
CA LYS F 64 57.90 71.52 -33.07
C LYS F 64 57.79 71.79 -34.56
N ILE F 65 57.21 70.86 -35.30
CA ILE F 65 56.99 71.08 -36.73
C ILE F 65 56.02 72.23 -36.94
N LEU F 66 54.91 72.24 -36.20
CA LEU F 66 53.89 73.26 -36.39
C LEU F 66 54.38 74.64 -36.00
N ASN F 67 55.14 74.74 -34.91
CA ASN F 67 55.60 76.04 -34.45
C ASN F 67 56.55 76.71 -35.42
N GLU F 68 57.12 75.96 -36.35
CA GLU F 68 58.00 76.54 -37.36
C GLU F 68 57.26 76.96 -38.62
N GLY F 69 55.94 76.80 -38.66
CA GLY F 69 55.15 77.27 -39.77
C GLY F 69 55.33 76.47 -41.04
N LYS F 70 55.34 75.14 -40.93
CA LYS F 70 55.50 74.27 -42.08
C LYS F 70 54.18 73.87 -42.72
N PHE F 71 53.04 74.22 -42.13
CA PHE F 71 51.75 73.77 -42.61
C PHE F 71 50.86 74.97 -42.94
N LEU F 72 50.16 74.89 -44.05
CA LEU F 72 49.25 75.92 -44.50
C LEU F 72 47.86 75.32 -44.65
N VAL F 73 46.87 75.95 -44.02
CA VAL F 73 45.48 75.58 -44.18
C VAL F 73 44.76 76.75 -44.82
N ASP F 74 44.26 76.54 -46.04
CA ASP F 74 43.64 77.60 -46.84
C ASP F 74 44.61 78.77 -47.02
N GLY F 75 45.89 78.45 -47.19
CA GLY F 75 46.88 79.46 -47.48
C GLY F 75 47.35 80.27 -46.29
N ARG F 76 46.95 79.91 -45.07
CA ARG F 76 47.34 80.64 -43.89
C ARG F 76 48.07 79.73 -42.92
N VAL F 77 49.12 80.25 -42.29
CA VAL F 77 49.90 79.47 -41.36
C VAL F 77 49.08 79.20 -40.10
N ARG F 78 49.02 77.94 -39.69
CA ARG F 78 48.34 77.55 -38.47
C ARG F 78 49.35 76.89 -37.55
N LYS F 79 49.48 77.42 -36.33
CA LYS F 79 50.40 76.87 -35.35
C LYS F 79 49.73 76.10 -34.22
N ASP F 80 48.44 76.31 -34.01
CA ASP F 80 47.74 75.64 -32.93
C ASP F 80 47.49 74.19 -33.30
N TYR F 81 47.88 73.27 -32.43
CA TYR F 81 47.67 71.86 -32.73
C TYR F 81 46.24 71.43 -32.50
N LYS F 82 45.39 72.28 -31.94
CA LYS F 82 43.98 71.97 -31.75
C LYS F 82 43.10 72.54 -32.84
N PHE F 83 43.68 73.18 -33.85
CA PHE F 83 42.89 73.84 -34.87
C PHE F 83 42.09 72.81 -35.68
N PRO F 84 40.79 73.01 -35.87
CA PRO F 84 39.99 72.04 -36.61
C PRO F 84 40.09 72.23 -38.11
N VAL F 85 40.20 71.12 -38.84
CA VAL F 85 40.27 71.10 -40.30
C VAL F 85 39.06 70.34 -40.79
N GLY F 86 38.34 70.90 -41.76
CA GLY F 86 37.07 70.33 -42.15
C GLY F 86 36.85 70.12 -43.63
N ILE F 87 35.58 69.93 -44.01
CA ILE F 87 35.25 69.60 -45.40
C ILE F 87 35.66 70.74 -46.31
N MET F 88 36.17 70.40 -47.48
CA MET F 88 36.53 71.28 -48.58
C MET F 88 37.75 72.13 -48.27
N ASP F 89 38.39 71.96 -47.12
CA ASP F 89 39.61 72.70 -46.85
C ASP F 89 40.76 72.20 -47.71
N VAL F 90 41.79 73.02 -47.84
CA VAL F 90 42.99 72.67 -48.59
C VAL F 90 44.16 72.71 -47.63
N VAL F 91 44.87 71.59 -47.53
CA VAL F 91 46.06 71.49 -46.70
C VAL F 91 47.27 71.46 -47.62
N SER F 92 48.19 72.40 -47.43
CA SER F 92 49.34 72.56 -48.31
C SER F 92 50.61 72.49 -47.50
N ILE F 93 51.55 71.68 -47.97
CA ILE F 93 52.91 71.65 -47.45
C ILE F 93 53.84 72.18 -48.54
N PRO F 94 54.33 73.41 -48.39
CA PRO F 94 55.08 74.03 -49.48
C PRO F 94 56.50 73.51 -49.59
N GLU F 95 57.11 73.17 -48.45
CA GLU F 95 58.47 72.69 -48.48
C GLU F 95 58.62 71.37 -49.23
N THR F 96 57.65 70.47 -49.08
CA THR F 96 57.60 69.26 -49.89
C THR F 96 56.75 69.44 -51.14
N GLY F 97 56.07 70.56 -51.29
CA GLY F 97 55.29 70.82 -52.49
C GLY F 97 54.13 69.88 -52.71
N GLU F 98 53.33 69.64 -51.67
CA GLU F 98 52.19 68.74 -51.78
C GLU F 98 50.92 69.43 -51.31
N HIS F 99 49.78 69.00 -51.84
CA HIS F 99 48.50 69.62 -51.51
C HIS F 99 47.43 68.54 -51.43
N TYR F 100 46.49 68.73 -50.51
CA TYR F 100 45.39 67.80 -50.31
C TYR F 100 44.11 68.57 -50.09
N ARG F 101 42.99 67.93 -50.44
CA ARG F 101 41.67 68.44 -50.11
C ARG F 101 40.98 67.45 -49.18
N VAL F 102 40.33 67.96 -48.16
CA VAL F 102 39.70 67.13 -47.13
C VAL F 102 38.29 66.78 -47.59
N LEU F 103 38.00 65.48 -47.68
CA LEU F 103 36.70 65.07 -48.18
C LEU F 103 36.18 63.89 -47.37
N PRO F 104 34.87 63.74 -47.25
CA PRO F 104 34.31 62.57 -46.58
C PRO F 104 34.43 61.32 -47.44
N ASN F 105 34.59 60.20 -46.76
CA ASN F 105 34.74 58.92 -47.42
C ASN F 105 33.36 58.39 -47.84
N ARG F 106 33.36 57.20 -48.43
CA ARG F 106 32.09 56.59 -48.80
C ARG F 106 31.32 56.08 -47.58
N ILE F 107 31.99 55.92 -46.44
CA ILE F 107 31.33 55.49 -45.22
C ILE F 107 31.24 56.60 -44.18
N GLY F 108 31.69 57.81 -44.52
CA GLY F 108 31.53 58.93 -43.63
C GLY F 108 32.75 59.34 -42.84
N LYS F 109 33.94 58.96 -43.28
CA LYS F 109 35.17 59.34 -42.59
C LYS F 109 35.98 60.32 -43.43
N LEU F 110 36.79 61.12 -42.75
CA LEU F 110 37.56 62.15 -43.43
C LEU F 110 38.83 61.58 -44.03
N ILE F 111 39.10 61.92 -45.28
CA ILE F 111 40.29 61.47 -45.99
C ILE F 111 40.89 62.64 -46.76
N LEU F 112 42.15 62.47 -47.15
CA LEU F 112 42.90 63.48 -47.88
C LEU F 112 43.01 63.05 -49.34
N HIS F 113 42.59 63.93 -50.25
CA HIS F 113 42.59 63.67 -51.67
C HIS F 113 43.66 64.52 -52.34
N PRO F 114 44.69 63.94 -52.94
CA PRO F 114 45.73 64.75 -53.57
C PRO F 114 45.18 65.57 -54.72
N ILE F 115 45.64 66.80 -54.84
CA ILE F 115 45.17 67.73 -55.87
C ILE F 115 46.35 68.46 -56.47
N SER F 116 46.10 69.06 -57.63
CA SER F 116 47.11 69.83 -58.35
C SER F 116 47.39 71.14 -57.64
N GLU F 117 48.50 71.77 -58.02
CA GLU F 117 48.88 73.03 -57.40
C GLU F 117 47.94 74.16 -57.82
N GLU F 118 47.53 74.19 -59.09
CA GLU F 118 46.66 75.25 -59.55
C GLU F 118 45.31 75.20 -58.86
N GLU F 119 44.76 73.99 -58.70
CA GLU F 119 43.48 73.83 -58.03
C GLU F 119 43.54 74.19 -56.55
N ALA F 120 44.75 74.23 -55.98
CA ALA F 120 44.90 74.48 -54.55
C ALA F 120 44.61 75.93 -54.16
N ASN F 121 44.37 76.82 -55.12
CA ASN F 121 44.14 78.22 -54.80
C ASN F 121 42.67 78.58 -54.66
N ILE F 122 41.76 77.65 -54.88
CA ILE F 122 40.34 77.96 -54.88
C ILE F 122 39.64 77.07 -53.86
N LYS F 123 38.66 77.65 -53.17
CA LYS F 123 37.88 76.92 -52.19
C LYS F 123 36.40 77.17 -52.45
N PRO F 124 35.58 76.13 -52.53
CA PRO F 124 34.14 76.34 -52.65
C PRO F 124 33.51 76.57 -51.28
N LEU F 125 32.60 77.53 -51.23
CA LEU F 125 31.91 77.88 -49.99
C LEU F 125 30.42 77.88 -50.25
N ARG F 126 29.67 77.18 -49.43
CA ARG F 126 28.23 77.14 -49.57
C ARG F 126 27.59 78.28 -48.79
N ILE F 127 26.75 79.05 -49.46
CA ILE F 127 26.09 80.19 -48.80
C ILE F 127 25.07 79.62 -47.83
N ARG F 128 25.37 79.69 -46.54
CA ARG F 128 24.51 79.13 -45.53
C ARG F 128 23.45 80.10 -45.04
N ASN F 129 23.78 81.39 -44.99
CA ASN F 129 22.79 82.39 -44.60
C ASN F 129 23.19 83.75 -45.16
N LYS F 130 22.23 84.66 -45.14
CA LYS F 130 22.40 85.96 -45.77
C LYS F 130 21.55 86.99 -45.05
N ARG F 131 22.14 88.12 -44.69
CA ARG F 131 21.41 89.08 -43.88
C ARG F 131 21.82 90.51 -44.22
N MET F 132 21.03 91.45 -43.72
CA MET F 132 21.32 92.88 -43.86
C MET F 132 22.14 93.36 -42.68
N VAL F 133 23.06 94.29 -42.95
CA VAL F 133 23.93 94.83 -41.92
C VAL F 133 24.03 96.34 -42.10
N LYS F 134 24.42 97.01 -41.00
CA LYS F 134 24.40 98.47 -40.93
C LYS F 134 25.19 99.09 -42.07
N GLY F 135 24.78 100.29 -42.46
CA GLY F 135 25.24 100.87 -43.70
C GLY F 135 24.53 100.33 -44.92
N ALA F 136 23.49 99.52 -44.72
CA ALA F 136 22.75 98.90 -45.81
C ALA F 136 23.67 98.09 -46.72
N LYS F 137 24.25 97.04 -46.13
CA LYS F 137 25.10 96.12 -46.88
C LYS F 137 24.60 94.70 -46.65
N ILE F 138 25.05 93.77 -47.48
CA ILE F 138 24.62 92.38 -47.37
C ILE F 138 25.80 91.56 -46.86
N GLN F 139 25.56 90.81 -45.78
CA GLN F 139 26.57 89.91 -45.24
C GLN F 139 26.18 88.48 -45.56
N LEU F 140 27.14 87.74 -46.12
CA LEU F 140 26.99 86.33 -46.45
C LEU F 140 27.75 85.50 -45.44
N ASN F 141 27.08 84.49 -44.88
CA ASN F 141 27.68 83.57 -43.93
C ASN F 141 27.76 82.20 -44.59
N PHE F 142 28.98 81.67 -44.68
CA PHE F 142 29.25 80.45 -45.42
C PHE F 142 29.18 79.25 -44.50
N HIS F 143 29.40 78.06 -45.07
CA HIS F 143 29.23 76.83 -44.33
C HIS F 143 30.36 76.57 -43.34
N ASP F 144 31.50 77.22 -43.50
CA ASP F 144 32.60 77.07 -42.57
C ASP F 144 32.72 78.21 -41.59
N GLY F 145 31.68 79.03 -41.46
CA GLY F 145 31.64 80.08 -40.46
C GLY F 145 32.21 81.42 -40.89
N THR F 146 32.85 81.50 -42.05
CA THR F 146 33.44 82.75 -42.50
C THR F 146 32.36 83.67 -43.08
N ASN F 147 32.71 84.93 -43.28
CA ASN F 147 31.75 85.94 -43.67
C ASN F 147 32.29 86.78 -44.81
N HIS F 148 31.38 87.38 -45.57
CA HIS F 148 31.78 88.26 -46.66
C HIS F 148 30.74 89.37 -46.81
N LEU F 149 31.18 90.50 -47.36
CA LEU F 149 30.33 91.67 -47.54
C LEU F 149 30.13 91.98 -49.02
N ILE F 150 28.91 92.32 -49.40
CA ILE F 150 28.63 92.77 -50.76
C ILE F 150 27.72 94.00 -50.73
N PRO F 151 27.78 94.85 -51.76
CA PRO F 151 26.94 96.04 -51.80
C PRO F 151 25.50 95.69 -52.11
N LEU F 152 24.62 96.66 -51.83
CA LEU F 152 23.20 96.47 -52.03
C LEU F 152 22.84 96.27 -53.51
N SER F 153 23.71 96.67 -54.41
CA SER F 153 23.42 96.55 -55.85
C SER F 153 23.33 95.11 -56.31
N GLU F 154 24.14 94.22 -55.77
CA GLU F 154 24.20 92.84 -56.22
C GLU F 154 23.36 91.89 -55.38
N LYS F 155 22.35 92.41 -54.68
CA LYS F 155 21.59 91.57 -53.76
C LYS F 155 20.86 90.44 -54.46
N ASP F 156 20.69 90.52 -55.77
CA ASP F 156 19.94 89.50 -56.51
C ASP F 156 20.82 88.44 -57.15
N ASN F 157 22.13 88.54 -57.00
CA ASN F 157 23.04 87.56 -57.56
C ASN F 157 23.41 86.46 -56.58
N TYR F 158 22.90 86.51 -55.36
CA TYR F 158 23.28 85.55 -54.33
C TYR F 158 22.05 85.13 -53.54
N PHE F 159 21.90 83.82 -53.34
CA PHE F 159 20.84 83.28 -52.52
C PHE F 159 21.39 82.10 -51.74
N THR F 160 20.64 81.68 -50.73
CA THR F 160 21.07 80.55 -49.92
C THR F 160 21.16 79.30 -50.78
N SER F 161 22.09 78.42 -50.41
CA SER F 161 22.43 77.16 -51.07
C SER F 161 23.24 77.35 -52.34
N TYR F 162 23.53 78.58 -52.75
CA TYR F 162 24.46 78.77 -53.85
C TYR F 162 25.88 78.50 -53.39
N THR F 163 26.76 78.26 -54.34
CA THR F 163 28.16 78.01 -54.07
C THR F 163 29.01 79.13 -54.65
N VAL F 164 29.97 79.62 -53.88
CA VAL F 164 30.88 80.68 -54.28
C VAL F 164 32.29 80.10 -54.32
N LEU F 165 32.98 80.30 -55.44
CA LEU F 165 34.38 79.92 -55.55
C LEU F 165 35.24 81.09 -55.09
N MET F 166 35.98 80.89 -54.01
CA MET F 166 36.75 81.95 -53.39
C MET F 166 38.23 81.67 -53.57
N LYS F 167 38.98 82.70 -53.96
CA LYS F 167 40.42 82.57 -54.09
C LYS F 167 41.08 82.84 -52.74
N VAL F 168 41.89 81.90 -52.28
CA VAL F 168 42.52 81.99 -50.97
C VAL F 168 44.01 82.26 -51.15
N PRO F 169 44.68 82.92 -50.20
CA PRO F 169 44.13 83.46 -48.95
C PRO F 169 43.62 84.89 -49.07
N GLU F 170 43.54 85.41 -50.29
CA GLU F 170 43.10 86.79 -50.47
C GLU F 170 41.61 86.97 -50.25
N ARG F 171 40.83 85.88 -50.32
CA ARG F 171 39.38 85.93 -50.14
C ARG F 171 38.74 86.88 -51.14
N GLU F 172 38.83 86.49 -52.41
CA GLU F 172 38.29 87.26 -53.52
C GLU F 172 37.36 86.38 -54.34
N ILE F 173 36.17 86.89 -54.63
CA ILE F 173 35.18 86.10 -55.36
C ILE F 173 35.52 86.05 -56.84
N LEU F 174 35.39 84.87 -57.44
CA LEU F 174 35.65 84.74 -58.87
C LEU F 174 34.64 83.91 -59.63
N GLU F 175 33.60 83.37 -58.99
CA GLU F 175 32.62 82.55 -59.69
C GLU F 175 31.45 82.28 -58.76
N VAL F 176 30.24 82.27 -59.31
CA VAL F 176 29.04 81.96 -58.56
C VAL F 176 28.29 80.85 -59.29
N LEU F 177 27.96 79.79 -58.56
CA LEU F 177 27.25 78.65 -59.14
C LEU F 177 25.86 78.56 -58.55
N PRO F 178 24.80 78.70 -59.34
CA PRO F 178 23.45 78.68 -58.79
C PRO F 178 23.00 77.27 -58.44
N PHE F 179 21.99 77.22 -57.57
CA PHE F 179 21.35 75.96 -57.19
C PHE F 179 20.05 75.85 -57.98
N GLU F 180 20.03 74.97 -58.97
CA GLU F 180 18.89 74.84 -59.86
C GLU F 180 18.92 73.45 -60.47
N LYS F 181 17.91 73.15 -61.27
CA LYS F 181 17.88 71.87 -61.96
C LYS F 181 19.04 71.77 -62.95
N GLY F 182 19.68 70.61 -62.98
CA GLY F 182 20.80 70.38 -63.86
C GLY F 182 22.16 70.71 -63.27
N ALA F 183 22.20 71.29 -62.08
CA ALA F 183 23.46 71.60 -61.44
C ALA F 183 24.11 70.33 -60.89
N TYR F 184 25.43 70.34 -60.81
CA TYR F 184 26.20 69.19 -60.35
C TYR F 184 26.44 69.31 -58.85
N VAL F 185 26.13 68.25 -58.11
CA VAL F 185 26.18 68.28 -56.65
C VAL F 185 26.94 67.09 -56.12
N PHE F 186 27.44 67.25 -54.90
CA PHE F 186 28.22 66.26 -54.17
C PHE F 186 27.65 66.17 -52.76
N VAL F 187 27.28 64.96 -52.34
CA VAL F 187 26.59 64.77 -51.07
C VAL F 187 27.62 64.66 -49.94
N THR F 188 27.35 65.35 -48.83
CA THR F 188 28.33 65.46 -47.76
C THR F 188 27.95 64.77 -46.47
N GLN F 189 26.68 64.41 -46.27
CA GLN F 189 26.26 63.73 -45.05
C GLN F 189 25.15 62.75 -45.37
N GLY F 190 24.82 61.94 -44.39
CA GLY F 190 23.70 61.04 -44.50
C GLY F 190 24.07 59.68 -45.07
N LYS F 191 23.03 58.92 -45.41
CA LYS F 191 23.23 57.57 -45.92
C LYS F 191 23.90 57.58 -47.28
N ASN F 192 23.59 58.56 -48.12
CA ASN F 192 24.13 58.65 -49.46
C ASN F 192 25.36 59.54 -49.54
N VAL F 193 26.15 59.60 -48.48
CA VAL F 193 27.33 60.45 -48.48
C VAL F 193 28.30 60.00 -49.55
N ALA F 194 29.05 60.95 -50.11
CA ALA F 194 30.10 60.78 -51.10
C ALA F 194 29.59 60.43 -52.48
N ARG F 195 28.28 60.39 -52.70
CA ARG F 195 27.75 60.22 -54.04
C ARG F 195 27.58 61.57 -54.71
N LYS F 196 27.65 61.59 -56.04
CA LYS F 196 27.62 62.82 -56.80
C LYS F 196 26.71 62.66 -58.01
N GLY F 197 26.18 63.78 -58.48
CA GLY F 197 25.29 63.73 -59.62
C GLY F 197 24.65 65.04 -60.02
N ARG F 198 23.43 65.00 -60.56
CA ARG F 198 22.74 66.18 -61.03
C ARG F 198 21.35 66.26 -60.41
N ILE F 199 20.87 67.47 -60.22
CA ILE F 199 19.59 67.73 -59.58
C ILE F 199 18.47 67.50 -60.58
N VAL F 200 17.38 66.88 -60.13
CA VAL F 200 16.24 66.57 -60.96
C VAL F 200 14.98 67.28 -60.45
N GLU F 201 14.72 67.21 -59.16
CA GLU F 201 13.49 67.76 -58.61
C GLU F 201 13.74 68.27 -57.19
N ILE F 202 12.88 69.21 -56.77
CA ILE F 202 12.93 69.79 -55.44
C ILE F 202 11.53 69.75 -54.85
N LYS F 203 11.42 69.38 -53.58
CA LYS F 203 10.14 69.29 -52.89
C LYS F 203 10.18 70.07 -51.60
N LYS F 204 9.02 70.59 -51.19
CA LYS F 204 8.92 71.38 -49.96
C LYS F 204 7.74 70.90 -49.14
N PHE F 205 7.78 71.20 -47.85
CA PHE F 205 6.82 70.69 -46.89
C PHE F 205 6.40 71.81 -45.94
N PRO F 206 5.25 71.68 -45.31
CA PRO F 206 4.77 72.74 -44.41
C PRO F 206 5.39 72.63 -43.02
N MET F 207 5.23 73.72 -42.27
CA MET F 207 5.56 73.78 -40.84
C MET F 207 7.04 73.50 -40.58
N GLY F 208 7.90 73.97 -41.46
CA GLY F 208 9.31 74.01 -41.15
C GLY F 208 10.06 72.70 -41.24
N TRP F 209 9.48 71.66 -41.83
CA TRP F 209 10.26 70.48 -42.12
C TRP F 209 11.25 70.79 -43.25
N PRO F 210 12.43 70.18 -43.22
CA PRO F 210 13.41 70.46 -44.27
C PRO F 210 12.97 69.91 -45.61
N ASP F 211 13.53 70.48 -46.67
CA ASP F 211 13.16 70.11 -48.03
C ASP F 211 14.15 69.12 -48.62
N VAL F 212 13.67 68.35 -49.60
CA VAL F 212 14.39 67.21 -50.14
C VAL F 212 14.66 67.46 -51.62
N VAL F 213 15.72 66.84 -52.13
CA VAL F 213 16.08 66.93 -53.54
C VAL F 213 16.31 65.52 -54.07
N THR F 214 16.12 65.36 -55.37
CA THR F 214 16.37 64.11 -56.08
C THR F 214 17.55 64.29 -57.01
N ILE F 215 18.44 63.30 -57.03
CA ILE F 215 19.69 63.38 -57.78
C ILE F 215 19.79 62.17 -58.68
N GLU F 216 20.25 62.39 -59.90
CA GLU F 216 20.58 61.33 -60.84
C GLU F 216 22.09 61.23 -60.95
N ASP F 217 22.61 60.02 -60.80
CA ASP F 217 24.05 59.80 -60.80
C ASP F 217 24.52 59.52 -62.23
N GLU F 218 25.77 59.07 -62.36
CA GLU F 218 26.33 58.81 -63.68
C GLU F 218 25.60 57.69 -64.40
N GLU F 219 25.28 56.61 -63.67
CA GLU F 219 24.65 55.47 -64.30
C GLU F 219 23.14 55.64 -64.50
N GLY F 220 22.57 56.74 -64.03
CA GLY F 220 21.16 56.99 -64.26
C GLY F 220 20.23 56.57 -63.14
N GLU F 221 20.75 56.25 -61.97
CA GLU F 221 19.92 55.91 -60.82
C GLU F 221 19.53 57.17 -60.08
N LEU F 222 18.36 57.14 -59.46
CA LEU F 222 17.82 58.30 -58.76
C LEU F 222 17.83 58.04 -57.26
N PHE F 223 18.23 59.03 -56.48
CA PHE F 223 18.17 58.92 -55.02
C PHE F 223 17.89 60.28 -54.42
N ASP F 224 17.28 60.28 -53.23
CA ASP F 224 16.86 61.50 -52.57
C ASP F 224 17.77 61.82 -51.40
N THR F 225 17.86 63.10 -51.05
CA THR F 225 18.60 63.52 -49.88
C THR F 225 18.16 64.91 -49.47
N LEU F 226 18.54 65.30 -48.25
CA LEU F 226 18.22 66.62 -47.77
C LEU F 226 18.88 67.68 -48.63
N LYS F 227 18.19 68.81 -48.80
CA LYS F 227 18.72 69.88 -49.65
C LYS F 227 20.01 70.44 -49.08
N GLU F 228 20.08 70.60 -47.76
CA GLU F 228 21.28 71.16 -47.15
C GLU F 228 22.46 70.22 -47.20
N TYR F 229 22.26 68.95 -47.53
CA TYR F 229 23.35 68.01 -47.65
C TYR F 229 23.93 67.97 -49.06
N ALA F 230 23.35 68.72 -50.00
CA ALA F 230 23.80 68.74 -51.38
C ALA F 230 24.68 69.95 -51.58
N PHE F 231 25.91 69.73 -52.05
CA PHE F 231 26.90 70.77 -52.22
C PHE F 231 27.13 70.98 -53.71
N VAL F 232 26.81 72.18 -54.20
CA VAL F 232 26.96 72.47 -55.62
C VAL F 232 28.43 72.64 -55.96
N VAL F 233 28.86 71.98 -57.04
CA VAL F 233 30.27 72.02 -57.45
C VAL F 233 30.45 72.36 -58.91
N GLY F 234 29.39 72.61 -59.66
CA GLY F 234 29.56 73.00 -61.05
C GLY F 234 28.24 73.20 -61.74
N ARG F 235 28.32 73.68 -62.98
CA ARG F 235 27.13 73.88 -63.80
C ARG F 235 26.62 72.55 -64.34
N ASP F 236 27.45 71.88 -65.14
CA ASP F 236 27.16 70.55 -65.62
C ASP F 236 28.31 69.58 -65.42
N LYS F 237 29.51 70.08 -65.17
CA LYS F 237 30.66 69.27 -64.82
C LYS F 237 31.31 69.84 -63.56
N PRO F 238 31.95 69.01 -62.76
CA PRO F 238 32.64 69.52 -61.58
C PRO F 238 33.73 70.50 -61.95
N ARG F 239 33.87 71.54 -61.13
CA ARG F 239 34.96 72.49 -61.28
C ARG F 239 36.18 72.11 -60.47
N ILE F 240 36.08 71.07 -59.63
CA ILE F 240 37.18 70.63 -58.79
C ILE F 240 37.29 69.12 -58.91
N SER F 241 38.47 68.61 -58.55
CA SER F 241 38.74 67.19 -58.64
C SER F 241 38.05 66.46 -57.49
N LEU F 242 37.32 65.40 -57.80
CA LEU F 242 36.65 64.60 -56.80
C LEU F 242 36.96 63.13 -57.01
N PRO F 243 37.09 62.36 -55.93
CA PRO F 243 37.38 60.92 -56.03
C PRO F 243 36.14 60.13 -56.43
N SER G 2 25.33 -10.78 -42.93
CA SER G 2 24.05 -11.08 -43.54
C SER G 2 24.02 -12.51 -44.05
N GLN G 3 25.20 -13.10 -44.24
CA GLN G 3 25.27 -14.47 -44.72
C GLN G 3 24.76 -15.44 -43.66
N GLU G 4 25.03 -15.16 -42.38
CA GLU G 4 24.59 -16.06 -41.31
C GLU G 4 23.07 -16.15 -41.26
N TRP G 5 22.39 -15.01 -41.41
CA TRP G 5 20.95 -15.01 -41.29
C TRP G 5 20.27 -15.66 -42.48
N LYS G 6 20.89 -15.62 -43.66
CA LYS G 6 20.35 -16.35 -44.80
C LYS G 6 20.27 -17.84 -44.50
N GLU G 7 21.37 -18.42 -44.04
CA GLU G 7 21.36 -19.86 -43.73
C GLU G 7 20.50 -20.15 -42.53
N TYR G 8 20.41 -19.22 -41.56
CA TYR G 8 19.53 -19.43 -40.42
C TYR G 8 18.07 -19.51 -40.87
N ALA G 9 17.66 -18.61 -41.76
CA ALA G 9 16.31 -18.64 -42.29
C ALA G 9 16.07 -19.90 -43.10
N LYS G 10 17.07 -20.33 -43.87
CA LYS G 10 16.93 -21.57 -44.63
C LYS G 10 16.73 -22.76 -43.69
N ARG G 11 17.51 -22.79 -42.61
CA ARG G 11 17.45 -23.86 -41.62
C ARG G 11 16.10 -23.91 -40.92
N VAL G 12 15.56 -22.75 -40.57
CA VAL G 12 14.26 -22.67 -39.91
C VAL G 12 13.15 -23.09 -40.86
N LEU G 13 13.27 -22.72 -42.13
CA LEU G 13 12.16 -22.92 -43.07
C LEU G 13 11.84 -24.40 -43.26
N ASP G 14 12.86 -25.25 -43.34
CA ASP G 14 12.61 -26.65 -43.68
C ASP G 14 12.01 -27.44 -42.54
N GLU G 15 12.43 -27.20 -41.29
CA GLU G 15 11.99 -27.99 -40.16
C GLU G 15 10.78 -27.39 -39.46
N TRP G 16 10.02 -26.56 -40.16
CA TRP G 16 8.88 -25.85 -39.59
C TRP G 16 7.59 -26.41 -40.16
N GLN G 17 6.63 -26.70 -39.29
CA GLN G 17 5.33 -27.21 -39.73
C GLN G 17 4.28 -26.13 -39.53
N PRO G 18 3.89 -25.41 -40.57
CA PRO G 18 2.95 -24.30 -40.41
C PRO G 18 1.58 -24.80 -39.97
N LYS G 19 0.88 -23.96 -39.21
CA LYS G 19 -0.42 -24.29 -38.66
C LYS G 19 -1.50 -23.33 -39.10
N THR G 20 -1.15 -22.21 -39.74
CA THR G 20 -2.12 -21.21 -40.16
C THR G 20 -2.02 -21.02 -41.66
N LYS G 21 -3.00 -20.28 -42.19
CA LYS G 21 -3.07 -20.04 -43.63
C LYS G 21 -1.86 -19.24 -44.11
N LEU G 22 -1.53 -18.16 -43.41
CA LEU G 22 -0.39 -17.36 -43.81
C LEU G 22 0.91 -18.13 -43.68
N GLY G 23 1.02 -18.96 -42.64
CA GLY G 23 2.18 -19.82 -42.52
C GLY G 23 2.30 -20.77 -43.71
N MET G 24 1.17 -21.30 -44.17
CA MET G 24 1.20 -22.16 -45.35
C MET G 24 1.65 -21.38 -46.58
N LEU G 25 1.18 -20.14 -46.73
CA LEU G 25 1.61 -19.34 -47.87
C LEU G 25 3.11 -19.10 -47.83
N VAL G 26 3.66 -18.83 -46.65
CA VAL G 26 5.09 -18.57 -46.55
C VAL G 26 5.87 -19.86 -46.81
N LYS G 27 5.37 -20.99 -46.30
CA LYS G 27 6.09 -22.25 -46.45
C LYS G 27 6.20 -22.66 -47.92
N GLU G 28 5.16 -22.39 -48.71
CA GLU G 28 5.14 -22.79 -50.10
C GLU G 28 5.83 -21.79 -51.01
N GLY G 29 6.37 -20.72 -50.46
CA GLY G 29 7.12 -19.77 -51.27
C GLY G 29 6.27 -18.82 -52.10
N GLN G 30 4.96 -18.78 -51.88
CA GLN G 30 4.12 -17.82 -52.58
C GLN G 30 4.31 -16.40 -52.08
N ILE G 31 4.76 -16.22 -50.85
CA ILE G 31 5.08 -14.92 -50.29
C ILE G 31 6.56 -14.91 -49.95
N THR G 32 7.30 -13.96 -50.51
CA THR G 32 8.75 -13.98 -50.41
C THR G 32 9.36 -12.72 -49.80
N ASP G 33 8.58 -11.66 -49.61
CA ASP G 33 9.12 -10.42 -49.07
C ASP G 33 8.31 -10.01 -47.85
N ILE G 34 8.98 -9.31 -46.93
CA ILE G 34 8.35 -8.95 -45.67
C ILE G 34 7.18 -8.02 -45.90
N HIS G 35 7.27 -7.13 -46.88
CA HIS G 35 6.24 -6.13 -47.09
C HIS G 35 4.92 -6.71 -47.57
N GLU G 36 4.89 -7.97 -47.98
CA GLU G 36 3.69 -8.54 -48.56
C GLU G 36 2.70 -9.02 -47.53
N ILE G 37 3.05 -9.00 -46.24
CA ILE G 37 2.13 -9.47 -45.21
C ILE G 37 1.36 -8.35 -44.53
N PHE G 38 1.55 -7.11 -44.94
CA PHE G 38 0.90 -5.98 -44.32
C PHE G 38 -0.17 -5.41 -45.24
N ARG G 39 -1.07 -4.63 -44.64
CA ARG G 39 -2.06 -3.84 -45.36
C ARG G 39 -3.09 -4.70 -46.08
N LYS G 40 -3.35 -5.92 -45.61
CA LYS G 40 -4.44 -6.68 -46.18
C LYS G 40 -5.21 -7.49 -45.14
N GLY G 41 -5.11 -7.16 -43.86
CA GLY G 41 -5.98 -7.74 -42.85
C GLY G 41 -5.62 -9.12 -42.38
N TYR G 42 -4.45 -9.64 -42.72
CA TYR G 42 -4.06 -10.97 -42.25
C TYR G 42 -3.90 -10.98 -40.74
N GLN G 43 -4.08 -12.16 -40.15
CA GLN G 43 -3.75 -12.35 -38.74
C GLN G 43 -2.41 -13.06 -38.65
N ILE G 44 -1.58 -12.62 -37.70
CA ILE G 44 -0.22 -13.13 -37.55
C ILE G 44 -0.15 -13.82 -36.20
N LYS G 45 0.06 -15.13 -36.22
CA LYS G 45 0.01 -15.92 -35.00
C LYS G 45 1.17 -16.90 -34.85
N GLU G 46 2.06 -17.00 -35.82
CA GLU G 46 3.20 -17.91 -35.74
C GLU G 46 4.49 -17.12 -35.83
N PRO G 47 5.35 -17.17 -34.80
CA PRO G 47 6.59 -16.38 -34.85
C PRO G 47 7.53 -16.77 -35.97
N GLU G 48 7.47 -17.99 -36.48
CA GLU G 48 8.42 -18.41 -37.51
C GLU G 48 8.29 -17.61 -38.78
N ILE G 49 7.15 -16.96 -39.00
CA ILE G 49 6.97 -16.13 -40.20
C ILE G 49 8.00 -15.01 -40.20
N ILE G 50 8.15 -14.34 -39.07
CA ILE G 50 9.12 -13.25 -38.98
C ILE G 50 10.54 -13.79 -39.08
N ASP G 51 10.79 -14.96 -38.49
CA ASP G 51 12.13 -15.55 -38.56
C ASP G 51 12.52 -15.83 -40.00
N VAL G 52 11.60 -16.35 -40.80
CA VAL G 52 11.90 -16.62 -42.19
C VAL G 52 12.03 -15.31 -42.98
N LEU G 53 11.13 -14.36 -42.75
CA LEU G 53 11.11 -13.17 -43.59
C LEU G 53 12.06 -12.09 -43.13
N LEU G 54 12.26 -11.93 -41.82
CA LEU G 54 13.16 -10.92 -41.26
C LEU G 54 14.10 -11.59 -40.28
N PRO G 55 15.06 -12.38 -40.76
CA PRO G 55 15.90 -13.16 -39.84
C PRO G 55 16.74 -12.33 -38.90
N GLU G 56 17.09 -11.10 -39.26
CA GLU G 56 18.05 -10.34 -38.46
C GLU G 56 17.48 -9.81 -37.16
N VAL G 57 16.18 -9.98 -36.91
CA VAL G 57 15.63 -9.59 -35.61
C VAL G 57 16.07 -10.51 -34.50
N ASN G 58 16.70 -11.63 -34.82
CA ASN G 58 17.23 -12.53 -33.81
C ASN G 58 18.64 -12.17 -33.38
N ALA G 59 19.25 -11.17 -34.00
CA ALA G 59 20.56 -10.72 -33.58
C ALA G 59 20.49 -10.10 -32.19
N ARG G 60 21.55 -10.30 -31.42
CA ARG G 60 21.58 -9.75 -30.07
C ARG G 60 21.56 -8.23 -30.09
N GLU G 61 22.06 -7.63 -31.16
CA GLU G 61 22.14 -6.17 -31.25
C GLU G 61 20.85 -5.56 -31.76
N ASN G 62 19.88 -6.36 -32.16
CA ASN G 62 18.60 -5.87 -32.64
C ASN G 62 17.47 -6.15 -31.66
N GLN G 63 17.80 -6.39 -30.40
CA GLN G 63 16.81 -6.64 -29.35
C GLN G 63 17.12 -5.75 -28.16
N GLU G 64 16.08 -5.34 -27.44
CA GLU G 64 16.25 -4.43 -26.32
C GLU G 64 15.29 -4.81 -25.21
N ILE G 65 15.81 -5.01 -24.01
CA ILE G 65 14.99 -5.25 -22.84
C ILE G 65 14.70 -3.90 -22.20
N LEU G 66 13.49 -3.38 -22.44
CA LEU G 66 13.19 -2.03 -21.98
C LEU G 66 13.06 -1.96 -20.47
N ASP G 67 12.30 -2.86 -19.87
CA ASP G 67 12.18 -2.85 -18.41
C ASP G 67 11.77 -4.18 -17.80
N ILE G 68 12.07 -4.33 -16.53
CA ILE G 68 11.70 -5.52 -15.75
C ILE G 68 11.10 -5.06 -14.44
N ALA G 69 9.97 -5.65 -14.06
CA ALA G 69 9.32 -5.33 -12.80
C ALA G 69 8.76 -6.60 -12.18
N LEU G 70 8.56 -6.58 -10.87
CA LEU G 70 7.93 -7.69 -10.17
C LEU G 70 6.74 -7.20 -9.38
N THR G 71 5.61 -7.88 -9.53
CA THR G 71 4.35 -7.48 -8.93
C THR G 71 3.85 -8.58 -8.01
N VAL G 72 2.96 -8.19 -7.10
CA VAL G 72 2.60 -9.02 -5.96
C VAL G 72 1.10 -9.24 -5.94
N ARG G 73 0.68 -10.47 -5.69
CA ARG G 73 -0.71 -10.81 -5.45
C ARG G 73 -0.82 -11.38 -4.03
N MET G 74 -1.76 -10.87 -3.26
CA MET G 74 -1.85 -11.15 -1.84
C MET G 74 -2.79 -12.31 -1.57
N THR G 75 -2.33 -13.29 -0.77
CA THR G 75 -3.13 -14.45 -0.43
C THR G 75 -2.93 -14.76 1.06
N ASP G 76 -3.83 -15.57 1.60
CA ASP G 76 -3.74 -15.91 3.02
C ASP G 76 -2.50 -16.72 3.35
N SER G 77 -1.81 -17.24 2.35
CA SER G 77 -0.57 -17.97 2.56
C SER G 77 0.64 -17.18 2.08
N GLY G 78 0.51 -15.87 1.97
CA GLY G 78 1.64 -15.01 1.68
C GLY G 78 1.50 -14.27 0.37
N ARG G 79 2.64 -13.85 -0.16
CA ARG G 79 2.69 -13.04 -1.36
C ARG G 79 3.15 -13.88 -2.54
N ARG G 80 2.40 -13.84 -3.63
CA ARG G 80 2.76 -14.51 -4.87
C ARG G 80 3.38 -13.49 -5.81
N VAL G 81 4.58 -13.77 -6.27
CA VAL G 81 5.37 -12.82 -7.05
C VAL G 81 5.32 -13.21 -8.51
N ARG G 82 5.18 -12.21 -9.37
CA ARG G 82 5.09 -12.40 -10.81
C ARG G 82 6.01 -11.39 -11.48
N PHE G 83 6.56 -11.78 -12.63
CA PHE G 83 7.49 -10.92 -13.34
C PHE G 83 6.87 -10.37 -14.62
N ARG G 84 7.05 -9.08 -14.86
CA ARG G 84 6.61 -8.42 -16.07
C ARG G 84 7.82 -7.84 -16.79
N VAL G 85 8.00 -8.21 -18.05
CA VAL G 85 9.12 -7.77 -18.85
C VAL G 85 8.60 -7.06 -20.10
N LEU G 86 9.12 -5.87 -20.35
CA LEU G 86 8.77 -5.10 -21.54
C LEU G 86 9.97 -5.03 -22.46
N ALA G 87 9.80 -5.48 -23.70
CA ALA G 87 10.90 -5.63 -24.64
C ALA G 87 10.47 -5.17 -26.03
N ALA G 88 11.47 -4.96 -26.89
CA ALA G 88 11.23 -4.49 -28.25
C ALA G 88 12.28 -5.05 -29.20
N VAL G 89 11.89 -5.23 -30.46
CA VAL G 89 12.79 -5.73 -31.50
C VAL G 89 12.61 -4.91 -32.77
N GLY G 90 13.59 -5.02 -33.65
CA GLY G 90 13.53 -4.33 -34.92
C GLY G 90 14.71 -4.71 -35.79
N ASN G 91 14.70 -4.22 -37.03
CA ASN G 91 15.77 -4.51 -37.98
C ASN G 91 16.62 -3.28 -38.29
N ARG G 92 16.43 -2.19 -37.55
CA ARG G 92 17.19 -0.96 -37.74
C ARG G 92 16.99 -0.35 -39.12
N ASP G 93 16.06 -0.88 -39.93
CA ASP G 93 15.81 -0.29 -41.23
C ASP G 93 14.39 0.27 -41.34
N GLY G 94 13.35 -0.54 -41.21
CA GLY G 94 12.03 0.03 -41.34
C GLY G 94 10.92 -0.61 -40.54
N TYR G 95 11.27 -1.58 -39.70
CA TYR G 95 10.28 -2.40 -39.03
C TYR G 95 10.61 -2.48 -37.55
N VAL G 96 9.57 -2.52 -36.71
CA VAL G 96 9.78 -2.52 -35.27
C VAL G 96 8.58 -3.15 -34.59
N GLY G 97 8.81 -3.78 -33.45
CA GLY G 97 7.74 -4.39 -32.68
C GLY G 97 8.01 -4.28 -31.20
N LEU G 98 6.93 -4.26 -30.42
CA LEU G 98 6.97 -4.05 -28.98
C LEU G 98 6.12 -5.11 -28.30
N GLY G 99 6.56 -5.60 -27.14
CA GLY G 99 5.84 -6.69 -26.50
C GLY G 99 6.04 -6.75 -24.99
N ILE G 100 5.09 -7.43 -24.34
CA ILE G 100 5.09 -7.62 -22.89
C ILE G 100 4.89 -9.10 -22.61
N GLY G 101 5.66 -9.64 -21.68
CA GLY G 101 5.53 -11.02 -21.28
C GLY G 101 5.53 -11.17 -19.78
N HIS G 102 4.84 -12.19 -19.30
CA HIS G 102 4.74 -12.48 -17.88
C HIS G 102 5.22 -13.90 -17.62
N GLY G 103 5.72 -14.13 -16.42
CA GLY G 103 6.19 -15.45 -16.06
C GLY G 103 6.52 -15.53 -14.59
N ARG G 104 6.65 -16.76 -14.10
CA ARG G 104 7.00 -16.99 -12.71
C ARG G 104 8.46 -16.70 -12.44
N GLU G 105 9.32 -16.81 -13.44
CA GLU G 105 10.73 -16.49 -13.31
C GLU G 105 11.16 -15.64 -14.51
N VAL G 106 12.33 -15.02 -14.37
CA VAL G 106 12.72 -13.96 -15.30
C VAL G 106 12.92 -14.51 -16.71
N GLY G 107 13.55 -15.67 -16.83
CA GLY G 107 13.86 -16.18 -18.16
C GLY G 107 12.63 -16.46 -18.99
N ILE G 108 11.61 -17.06 -18.37
CA ILE G 108 10.37 -17.35 -19.08
C ILE G 108 9.72 -16.06 -19.54
N ALA G 109 9.69 -15.06 -18.67
CA ALA G 109 9.09 -13.78 -19.03
C ALA G 109 9.84 -13.13 -20.18
N ILE G 110 11.17 -13.20 -20.17
CA ILE G 110 11.94 -12.60 -21.25
C ILE G 110 11.65 -13.31 -22.57
N ARG G 111 11.60 -14.64 -22.54
CA ARG G 111 11.33 -15.37 -23.76
C ARG G 111 9.96 -15.02 -24.32
N LYS G 112 8.95 -14.97 -23.45
CA LYS G 112 7.61 -14.64 -23.92
C LYS G 112 7.52 -13.21 -24.44
N ALA G 113 8.20 -12.28 -23.77
CA ALA G 113 8.18 -10.89 -24.22
C ALA G 113 8.83 -10.75 -25.58
N ILE G 114 9.96 -11.41 -25.80
CA ILE G 114 10.58 -11.36 -27.12
C ILE G 114 9.64 -11.97 -28.15
N ASN G 115 8.97 -13.06 -27.79
CA ASN G 115 8.07 -13.71 -28.74
C ASN G 115 6.92 -12.81 -29.13
N TYR G 116 6.33 -12.10 -28.17
CA TYR G 116 5.19 -11.25 -28.49
C TYR G 116 5.59 -10.01 -29.27
N ALA G 117 6.83 -9.57 -29.13
CA ALA G 117 7.27 -8.40 -29.88
C ALA G 117 7.25 -8.69 -31.38
N LYS G 118 7.62 -9.90 -31.77
CA LYS G 118 7.63 -10.24 -33.19
C LYS G 118 6.23 -10.21 -33.78
N LEU G 119 5.24 -10.68 -33.01
CA LEU G 119 3.88 -10.72 -33.55
C LEU G 119 3.27 -9.33 -33.69
N ASN G 120 3.79 -8.33 -32.98
CA ASN G 120 3.29 -6.97 -33.08
C ASN G 120 4.11 -6.10 -34.00
N ILE G 121 4.74 -6.68 -35.02
CA ILE G 121 5.62 -5.93 -35.88
C ILE G 121 4.83 -4.96 -36.75
N ILE G 122 5.41 -3.78 -37.00
CA ILE G 122 4.83 -2.78 -37.88
C ILE G 122 5.94 -2.17 -38.72
N GLU G 123 5.53 -1.54 -39.82
CA GLU G 123 6.43 -0.78 -40.68
C GLU G 123 6.04 0.69 -40.69
N ILE G 124 7.03 1.56 -40.88
CA ILE G 124 6.87 3.00 -40.71
C ILE G 124 7.35 3.72 -41.96
N LYS G 125 7.25 5.04 -41.93
CA LYS G 125 7.72 5.90 -43.00
C LYS G 125 8.81 6.82 -42.46
N ARG G 126 9.83 7.06 -43.26
CA ARG G 126 10.96 7.89 -42.86
C ARG G 126 11.27 8.91 -43.95
N GLY G 127 11.92 9.99 -43.54
CA GLY G 127 12.24 11.04 -44.48
C GLY G 127 13.01 12.15 -43.80
N CYS G 128 12.95 13.34 -44.37
CA CYS G 128 13.60 14.52 -43.81
C CYS G 128 12.73 15.73 -44.07
N GLY G 129 12.14 16.27 -43.02
CA GLY G 129 11.23 17.39 -43.18
C GLY G 129 11.54 18.59 -42.33
N SER G 130 12.78 18.72 -41.88
CA SER G 130 13.16 19.84 -41.03
C SER G 130 13.34 21.12 -41.85
N TRP G 131 13.01 22.24 -41.23
CA TRP G 131 13.17 23.53 -41.90
C TRP G 131 14.62 23.83 -42.21
N GLU G 132 15.53 23.47 -41.31
CA GLU G 132 16.94 23.81 -41.45
C GLU G 132 17.80 22.63 -41.87
N CYS G 133 17.21 21.65 -42.54
CA CYS G 133 17.96 20.57 -43.18
C CYS G 133 17.02 19.94 -44.19
N ARG G 134 17.32 20.11 -45.47
CA ARG G 134 16.46 19.61 -46.54
C ARG G 134 17.32 18.76 -47.45
N CYS G 135 17.48 17.49 -47.08
CA CYS G 135 18.46 16.62 -47.70
C CYS G 135 17.87 15.41 -48.41
N ARG G 136 16.58 15.16 -48.28
CA ARG G 136 15.90 14.05 -48.94
C ARG G 136 16.46 12.69 -48.54
N ARG G 137 16.94 12.55 -47.33
CA ARG G 137 17.45 11.26 -46.93
C ARG G 137 16.71 10.73 -45.71
N PRO G 138 16.43 9.43 -45.67
CA PRO G 138 15.57 8.89 -44.61
C PRO G 138 16.31 8.75 -43.27
N HIS G 139 16.55 9.88 -42.62
CA HIS G 139 17.24 9.87 -41.34
C HIS G 139 16.38 10.36 -40.19
N SER G 140 15.13 10.75 -40.45
CA SER G 140 14.25 11.26 -39.40
C SER G 140 12.81 10.96 -39.80
N VAL G 141 11.87 11.47 -39.02
CA VAL G 141 10.46 11.38 -39.37
C VAL G 141 10.18 12.39 -40.46
N PRO G 142 9.32 12.10 -41.42
CA PRO G 142 9.09 13.06 -42.51
C PRO G 142 8.29 14.28 -42.10
N PHE G 143 7.51 14.20 -41.03
CA PHE G 143 6.72 15.34 -40.56
C PHE G 143 6.35 15.10 -39.10
N THR G 144 5.84 16.15 -38.47
CA THR G 144 5.47 16.07 -37.07
C THR G 144 4.35 15.06 -36.86
N VAL G 145 4.51 14.22 -35.83
CA VAL G 145 3.50 13.21 -35.50
C VAL G 145 3.27 13.19 -34.00
N GLU G 146 2.15 12.60 -33.60
CA GLU G 146 1.76 12.54 -32.20
C GLU G 146 1.25 11.16 -31.83
N GLY G 147 1.40 10.82 -30.56
CA GLY G 147 0.87 9.57 -30.04
C GLY G 147 0.58 9.74 -28.57
N LYS G 148 -0.20 8.81 -28.03
CA LYS G 148 -0.54 8.90 -26.62
C LYS G 148 -0.91 7.53 -26.07
N GLU G 149 -0.76 7.40 -24.75
CA GLU G 149 -1.15 6.19 -24.05
C GLU G 149 -1.19 6.49 -22.55
N GLY G 150 -2.24 6.05 -21.88
CA GLY G 150 -2.39 6.40 -20.49
C GLY G 150 -2.44 7.91 -20.35
N SER G 151 -1.63 8.44 -19.45
CA SER G 151 -1.55 9.88 -19.28
C SER G 151 -0.44 10.52 -20.11
N VAL G 152 0.25 9.75 -20.93
CA VAL G 152 1.45 10.23 -21.61
C VAL G 152 1.08 10.67 -23.02
N ARG G 153 1.53 11.88 -23.39
CA ARG G 153 1.42 12.41 -24.74
C ARG G 153 2.81 12.66 -25.29
N VAL G 154 3.04 12.25 -26.54
CA VAL G 154 4.36 12.35 -27.17
C VAL G 154 4.18 13.02 -28.52
N LYS G 155 5.02 14.00 -28.82
CA LYS G 155 5.06 14.65 -30.12
C LYS G 155 6.48 14.61 -30.66
N LEU G 156 6.61 14.12 -31.90
CA LEU G 156 7.89 13.97 -32.57
C LEU G 156 8.00 14.96 -33.72
N ILE G 157 9.14 15.65 -33.78
CA ILE G 157 9.40 16.77 -34.69
C ILE G 157 10.65 16.48 -35.49
N PRO G 158 10.65 16.71 -36.81
CA PRO G 158 11.84 16.44 -37.60
C PRO G 158 13.03 17.29 -37.17
N GLY G 159 14.23 16.72 -37.30
CA GLY G 159 15.44 17.40 -36.90
C GLY G 159 16.53 17.35 -37.96
N PRO G 160 17.53 18.21 -37.82
CA PRO G 160 18.63 18.24 -38.79
C PRO G 160 19.51 17.03 -38.66
N ARG G 161 20.22 16.72 -39.76
CA ARG G 161 21.09 15.56 -39.77
C ARG G 161 22.26 15.76 -38.84
N GLY G 162 22.60 14.72 -38.09
CA GLY G 162 23.68 14.78 -37.12
C GLY G 162 23.32 15.36 -35.77
N LEU G 163 22.04 15.66 -35.54
CA LEU G 163 21.65 16.27 -34.27
C LEU G 163 21.67 15.26 -33.14
N GLY G 164 21.20 14.04 -33.39
CA GLY G 164 21.01 13.06 -32.33
C GLY G 164 19.54 12.91 -31.97
N LEU G 165 19.30 12.04 -31.00
CA LEU G 165 17.94 11.75 -30.54
C LEU G 165 17.68 12.55 -29.27
N VAL G 166 16.94 13.64 -29.39
CA VAL G 166 16.65 14.50 -28.24
C VAL G 166 15.35 13.98 -27.63
N ILE G 167 15.48 12.94 -26.81
CA ILE G 167 14.34 12.30 -26.18
C ILE G 167 14.85 11.41 -25.06
N GLY G 168 13.97 11.04 -24.14
CA GLY G 168 14.34 10.12 -23.07
C GLY G 168 14.87 8.80 -23.60
N ASP G 169 15.46 8.03 -22.68
CA ASP G 169 16.21 6.84 -23.07
C ASP G 169 15.32 5.78 -23.71
N VAL G 170 14.11 5.60 -23.19
CA VAL G 170 13.20 4.61 -23.77
C VAL G 170 12.91 4.97 -25.22
N GLY G 171 12.61 6.25 -25.47
CA GLY G 171 12.43 6.70 -26.84
C GLY G 171 13.69 6.51 -27.67
N LYS G 172 14.85 6.74 -27.06
CA LYS G 172 16.10 6.55 -27.79
C LYS G 172 16.22 5.13 -28.30
N LYS G 173 16.00 4.15 -27.42
CA LYS G 173 16.14 2.76 -27.83
C LYS G 173 15.11 2.38 -28.89
N ILE G 174 13.86 2.78 -28.68
CA ILE G 174 12.82 2.39 -29.62
C ILE G 174 13.08 3.01 -31.00
N LEU G 175 13.46 4.28 -31.03
CA LEU G 175 13.72 4.94 -32.31
C LEU G 175 14.96 4.38 -32.98
N ARG G 176 15.97 4.02 -32.20
CA ARG G 176 17.17 3.44 -32.78
C ARG G 176 16.87 2.10 -33.44
N LEU G 177 16.03 1.28 -32.82
CA LEU G 177 15.70 0.00 -33.43
C LEU G 177 14.90 0.16 -34.71
N ALA G 178 14.30 1.32 -34.95
CA ALA G 178 13.49 1.53 -36.14
C ALA G 178 14.25 2.16 -37.29
N GLY G 179 15.49 2.62 -37.06
CA GLY G 179 16.26 3.22 -38.13
C GLY G 179 16.13 4.72 -38.25
N ILE G 180 15.97 5.44 -37.14
CA ILE G 180 15.89 6.89 -37.13
C ILE G 180 17.06 7.41 -36.34
N GLN G 181 17.70 8.47 -36.83
CA GLN G 181 18.89 9.01 -36.19
C GLN G 181 18.68 10.34 -35.49
N ASP G 182 17.79 11.20 -35.97
CA ASP G 182 17.67 12.55 -35.44
C ASP G 182 16.21 12.93 -35.26
N VAL G 183 15.89 13.56 -34.12
CA VAL G 183 14.53 13.99 -33.85
C VAL G 183 14.49 14.95 -32.67
N TRP G 184 13.52 15.86 -32.67
CA TRP G 184 13.16 16.65 -31.49
C TRP G 184 11.85 16.14 -30.94
N SER G 185 11.57 16.43 -29.67
CA SER G 185 10.39 15.84 -29.06
C SER G 185 9.82 16.75 -27.99
N GLN G 186 8.54 16.54 -27.70
CA GLN G 186 7.87 17.19 -26.57
C GLN G 186 6.91 16.21 -25.92
N THR G 187 6.82 16.24 -24.59
CA THR G 187 6.00 15.30 -23.86
C THR G 187 5.17 15.99 -22.80
N LEU G 188 4.07 15.34 -22.45
CA LEU G 188 3.24 15.72 -21.31
C LEU G 188 2.86 14.47 -20.55
N GLY G 189 2.57 14.63 -19.27
CA GLY G 189 2.15 13.50 -18.46
C GLY G 189 3.31 12.87 -17.72
N GLU G 190 3.05 11.66 -17.23
CA GLU G 190 3.98 10.95 -16.35
C GLU G 190 4.86 10.04 -17.20
N THR G 191 6.06 10.51 -17.52
CA THR G 191 6.97 9.71 -18.32
C THR G 191 7.67 8.64 -17.51
N ARG G 192 7.63 8.72 -16.19
CA ARG G 192 8.30 7.71 -15.39
C ARG G 192 7.59 6.37 -15.41
N THR G 193 6.39 6.31 -15.97
CA THR G 193 5.70 5.05 -16.21
C THR G 193 6.20 4.51 -17.55
N THR G 194 7.12 3.55 -17.48
CA THR G 194 7.86 3.14 -18.68
C THR G 194 6.94 2.53 -19.73
N VAL G 195 5.96 1.73 -19.29
CA VAL G 195 5.09 1.04 -20.24
C VAL G 195 4.32 2.03 -21.09
N ASN G 196 3.73 3.04 -20.44
CA ASN G 196 2.96 4.03 -21.19
C ASN G 196 3.85 4.87 -22.08
N PHE G 197 5.04 5.21 -21.61
CA PHE G 197 5.97 5.98 -22.44
C PHE G 197 6.32 5.21 -23.71
N ALA G 198 6.66 3.93 -23.57
CA ALA G 198 7.01 3.13 -24.73
C ALA G 198 5.83 2.98 -25.67
N LYS G 199 4.64 2.74 -25.14
CA LYS G 199 3.47 2.59 -26.01
C LYS G 199 3.15 3.89 -26.73
N ALA G 200 3.32 5.02 -26.07
CA ALA G 200 3.07 6.31 -26.72
C ALA G 200 4.04 6.53 -27.87
N VAL G 201 5.32 6.22 -27.66
CA VAL G 201 6.28 6.37 -28.75
C VAL G 201 5.94 5.43 -29.90
N PHE G 202 5.55 4.21 -29.58
CA PHE G 202 5.17 3.24 -30.60
C PHE G 202 3.99 3.73 -31.42
N ASN G 203 2.96 4.26 -30.75
CA ASN G 203 1.80 4.77 -31.47
C ASN G 203 2.17 5.98 -32.32
N ALA G 204 3.04 6.84 -31.82
CA ALA G 204 3.48 7.99 -32.62
C ALA G 204 4.17 7.52 -33.89
N LEU G 205 5.01 6.50 -33.79
CA LEU G 205 5.64 5.96 -35.00
C LEU G 205 4.61 5.36 -35.94
N TYR G 206 3.62 4.65 -35.39
CA TYR G 206 2.62 4.01 -36.25
C TYR G 206 1.76 5.05 -36.97
N ASN G 207 1.54 6.20 -36.34
CA ASN G 207 0.65 7.19 -36.94
C ASN G 207 1.22 7.85 -38.19
N THR G 208 2.47 7.61 -38.54
CA THR G 208 3.00 8.18 -39.77
C THR G 208 2.28 7.64 -41.00
N ASN G 209 1.55 6.54 -40.87
CA ASN G 209 0.80 5.99 -41.98
C ASN G 209 -0.56 6.64 -42.14
N LYS G 210 -1.00 7.46 -41.19
CA LYS G 210 -2.33 8.04 -41.23
C LYS G 210 -2.38 9.42 -41.84
N VAL G 211 -1.23 9.97 -42.24
CA VAL G 211 -1.19 11.30 -42.83
C VAL G 211 -1.29 11.27 -44.35
N VAL G 212 -2.29 11.95 -44.89
CA VAL G 212 -2.50 12.01 -46.33
C VAL G 212 -1.34 12.74 -46.99
N VAL G 213 -0.88 12.24 -48.13
CA VAL G 213 0.23 12.87 -48.84
C VAL G 213 0.02 12.83 -50.36
N THR G 214 0.76 13.67 -51.06
CA THR G 214 0.69 13.76 -52.51
C THR G 214 2.00 13.31 -53.13
N PRO G 215 1.99 12.93 -54.41
CA PRO G 215 3.23 12.46 -55.04
C PRO G 215 4.36 13.47 -54.99
N GLU G 216 4.05 14.77 -55.01
CA GLU G 216 5.11 15.77 -54.89
C GLU G 216 5.81 15.68 -53.54
N MET G 217 5.04 15.46 -52.47
CA MET G 217 5.63 15.41 -51.14
C MET G 217 6.58 14.23 -50.99
N ILE G 218 6.29 13.14 -51.69
CA ILE G 218 7.19 11.99 -51.65
C ILE G 218 8.56 12.38 -52.18
N GLU G 219 8.59 13.12 -53.28
CA GLU G 219 9.87 13.57 -53.83
C GLU G 219 10.49 14.65 -52.95
N ARG G 220 9.69 15.58 -52.45
CA ARG G 220 10.24 16.71 -51.71
C ARG G 220 10.91 16.26 -50.41
N TYR G 221 10.28 15.36 -49.67
CA TYR G 221 10.81 14.93 -48.39
C TYR G 221 11.59 13.63 -48.46
N GLY G 222 11.67 13.01 -49.64
CA GLY G 222 12.38 11.73 -49.74
C GLY G 222 11.77 10.63 -48.91
N ILE G 223 10.45 10.49 -48.97
CA ILE G 223 9.76 9.53 -48.10
C ILE G 223 10.11 8.11 -48.54
N VAL G 224 10.42 7.26 -47.56
CA VAL G 224 10.75 5.86 -47.80
C VAL G 224 9.86 5.01 -46.91
N VAL G 225 9.26 3.97 -47.48
CA VAL G 225 8.41 3.04 -46.73
C VAL G 225 9.12 1.70 -46.67
N GLY G 226 9.36 1.20 -45.48
CA GLY G 226 10.02 -0.08 -45.35
C GLY G 226 11.52 0.06 -45.48
N ARG G 227 12.15 -0.87 -46.19
CA ARG G 227 13.60 -0.84 -46.36
C ARG G 227 14.01 0.31 -47.26
N ALA G 228 15.21 0.83 -47.01
CA ALA G 228 15.72 1.96 -47.81
C ALA G 228 15.98 1.54 -49.25
N MET G 229 16.49 0.32 -49.47
CA MET G 229 16.75 -0.21 -50.80
C MET G 229 17.72 0.69 -51.57
N PRO G 230 19.01 0.66 -51.25
CA PRO G 230 20.03 1.48 -51.91
C PRO G 230 20.19 1.12 -53.39
N ALA H 2 48.30 101.36 34.14
CA ALA H 2 48.29 101.06 32.71
C ALA H 2 49.59 101.48 32.05
N THR H 3 50.30 100.52 31.49
CA THR H 3 51.57 100.76 30.81
C THR H 3 51.35 100.69 29.31
N PHE H 4 51.82 101.71 28.61
CA PHE H 4 51.67 101.80 27.16
C PHE H 4 53.04 101.79 26.51
N LYS H 5 53.15 101.07 25.41
CA LYS H 5 54.35 101.07 24.58
C LYS H 5 54.09 101.96 23.38
N LEU H 6 54.84 103.06 23.28
CA LEU H 6 54.54 104.12 22.33
C LEU H 6 55.47 104.03 21.13
N VAL H 7 54.91 104.20 19.95
CA VAL H 7 55.66 104.21 18.70
C VAL H 7 55.47 105.57 18.07
N ILE H 8 56.50 106.41 18.13
CA ILE H 8 56.45 107.76 17.62
C ILE H 8 57.12 107.78 16.25
N SER H 9 56.37 108.17 15.22
CA SER H 9 56.89 108.18 13.86
C SER H 9 57.07 109.62 13.40
N ASP H 10 58.25 109.90 12.85
CA ASP H 10 58.52 111.23 12.30
C ASP H 10 58.21 111.20 10.81
N PRO H 11 57.14 111.84 10.36
CA PRO H 11 56.79 111.77 8.93
C PRO H 11 57.76 112.50 8.03
N LYS H 12 58.54 113.43 8.56
CA LYS H 12 59.44 114.22 7.74
C LYS H 12 60.73 113.49 7.41
N THR H 13 60.97 112.34 8.04
CA THR H 13 62.17 111.55 7.79
C THR H 13 61.90 110.07 7.60
N GLY H 14 60.76 109.56 8.03
CA GLY H 14 60.50 108.14 7.91
C GLY H 14 61.12 107.29 9.00
N ILE H 15 61.61 107.90 10.07
CA ILE H 15 62.26 107.18 11.16
C ILE H 15 61.34 107.20 12.36
N ALA H 16 61.26 106.06 13.05
CA ALA H 16 60.37 105.90 14.19
C ALA H 16 61.17 105.44 15.40
N LYS H 17 60.65 105.76 16.58
CA LYS H 17 61.28 105.42 17.84
C LYS H 17 60.25 104.86 18.80
N GLN H 18 60.70 103.96 19.67
CA GLN H 18 59.83 103.28 20.61
C GLN H 18 60.33 103.48 22.03
N ILE H 19 59.45 104.00 22.89
CA ILE H 19 59.74 104.17 24.31
C ILE H 19 58.55 103.65 25.11
N GLU H 20 58.81 103.37 26.38
CA GLU H 20 57.79 102.85 27.28
C GLU H 20 57.34 103.95 28.24
N ILE H 21 56.03 104.10 28.36
CA ILE H 21 55.44 105.16 29.18
C ILE H 21 54.42 104.54 30.11
N THR H 22 54.52 104.86 31.40
CA THR H 22 53.56 104.39 32.39
C THR H 22 53.48 105.40 33.52
N GLY H 23 52.39 105.30 34.29
CA GLY H 23 52.18 106.18 35.40
C GLY H 23 51.09 107.20 35.13
N PRO H 24 51.14 108.33 35.84
CA PRO H 24 50.11 109.36 35.66
C PRO H 24 50.04 109.90 34.24
N GLU H 25 51.18 110.00 33.56
CA GLU H 25 51.17 110.49 32.19
C GLU H 25 50.37 109.57 31.28
N ALA H 26 50.54 108.26 31.45
CA ALA H 26 49.76 107.29 30.69
C ALA H 26 48.28 107.38 31.03
N GLU H 27 47.94 107.79 32.25
CA GLU H 27 46.54 107.96 32.60
C GLU H 27 45.89 109.09 31.81
N LYS H 28 46.68 110.10 31.44
CA LYS H 28 46.15 111.17 30.62
C LYS H 28 45.69 110.66 29.26
N LEU H 29 46.44 109.73 28.68
CA LEU H 29 46.18 109.26 27.33
C LEU H 29 44.94 108.38 27.24
N ILE H 30 44.42 107.89 28.37
CA ILE H 30 43.30 106.96 28.37
C ILE H 30 42.03 107.74 28.12
N GLY H 31 41.29 107.40 27.06
CA GLY H 31 40.02 108.01 26.79
C GLY H 31 39.96 108.65 25.41
N LYS H 32 41.12 108.82 24.79
CA LYS H 32 41.20 109.47 23.49
C LYS H 32 40.91 108.47 22.38
N ARG H 33 40.29 108.98 21.32
CA ARG H 33 39.96 108.18 20.15
C ARG H 33 41.10 108.28 19.13
N ILE H 34 40.85 107.80 17.92
CA ILE H 34 41.83 107.89 16.85
C ILE H 34 41.54 109.13 16.03
N GLY H 35 42.57 109.93 15.81
CA GLY H 35 42.45 111.14 15.01
C GLY H 35 42.36 112.43 15.78
N ASP H 36 42.96 112.52 16.96
CA ASP H 36 42.96 113.73 17.75
C ASP H 36 44.37 114.01 18.25
N GLN H 37 44.75 115.29 18.27
CA GLN H 37 46.10 115.66 18.64
C GLN H 37 46.22 115.88 20.14
N ILE H 38 47.47 115.96 20.59
CA ILE H 38 47.80 116.24 21.99
C ILE H 38 49.25 116.69 22.04
N PRO H 39 49.55 117.83 22.67
CA PRO H 39 50.94 118.28 22.73
C PRO H 39 51.82 117.30 23.49
N VAL H 40 53.01 117.07 22.96
CA VAL H 40 53.93 116.13 23.60
C VAL H 40 54.48 116.70 24.90
N LYS H 41 54.68 118.03 24.96
CA LYS H 41 55.24 118.63 26.16
C LYS H 41 54.33 118.41 27.36
N GLU H 42 53.01 118.52 27.15
CA GLU H 42 52.07 118.24 28.23
C GLU H 42 52.21 116.81 28.72
N LEU H 43 52.35 115.87 27.79
CA LEU H 43 52.60 114.48 28.18
C LEU H 43 53.91 114.35 28.92
N GLY H 44 54.96 115.02 28.44
CA GLY H 44 56.24 115.03 29.11
C GLY H 44 57.21 114.04 28.50
N ILE H 45 58.08 114.53 27.62
CA ILE H 45 58.99 113.68 26.86
C ILE H 45 60.16 114.51 26.37
N ASN H 46 61.38 113.98 26.50
CA ASN H 46 62.57 114.65 25.96
C ASN H 46 62.67 114.30 24.48
N LEU H 47 61.88 115.02 23.68
CA LEU H 47 61.74 114.68 22.27
C LEU H 47 63.06 114.86 21.52
N ASN H 48 63.74 115.97 21.78
CA ASN H 48 65.00 116.26 21.10
C ASN H 48 66.08 115.24 21.43
N GLU H 49 66.18 114.84 22.69
CA GLU H 49 67.18 113.87 23.08
C GLU H 49 66.98 112.52 22.41
N LEU H 50 65.72 112.08 22.34
CA LEU H 50 65.41 110.79 21.72
C LEU H 50 65.72 110.74 20.23
N PHE H 51 65.38 111.80 19.51
CA PHE H 51 65.63 111.86 18.07
C PHE H 51 66.95 112.50 17.67
N GLY H 52 67.65 113.10 18.63
CA GLY H 52 68.92 113.75 18.35
C GLY H 52 68.74 114.80 17.27
N LYS H 53 67.62 115.53 17.32
CA LYS H 53 67.34 116.55 16.32
C LYS H 53 66.60 117.69 16.96
N GLU H 54 66.91 118.91 16.54
CA GLU H 54 66.16 120.08 16.99
C GLU H 54 64.73 120.00 16.49
N PHE H 55 63.79 120.36 17.36
CA PHE H 55 62.38 120.31 17.01
C PHE H 55 61.74 121.67 17.28
N PRO H 56 60.73 122.02 16.50
CA PRO H 56 59.97 123.25 16.80
C PRO H 56 59.21 123.11 18.09
N GLU H 57 58.91 124.25 18.71
CA GLU H 57 58.15 124.25 19.94
C GLU H 57 56.71 123.81 19.67
N ASP H 58 55.97 123.62 20.76
CA ASP H 58 54.54 123.33 20.75
C ASP H 58 54.13 122.31 19.69
N VAL H 59 54.97 121.32 19.46
CA VAL H 59 54.63 120.24 18.53
C VAL H 59 53.65 119.30 19.22
N LYS H 60 52.78 118.66 18.45
CA LYS H 60 51.79 117.77 19.02
C LYS H 60 51.69 116.52 18.14
N MET H 61 51.20 115.45 18.74
CA MET H 61 51.10 114.16 18.07
C MET H 61 49.64 113.72 18.08
N GLU H 62 49.25 113.00 17.03
CA GLU H 62 47.89 112.51 16.90
C GLU H 62 47.91 110.99 16.89
N ILE H 63 46.83 110.41 17.41
CA ILE H 63 46.73 108.97 17.57
C ILE H 63 46.39 108.33 16.22
N ARG H 64 47.18 107.34 15.82
CA ARG H 64 46.95 106.65 14.57
C ARG H 64 46.44 105.23 14.74
N GLY H 65 46.98 104.45 15.67
CA GLY H 65 46.49 103.09 15.82
C GLY H 65 47.04 102.44 17.07
N GLY H 66 46.77 101.15 17.20
CA GLY H 66 47.29 100.43 18.35
C GLY H 66 46.85 98.97 18.33
N THR H 67 47.42 98.22 19.27
CA THR H 67 47.17 96.79 19.40
C THR H 67 46.96 96.46 20.87
N ASP H 68 46.08 95.50 21.13
CA ASP H 68 45.79 95.13 22.52
C ASP H 68 46.80 94.11 23.03
N LYS H 69 46.57 93.66 24.27
CA LYS H 69 47.51 92.76 24.92
C LYS H 69 47.50 91.36 24.33
N ASP H 70 46.41 90.99 23.65
CA ASP H 70 46.32 89.69 23.01
C ASP H 70 46.83 89.70 21.57
N GLY H 71 47.09 90.88 21.01
CA GLY H 71 47.53 90.98 19.63
C GLY H 71 46.46 91.42 18.65
N PHE H 72 45.29 91.79 19.12
CA PHE H 72 44.27 92.24 18.17
C PHE H 72 44.39 93.75 17.94
N PRO H 73 44.17 94.22 16.72
CA PRO H 73 44.34 95.63 16.42
C PRO H 73 43.05 96.44 16.61
N MET H 74 43.19 97.74 16.47
CA MET H 74 42.08 98.68 16.59
C MET H 74 41.62 99.12 15.21
N ARG H 75 40.32 99.31 15.06
CA ARG H 75 39.73 99.69 13.79
C ARG H 75 39.05 101.05 13.93
N PRO H 76 39.43 102.05 13.13
CA PRO H 76 38.92 103.42 13.36
C PRO H 76 37.42 103.56 13.21
N ASP H 77 36.76 102.64 12.54
CA ASP H 77 35.34 102.81 12.21
C ASP H 77 34.41 102.16 13.22
N ILE H 78 34.93 101.63 14.33
CA ILE H 78 34.10 101.01 15.36
C ILE H 78 34.14 101.89 16.61
N HIS H 79 32.98 102.35 17.03
CA HIS H 79 32.88 103.23 18.19
C HIS H 79 32.97 102.42 19.48
N GLY H 80 33.53 103.05 20.50
CA GLY H 80 33.62 102.45 21.81
C GLY H 80 34.89 101.66 22.00
N PRO H 81 35.14 101.23 23.24
CA PRO H 81 36.35 100.48 23.56
C PRO H 81 36.19 98.97 23.58
N ARG H 82 35.01 98.46 23.24
CA ARG H 82 34.76 97.02 23.33
C ARG H 82 35.51 96.27 22.23
N ARG H 83 35.63 94.96 22.42
CA ARG H 83 36.24 94.07 21.44
C ARG H 83 35.17 93.23 20.77
N VAL H 84 35.22 93.17 19.44
CA VAL H 84 34.17 92.52 18.66
C VAL H 84 34.80 91.56 17.67
N ARG H 85 33.94 90.78 17.01
CA ARG H 85 34.35 89.81 16.00
C ARG H 85 33.40 89.95 14.82
N ILE H 86 33.90 90.47 13.70
CA ILE H 86 33.05 90.83 12.58
C ILE H 86 33.64 90.30 11.28
N LEU H 87 32.79 90.30 10.25
CA LEU H 87 33.16 89.84 8.92
C LEU H 87 33.78 90.98 8.14
N LEU H 88 35.00 90.79 7.63
CA LEU H 88 35.74 91.83 6.96
C LEU H 88 36.16 91.38 5.57
N SER H 89 36.30 92.36 4.68
CA SER H 89 36.83 92.12 3.35
C SER H 89 38.12 92.88 3.07
N LYS H 90 38.39 93.98 3.75
CA LYS H 90 39.63 94.72 3.60
C LYS H 90 39.83 95.57 4.85
N GLY H 91 40.68 96.59 4.73
CA GLY H 91 40.89 97.52 5.81
C GLY H 91 41.89 97.02 6.81
N PRO H 92 42.16 97.80 7.84
CA PRO H 92 43.10 97.36 8.88
C PRO H 92 42.60 96.10 9.57
N GLY H 93 43.54 95.22 9.89
CA GLY H 93 43.22 93.99 10.57
C GLY H 93 42.90 92.80 9.70
N PHE H 94 43.14 92.89 8.39
CA PHE H 94 42.83 91.78 7.49
C PHE H 94 43.62 91.95 6.21
N ARG H 95 44.29 90.88 5.77
CA ARG H 95 45.01 90.88 4.51
C ARG H 95 44.37 89.85 3.58
N PRO H 96 43.75 90.28 2.48
CA PRO H 96 42.86 89.39 1.71
C PRO H 96 43.49 88.12 1.17
N LYS H 97 44.51 88.24 0.33
CA LYS H 97 45.22 87.16 -0.36
C LYS H 97 44.41 86.50 -1.47
N GLU H 98 43.15 86.87 -1.67
CA GLU H 98 42.37 86.28 -2.75
C GLU H 98 41.28 87.27 -3.15
N LYS H 99 40.99 87.31 -4.45
CA LYS H 99 40.01 88.27 -4.95
C LYS H 99 38.63 87.96 -4.40
N GLY H 100 38.03 88.93 -3.73
CA GLY H 100 36.69 88.77 -3.19
C GLY H 100 36.60 87.98 -1.92
N GLU H 101 37.72 87.71 -1.26
CA GLU H 101 37.70 86.91 -0.04
C GLU H 101 37.24 87.74 1.15
N ARG H 102 36.44 87.13 2.02
CA ARG H 102 35.98 87.74 3.26
C ARG H 102 36.17 86.76 4.40
N ARG H 103 36.52 87.26 5.58
CA ARG H 103 36.79 86.38 6.70
C ARG H 103 36.37 87.06 7.99
N LYS H 104 36.06 86.24 9.00
CA LYS H 104 35.63 86.75 10.30
C LYS H 104 36.83 86.93 11.20
N LYS H 105 37.04 88.16 11.68
CA LYS H 105 38.21 88.51 12.46
C LYS H 105 37.81 89.27 13.72
N THR H 106 38.67 89.20 14.73
CA THR H 106 38.46 89.86 15.99
C THR H 106 39.26 91.16 16.04
N VAL H 107 38.59 92.26 16.42
CA VAL H 107 39.20 93.58 16.42
C VAL H 107 38.75 94.36 17.65
N ARG H 108 39.42 95.49 17.88
CA ARG H 108 39.11 96.43 18.95
C ARG H 108 38.37 97.64 18.38
N GLY H 109 38.14 98.63 19.25
CA GLY H 109 37.43 99.83 18.90
C GLY H 109 38.32 101.05 18.79
N ASN H 110 37.71 102.22 18.95
CA ASN H 110 38.41 103.50 18.84
C ASN H 110 39.04 103.95 20.15
N THR H 111 38.25 103.97 21.22
CA THR H 111 38.70 104.54 22.48
C THR H 111 39.83 103.72 23.07
N ILE H 112 40.85 104.40 23.60
CA ILE H 112 41.94 103.72 24.26
C ILE H 112 41.50 103.21 25.63
N SER H 113 41.96 102.01 25.97
CA SER H 113 41.60 101.33 27.20
C SER H 113 42.86 100.76 27.82
N PRO H 114 42.81 100.39 29.11
CA PRO H 114 44.01 99.80 29.73
C PRO H 114 44.45 98.50 29.08
N GLU H 115 43.57 97.81 28.35
CA GLU H 115 43.96 96.59 27.66
C GLU H 115 44.95 96.84 26.54
N ILE H 116 44.97 98.05 25.98
CA ILE H 116 45.85 98.34 24.86
C ILE H 116 47.29 98.40 25.34
N VAL H 117 48.19 97.82 24.56
CA VAL H 117 49.63 97.81 24.88
C VAL H 117 50.40 98.71 23.93
N GLN H 118 50.24 98.52 22.63
CA GLN H 118 50.95 99.31 21.64
C GLN H 118 50.09 100.49 21.20
N VAL H 119 50.71 101.66 21.08
CA VAL H 119 50.04 102.84 20.55
C VAL H 119 50.94 103.49 19.51
N ASN H 120 50.48 103.55 18.27
CA ASN H 120 51.22 104.14 17.17
C ASN H 120 50.70 105.56 16.94
N VAL H 121 51.59 106.55 17.05
CA VAL H 121 51.28 107.95 16.82
C VAL H 121 52.38 108.55 15.94
N LYS H 122 52.04 109.64 15.27
CA LYS H 122 52.98 110.33 14.41
C LYS H 122 53.09 111.81 14.80
N LEU H 123 54.27 112.36 14.59
CA LEU H 123 54.52 113.75 14.91
C LEU H 123 53.85 114.67 13.90
N VAL H 124 53.21 115.73 14.39
CA VAL H 124 52.58 116.73 13.55
C VAL H 124 53.21 118.07 13.89
N TYR H 125 54.08 118.56 13.01
CA TYR H 125 54.71 119.85 13.22
C TYR H 125 53.66 120.95 13.16
N ALA I 2 -31.18 -71.76 50.31
CA ALA I 2 -32.20 -70.72 50.23
C ALA I 2 -33.19 -71.04 49.11
N LYS I 3 -32.81 -70.72 47.89
CA LYS I 3 -33.68 -70.96 46.74
C LYS I 3 -33.86 -72.45 46.53
N PRO I 4 -35.07 -72.92 46.26
CA PRO I 4 -35.27 -74.36 46.05
C PRO I 4 -34.60 -74.85 44.78
N LEU I 5 -34.16 -76.10 44.80
CA LEU I 5 -33.49 -76.68 43.64
C LEU I 5 -34.39 -76.70 42.41
N SER I 6 -35.70 -76.82 42.61
CA SER I 6 -36.61 -76.78 41.46
C SER I 6 -36.59 -75.42 40.78
N GLU I 7 -36.16 -74.39 41.50
CA GLU I 7 -36.03 -73.06 40.92
C GLU I 7 -34.65 -72.79 40.35
N ARG I 8 -33.60 -73.35 40.97
CA ARG I 8 -32.26 -73.15 40.46
C ARG I 8 -32.08 -73.81 39.10
N PHE I 9 -32.71 -74.96 38.89
CA PHE I 9 -32.67 -75.68 37.62
C PHE I 9 -34.09 -75.76 37.10
N PHE I 10 -34.51 -74.71 36.39
CA PHE I 10 -35.85 -74.60 35.86
C PHE I 10 -35.84 -74.90 34.37
N ILE I 11 -36.70 -75.82 33.93
CA ILE I 11 -36.73 -76.21 32.54
C ILE I 11 -38.08 -75.86 31.93
N PRO I 12 -38.14 -74.93 30.99
CA PRO I 12 -39.40 -74.60 30.32
C PRO I 12 -39.72 -75.58 29.22
N HIS I 13 -40.98 -75.57 28.80
CA HIS I 13 -41.43 -76.40 27.69
C HIS I 13 -42.37 -75.70 26.73
N GLU I 14 -42.70 -74.43 26.96
CA GLU I 14 -43.53 -73.65 26.05
C GLU I 14 -42.88 -72.30 25.85
N ILE I 15 -43.18 -71.68 24.71
CA ILE I 15 -42.67 -70.35 24.39
C ILE I 15 -43.50 -69.34 25.17
N LYS I 16 -42.94 -68.87 26.29
CA LYS I 16 -43.59 -67.83 27.08
C LYS I 16 -42.50 -67.05 27.80
N VAL I 17 -42.84 -65.83 28.21
CA VAL I 17 -41.84 -64.89 28.69
C VAL I 17 -41.14 -65.46 29.92
N MET I 18 -39.84 -65.65 29.80
CA MET I 18 -39.00 -66.23 30.85
C MET I 18 -39.51 -67.58 31.31
N GLY I 19 -40.33 -68.23 30.48
CA GLY I 19 -40.87 -69.53 30.82
C GLY I 19 -41.84 -69.54 31.97
N ARG I 20 -42.39 -68.39 32.35
CA ARG I 20 -43.25 -68.31 33.51
C ARG I 20 -44.54 -67.54 33.30
N TRP I 21 -44.61 -66.61 32.35
CA TRP I 21 -45.80 -65.78 32.19
C TRP I 21 -46.16 -65.66 30.72
N SER I 22 -47.44 -65.78 30.42
CA SER I 22 -47.93 -65.67 29.06
C SER I 22 -48.58 -64.31 28.83
N THR I 23 -48.33 -63.75 27.66
CA THR I 23 -48.85 -62.44 27.29
C THR I 23 -50.02 -62.55 26.31
N GLU I 24 -50.82 -63.61 26.44
CA GLU I 24 -51.91 -63.83 25.51
C GLU I 24 -53.10 -62.92 25.79
N ASP I 25 -53.37 -62.62 27.05
CA ASP I 25 -54.55 -61.85 27.44
C ASP I 25 -54.24 -60.41 27.80
N VAL I 26 -52.99 -59.97 27.65
CA VAL I 26 -52.65 -58.59 27.97
C VAL I 26 -53.13 -57.69 26.85
N GLU I 27 -53.88 -56.65 27.21
CA GLU I 27 -54.42 -55.72 26.22
C GLU I 27 -53.94 -54.30 26.52
N VAL I 28 -53.76 -53.52 25.46
CA VAL I 28 -53.31 -52.14 25.56
C VAL I 28 -54.49 -51.25 25.22
N ARG I 29 -54.89 -50.41 26.17
CA ARG I 29 -56.05 -49.56 25.99
C ARG I 29 -55.76 -48.36 25.09
N ASP I 30 -54.59 -47.78 25.20
CA ASP I 30 -54.27 -46.56 24.47
C ASP I 30 -54.05 -46.86 23.00
N PRO I 31 -54.78 -46.23 22.09
CA PRO I 31 -54.59 -46.52 20.66
C PRO I 31 -53.27 -46.02 20.11
N SER I 32 -52.71 -44.96 20.67
CA SER I 32 -51.45 -44.43 20.15
C SER I 32 -50.28 -45.35 20.45
N LEU I 33 -50.24 -45.93 21.64
CA LEU I 33 -49.14 -46.80 22.03
C LEU I 33 -49.33 -48.24 21.61
N LYS I 34 -50.49 -48.59 21.05
CA LYS I 34 -50.76 -49.97 20.70
C LYS I 34 -49.75 -50.55 19.72
N PRO I 35 -49.39 -49.91 18.61
CA PRO I 35 -48.43 -50.53 17.69
C PRO I 35 -46.99 -50.43 18.12
N TYR I 36 -46.69 -49.78 19.24
CA TYR I 36 -45.31 -49.62 19.67
C TYR I 36 -44.94 -50.43 20.91
N ILE I 37 -45.86 -51.17 21.48
CA ILE I 37 -45.58 -52.06 22.60
C ILE I 37 -45.61 -53.48 22.06
N ASN I 38 -44.43 -54.05 21.85
CA ASN I 38 -44.32 -55.37 21.24
C ASN I 38 -44.65 -56.44 22.26
N LEU I 39 -45.56 -57.35 21.91
CA LEU I 39 -45.98 -58.43 22.80
C LEU I 39 -45.97 -59.78 22.12
N GLU I 40 -45.14 -59.96 21.10
CA GLU I 40 -45.07 -61.24 20.42
C GLU I 40 -44.54 -62.30 21.38
N PRO I 41 -44.95 -63.56 21.21
CA PRO I 41 -44.40 -64.62 22.08
C PRO I 41 -42.91 -64.76 21.90
N ARG I 42 -42.21 -64.94 23.02
CA ARG I 42 -40.76 -65.03 23.02
C ARG I 42 -40.32 -65.54 24.38
N LEU I 43 -39.33 -66.44 24.37
CA LEU I 43 -38.87 -67.04 25.62
C LEU I 43 -37.82 -66.19 26.32
N LEU I 44 -36.71 -65.91 25.65
CA LEU I 44 -35.60 -65.19 26.26
C LEU I 44 -35.57 -63.77 25.73
N PRO I 45 -35.74 -62.76 26.58
CA PRO I 45 -35.67 -61.37 26.12
C PRO I 45 -34.24 -60.83 26.10
N HIS I 46 -33.48 -61.21 25.09
CA HIS I 46 -32.11 -60.75 24.94
C HIS I 46 -31.79 -60.79 23.45
N THR I 47 -31.87 -59.64 22.78
CA THR I 47 -31.66 -59.57 21.35
C THR I 47 -30.26 -59.11 20.97
N HIS I 48 -29.38 -58.91 21.93
CA HIS I 48 -27.97 -58.61 21.68
C HIS I 48 -27.80 -57.30 20.91
N GLY I 49 -28.74 -56.38 21.09
CA GLY I 49 -28.59 -55.03 20.55
C GLY I 49 -28.43 -54.95 19.05
N ARG I 50 -29.18 -55.76 18.31
CA ARG I 50 -29.14 -55.74 16.86
C ARG I 50 -30.13 -54.75 16.27
N HIS I 51 -30.91 -54.07 17.10
CA HIS I 51 -31.98 -53.21 16.62
C HIS I 51 -31.58 -51.75 16.52
N ALA I 52 -30.54 -51.32 17.22
CA ALA I 52 -30.21 -49.90 17.25
C ALA I 52 -29.69 -49.39 15.92
N LYS I 53 -29.31 -50.28 15.01
CA LYS I 53 -28.72 -49.84 13.75
C LYS I 53 -29.73 -49.13 12.86
N LYS I 54 -30.92 -49.70 12.73
CA LYS I 54 -31.89 -49.21 11.75
C LYS I 54 -32.89 -48.26 12.39
N HIS I 55 -33.32 -47.28 11.59
CA HIS I 55 -34.29 -46.29 12.05
C HIS I 55 -35.61 -46.97 12.38
N PHE I 56 -36.19 -46.57 13.51
CA PHE I 56 -37.44 -47.14 14.03
C PHE I 56 -37.30 -48.64 14.34
N GLY I 57 -36.08 -49.13 14.48
CA GLY I 57 -35.90 -50.55 14.71
C GLY I 57 -36.37 -50.99 16.08
N LYS I 58 -36.36 -50.09 17.06
CA LYS I 58 -36.74 -50.46 18.42
C LYS I 58 -38.22 -50.76 18.56
N ALA I 59 -39.02 -50.51 17.52
CA ALA I 59 -40.45 -50.81 17.60
C ALA I 59 -40.69 -52.30 17.80
N ASN I 60 -39.95 -53.14 17.08
CA ASN I 60 -40.12 -54.58 17.20
C ASN I 60 -39.12 -55.21 18.15
N VAL I 61 -39.11 -54.74 19.40
CA VAL I 61 -38.33 -55.32 20.48
C VAL I 61 -39.25 -55.54 21.65
N HIS I 62 -39.18 -56.73 22.25
CA HIS I 62 -40.11 -57.07 23.32
C HIS I 62 -39.98 -56.10 24.47
N ILE I 63 -41.13 -55.74 25.06
CA ILE I 63 -41.17 -54.68 26.05
C ILE I 63 -40.34 -55.03 27.27
N VAL I 64 -40.31 -56.30 27.65
CA VAL I 64 -39.55 -56.71 28.82
C VAL I 64 -38.06 -56.45 28.61
N GLU I 65 -37.56 -56.74 27.41
CA GLU I 65 -36.16 -56.44 27.14
C GLU I 65 -35.90 -54.94 27.17
N ARG I 66 -36.87 -54.14 26.72
CA ARG I 66 -36.74 -52.70 26.81
C ARG I 66 -36.59 -52.27 28.26
N LEU I 67 -37.40 -52.81 29.15
CA LEU I 67 -37.28 -52.49 30.57
C LEU I 67 -35.93 -52.92 31.12
N ILE I 68 -35.48 -54.12 30.74
CA ILE I 68 -34.19 -54.62 31.23
C ILE I 68 -33.07 -53.70 30.80
N ASN I 69 -33.08 -53.28 29.54
CA ASN I 69 -32.05 -52.34 29.08
C ASN I 69 -32.17 -51.00 29.81
N LYS I 70 -33.39 -50.57 30.10
CA LYS I 70 -33.55 -49.29 30.79
C LYS I 70 -32.93 -49.31 32.18
N ILE I 71 -33.11 -50.40 32.92
CA ILE I 71 -32.56 -50.41 34.29
C ILE I 71 -31.09 -50.79 34.34
N MET I 72 -30.47 -51.09 33.21
CA MET I 72 -29.07 -51.50 33.17
C MET I 72 -28.19 -50.26 33.07
N ARG I 73 -28.15 -49.49 34.15
CA ARG I 73 -27.52 -48.18 34.13
C ARG I 73 -27.01 -47.83 35.52
N SER I 74 -26.53 -46.59 35.65
CA SER I 74 -26.06 -46.04 36.92
C SER I 74 -27.11 -45.13 37.55
N GLY I 75 -27.70 -44.24 36.77
CA GLY I 75 -28.90 -43.53 37.19
C GLY I 75 -28.84 -42.02 37.29
N GLY I 76 -27.77 -41.47 37.84
CA GLY I 76 -27.75 -40.05 38.11
C GLY I 76 -26.51 -39.31 37.65
N SER I 77 -26.00 -39.66 36.47
CA SER I 77 -24.65 -39.26 36.09
C SER I 77 -24.50 -37.75 36.04
N HIS I 78 -25.20 -37.07 35.11
CA HIS I 78 -24.97 -35.65 34.90
C HIS I 78 -26.23 -34.81 35.11
N TYR I 79 -27.23 -35.32 35.80
CA TYR I 79 -28.32 -34.50 36.30
C TYR I 79 -28.87 -35.12 37.57
N LYS I 80 -29.44 -34.28 38.42
CA LYS I 80 -29.86 -34.70 39.74
C LYS I 80 -31.24 -35.31 39.71
N VAL I 81 -31.42 -36.39 40.46
CA VAL I 81 -32.70 -37.06 40.63
C VAL I 81 -33.10 -36.94 42.08
N ALA I 82 -34.24 -36.31 42.34
CA ALA I 82 -34.70 -36.06 43.71
C ALA I 82 -33.64 -35.32 44.52
N GLY I 83 -32.94 -34.40 43.85
CA GLY I 83 -32.00 -33.53 44.53
C GLY I 83 -30.62 -34.08 44.77
N HIS I 84 -30.24 -35.17 44.11
CA HIS I 84 -28.92 -35.74 44.33
C HIS I 84 -28.36 -36.31 43.04
N PHE I 85 -27.05 -36.18 42.87
CA PHE I 85 -26.32 -37.01 41.92
C PHE I 85 -26.20 -38.41 42.48
N MET I 86 -26.38 -39.42 41.63
CA MET I 86 -26.22 -40.81 42.01
C MET I 86 -25.17 -41.43 41.09
N ARG I 87 -23.90 -41.27 41.43
CA ARG I 87 -22.86 -41.85 40.60
C ARG I 87 -22.38 -43.18 41.17
N ARG I 88 -22.96 -44.26 40.64
CA ARG I 88 -22.63 -45.62 41.05
C ARG I 88 -21.21 -46.07 40.69
N GLU I 89 -20.73 -45.58 39.54
CA GLU I 89 -19.39 -45.87 39.03
C GLU I 89 -19.05 -47.36 38.85
N HIS I 90 -18.04 -47.82 39.56
CA HIS I 90 -17.59 -49.20 39.46
C HIS I 90 -18.45 -50.28 40.10
N ARG I 91 -19.54 -49.87 40.74
CA ARG I 91 -20.43 -50.82 41.40
C ARG I 91 -21.81 -50.61 40.78
N SER I 92 -21.86 -50.20 39.52
CA SER I 92 -23.15 -49.99 38.89
C SER I 92 -23.47 -51.26 38.10
N LEU I 93 -24.60 -51.23 37.42
CA LEU I 93 -25.06 -52.37 36.67
C LEU I 93 -24.76 -52.22 35.20
N ASN I 94 -23.81 -51.35 34.88
CA ASN I 94 -23.47 -51.16 33.48
C ASN I 94 -22.97 -52.47 32.90
N SER I 95 -23.45 -52.78 31.70
CA SER I 95 -23.10 -54.00 30.99
C SER I 95 -23.35 -55.32 31.72
N LYS I 96 -23.92 -55.30 32.92
CA LYS I 96 -24.18 -56.57 33.58
C LYS I 96 -25.64 -56.94 33.35
N LYS I 97 -25.90 -57.62 32.24
CA LYS I 97 -27.27 -57.93 31.87
C LYS I 97 -27.84 -59.08 32.69
N VAL I 98 -26.99 -59.89 33.31
CA VAL I 98 -27.47 -61.00 34.13
C VAL I 98 -28.15 -60.48 35.39
N LYS I 99 -27.48 -59.54 36.07
CA LYS I 99 -28.03 -59.00 37.31
C LYS I 99 -29.34 -58.27 37.05
N ALA I 100 -29.41 -57.51 35.96
CA ALA I 100 -30.66 -56.84 35.62
C ALA I 100 -31.77 -57.84 35.34
N TYR I 101 -31.43 -58.93 34.66
CA TYR I 101 -32.39 -60.00 34.42
C TYR I 101 -32.96 -60.54 35.73
N GLU I 102 -32.07 -60.80 36.69
CA GLU I 102 -32.53 -61.32 37.98
C GLU I 102 -33.39 -60.29 38.70
N VAL I 103 -33.01 -59.02 38.66
CA VAL I 103 -33.78 -57.98 39.33
C VAL I 103 -35.19 -57.91 38.77
N VAL I 104 -35.31 -57.93 37.44
CA VAL I 104 -36.62 -57.85 36.83
C VAL I 104 -37.45 -59.08 37.16
N LYS I 105 -36.84 -60.26 37.16
CA LYS I 105 -37.58 -61.47 37.46
C LYS I 105 -38.13 -61.43 38.89
N GLU I 106 -37.31 -61.03 39.84
CA GLU I 106 -37.77 -60.99 41.22
C GLU I 106 -38.84 -59.91 41.39
N ALA I 107 -38.70 -58.79 40.70
CA ALA I 107 -39.72 -57.75 40.76
C ALA I 107 -41.05 -58.27 40.26
N PHE I 108 -41.04 -59.02 39.15
CA PHE I 108 -42.27 -59.60 38.64
C PHE I 108 -42.88 -60.57 39.64
N LYS I 109 -42.05 -61.39 40.28
CA LYS I 109 -42.58 -62.31 41.29
C LYS I 109 -43.26 -61.55 42.41
N ILE I 110 -42.63 -60.48 42.90
CA ILE I 110 -43.22 -59.71 43.98
C ILE I 110 -44.53 -59.08 43.53
N ILE I 111 -44.56 -58.53 42.32
CA ILE I 111 -45.77 -57.89 41.82
C ILE I 111 -46.92 -58.89 41.76
N GLU I 112 -46.65 -60.08 41.22
CA GLU I 112 -47.71 -61.08 41.13
C GLU I 112 -48.18 -61.50 42.51
N LYS I 113 -47.25 -61.64 43.45
CA LYS I 113 -47.65 -62.06 44.80
C LYS I 113 -48.54 -61.01 45.46
N ARG I 114 -48.18 -59.74 45.34
CA ARG I 114 -48.91 -58.70 46.09
C ARG I 114 -50.27 -58.37 45.50
N THR I 115 -50.41 -58.41 44.18
CA THR I 115 -51.66 -57.98 43.56
C THR I 115 -52.49 -59.11 42.98
N GLY I 116 -51.89 -60.28 42.73
CA GLY I 116 -52.64 -61.39 42.21
C GLY I 116 -52.99 -61.30 40.73
N LYS I 117 -52.35 -60.40 39.99
CA LYS I 117 -52.61 -60.25 38.56
C LYS I 117 -51.36 -60.60 37.77
N ASN I 118 -51.50 -60.62 36.45
CA ASN I 118 -50.38 -60.90 35.59
C ASN I 118 -49.44 -59.69 35.57
N PRO I 119 -48.16 -59.88 35.88
CA PRO I 119 -47.26 -58.72 36.01
C PRO I 119 -47.15 -57.89 34.74
N ILE I 120 -47.23 -58.51 33.57
CA ILE I 120 -47.10 -57.75 32.33
C ILE I 120 -48.26 -56.76 32.19
N GLN I 121 -49.45 -57.18 32.60
CA GLN I 121 -50.60 -56.28 32.54
C GLN I 121 -50.38 -55.06 33.44
N VAL I 122 -49.86 -55.29 34.64
CA VAL I 122 -49.60 -54.18 35.56
C VAL I 122 -48.55 -53.24 34.97
N LEU I 123 -47.52 -53.81 34.35
CA LEU I 123 -46.50 -52.97 33.72
C LEU I 123 -47.10 -52.14 32.60
N VAL I 124 -47.98 -52.73 31.80
CA VAL I 124 -48.62 -51.98 30.72
C VAL I 124 -49.45 -50.84 31.28
N TRP I 125 -50.22 -51.10 32.34
CA TRP I 125 -51.00 -50.04 32.96
C TRP I 125 -50.10 -48.92 33.47
N ALA I 126 -48.97 -49.29 34.08
CA ALA I 126 -48.06 -48.27 34.61
C ALA I 126 -47.53 -47.39 33.50
N ILE I 127 -47.05 -47.99 32.41
CA ILE I 127 -46.48 -47.16 31.36
C ILE I 127 -47.58 -46.33 30.68
N GLU I 128 -48.81 -46.85 30.64
CA GLU I 128 -49.90 -46.04 30.11
C GLU I 128 -50.16 -44.82 30.98
N ASN I 129 -50.11 -44.99 32.30
CA ASN I 129 -50.36 -43.87 33.20
C ASN I 129 -49.20 -42.89 33.25
N ALA I 130 -47.98 -43.31 32.95
CA ALA I 130 -46.82 -42.45 33.11
C ALA I 130 -46.41 -41.72 31.84
N ALA I 131 -47.10 -41.91 30.72
CA ALA I 131 -46.67 -41.33 29.46
C ALA I 131 -47.31 -39.97 29.25
N PRO I 132 -46.54 -38.90 29.11
CA PRO I 132 -47.14 -37.59 28.88
C PRO I 132 -47.72 -37.46 27.48
N ARG I 133 -48.54 -36.43 27.31
CA ARG I 133 -49.21 -36.20 26.04
C ARG I 133 -48.88 -34.87 25.39
N GLU I 134 -48.21 -33.97 26.09
CA GLU I 134 -47.88 -32.66 25.55
C GLU I 134 -46.61 -32.17 26.23
N ASP I 135 -45.73 -31.54 25.46
CA ASP I 135 -44.44 -31.10 26.00
C ASP I 135 -44.20 -29.68 25.53
N THR I 136 -42.98 -29.19 25.73
CA THR I 136 -42.64 -27.83 25.34
C THR I 136 -41.22 -27.77 24.82
N THR I 137 -40.96 -26.75 24.02
CA THR I 137 -39.65 -26.46 23.48
C THR I 137 -39.27 -25.03 23.83
N SER I 138 -37.97 -24.76 23.84
CA SER I 138 -37.46 -23.50 24.36
C SER I 138 -37.12 -22.53 23.23
N VAL I 139 -37.37 -21.24 23.49
CA VAL I 139 -37.02 -20.15 22.58
C VAL I 139 -36.27 -19.11 23.41
N MET I 140 -35.40 -18.36 22.73
CA MET I 140 -34.58 -17.35 23.39
C MET I 140 -34.90 -15.99 22.81
N PHE I 141 -35.24 -15.03 23.68
CA PHE I 141 -35.55 -13.68 23.26
C PHE I 141 -35.06 -12.70 24.30
N GLY I 142 -34.29 -11.71 23.88
CA GLY I 142 -33.80 -10.69 24.79
C GLY I 142 -32.98 -11.24 25.92
N GLY I 143 -32.30 -12.37 25.72
CA GLY I 143 -31.55 -12.98 26.78
C GLY I 143 -32.38 -13.67 27.83
N ILE I 144 -33.63 -14.01 27.51
CA ILE I 144 -34.52 -14.71 28.42
C ILE I 144 -35.10 -15.92 27.69
N ARG I 145 -35.28 -17.01 28.43
CA ARG I 145 -35.71 -18.29 27.88
C ARG I 145 -37.19 -18.51 28.13
N TYR I 146 -37.94 -18.82 27.08
CA TYR I 146 -39.38 -19.02 27.17
C TYR I 146 -39.74 -20.39 26.60
N HIS I 147 -40.97 -20.81 26.89
CA HIS I 147 -41.46 -22.12 26.48
C HIS I 147 -42.59 -21.98 25.48
N VAL I 148 -42.68 -22.96 24.57
CA VAL I 148 -43.76 -23.05 23.60
C VAL I 148 -44.27 -24.48 23.59
N ALA I 149 -45.58 -24.66 23.66
CA ALA I 149 -46.16 -25.99 23.79
C ALA I 149 -46.25 -26.70 22.44
N VAL I 150 -45.90 -27.98 22.43
CA VAL I 150 -45.95 -28.84 21.25
C VAL I 150 -46.45 -30.21 21.67
N ASP I 151 -46.69 -31.06 20.68
CA ASP I 151 -47.18 -32.41 20.90
C ASP I 151 -46.03 -33.42 20.85
N ILE I 152 -46.30 -34.63 21.33
CA ILE I 152 -45.29 -35.68 21.48
C ILE I 152 -45.68 -36.86 20.61
N SER I 153 -44.70 -37.44 19.92
CA SER I 153 -44.92 -38.64 19.14
C SER I 153 -44.96 -39.85 20.06
N PRO I 154 -45.65 -40.92 19.65
CA PRO I 154 -45.84 -42.07 20.57
C PRO I 154 -44.55 -42.73 21.03
N MET I 155 -43.57 -42.89 20.15
CA MET I 155 -42.35 -43.59 20.55
C MET I 155 -41.60 -42.83 21.63
N ARG I 156 -41.54 -41.51 21.50
CA ARG I 156 -40.90 -40.72 22.55
C ARG I 156 -41.68 -40.82 23.85
N ARG I 157 -43.01 -40.88 23.77
CA ARG I 157 -43.81 -41.08 24.97
C ARG I 157 -43.39 -42.36 25.69
N LEU I 158 -43.27 -43.45 24.93
CA LEU I 158 -42.88 -44.73 25.52
C LEU I 158 -41.49 -44.64 26.14
N ASP I 159 -40.55 -44.01 25.44
CA ASP I 159 -39.19 -43.89 25.96
C ASP I 159 -39.16 -43.12 27.27
N VAL I 160 -39.87 -41.98 27.32
CA VAL I 160 -39.89 -41.17 28.52
C VAL I 160 -40.53 -41.93 29.67
N ALA I 161 -41.62 -42.65 29.40
CA ALA I 161 -42.27 -43.41 30.46
C ALA I 161 -41.32 -44.43 31.05
N LEU I 162 -40.64 -45.20 30.20
CA LEU I 162 -39.72 -46.22 30.71
C LEU I 162 -38.58 -45.59 31.50
N ARG I 163 -38.00 -44.51 30.97
CA ARG I 163 -36.88 -43.90 31.67
C ARG I 163 -37.30 -43.36 33.04
N ASN I 164 -38.48 -42.75 33.12
CA ASN I 164 -38.93 -42.22 34.40
C ASN I 164 -39.22 -43.33 35.40
N ILE I 165 -39.79 -44.45 34.94
CA ILE I 165 -40.01 -45.57 35.86
C ILE I 165 -38.68 -46.05 36.41
N ALA I 166 -37.68 -46.22 35.53
CA ALA I 166 -36.38 -46.69 35.97
C ALA I 166 -35.73 -45.71 36.95
N LEU I 167 -35.84 -44.41 36.66
CA LEU I 167 -35.23 -43.42 37.54
C LEU I 167 -35.87 -43.41 38.91
N GLY I 168 -37.20 -43.51 38.97
CA GLY I 168 -37.87 -43.57 40.26
C GLY I 168 -37.44 -44.78 41.06
N ALA I 169 -37.39 -45.94 40.40
CA ALA I 169 -36.93 -47.14 41.09
C ALA I 169 -35.51 -46.98 41.61
N SER I 170 -34.63 -46.40 40.79
CA SER I 170 -33.25 -46.21 41.20
C SER I 170 -33.16 -45.28 42.41
N ALA I 171 -33.97 -44.23 42.42
CA ALA I 171 -33.92 -43.29 43.54
C ALA I 171 -34.44 -43.91 44.83
N LYS I 172 -35.41 -44.81 44.73
CA LYS I 172 -35.99 -45.37 45.96
C LYS I 172 -35.03 -46.25 46.73
N CYS I 173 -34.04 -46.86 46.08
CA CYS I 173 -33.16 -47.81 46.75
C CYS I 173 -31.75 -47.29 46.97
N TYR I 174 -31.53 -45.99 46.87
CA TYR I 174 -30.19 -45.41 46.96
C TYR I 174 -29.88 -45.09 48.41
N ARG I 175 -28.91 -45.82 48.99
CA ARG I 175 -28.46 -45.61 50.36
C ARG I 175 -29.61 -45.74 51.36
N THR I 176 -30.51 -46.68 51.11
CA THR I 176 -31.59 -47.02 52.03
C THR I 176 -31.58 -48.51 52.28
N LYS I 177 -32.53 -48.97 53.09
CA LYS I 177 -32.60 -50.39 53.41
C LYS I 177 -33.36 -51.19 52.37
N MET I 178 -34.13 -50.54 51.52
CA MET I 178 -34.87 -51.25 50.48
C MET I 178 -33.92 -51.73 49.39
N SER I 179 -34.25 -52.87 48.79
CA SER I 179 -33.46 -53.43 47.71
C SER I 179 -33.99 -52.97 46.36
N PHE I 180 -33.19 -53.22 45.33
CA PHE I 180 -33.54 -52.73 44.00
C PHE I 180 -34.81 -53.36 43.47
N ALA I 181 -34.97 -54.67 43.68
CA ALA I 181 -36.17 -55.34 43.18
C ALA I 181 -37.43 -54.82 43.85
N GLU I 182 -37.37 -54.67 45.17
CA GLU I 182 -38.52 -54.17 45.91
C GLU I 182 -38.89 -52.76 45.46
N ALA I 183 -37.88 -51.91 45.25
CA ALA I 183 -38.15 -50.55 44.80
C ALA I 183 -38.81 -50.54 43.43
N LEU I 184 -38.35 -51.40 42.53
CA LEU I 184 -38.95 -51.45 41.20
C LEU I 184 -40.39 -51.91 41.27
N ALA I 185 -40.66 -52.95 42.07
CA ALA I 185 -42.04 -53.41 42.22
C ALA I 185 -42.91 -52.32 42.80
N GLU I 186 -42.42 -51.63 43.82
CA GLU I 186 -43.21 -50.57 44.46
C GLU I 186 -43.51 -49.44 43.49
N GLU I 187 -42.50 -49.03 42.71
CA GLU I 187 -42.70 -47.95 41.75
C GLU I 187 -43.73 -48.34 40.70
N ILE I 188 -43.65 -49.57 40.19
CA ILE I 188 -44.60 -50.00 39.18
C ILE I 188 -46.01 -50.03 39.76
N ILE I 189 -46.16 -50.57 40.97
CA ILE I 189 -47.49 -50.65 41.57
C ILE I 189 -48.07 -49.26 41.80
N LEU I 190 -47.26 -48.34 42.33
CA LEU I 190 -47.75 -46.99 42.58
C LEU I 190 -48.16 -46.31 41.27
N ALA I 191 -47.34 -46.46 40.23
CA ALA I 191 -47.69 -45.82 38.96
C ALA I 191 -48.95 -46.43 38.37
N ALA I 192 -49.21 -47.72 38.63
CA ALA I 192 -50.40 -48.34 38.05
C ALA I 192 -51.69 -47.80 38.67
N ASN I 193 -51.60 -47.23 39.87
CA ASN I 193 -52.79 -46.75 40.57
C ASN I 193 -52.90 -45.23 40.60
N LYS I 194 -52.09 -44.54 39.81
CA LYS I 194 -52.12 -43.07 39.73
C LYS I 194 -51.83 -42.44 41.09
N ASP I 195 -51.06 -43.12 41.90
CA ASP I 195 -50.70 -42.58 43.20
C ASP I 195 -49.66 -41.48 43.04
N PRO I 196 -49.86 -40.30 43.64
CA PRO I 196 -48.89 -39.21 43.50
C PRO I 196 -47.51 -39.52 44.05
N LYS I 197 -47.36 -40.53 44.91
CA LYS I 197 -46.05 -40.86 45.44
C LYS I 197 -45.13 -41.47 44.39
N SER I 198 -45.65 -41.90 43.25
CA SER I 198 -44.83 -42.42 42.18
C SER I 198 -44.03 -41.29 41.53
N TYR I 199 -42.74 -41.52 41.35
CA TYR I 199 -41.90 -40.51 40.71
C TYR I 199 -42.35 -40.24 39.28
N ALA I 200 -42.63 -41.30 38.53
CA ALA I 200 -43.00 -41.14 37.12
C ALA I 200 -44.31 -40.41 36.97
N TYR I 201 -45.31 -40.75 37.78
CA TYR I 201 -46.61 -40.09 37.67
C TYR I 201 -46.51 -38.61 38.01
N SER I 202 -45.79 -38.28 39.08
CA SER I 202 -45.62 -36.88 39.44
C SER I 202 -44.88 -36.12 38.35
N LYS I 203 -43.85 -36.74 37.76
CA LYS I 203 -43.12 -36.07 36.69
C LYS I 203 -44.04 -35.83 35.50
N LYS I 204 -44.88 -36.79 35.15
CA LYS I 204 -45.80 -36.60 34.04
C LYS I 204 -46.77 -35.46 34.33
N LEU I 205 -47.30 -35.42 35.55
CA LEU I 205 -48.22 -34.34 35.90
C LEU I 205 -47.55 -32.99 35.78
N GLU I 206 -46.31 -32.88 36.28
CA GLU I 206 -45.61 -31.61 36.20
C GLU I 206 -45.36 -31.19 34.75
N ILE I 207 -44.94 -32.15 33.92
CA ILE I 207 -44.67 -31.82 32.52
C ILE I 207 -45.93 -31.32 31.84
N GLU I 208 -47.05 -32.01 32.04
CA GLU I 208 -48.28 -31.60 31.38
C GLU I 208 -48.77 -30.25 31.90
N ARG I 209 -48.62 -30.00 33.21
CA ARG I 209 -49.04 -28.70 33.74
C ARG I 209 -48.22 -27.57 33.14
N ILE I 210 -46.89 -27.75 33.09
CA ILE I 210 -46.04 -26.69 32.53
C ILE I 210 -46.37 -26.46 31.06
N ALA I 211 -46.60 -27.53 30.31
CA ALA I 211 -46.94 -27.38 28.90
C ALA I 211 -48.27 -26.65 28.74
N GLU I 212 -49.26 -26.97 29.58
CA GLU I 212 -50.55 -26.32 29.49
C GLU I 212 -50.44 -24.83 29.79
N SER I 213 -49.68 -24.47 30.83
CA SER I 213 -49.61 -23.08 31.26
C SER I 213 -48.79 -22.21 30.32
N SER I 214 -48.39 -22.72 29.16
CA SER I 214 -47.59 -21.92 28.25
C SER I 214 -48.01 -22.09 26.79
N ARG I 215 -49.29 -22.32 26.53
CA ARG I 215 -49.76 -22.49 25.17
C ARG I 215 -49.69 -21.18 24.41
N THR J 2 -24.30 33.85 -29.33
CA THR J 2 -24.79 34.16 -30.66
C THR J 2 -23.73 33.90 -31.71
N LEU J 3 -24.09 34.10 -32.97
CA LEU J 3 -23.13 33.92 -34.04
C LEU J 3 -22.15 35.08 -34.06
N LEU J 4 -20.86 34.76 -34.16
CA LEU J 4 -19.82 35.76 -34.13
C LEU J 4 -18.86 35.70 -35.30
N ASP J 5 -18.64 34.51 -35.88
CA ASP J 5 -17.62 34.34 -36.90
C ASP J 5 -18.08 33.28 -37.87
N PRO J 6 -18.66 33.67 -39.00
CA PRO J 6 -19.07 32.68 -40.00
C PRO J 6 -17.92 31.86 -40.54
N LEU J 7 -16.73 32.44 -40.68
CA LEU J 7 -15.62 31.72 -41.29
C LEU J 7 -15.15 30.56 -40.42
N ALA J 8 -15.08 30.77 -39.11
CA ALA J 8 -14.64 29.70 -38.22
C ALA J 8 -15.61 28.52 -38.25
N ASN J 9 -16.91 28.80 -38.29
CA ASN J 9 -17.89 27.73 -38.32
C ASN J 9 -17.73 26.87 -39.56
N ALA J 10 -17.48 27.50 -40.71
CA ALA J 10 -17.31 26.75 -41.94
C ALA J 10 -16.15 25.77 -41.86
N LEU J 11 -15.00 26.23 -41.37
CA LEU J 11 -13.83 25.36 -41.34
C LEU J 11 -13.98 24.27 -40.29
N SER J 12 -14.56 24.59 -39.13
CA SER J 12 -14.80 23.54 -38.14
C SER J 12 -15.78 22.51 -38.68
N HIS J 13 -16.81 22.95 -39.40
CA HIS J 13 -17.75 22.02 -40.01
C HIS J 13 -17.06 21.12 -41.01
N ILE J 14 -16.19 21.69 -41.85
CA ILE J 14 -15.48 20.88 -42.84
C ILE J 14 -14.61 19.84 -42.17
N THR J 15 -13.84 20.25 -41.17
CA THR J 15 -12.92 19.28 -40.56
C THR J 15 -13.67 18.25 -39.73
N ASN J 16 -14.84 18.59 -39.18
CA ASN J 16 -15.65 17.58 -38.52
C ASN J 16 -16.23 16.59 -39.51
N SER J 17 -16.69 17.08 -40.66
CA SER J 17 -17.34 16.20 -41.61
C SER J 17 -16.35 15.26 -42.29
N GLU J 18 -15.14 15.74 -42.57
CA GLU J 18 -14.20 14.89 -43.30
C GLU J 18 -13.74 13.72 -42.45
N ARG J 19 -13.83 13.82 -41.13
CA ARG J 19 -13.37 12.72 -40.28
C ARG J 19 -14.33 11.54 -40.27
N VAL J 20 -15.56 11.72 -40.72
CA VAL J 20 -16.53 10.64 -40.78
C VAL J 20 -16.86 10.28 -42.23
N GLY J 21 -16.06 10.75 -43.17
CA GLY J 21 -16.21 10.34 -44.55
C GLY J 21 -17.39 10.90 -45.30
N LYS J 22 -17.89 12.07 -44.90
CA LYS J 22 -18.94 12.71 -45.67
C LYS J 22 -18.43 13.12 -47.04
N ARG J 23 -19.30 13.09 -48.05
CA ARG J 23 -18.90 13.45 -49.39
C ARG J 23 -19.25 14.88 -49.78
N GLU J 24 -20.18 15.52 -49.07
CA GLU J 24 -20.51 16.90 -49.37
C GLU J 24 -21.02 17.59 -48.12
N VAL J 25 -20.88 18.92 -48.08
CA VAL J 25 -21.32 19.73 -46.96
C VAL J 25 -22.02 20.97 -47.47
N TYR J 26 -22.79 21.59 -46.57
CA TYR J 26 -23.49 22.84 -46.83
C TYR J 26 -23.05 23.87 -45.79
N ILE J 27 -22.48 24.97 -46.26
CA ILE J 27 -22.07 26.08 -45.41
C ILE J 27 -23.24 27.07 -45.39
N LYS J 28 -23.77 27.33 -44.20
CA LYS J 28 -25.08 27.96 -44.10
C LYS J 28 -25.05 29.46 -44.35
N PRO J 29 -24.36 30.29 -43.54
CA PRO J 29 -24.28 31.71 -43.91
C PRO J 29 -23.11 31.94 -44.84
N ALA J 30 -23.38 32.31 -46.08
CA ALA J 30 -22.33 32.53 -47.04
C ALA J 30 -21.84 33.97 -46.99
N SER J 31 -20.66 34.21 -47.55
CA SER J 31 -20.10 35.55 -47.65
C SER J 31 -19.01 35.53 -48.70
N LYS J 32 -18.58 36.72 -49.12
CA LYS J 32 -17.53 36.81 -50.12
C LYS J 32 -16.23 36.22 -49.62
N LEU J 33 -15.91 36.45 -48.35
CA LEU J 33 -14.66 35.95 -47.79
C LEU J 33 -14.62 34.42 -47.81
N ILE J 34 -15.74 33.79 -47.46
CA ILE J 34 -15.80 32.33 -47.50
C ILE J 34 -15.62 31.83 -48.93
N GLY J 35 -16.22 32.54 -49.89
CA GLY J 35 -16.02 32.18 -51.28
C GLY J 35 -14.57 32.25 -51.70
N GLU J 36 -13.87 33.32 -51.29
CA GLU J 36 -12.46 33.44 -51.63
C GLU J 36 -11.64 32.32 -51.00
N VAL J 37 -11.91 32.00 -49.74
CA VAL J 37 -11.17 30.92 -49.08
C VAL J 37 -11.42 29.59 -49.79
N LEU J 38 -12.67 29.34 -50.19
CA LEU J 38 -12.97 28.12 -50.91
C LEU J 38 -12.25 28.07 -52.26
N ARG J 39 -12.19 29.20 -52.96
CA ARG J 39 -11.47 29.23 -54.22
C ARG J 39 -10.00 28.89 -54.03
N VAL J 40 -9.37 29.48 -53.01
CA VAL J 40 -7.97 29.19 -52.76
C VAL J 40 -7.78 27.72 -52.41
N MET J 41 -8.66 27.18 -51.56
CA MET J 41 -8.54 25.77 -51.19
C MET J 41 -8.69 24.86 -52.40
N GLN J 42 -9.59 25.20 -53.32
CA GLN J 42 -9.77 24.38 -54.51
C GLN J 42 -8.57 24.46 -55.42
N LYS J 43 -7.91 25.61 -55.49
CA LYS J 43 -6.77 25.75 -56.38
C LYS J 43 -5.67 24.75 -56.04
N TYR J 44 -5.46 24.48 -54.77
CA TYR J 44 -4.42 23.56 -54.34
C TYR J 44 -4.91 22.13 -54.21
N GLY J 45 -6.14 21.84 -54.58
CA GLY J 45 -6.61 20.48 -54.65
C GLY J 45 -7.11 19.89 -53.35
N TYR J 46 -7.48 20.70 -52.38
CA TYR J 46 -8.00 20.17 -51.13
C TYR J 46 -9.49 19.84 -51.19
N ILE J 47 -10.25 20.50 -52.06
CA ILE J 47 -11.67 20.24 -52.20
C ILE J 47 -12.01 20.09 -53.68
N GLY J 48 -13.20 19.58 -53.94
CA GLY J 48 -13.72 19.44 -55.28
C GLY J 48 -14.40 20.70 -55.75
N GLU J 49 -15.47 20.54 -56.51
CA GLU J 49 -16.22 21.68 -56.97
C GLU J 49 -17.18 22.18 -55.89
N PHE J 50 -17.52 23.46 -55.97
CA PHE J 50 -18.46 24.07 -55.04
C PHE J 50 -19.34 25.03 -55.79
N GLU J 51 -20.53 25.29 -55.25
CA GLU J 51 -21.47 26.16 -55.92
C GLU J 51 -22.25 26.98 -54.91
N PHE J 52 -22.81 28.09 -55.38
CA PHE J 52 -23.59 29.00 -54.56
C PHE J 52 -25.07 28.78 -54.82
N ILE J 53 -25.86 28.67 -53.75
CA ILE J 53 -27.29 28.45 -53.84
C ILE J 53 -27.98 29.63 -53.18
N ASP J 54 -28.98 30.19 -53.87
CA ASP J 54 -29.63 31.41 -53.44
C ASP J 54 -30.96 31.08 -52.78
N ASP J 55 -31.08 31.41 -51.51
CA ASP J 55 -32.36 31.51 -50.83
C ASP J 55 -32.63 32.99 -50.55
N GLY J 56 -33.72 33.29 -49.85
CA GLY J 56 -33.99 34.67 -49.56
C GLY J 56 -33.03 35.33 -48.58
N ARG J 57 -32.27 34.52 -47.87
CA ARG J 57 -31.33 34.94 -46.86
C ARG J 57 -29.94 35.08 -47.48
N ALA J 58 -28.90 35.09 -46.65
CA ALA J 58 -27.54 35.35 -47.09
C ALA J 58 -26.98 34.30 -48.05
N GLY J 59 -27.71 33.24 -48.36
CA GLY J 59 -27.27 32.26 -49.33
C GLY J 59 -26.46 31.15 -48.69
N VAL J 60 -26.35 30.04 -49.44
CA VAL J 60 -25.72 28.82 -48.94
C VAL J 60 -24.63 28.40 -49.92
N TYR J 61 -23.60 27.72 -49.41
CA TYR J 61 -22.57 27.15 -50.25
C TYR J 61 -22.63 25.63 -50.18
N ARG J 62 -22.52 24.97 -51.32
CA ARG J 62 -22.49 23.52 -51.38
C ARG J 62 -21.12 23.08 -51.86
N VAL J 63 -20.46 22.21 -51.08
CA VAL J 63 -19.07 21.87 -51.31
C VAL J 63 -18.92 20.35 -51.38
N GLN J 64 -18.13 19.89 -52.33
CA GLN J 64 -17.80 18.47 -52.49
C GLN J 64 -16.46 18.19 -51.83
N LEU J 65 -16.40 17.11 -51.05
CA LEU J 65 -15.19 16.73 -50.35
C LEU J 65 -14.57 15.52 -51.01
N LEU J 66 -13.24 15.42 -50.90
CA LEU J 66 -12.48 14.34 -51.54
C LEU J 66 -11.66 13.54 -50.56
N GLY J 67 -11.72 13.84 -49.27
CA GLY J 67 -10.92 13.12 -48.30
C GLY J 67 -9.43 13.37 -48.44
N LYS J 68 -9.03 14.62 -48.67
CA LYS J 68 -7.63 14.98 -48.81
C LYS J 68 -7.21 16.06 -47.84
N ILE J 69 -7.91 16.21 -46.72
CA ILE J 69 -7.64 17.24 -45.74
C ILE J 69 -7.26 16.58 -44.44
N ASN J 70 -6.12 16.98 -43.88
CA ASN J 70 -5.74 16.51 -42.56
C ASN J 70 -6.35 17.37 -41.46
N LYS J 71 -6.35 18.69 -41.66
CA LYS J 71 -6.88 19.61 -40.68
C LYS J 71 -7.05 20.96 -41.33
N ALA J 72 -8.06 21.71 -40.88
CA ALA J 72 -8.34 23.04 -41.39
C ALA J 72 -8.94 23.86 -40.26
N GLY J 73 -8.48 25.09 -40.13
CA GLY J 73 -8.96 25.91 -39.02
C GLY J 73 -8.76 27.37 -39.28
N ALA J 74 -9.43 28.18 -38.47
CA ALA J 74 -9.28 29.62 -38.55
C ALA J 74 -8.23 30.10 -37.57
N ILE J 75 -7.75 31.32 -37.80
CA ILE J 75 -6.75 31.94 -36.95
C ILE J 75 -7.37 33.17 -36.32
N LYS J 76 -7.43 33.19 -34.99
CA LYS J 76 -7.97 34.32 -34.25
C LYS J 76 -7.05 34.60 -33.08
N PRO J 77 -6.63 35.86 -32.87
CA PRO J 77 -6.97 37.03 -33.68
C PRO J 77 -6.20 37.04 -34.99
N ARG J 78 -6.65 37.83 -35.95
CA ARG J 78 -6.02 37.89 -37.26
C ARG J 78 -4.75 38.71 -37.15
N PHE J 79 -3.65 38.04 -36.85
CA PHE J 79 -2.39 38.72 -36.62
C PHE J 79 -1.89 39.35 -37.92
N PRO J 80 -1.35 40.56 -37.86
CA PRO J 80 -0.63 41.09 -39.03
C PRO J 80 0.74 40.45 -39.15
N VAL J 81 1.16 40.25 -40.39
CA VAL J 81 2.45 39.61 -40.67
C VAL J 81 3.15 40.37 -41.78
N LYS J 82 4.46 40.56 -41.63
CA LYS J 82 5.27 41.25 -42.62
C LYS J 82 5.79 40.28 -43.67
N ALA J 83 6.36 40.84 -44.73
CA ALA J 83 6.69 40.05 -45.91
C ALA J 83 7.85 39.09 -45.71
N ARG J 84 8.56 39.18 -44.58
CA ARG J 84 9.71 38.32 -44.34
C ARG J 84 9.63 37.61 -43.00
N ASP J 85 8.43 37.36 -42.50
CA ASP J 85 8.23 36.70 -41.21
C ASP J 85 7.33 35.49 -41.32
N TYR J 86 7.28 34.86 -42.49
CA TYR J 86 6.38 33.74 -42.65
C TYR J 86 6.87 32.46 -41.99
N GLU J 87 8.16 32.38 -41.68
CA GLU J 87 8.70 31.10 -41.21
C GLU J 87 8.17 30.73 -39.83
N ARG J 88 8.14 31.67 -38.90
CA ARG J 88 7.74 31.31 -37.54
C ARG J 88 6.27 30.94 -37.47
N TRP J 89 5.42 31.59 -38.26
CA TRP J 89 4.02 31.18 -38.30
C TRP J 89 3.88 29.79 -38.91
N GLU J 90 4.70 29.48 -39.93
CA GLU J 90 4.69 28.14 -40.48
C GLU J 90 5.05 27.11 -39.41
N LYS J 91 6.10 27.39 -38.63
CA LYS J 91 6.45 26.47 -37.56
C LYS J 91 5.35 26.37 -36.53
N ARG J 92 4.60 27.45 -36.31
CA ARG J 92 3.56 27.43 -35.30
C ARG J 92 2.35 26.60 -35.75
N PHE J 93 2.04 26.62 -37.04
CA PHE J 93 0.80 25.98 -37.49
C PHE J 93 0.97 24.75 -38.37
N LEU J 94 2.10 24.59 -39.05
CA LEU J 94 2.24 23.56 -40.06
C LEU J 94 3.23 22.49 -39.62
N PRO J 95 3.12 21.27 -40.18
CA PRO J 95 3.98 20.17 -39.71
C PRO J 95 5.33 20.00 -40.39
N ALA J 96 5.54 20.54 -41.58
CA ALA J 96 6.81 20.40 -42.27
C ALA J 96 7.09 21.70 -43.02
N PHE J 97 8.25 21.77 -43.68
CA PHE J 97 8.71 23.08 -44.13
C PHE J 97 7.96 23.59 -45.34
N GLU J 98 7.24 22.73 -46.05
CA GLU J 98 6.32 23.21 -47.08
C GLU J 98 5.02 22.44 -47.08
N PHE J 99 4.54 22.06 -45.91
CA PHE J 99 3.37 21.22 -45.76
C PHE J 99 2.15 22.11 -45.52
N GLY J 100 1.24 22.14 -46.47
CA GLY J 100 0.04 22.94 -46.32
C GLY J 100 0.27 24.40 -46.64
N ILE J 101 -0.76 25.20 -46.40
CA ILE J 101 -0.75 26.61 -46.74
C ILE J 101 -1.32 27.43 -45.59
N LEU J 102 -0.86 28.66 -45.48
CA LEU J 102 -1.51 29.68 -44.67
C LEU J 102 -2.26 30.62 -45.61
N ILE J 103 -3.44 31.05 -45.20
CA ILE J 103 -4.26 31.93 -46.03
C ILE J 103 -4.19 33.34 -45.49
N VAL J 104 -3.83 34.28 -46.36
CA VAL J 104 -3.52 35.64 -45.99
C VAL J 104 -4.41 36.59 -46.77
N SER J 105 -4.96 37.57 -46.07
CA SER J 105 -5.70 38.66 -46.68
C SER J 105 -4.76 39.85 -46.83
N THR J 106 -4.55 40.28 -48.07
CA THR J 106 -3.66 41.36 -48.41
C THR J 106 -4.43 42.42 -49.18
N SER J 107 -3.83 43.60 -49.32
CA SER J 107 -4.47 44.65 -50.08
C SER J 107 -4.56 44.33 -51.57
N GLN J 108 -4.09 43.16 -51.99
CA GLN J 108 -4.26 42.69 -53.36
C GLN J 108 -5.14 41.45 -53.45
N GLY J 109 -5.84 41.10 -52.38
CA GLY J 109 -6.76 39.98 -52.39
C GLY J 109 -6.39 38.94 -51.37
N VAL J 110 -7.08 37.81 -51.44
CA VAL J 110 -6.85 36.68 -50.55
C VAL J 110 -6.01 35.66 -51.30
N MET J 111 -4.94 35.19 -50.66
CA MET J 111 -4.04 34.27 -51.34
C MET J 111 -3.28 33.45 -50.32
N SER J 112 -2.67 32.37 -50.79
CA SER J 112 -1.80 31.58 -49.93
C SER J 112 -0.53 32.35 -49.64
N HIS J 113 0.14 31.98 -48.55
CA HIS J 113 1.36 32.69 -48.16
C HIS J 113 2.49 32.47 -49.15
N LYS J 114 2.44 31.42 -49.96
CA LYS J 114 3.47 31.20 -50.96
C LYS J 114 3.40 32.26 -52.05
N GLU J 115 2.20 32.53 -52.56
CA GLU J 115 2.04 33.57 -53.57
C GLU J 115 2.40 34.94 -53.00
N ALA J 116 1.97 35.21 -51.77
CA ALA J 116 2.28 36.49 -51.14
C ALA J 116 3.77 36.67 -50.97
N ARG J 117 4.47 35.61 -50.56
CA ARG J 117 5.92 35.69 -50.43
C ARG J 117 6.57 35.90 -51.79
N GLU J 118 6.01 35.31 -52.84
CA GLU J 118 6.53 35.58 -54.17
C GLU J 118 6.36 37.04 -54.56
N LYS J 119 5.21 37.63 -54.25
CA LYS J 119 4.99 39.04 -54.56
C LYS J 119 5.69 39.96 -53.57
N GLY J 120 6.21 39.44 -52.47
CA GLY J 120 6.87 40.27 -51.49
C GLY J 120 5.95 41.23 -50.76
N ILE J 121 4.79 40.76 -50.29
CA ILE J 121 3.86 41.59 -49.55
C ILE J 121 3.38 40.83 -48.32
N GLY J 122 2.89 41.59 -47.35
CA GLY J 122 2.35 41.04 -46.13
C GLY J 122 0.84 41.17 -46.07
N GLY J 123 0.29 40.99 -44.88
CA GLY J 123 -1.15 41.08 -44.72
C GLY J 123 -1.57 40.56 -43.36
N ARG J 124 -2.76 39.97 -43.32
CA ARG J 124 -3.33 39.41 -42.10
C ARG J 124 -3.59 37.93 -42.30
N LEU J 125 -3.16 37.11 -41.35
CA LEU J 125 -3.46 35.69 -41.40
C LEU J 125 -4.93 35.46 -41.04
N ILE J 126 -5.61 34.59 -41.79
CA ILE J 126 -7.00 34.28 -41.44
C ILE J 126 -7.28 32.80 -41.28
N ALA J 127 -6.51 31.89 -41.86
CA ALA J 127 -6.82 30.48 -41.73
C ALA J 127 -5.61 29.65 -42.11
N TYR J 128 -5.65 28.37 -41.76
CA TYR J 128 -4.64 27.41 -42.18
C TYR J 128 -5.31 26.12 -42.60
N VAL J 129 -4.74 25.48 -43.62
CA VAL J 129 -5.22 24.20 -44.12
C VAL J 129 -4.00 23.32 -44.41
N TYR J 130 -4.04 22.08 -43.96
CA TYR J 130 -3.01 21.13 -44.38
C TYR J 130 -3.53 19.71 -44.36
N ALA K 2 16.97 83.27 -0.56
CA ALA K 2 16.26 84.51 -0.85
C ALA K 2 15.02 84.25 -1.67
N ILE K 3 14.97 84.84 -2.86
CA ILE K 3 13.84 84.69 -3.76
C ILE K 3 14.22 83.65 -4.80
N TRP K 4 13.50 82.54 -4.83
CA TRP K 4 13.82 81.41 -5.69
C TRP K 4 12.70 81.25 -6.71
N GLN K 5 13.08 81.12 -7.98
CA GLN K 5 12.12 81.04 -9.07
C GLN K 5 12.26 79.73 -9.84
N GLY K 6 12.56 78.65 -9.14
CA GLY K 6 12.85 77.40 -9.81
C GLY K 6 11.64 76.67 -10.36
N ARG K 7 10.82 76.11 -9.48
CA ARG K 7 9.67 75.33 -9.92
C ARG K 7 8.68 75.23 -8.78
N SER K 8 7.45 74.90 -9.12
CA SER K 8 6.43 74.72 -8.10
C SER K 8 6.63 73.40 -7.38
N LEU K 9 6.38 73.41 -6.07
CA LEU K 9 6.48 72.21 -5.26
C LEU K 9 5.18 71.41 -5.23
N ARG K 10 4.27 71.68 -6.17
CA ARG K 10 2.97 71.04 -6.20
C ARG K 10 2.68 70.58 -7.62
N LYS K 11 2.29 69.33 -7.76
CA LYS K 11 1.90 68.81 -9.06
C LYS K 11 0.53 69.33 -9.45
N PRO K 12 0.22 69.34 -10.75
CA PRO K 12 -1.11 69.82 -11.17
C PRO K 12 -2.25 69.01 -10.58
N SER K 13 -2.04 67.76 -10.23
CA SER K 13 -3.08 66.98 -9.60
C SER K 13 -3.24 67.29 -8.12
N GLY K 14 -2.36 68.09 -7.54
CA GLY K 14 -2.44 68.44 -6.15
C GLY K 14 -1.46 67.72 -5.24
N GLY K 15 -0.74 66.73 -5.75
CA GLY K 15 0.23 66.03 -4.93
C GLY K 15 1.48 66.85 -4.67
N ARG K 16 2.18 66.48 -3.61
CA ARG K 16 3.39 67.18 -3.22
C ARG K 16 4.62 66.64 -3.93
N ILE K 17 5.67 67.44 -3.95
CA ILE K 17 6.94 67.08 -4.57
C ILE K 17 8.04 67.24 -3.55
N VAL K 18 8.88 66.23 -3.42
CA VAL K 18 10.06 66.28 -2.56
C VAL K 18 11.21 66.83 -3.39
N LEU K 19 11.84 67.89 -2.90
CA LEU K 19 12.94 68.49 -3.64
C LEU K 19 14.13 67.55 -3.68
N ALA K 20 14.77 67.46 -4.84
CA ALA K 20 15.79 66.45 -5.08
C ALA K 20 17.19 67.04 -5.22
N ARG K 21 17.36 68.34 -5.04
CA ARG K 21 18.68 68.95 -5.18
C ARG K 21 18.66 70.31 -4.50
N LYS K 22 19.84 70.90 -4.39
CA LYS K 22 19.94 72.24 -3.83
C LYS K 22 19.51 73.28 -4.86
N LYS K 23 19.39 74.52 -4.43
CA LYS K 23 18.99 75.59 -5.34
C LYS K 23 20.21 76.15 -6.06
N ARG K 24 20.16 76.15 -7.38
CA ARG K 24 21.25 76.68 -8.18
C ARG K 24 21.25 78.20 -8.13
N LYS K 25 22.43 78.78 -8.33
CA LYS K 25 22.55 80.23 -8.27
C LYS K 25 21.80 80.90 -9.43
N ARG K 26 21.79 80.28 -10.60
CA ARG K 26 21.18 80.88 -11.77
C ARG K 26 19.65 80.92 -11.70
N GLU K 27 19.04 80.50 -10.60
CA GLU K 27 17.59 80.48 -10.49
C GLU K 27 17.04 81.51 -9.51
N LEU K 28 17.86 82.43 -9.03
CA LEU K 28 17.45 83.33 -7.98
C LEU K 28 16.89 84.63 -8.54
N GLY K 29 15.95 85.23 -7.81
CA GLY K 29 15.40 86.52 -8.15
C GLY K 29 15.99 87.63 -7.29
N ARG K 30 15.42 88.81 -7.42
CA ARG K 30 15.90 89.97 -6.69
C ARG K 30 14.72 90.77 -6.14
N GLU K 31 15.04 91.70 -5.25
CA GLU K 31 14.02 92.53 -4.64
C GLU K 31 13.34 93.40 -5.69
N PRO K 32 12.02 93.54 -5.65
CA PRO K 32 11.36 94.49 -6.55
C PRO K 32 11.80 95.92 -6.24
N SER K 33 11.91 96.71 -7.29
CA SER K 33 12.26 98.12 -7.16
C SER K 33 10.96 98.93 -7.27
N ASN K 34 10.52 99.48 -6.15
CA ASN K 34 9.27 100.25 -6.12
C ASN K 34 9.61 101.70 -6.43
N THR K 35 9.52 102.04 -7.70
CA THR K 35 9.88 103.38 -8.15
C THR K 35 8.91 104.41 -7.60
N ARG K 36 9.42 105.34 -6.79
CA ARG K 36 8.60 106.37 -6.18
C ARG K 36 8.76 107.69 -6.91
N VAL K 37 7.78 108.57 -6.71
CA VAL K 37 7.84 109.93 -7.20
C VAL K 37 8.59 110.77 -6.19
N ALA K 38 9.62 111.49 -6.66
CA ALA K 38 10.44 112.29 -5.76
C ALA K 38 10.93 113.52 -6.51
N GLU K 39 11.60 114.40 -5.76
CA GLU K 39 12.11 115.62 -6.35
C GLU K 39 13.30 115.37 -7.26
N GLN K 40 14.12 114.37 -6.95
CA GLN K 40 15.34 114.10 -7.70
C GLN K 40 15.40 112.61 -8.01
N ASP K 41 15.96 112.29 -9.18
CA ASP K 41 16.03 110.91 -9.63
C ASP K 41 17.16 110.16 -8.95
N LYS K 42 17.03 108.84 -8.92
CA LYS K 42 17.99 107.98 -8.23
C LYS K 42 17.99 106.61 -8.89
N ARG K 43 19.15 106.17 -9.36
CA ARG K 43 19.25 104.91 -10.07
C ARG K 43 20.55 104.21 -9.68
N LYS K 44 20.57 102.89 -9.87
CA LYS K 44 21.76 102.10 -9.62
C LYS K 44 21.93 101.08 -10.74
N ILE K 45 23.05 100.36 -10.69
CA ILE K 45 23.43 99.44 -11.74
C ILE K 45 23.64 98.06 -11.14
N ILE K 46 23.09 97.04 -11.78
CA ILE K 46 23.12 95.66 -11.30
C ILE K 46 23.94 94.83 -12.28
N ARG K 47 24.90 94.08 -11.76
CA ARG K 47 25.67 93.14 -12.56
C ARG K 47 24.91 91.82 -12.64
N THR K 48 24.65 91.35 -13.85
CA THR K 48 23.75 90.24 -14.09
C THR K 48 24.46 89.11 -14.82
N TYR K 49 23.76 87.98 -14.88
CA TYR K 49 24.26 86.73 -15.44
C TYR K 49 25.01 86.96 -16.74
N GLY K 50 26.16 86.31 -16.87
CA GLY K 50 27.02 86.54 -18.01
C GLY K 50 27.82 87.82 -17.97
N GLY K 51 27.84 88.50 -16.82
CA GLY K 51 28.52 89.77 -16.73
C GLY K 51 27.88 90.88 -17.53
N ASN K 52 26.56 90.94 -17.55
CA ASN K 52 25.83 92.02 -18.21
C ASN K 52 25.39 93.02 -17.16
N LYS K 53 24.61 94.01 -17.59
CA LYS K 53 24.18 95.06 -16.66
C LYS K 53 22.72 95.42 -16.87
N LYS K 54 22.06 95.78 -15.77
CA LYS K 54 20.72 96.34 -15.79
C LYS K 54 20.72 97.65 -15.03
N VAL K 55 20.01 98.64 -15.54
CA VAL K 55 19.93 99.95 -14.91
C VAL K 55 18.58 100.03 -14.21
N ARG K 56 18.61 100.12 -12.87
CA ARG K 56 17.41 100.04 -12.06
C ARG K 56 17.11 101.42 -11.49
N LEU K 57 15.88 101.89 -11.69
CA LEU K 57 15.47 103.22 -11.26
C LEU K 57 14.65 103.11 -9.99
N THR K 58 15.07 103.83 -8.95
CA THR K 58 14.37 103.77 -7.66
C THR K 58 13.52 104.99 -7.38
N ALA K 59 13.95 106.17 -7.82
CA ALA K 59 13.17 107.39 -7.60
C ALA K 59 13.10 108.14 -8.92
N ALA K 60 11.90 108.54 -9.31
CA ALA K 60 11.66 109.19 -10.58
C ALA K 60 11.19 110.62 -10.37
N ALA K 61 11.68 111.53 -11.21
CA ALA K 61 11.28 112.93 -11.16
C ALA K 61 10.82 113.49 -12.50
N TYR K 62 11.33 112.97 -13.61
CA TYR K 62 10.93 113.43 -14.93
C TYR K 62 10.33 112.28 -15.71
N ALA K 63 9.76 112.60 -16.87
CA ALA K 63 9.20 111.60 -17.74
C ALA K 63 9.26 112.10 -19.18
N ASN K 64 9.19 111.16 -20.12
CA ASN K 64 9.13 111.47 -21.53
C ASN K 64 7.72 111.17 -22.02
N VAL K 65 7.03 112.19 -22.53
CA VAL K 65 5.65 112.09 -22.95
C VAL K 65 5.59 112.23 -24.46
N PHE K 66 4.96 111.27 -25.13
CA PHE K 66 4.90 111.22 -26.58
C PHE K 66 3.48 111.46 -27.07
N ASP K 67 3.38 112.16 -28.19
CA ASP K 67 2.13 112.50 -28.83
C ASP K 67 1.90 111.58 -30.02
N LYS K 68 0.68 111.59 -30.55
CA LYS K 68 0.38 110.83 -31.75
C LYS K 68 1.15 111.30 -32.96
N SER K 69 1.68 112.52 -32.93
CA SER K 69 2.48 113.03 -34.04
C SER K 69 3.91 112.49 -34.03
N GLY K 70 4.35 111.89 -32.94
CA GLY K 70 5.69 111.37 -32.84
C GLY K 70 6.70 112.27 -32.17
N LYS K 71 6.26 113.37 -31.58
CA LYS K 71 7.16 114.28 -30.89
C LYS K 71 7.03 114.09 -29.38
N GLY K 72 8.15 114.26 -28.67
CA GLY K 72 8.19 114.03 -27.24
C GLY K 72 8.76 115.22 -26.50
N ARG K 73 8.35 115.35 -25.24
CA ARG K 73 8.82 116.43 -24.37
C ARG K 73 9.17 115.86 -23.01
N LYS K 74 10.24 116.39 -22.43
CA LYS K 74 10.67 115.99 -21.10
C LYS K 74 9.99 116.88 -20.07
N VAL K 75 9.12 116.28 -19.26
CA VAL K 75 8.36 117.01 -18.25
C VAL K 75 8.53 116.29 -16.92
N ARG K 76 8.19 116.99 -15.84
CA ARG K 76 8.28 116.39 -14.52
C ARG K 76 6.92 115.86 -14.08
N ILE K 77 6.94 114.94 -13.12
CA ILE K 77 5.77 114.18 -12.73
C ILE K 77 5.15 114.83 -11.50
N ILE K 78 3.81 114.95 -11.51
CA ILE K 78 3.10 115.51 -10.38
C ILE K 78 2.75 114.42 -9.38
N ARG K 79 1.98 113.43 -9.80
CA ARG K 79 1.55 112.36 -8.91
C ARG K 79 1.00 111.21 -9.75
N VAL K 80 0.65 110.13 -9.06
CA VAL K 80 0.09 108.93 -9.67
C VAL K 80 -1.42 108.94 -9.42
N ILE K 81 -2.20 108.85 -10.49
CA ILE K 81 -3.64 108.91 -10.34
C ILE K 81 -4.21 107.54 -10.00
N GLU K 82 -3.83 106.51 -10.75
CA GLU K 82 -4.30 105.16 -10.47
C GLU K 82 -3.31 104.16 -11.02
N ASN K 83 -3.38 102.94 -10.48
CA ASN K 83 -2.49 101.88 -10.89
C ASN K 83 -3.22 100.54 -10.83
N PRO K 84 -3.61 99.99 -11.98
CA PRO K 84 -4.38 98.73 -11.95
C PRO K 84 -3.62 97.54 -11.43
N ALA K 85 -2.29 97.62 -11.34
CA ALA K 85 -1.51 96.44 -10.94
C ALA K 85 -1.77 96.07 -9.49
N ASN K 86 -1.72 97.04 -8.58
CA ASN K 86 -1.92 96.78 -7.17
C ASN K 86 -2.91 97.78 -6.60
N ARG K 87 -3.68 97.34 -5.62
CA ARG K 87 -4.78 98.13 -5.11
C ARG K 87 -4.32 99.35 -4.31
N GLN K 88 -3.07 99.35 -3.85
CA GLN K 88 -2.59 100.43 -2.99
C GLN K 88 -1.31 101.08 -3.53
N PHE K 89 -1.00 100.88 -4.80
CA PHE K 89 0.17 101.56 -5.36
C PHE K 89 -0.09 103.04 -5.56
N ALA K 90 -1.33 103.41 -5.90
CA ALA K 90 -1.64 104.81 -6.15
C ALA K 90 -1.42 105.66 -4.92
N ARG K 91 -1.84 105.18 -3.75
CA ARG K 91 -1.64 105.94 -2.52
C ARG K 91 -0.16 106.14 -2.22
N ARG K 92 0.65 105.10 -2.41
CA ARG K 92 2.06 105.16 -2.08
C ARG K 92 2.92 105.75 -3.20
N ASN K 93 2.31 106.12 -4.33
CA ASN K 93 3.03 106.72 -5.46
C ASN K 93 4.08 105.76 -6.02
N ILE K 94 3.63 104.59 -6.46
CA ILE K 94 4.50 103.60 -7.08
C ILE K 94 4.25 103.62 -8.57
N ILE K 95 5.32 103.74 -9.36
CA ILE K 95 5.24 103.81 -10.81
C ILE K 95 5.62 102.46 -11.40
N THR K 96 4.72 101.89 -12.19
CA THR K 96 4.99 100.67 -12.92
C THR K 96 4.44 100.83 -14.32
N LYS K 97 4.70 99.84 -15.18
CA LYS K 97 4.15 99.86 -16.52
C LYS K 97 2.63 99.81 -16.46
N GLY K 98 1.99 100.64 -17.26
CA GLY K 98 0.55 100.70 -17.31
C GLY K 98 -0.09 101.62 -16.29
N ALA K 99 0.69 102.23 -15.40
CA ALA K 99 0.13 103.17 -14.45
C ALA K 99 -0.25 104.47 -15.14
N ILE K 100 -1.16 105.20 -14.51
CA ILE K 100 -1.61 106.50 -15.01
C ILE K 100 -1.00 107.58 -14.13
N ILE K 101 -0.26 108.50 -14.73
CA ILE K 101 0.37 109.59 -14.00
C ILE K 101 -0.19 110.90 -14.51
N GLU K 102 -0.08 111.95 -13.70
CA GLU K 102 -0.45 113.28 -14.15
C GLU K 102 0.79 114.15 -14.14
N THR K 103 0.94 114.98 -15.17
CA THR K 103 2.08 115.85 -15.34
C THR K 103 1.61 117.28 -15.56
N GLU K 104 2.56 118.15 -15.88
CA GLU K 104 2.23 119.56 -16.09
C GLU K 104 1.48 119.80 -17.39
N ILE K 105 1.38 118.79 -18.26
CA ILE K 105 0.67 118.95 -19.53
C ILE K 105 -0.45 117.93 -19.68
N GLY K 106 -0.84 117.25 -18.61
CA GLY K 106 -1.98 116.37 -18.64
C GLY K 106 -1.66 114.98 -18.11
N LYS K 107 -2.62 114.08 -18.32
CA LYS K 107 -2.46 112.71 -17.87
C LYS K 107 -1.77 111.87 -18.95
N ALA K 108 -1.02 110.87 -18.50
CA ALA K 108 -0.29 110.00 -19.42
C ALA K 108 -0.25 108.59 -18.85
N LYS K 109 -0.01 107.64 -19.74
CA LYS K 109 0.03 106.22 -19.42
C LYS K 109 1.44 105.68 -19.67
N VAL K 110 2.02 105.04 -18.66
CA VAL K 110 3.40 104.60 -18.73
C VAL K 110 3.51 103.38 -19.62
N THR K 111 4.51 103.37 -20.50
CA THR K 111 4.70 102.29 -21.46
C THR K 111 6.01 101.54 -21.29
N SER K 112 6.89 101.98 -20.41
CA SER K 112 8.16 101.32 -20.19
C SER K 112 8.14 100.59 -18.87
N ARG K 113 9.25 99.89 -18.59
CA ARG K 113 9.42 99.18 -17.32
C ARG K 113 10.55 99.86 -16.55
N PRO K 114 10.24 100.74 -15.60
CA PRO K 114 11.31 101.49 -14.92
C PRO K 114 12.31 100.61 -14.22
N GLY K 115 11.89 99.46 -13.69
CA GLY K 115 12.81 98.60 -12.98
C GLY K 115 13.80 97.89 -13.88
N GLN K 116 13.54 97.84 -15.18
CA GLN K 116 14.40 97.14 -16.12
C GLN K 116 15.15 98.08 -17.05
N ASP K 117 14.62 99.28 -17.29
CA ASP K 117 15.20 100.20 -18.25
C ASP K 117 15.85 101.42 -17.61
N GLY K 118 15.32 101.91 -16.50
CA GLY K 118 15.88 103.07 -15.86
C GLY K 118 15.32 104.40 -16.33
N VAL K 119 14.33 104.40 -17.22
CA VAL K 119 13.69 105.62 -17.69
C VAL K 119 12.19 105.42 -17.66
N VAL K 120 11.47 106.53 -17.72
CA VAL K 120 10.00 106.52 -17.73
C VAL K 120 9.53 107.08 -19.06
N ASN K 121 8.79 106.28 -19.81
CA ASN K 121 8.20 106.70 -21.07
C ASN K 121 6.70 106.50 -21.00
N ALA K 122 5.95 107.52 -21.44
CA ALA K 122 4.50 107.48 -21.34
C ALA K 122 3.89 108.09 -22.59
N ILE K 123 2.68 107.66 -22.91
CA ILE K 123 1.91 108.21 -24.01
C ILE K 123 0.84 109.13 -23.46
N LEU K 124 0.58 110.23 -24.16
CA LEU K 124 -0.37 111.23 -23.71
C LEU K 124 -1.79 110.77 -23.97
N LEU K 125 -2.66 110.90 -22.97
CA LEU K 125 -4.05 110.51 -23.07
C LEU K 125 -4.88 111.68 -23.57
N GLU K 126 -5.84 111.40 -24.45
CA GLU K 126 -6.73 112.43 -24.95
C GLU K 126 -8.08 112.37 -24.26
N MET L 1 -26.78 -95.76 10.08
CA MET L 1 -25.97 -94.99 11.02
C MET L 1 -25.64 -93.63 10.43
N ARG L 2 -26.61 -92.72 10.49
CA ARG L 2 -26.39 -91.36 10.02
C ARG L 2 -25.68 -90.55 11.10
N ILE L 3 -24.69 -89.78 10.68
CA ILE L 3 -23.98 -88.85 11.54
C ILE L 3 -23.86 -87.53 10.79
N ILE L 4 -24.26 -86.43 11.40
CA ILE L 4 -24.16 -85.12 10.74
C ILE L 4 -23.39 -84.17 11.63
N GLN L 5 -22.48 -83.41 11.03
CA GLN L 5 -21.66 -82.44 11.73
C GLN L 5 -22.03 -81.03 11.27
N THR L 6 -22.01 -80.09 12.22
CA THR L 6 -22.26 -78.69 11.92
C THR L 6 -21.34 -77.81 12.75
N THR L 7 -21.24 -76.54 12.34
CA THR L 7 -20.32 -75.59 12.94
C THR L 7 -21.04 -74.29 13.27
N GLY L 8 -20.59 -73.64 14.33
CA GLY L 8 -21.11 -72.33 14.67
C GLY L 8 -20.01 -71.45 15.22
N LYS L 9 -20.10 -70.16 14.91
CA LYS L 9 -19.10 -69.18 15.32
C LYS L 9 -19.76 -67.97 15.92
N ARG L 10 -19.13 -67.39 16.94
CA ARG L 10 -19.61 -66.15 17.54
C ARG L 10 -18.45 -65.49 18.27
N LYS L 11 -17.93 -64.40 17.72
CA LYS L 11 -16.89 -63.57 18.31
C LYS L 11 -15.80 -64.36 19.03
N THR L 12 -15.03 -65.14 18.28
CA THR L 12 -13.90 -65.96 18.73
C THR L 12 -14.32 -67.21 19.48
N ALA L 13 -15.60 -67.57 19.47
CA ALA L 13 -16.03 -68.86 20.01
C ALA L 13 -16.39 -69.78 18.86
N ILE L 14 -15.94 -71.03 18.94
CA ILE L 14 -16.16 -72.01 17.89
C ILE L 14 -16.81 -73.24 18.49
N ALA L 15 -17.89 -73.70 17.86
CA ALA L 15 -18.64 -74.86 18.33
C ALA L 15 -18.80 -75.85 17.20
N ARG L 16 -18.52 -77.12 17.47
CA ARG L 16 -18.71 -78.22 16.52
C ARG L 16 -19.71 -79.20 17.12
N ALA L 17 -20.77 -79.48 16.39
CA ALA L 17 -21.86 -80.31 16.88
C ALA L 17 -22.05 -81.54 16.01
N VAL L 18 -22.37 -82.65 16.65
CA VAL L 18 -22.63 -83.93 16.00
C VAL L 18 -24.02 -84.40 16.38
N ILE L 19 -24.83 -84.75 15.39
CA ILE L 19 -26.20 -85.19 15.62
C ILE L 19 -26.39 -86.57 14.99
N ARG L 20 -27.15 -87.41 15.69
CA ARG L 20 -27.42 -88.78 15.30
C ARG L 20 -28.73 -89.22 15.92
N GLU L 21 -29.17 -90.42 15.57
CA GLU L 21 -30.37 -91.00 16.17
C GLU L 21 -30.11 -91.34 17.63
N GLY L 22 -31.06 -91.02 18.50
CA GLY L 22 -30.90 -91.25 19.92
C GLY L 22 -32.19 -91.12 20.71
N LYS L 23 -32.04 -90.81 22.00
CA LYS L 23 -33.16 -90.79 22.93
C LYS L 23 -33.50 -89.41 23.46
N GLY L 24 -32.73 -88.38 23.13
CA GLY L 24 -32.98 -87.05 23.60
C GLY L 24 -31.95 -86.46 24.54
N ARG L 25 -30.72 -86.97 24.53
CA ARG L 25 -29.68 -86.50 25.44
C ARG L 25 -28.81 -85.47 24.72
N VAL L 26 -28.60 -84.32 25.35
CA VAL L 26 -27.79 -83.25 24.80
C VAL L 26 -26.73 -82.89 25.83
N ARG L 27 -25.47 -82.87 25.40
CA ARG L 27 -24.35 -82.57 26.28
C ARG L 27 -23.49 -81.47 25.69
N ILE L 28 -23.06 -80.55 26.54
CA ILE L 28 -22.18 -79.46 26.16
C ILE L 28 -20.87 -79.67 26.91
N ASN L 29 -19.81 -80.05 26.18
CA ASN L 29 -18.53 -80.38 26.78
C ASN L 29 -18.68 -81.45 27.85
N GLY L 30 -19.59 -82.38 27.61
CA GLY L 30 -19.82 -83.48 28.52
C GLY L 30 -20.87 -83.23 29.57
N LYS L 31 -21.32 -82.00 29.74
CA LYS L 31 -22.30 -81.78 30.80
C LYS L 31 -23.71 -81.80 30.24
N PRO L 32 -24.65 -82.44 30.93
CA PRO L 32 -26.04 -82.39 30.48
C PRO L 32 -26.53 -80.95 30.41
N VAL L 33 -27.27 -80.64 29.34
CA VAL L 33 -27.67 -79.25 29.11
C VAL L 33 -28.61 -78.76 30.19
N GLU L 34 -29.25 -79.65 30.94
CA GLU L 34 -30.18 -79.22 31.98
C GLU L 34 -29.47 -78.61 33.17
N LEU L 35 -28.16 -78.82 33.31
CA LEU L 35 -27.41 -78.32 34.46
C LEU L 35 -26.57 -77.09 34.13
N VAL L 36 -26.81 -76.47 32.98
CA VAL L 36 -26.00 -75.32 32.58
C VAL L 36 -26.44 -74.08 33.33
N GLU L 37 -25.48 -73.35 33.88
CA GLU L 37 -25.73 -72.11 34.60
C GLU L 37 -24.90 -70.99 33.99
N PRO L 38 -25.37 -69.73 34.08
CA PRO L 38 -26.62 -69.29 34.70
C PRO L 38 -27.84 -69.55 33.85
N GLU L 39 -29.01 -69.15 34.35
CA GLU L 39 -30.25 -69.44 33.64
C GLU L 39 -30.29 -68.76 32.28
N ILE L 40 -29.76 -67.54 32.20
CA ILE L 40 -29.81 -66.80 30.94
C ILE L 40 -29.00 -67.51 29.87
N ALA L 41 -27.96 -68.24 30.27
CA ALA L 41 -27.20 -69.02 29.30
C ALA L 41 -27.93 -70.28 28.90
N ARG L 42 -28.61 -70.92 29.86
CA ARG L 42 -29.31 -72.17 29.56
C ARG L 42 -30.44 -71.93 28.57
N PHE L 43 -31.19 -70.85 28.73
CA PHE L 43 -32.31 -70.59 27.84
C PHE L 43 -31.86 -70.30 26.43
N THR L 44 -30.66 -69.76 26.26
CA THR L 44 -30.16 -69.47 24.92
C THR L 44 -30.02 -70.73 24.10
N ILE L 45 -29.50 -71.80 24.70
CA ILE L 45 -29.29 -73.05 23.98
C ILE L 45 -30.62 -73.76 23.73
N LEU L 46 -31.56 -73.69 24.66
CA LEU L 46 -32.76 -74.52 24.59
C LEU L 46 -33.80 -74.02 23.60
N GLU L 47 -33.69 -72.79 23.11
CA GLU L 47 -34.73 -72.26 22.24
C GLU L 47 -34.93 -73.05 20.95
N PRO L 48 -33.90 -73.42 20.20
CA PRO L 48 -34.15 -74.20 18.98
C PRO L 48 -34.86 -75.51 19.25
N LEU L 49 -34.53 -76.19 20.35
CA LEU L 49 -35.19 -77.45 20.67
C LEU L 49 -36.67 -77.22 21.01
N ILE L 50 -36.96 -76.19 21.80
CA ILE L 50 -38.35 -75.92 22.15
C ILE L 50 -39.16 -75.57 20.91
N LEU L 51 -38.57 -74.79 20.00
CA LEU L 51 -39.27 -74.48 18.76
C LEU L 51 -39.54 -75.73 17.94
N ALA L 52 -38.57 -76.66 17.92
CA ALA L 52 -38.71 -77.86 17.11
C ALA L 52 -39.88 -78.71 17.59
N GLY L 53 -40.05 -78.85 18.89
CA GLY L 53 -41.10 -79.67 19.45
C GLY L 53 -40.56 -80.86 20.21
N GLU L 54 -41.44 -81.46 21.00
CA GLU L 54 -41.03 -82.54 21.88
C GLU L 54 -40.74 -83.84 21.11
N GLU L 55 -41.50 -84.09 20.05
CA GLU L 55 -41.32 -85.33 19.29
C GLU L 55 -39.93 -85.41 18.67
N ILE L 56 -39.50 -84.32 18.02
CA ILE L 56 -38.18 -84.30 17.43
C ILE L 56 -37.11 -84.31 18.49
N TRP L 57 -37.36 -83.62 19.60
CA TRP L 57 -36.37 -83.51 20.66
C TRP L 57 -36.00 -84.87 21.23
N ASN L 58 -37.00 -85.72 21.45
CA ASN L 58 -36.76 -86.99 22.13
C ASN L 58 -36.24 -88.08 21.21
N SER L 59 -36.02 -87.80 19.94
CA SER L 59 -35.63 -88.82 18.98
C SER L 59 -34.18 -88.73 18.54
N VAL L 60 -33.45 -87.71 18.99
CA VAL L 60 -32.08 -87.49 18.55
C VAL L 60 -31.19 -87.26 19.76
N ASP L 61 -29.89 -87.52 19.59
CA ASP L 61 -28.89 -87.22 20.59
C ASP L 61 -27.82 -86.31 19.98
N ILE L 62 -27.48 -85.25 20.69
CA ILE L 62 -26.58 -84.23 20.19
C ILE L 62 -25.43 -84.06 21.16
N ASP L 63 -24.21 -83.97 20.63
CA ASP L 63 -23.01 -83.74 21.43
C ASP L 63 -22.24 -82.58 20.83
N VAL L 64 -21.89 -81.61 21.66
CA VAL L 64 -21.33 -80.34 21.20
C VAL L 64 -19.99 -80.11 21.90
N LYS L 65 -18.99 -79.70 21.12
CA LYS L 65 -17.69 -79.29 21.67
C LYS L 65 -17.46 -77.84 21.28
N VAL L 66 -17.30 -76.98 22.28
CA VAL L 66 -17.18 -75.55 22.06
C VAL L 66 -15.98 -75.02 22.82
N GLN L 67 -15.24 -74.12 22.18
CA GLN L 67 -14.05 -73.54 22.80
C GLN L 67 -13.86 -72.11 22.35
N GLY L 68 -13.14 -71.36 23.16
CA GLY L 68 -12.90 -69.94 22.90
C GLY L 68 -14.02 -69.06 23.41
N GLY L 69 -13.73 -67.77 23.49
CA GLY L 69 -14.75 -66.81 23.85
C GLY L 69 -15.17 -66.91 25.30
N GLY L 70 -16.33 -66.33 25.58
CA GLY L 70 -16.85 -66.29 26.94
C GLY L 70 -18.07 -67.16 27.14
N PHE L 71 -18.64 -67.14 28.34
CA PHE L 71 -19.76 -68.04 28.63
C PHE L 71 -20.98 -67.68 27.81
N MET L 72 -21.21 -66.40 27.56
CA MET L 72 -22.32 -66.00 26.70
C MET L 72 -22.00 -66.20 25.23
N GLY L 73 -20.75 -66.03 24.83
CA GLY L 73 -20.37 -66.29 23.46
C GLY L 73 -20.46 -67.77 23.09
N GLN L 74 -20.10 -68.64 24.04
CA GLN L 74 -20.14 -70.07 23.76
C GLN L 74 -21.57 -70.59 23.67
N ALA L 75 -22.48 -70.03 24.46
CA ALA L 75 -23.87 -70.46 24.40
C ALA L 75 -24.47 -70.16 23.03
N GLU L 76 -24.19 -68.99 22.49
CA GLU L 76 -24.78 -68.60 21.21
C GLU L 76 -24.22 -69.44 20.06
N ALA L 77 -22.92 -69.74 20.10
CA ALA L 77 -22.35 -70.60 19.06
C ALA L 77 -22.97 -71.98 19.10
N ALA L 78 -23.15 -72.53 20.29
CA ALA L 78 -23.81 -73.83 20.40
C ALA L 78 -25.24 -73.76 19.88
N ARG L 79 -25.94 -72.66 20.17
CA ARG L 79 -27.30 -72.49 19.66
C ARG L 79 -27.32 -72.51 18.15
N ILE L 80 -26.38 -71.80 17.52
CA ILE L 80 -26.33 -71.75 16.07
C ILE L 80 -26.07 -73.13 15.49
N ALA L 81 -25.09 -73.84 16.06
CA ALA L 81 -24.75 -75.17 15.56
C ALA L 81 -25.93 -76.12 15.71
N ILE L 82 -26.62 -76.06 16.84
CA ILE L 82 -27.77 -76.94 17.06
C ILE L 82 -28.88 -76.64 16.07
N ALA L 83 -29.14 -75.37 15.81
CA ALA L 83 -30.20 -75.03 14.87
C ALA L 83 -29.87 -75.54 13.47
N ARG L 84 -28.62 -75.35 13.02
CA ARG L 84 -28.25 -75.83 11.70
C ARG L 84 -28.34 -77.35 11.62
N ALA L 85 -27.88 -78.04 12.67
CA ALA L 85 -27.95 -79.49 12.67
C ALA L 85 -29.39 -79.97 12.61
N LEU L 86 -30.27 -79.32 13.36
CA LEU L 86 -31.67 -79.73 13.35
C LEU L 86 -32.29 -79.54 11.98
N VAL L 87 -32.04 -78.40 11.33
CA VAL L 87 -32.69 -78.19 10.03
C VAL L 87 -32.12 -79.13 9.00
N GLU L 88 -30.84 -79.49 9.11
CA GLU L 88 -30.25 -80.39 8.12
C GLU L 88 -30.69 -81.83 8.34
N TRP L 89 -30.89 -82.22 9.60
CA TRP L 89 -31.25 -83.61 9.89
C TRP L 89 -32.64 -83.94 9.36
N THR L 90 -33.67 -83.29 9.89
CA THR L 90 -35.02 -83.60 9.46
C THR L 90 -35.30 -83.13 8.05
N GLY L 91 -34.63 -82.07 7.60
CA GLY L 91 -34.73 -81.65 6.22
C GLY L 91 -36.12 -81.24 5.78
N ASP L 92 -36.86 -80.56 6.65
CA ASP L 92 -38.18 -80.02 6.28
C ASP L 92 -38.12 -78.51 6.34
N MET L 93 -38.73 -77.87 5.34
CA MET L 93 -38.64 -76.42 5.23
C MET L 93 -39.66 -75.69 6.09
N ASN L 94 -40.64 -76.40 6.66
CA ASN L 94 -41.53 -75.74 7.62
C ASN L 94 -40.78 -75.38 8.89
N LEU L 95 -39.95 -76.28 9.39
CA LEU L 95 -39.13 -75.96 10.55
C LEU L 95 -38.15 -74.85 10.23
N LYS L 96 -37.53 -74.90 9.05
CA LYS L 96 -36.60 -73.85 8.65
C LYS L 96 -37.30 -72.50 8.57
N GLU L 97 -38.52 -72.50 8.04
CA GLU L 97 -39.28 -71.26 7.98
C GLU L 97 -39.57 -70.72 9.37
N LYS L 98 -39.91 -71.59 10.32
CA LYS L 98 -40.21 -71.13 11.67
C LYS L 98 -39.01 -70.48 12.33
N PHE L 99 -37.81 -71.02 12.11
CA PHE L 99 -36.62 -70.45 12.74
C PHE L 99 -36.35 -69.04 12.24
N ILE L 100 -36.52 -68.81 10.93
CA ILE L 100 -36.23 -67.50 10.37
C ILE L 100 -37.16 -66.45 10.93
N LYS L 101 -38.44 -66.79 11.11
CA LYS L 101 -39.38 -65.84 11.69
C LYS L 101 -39.01 -65.48 13.12
N TYR L 102 -38.64 -66.48 13.93
CA TYR L 102 -38.33 -66.22 15.33
C TYR L 102 -37.01 -65.49 15.49
N ASP L 103 -35.97 -65.94 14.80
CA ASP L 103 -34.66 -65.33 14.91
C ASP L 103 -33.85 -65.68 13.68
N ARG L 104 -33.59 -64.69 12.83
CA ARG L 104 -32.84 -64.93 11.60
C ARG L 104 -31.43 -65.42 11.91
N THR L 105 -30.79 -64.82 12.91
CA THR L 105 -29.39 -65.10 13.19
C THR L 105 -29.14 -66.56 13.53
N MET L 106 -30.18 -67.31 13.89
CA MET L 106 -30.02 -68.73 14.14
C MET L 106 -29.39 -69.44 12.96
N LEU L 107 -29.68 -69.01 11.74
CA LEU L 107 -29.23 -69.72 10.56
C LEU L 107 -28.14 -69.02 9.77
N VAL L 108 -28.00 -67.71 9.92
CA VAL L 108 -27.01 -66.97 9.13
C VAL L 108 -25.81 -66.52 9.96
N GLY L 109 -25.91 -66.54 11.27
CA GLY L 109 -24.78 -66.17 12.11
C GLY L 109 -24.64 -64.67 12.29
N ASP L 110 -23.65 -64.30 13.10
CA ASP L 110 -23.43 -62.91 13.44
C ASP L 110 -22.01 -62.51 13.09
N PRO L 111 -21.82 -61.60 12.14
CA PRO L 111 -20.47 -61.26 11.67
C PRO L 111 -19.77 -60.18 12.46
N ARG L 112 -20.28 -59.75 13.61
CA ARG L 112 -19.67 -58.64 14.32
C ARG L 112 -18.40 -59.08 15.04
N ARG L 113 -17.39 -58.21 15.04
CA ARG L 113 -16.13 -58.44 15.72
C ARG L 113 -15.67 -57.14 16.37
N THR L 114 -14.70 -57.25 17.27
CA THR L 114 -14.19 -56.07 17.95
C THR L 114 -13.43 -55.16 16.99
N GLU L 115 -13.49 -53.87 17.24
CA GLU L 115 -12.77 -52.92 16.42
C GLU L 115 -11.40 -52.62 17.03
N PRO L 116 -10.33 -52.61 16.24
CA PRO L 116 -9.01 -52.37 16.80
C PRO L 116 -8.89 -50.97 17.40
N HIS L 117 -8.04 -50.87 18.43
CA HIS L 117 -7.86 -49.62 19.15
C HIS L 117 -6.93 -48.67 18.43
N LYS L 118 -6.97 -47.41 18.81
CA LYS L 118 -6.22 -46.33 18.20
C LYS L 118 -5.52 -45.53 19.29
N PRO L 119 -4.52 -44.73 18.94
CA PRO L 119 -3.81 -43.93 19.94
C PRO L 119 -4.73 -42.90 20.59
N ASN L 120 -4.14 -42.09 21.47
CA ASN L 120 -4.89 -41.19 22.34
C ASN L 120 -5.79 -41.97 23.29
N ARG L 121 -5.18 -42.57 24.33
CA ARG L 121 -5.88 -43.44 25.29
C ARG L 121 -6.23 -44.78 24.65
N SER L 122 -5.20 -45.44 24.13
CA SER L 122 -5.39 -46.67 23.37
C SER L 122 -6.04 -47.77 24.20
N THR L 123 -5.67 -47.89 25.47
CA THR L 123 -6.09 -49.03 26.25
C THR L 123 -7.59 -49.06 26.51
N LYS L 124 -8.27 -47.93 26.40
CA LYS L 124 -9.68 -47.91 26.75
C LYS L 124 -10.56 -48.29 25.57
N GLY L 125 -10.23 -47.83 24.37
CA GLY L 125 -11.01 -48.15 23.21
C GLY L 125 -10.60 -47.38 21.99
N PRO L 126 -11.15 -47.74 20.83
CA PRO L 126 -10.79 -47.03 19.60
C PRO L 126 -11.28 -45.60 19.56
N ARG L 127 -12.33 -45.25 20.30
CA ARG L 127 -12.91 -43.93 20.21
C ARG L 127 -12.91 -43.15 21.52
N ALA L 128 -12.75 -43.82 22.66
CA ALA L 128 -12.59 -43.10 23.91
C ALA L 128 -11.28 -42.33 23.92
N LYS L 129 -11.30 -41.13 24.50
CA LYS L 129 -10.14 -40.25 24.46
C LYS L 129 -9.91 -39.61 25.81
N ARG L 130 -8.70 -39.07 25.97
CA ARG L 130 -8.31 -38.36 27.18
C ARG L 130 -9.12 -37.07 27.33
N GLN L 131 -9.39 -36.70 28.57
CA GLN L 131 -10.12 -35.46 28.83
C GLN L 131 -9.26 -34.26 28.43
N LYS L 132 -9.91 -33.28 27.81
CA LYS L 132 -9.22 -32.13 27.24
C LYS L 132 -9.32 -30.93 28.18
N SER L 133 -8.21 -30.22 28.35
CA SER L 133 -8.16 -29.04 29.20
C SER L 133 -7.53 -27.90 28.43
N TYR L 134 -7.91 -26.68 28.78
CA TYR L 134 -7.45 -25.50 28.08
C TYR L 134 -6.59 -24.58 28.94
N ARG L 135 -6.76 -24.58 30.24
CA ARG L 135 -5.93 -23.77 31.13
C ARG L 135 -5.44 -24.59 32.30
N GLN M 2 14.97 -92.68 7.41
CA GLN M 2 14.95 -92.85 5.96
C GLN M 2 14.19 -91.72 5.28
N LYS M 3 13.77 -90.74 6.06
CA LYS M 3 13.06 -89.58 5.54
C LYS M 3 13.82 -88.32 5.89
N ALA M 4 13.72 -87.33 5.00
CA ALA M 4 14.36 -86.04 5.19
C ALA M 4 13.29 -84.97 5.39
N ARG M 5 13.58 -84.01 6.27
CA ARG M 5 12.66 -82.92 6.55
C ARG M 5 13.32 -81.62 6.12
N ILE M 6 12.60 -80.83 5.32
CA ILE M 6 13.13 -79.60 4.74
C ILE M 6 12.31 -78.43 5.27
N LYS M 7 12.98 -77.42 5.79
CA LYS M 7 12.34 -76.21 6.30
C LYS M 7 12.74 -75.02 5.46
N LEU M 8 11.74 -74.28 4.98
CA LEU M 8 11.96 -73.12 4.14
C LEU M 8 11.38 -71.88 4.79
N ALA M 9 12.11 -70.77 4.70
CA ALA M 9 11.67 -69.52 5.27
C ALA M 9 12.22 -68.36 4.45
N SER M 10 11.36 -67.37 4.20
CA SER M 10 11.77 -66.21 3.42
C SER M 10 10.84 -65.06 3.72
N THR M 11 11.31 -63.85 3.41
CA THR M 11 10.48 -62.66 3.52
C THR M 11 9.73 -62.36 2.23
N ASN M 12 9.97 -63.11 1.16
CA ASN M 12 9.24 -62.96 -0.09
C ASN M 12 8.54 -64.27 -0.40
N VAL M 13 7.23 -64.19 -0.65
CA VAL M 13 6.44 -65.40 -0.86
C VAL M 13 6.81 -66.06 -2.19
N ARG M 14 7.06 -65.26 -3.22
CA ARG M 14 7.22 -65.81 -4.56
C ARG M 14 8.44 -66.71 -4.66
N SER M 15 9.56 -66.29 -4.09
CA SER M 15 10.77 -67.12 -4.12
C SER M 15 10.54 -68.44 -3.40
N LEU M 16 9.83 -68.39 -2.26
CA LEU M 16 9.51 -69.60 -1.53
C LEU M 16 8.68 -70.54 -2.40
N GLU M 17 7.70 -70.00 -3.11
CA GLU M 17 6.89 -70.82 -3.99
C GLU M 17 7.71 -71.43 -5.10
N GLU M 18 8.66 -70.67 -5.66
CA GLU M 18 9.51 -71.21 -6.72
C GLU M 18 10.34 -72.38 -6.21
N VAL M 19 10.94 -72.23 -5.04
CA VAL M 19 11.77 -73.31 -4.51
C VAL M 19 10.92 -74.53 -4.20
N ALA M 20 9.74 -74.32 -3.62
CA ALA M 20 8.86 -75.44 -3.31
C ALA M 20 8.43 -76.16 -4.58
N ASN M 21 8.10 -75.41 -5.63
CA ASN M 21 7.70 -76.04 -6.88
C ASN M 21 8.86 -76.82 -7.51
N GLN M 22 10.08 -76.30 -7.40
CA GLN M 22 11.22 -77.05 -7.90
C GLN M 22 11.39 -78.36 -7.17
N ILE M 23 11.28 -78.35 -5.83
CA ILE M 23 11.39 -79.60 -5.09
C ILE M 23 10.27 -80.55 -5.47
N LYS M 24 9.06 -80.02 -5.64
CA LYS M 24 7.91 -80.85 -5.99
C LYS M 24 8.13 -81.52 -7.34
N GLN M 25 8.63 -80.78 -8.32
CA GLN M 25 8.89 -81.37 -9.63
C GLN M 25 10.01 -82.39 -9.58
N ILE M 26 11.04 -82.13 -8.78
CA ILE M 26 12.10 -83.12 -8.62
C ILE M 26 11.54 -84.42 -8.08
N ALA M 27 10.68 -84.33 -7.07
CA ALA M 27 10.03 -85.53 -6.57
C ALA M 27 9.11 -86.18 -7.59
N GLU M 28 8.47 -85.37 -8.44
CA GLU M 28 7.57 -85.92 -9.45
C GLU M 28 8.32 -86.70 -10.52
N ARG M 29 9.46 -86.19 -10.97
CA ARG M 29 10.25 -86.85 -12.01
C ARG M 29 10.94 -88.12 -11.51
N THR M 30 10.63 -88.57 -10.31
CA THR M 30 11.23 -89.76 -9.74
C THR M 30 10.15 -90.53 -8.99
N GLY M 31 10.38 -91.81 -8.77
CA GLY M 31 9.44 -92.58 -7.99
C GLY M 31 9.74 -92.44 -6.51
N VAL M 32 9.04 -91.53 -5.86
CA VAL M 32 9.31 -91.17 -4.47
C VAL M 32 8.12 -90.39 -3.95
N ARG M 33 7.73 -90.68 -2.72
CA ARG M 33 6.56 -90.04 -2.14
C ARG M 33 6.99 -88.85 -1.28
N MET M 34 6.27 -87.75 -1.43
CA MET M 34 6.58 -86.50 -0.76
C MET M 34 5.29 -85.92 -0.19
N SER M 35 5.26 -85.72 1.12
CA SER M 35 4.12 -85.04 1.72
C SER M 35 4.13 -83.57 1.33
N GLY M 36 2.97 -83.06 0.92
CA GLY M 36 2.85 -81.75 0.35
C GLY M 36 3.44 -80.66 1.22
N PRO M 37 3.75 -79.52 0.63
CA PRO M 37 4.33 -78.41 1.41
C PRO M 37 3.32 -77.87 2.41
N ILE M 38 3.62 -78.04 3.68
CA ILE M 38 2.72 -77.63 4.76
C ILE M 38 2.99 -76.16 5.07
N PRO M 39 1.97 -75.30 5.04
CA PRO M 39 2.19 -73.90 5.42
C PRO M 39 2.13 -73.68 6.92
N LEU M 40 3.23 -73.28 7.52
CA LEU M 40 3.30 -72.96 8.93
C LEU M 40 2.93 -71.49 9.16
N PRO M 41 2.50 -71.14 10.37
CA PRO M 41 2.03 -69.77 10.61
C PRO M 41 3.11 -68.73 10.36
N THR M 42 2.68 -67.58 9.86
CA THR M 42 3.59 -66.50 9.51
C THR M 42 4.10 -65.78 10.75
N LYS M 43 5.36 -65.37 10.70
CA LYS M 43 5.96 -64.57 11.76
C LYS M 43 5.77 -63.09 11.45
N ARG M 44 5.20 -62.35 12.38
CA ARG M 44 5.04 -60.90 12.26
C ARG M 44 5.86 -60.22 13.33
N ILE M 45 6.70 -59.28 12.92
CA ILE M 45 7.51 -58.49 13.83
C ILE M 45 7.02 -57.06 13.71
N ARG M 46 6.43 -56.54 14.78
CA ARG M 46 5.76 -55.25 14.77
C ARG M 46 6.42 -54.31 15.76
N ILE M 47 6.75 -53.11 15.31
CA ILE M 47 7.41 -52.12 16.14
C ILE M 47 6.68 -50.79 16.01
N VAL M 48 6.30 -50.20 17.14
CA VAL M 48 5.54 -48.95 17.18
C VAL M 48 6.42 -47.87 17.79
N THR M 49 6.57 -46.76 17.07
CA THR M 49 7.48 -45.70 17.52
C THR M 49 6.80 -44.34 17.42
N ARG M 50 7.24 -43.43 18.28
CA ARG M 50 6.85 -42.03 18.19
C ARG M 50 7.51 -41.39 16.98
N LYS M 51 6.79 -40.46 16.34
CA LYS M 51 7.30 -39.91 15.08
C LYS M 51 8.20 -38.69 15.30
N SER M 52 7.77 -37.74 16.10
CA SER M 52 8.51 -36.50 16.22
C SER M 52 9.84 -36.71 16.93
N PRO M 53 10.87 -35.94 16.59
CA PRO M 53 12.12 -36.03 17.34
C PRO M 53 12.04 -35.36 18.69
N ASP M 54 11.32 -34.26 18.82
CA ASP M 54 11.14 -33.57 20.08
C ASP M 54 9.83 -34.04 20.73
N GLY M 55 9.37 -33.35 21.75
CA GLY M 55 8.16 -33.75 22.44
C GLY M 55 7.01 -32.77 22.30
N GLU M 56 7.16 -31.77 21.46
CA GLU M 56 6.14 -30.76 21.27
C GLU M 56 5.15 -31.21 20.20
N GLY M 57 3.89 -30.85 20.40
CA GLY M 57 2.84 -31.19 19.45
C GLY M 57 2.07 -32.44 19.84
N SER M 58 1.07 -32.75 19.04
CA SER M 58 0.29 -33.97 19.26
C SER M 58 1.16 -35.19 19.02
N ALA M 59 0.81 -36.28 19.70
CA ALA M 59 1.58 -37.51 19.59
C ALA M 59 1.01 -38.38 18.48
N THR M 60 1.88 -38.77 17.55
CA THR M 60 1.51 -39.64 16.44
C THR M 60 2.54 -40.76 16.33
N PHE M 61 2.12 -41.89 15.81
CA PHE M 61 2.93 -43.11 15.89
C PHE M 61 3.03 -43.79 14.54
N ASP M 62 4.18 -44.42 14.32
CA ASP M 62 4.43 -45.29 13.18
C ASP M 62 4.36 -46.74 13.63
N ARG M 63 3.80 -47.59 12.77
CA ARG M 63 3.68 -49.03 13.03
C ARG M 63 4.39 -49.77 11.89
N TRP M 64 5.66 -50.14 12.12
CA TRP M 64 6.43 -50.86 11.13
C TRP M 64 6.27 -52.36 11.34
N GLU M 65 6.25 -53.10 10.23
CA GLU M 65 5.99 -54.52 10.27
C GLU M 65 6.89 -55.28 9.30
N LEU M 66 7.38 -56.43 9.74
CA LEU M 66 8.17 -57.34 8.93
C LEU M 66 7.55 -58.73 9.00
N ARG M 67 7.36 -59.36 7.84
CA ARG M 67 6.67 -60.64 7.76
C ARG M 67 7.61 -61.71 7.23
N ILE M 68 7.57 -62.88 7.86
CA ILE M 68 8.44 -64.00 7.52
C ILE M 68 7.56 -65.22 7.29
N HIS M 69 7.60 -65.77 6.08
CA HIS M 69 6.78 -66.92 5.72
C HIS M 69 7.57 -68.21 5.86
N LYS M 70 6.84 -69.30 6.06
CA LYS M 70 7.48 -70.59 6.32
C LYS M 70 6.74 -71.69 5.57
N ARG M 71 7.47 -72.76 5.25
CA ARG M 71 6.91 -73.95 4.63
C ARG M 71 7.62 -75.17 5.20
N LEU M 72 6.95 -76.32 5.13
CA LEU M 72 7.52 -77.57 5.61
C LEU M 72 7.28 -78.65 4.58
N ILE M 73 8.32 -79.43 4.28
CA ILE M 73 8.25 -80.49 3.29
C ILE M 73 8.96 -81.73 3.82
N ASP M 74 8.29 -82.88 3.71
CA ASP M 74 8.86 -84.16 4.10
C ASP M 74 9.02 -85.05 2.87
N ILE M 75 10.18 -85.69 2.76
CA ILE M 75 10.49 -86.54 1.62
C ILE M 75 11.38 -87.67 2.11
N GLU M 76 11.22 -88.85 1.51
CA GLU M 76 11.97 -90.03 1.91
C GLU M 76 13.33 -90.03 1.23
N ALA M 77 14.34 -90.48 1.98
CA ALA M 77 15.74 -90.36 1.54
C ALA M 77 16.03 -91.34 0.42
N ASP M 78 16.06 -90.84 -0.81
CA ASP M 78 16.51 -91.61 -1.97
C ASP M 78 17.70 -90.92 -2.57
N GLU M 79 18.81 -91.65 -2.70
CA GLU M 79 20.06 -91.04 -3.15
C GLU M 79 19.94 -90.48 -4.56
N ARG M 80 19.16 -91.14 -5.41
CA ARG M 80 18.93 -90.61 -6.75
C ARG M 80 18.24 -89.25 -6.70
N ALA M 81 17.26 -89.10 -5.82
CA ALA M 81 16.57 -87.82 -5.67
C ALA M 81 17.26 -86.88 -4.71
N MET M 82 18.06 -87.42 -3.79
CA MET M 82 18.74 -86.57 -2.81
C MET M 82 19.78 -85.67 -3.47
N ARG M 83 20.47 -86.17 -4.49
CA ARG M 83 21.50 -85.36 -5.13
C ARG M 83 20.90 -84.16 -5.83
N GLN M 84 19.73 -84.32 -6.47
CA GLN M 84 19.14 -83.22 -7.21
C GLN M 84 18.79 -82.05 -6.30
N ILE M 85 18.13 -82.34 -5.17
CA ILE M 85 17.76 -81.26 -4.26
C ILE M 85 18.99 -80.69 -3.56
N MET M 86 20.06 -81.47 -3.47
CA MET M 86 21.29 -80.95 -2.89
C MET M 86 22.00 -79.97 -3.81
N ARG M 87 21.67 -79.97 -5.09
CA ARG M 87 22.34 -79.11 -6.07
C ARG M 87 21.49 -77.95 -6.53
N ILE M 88 20.22 -77.91 -6.15
CA ILE M 88 19.36 -76.79 -6.54
C ILE M 88 19.83 -75.53 -5.82
N ARG M 89 19.77 -74.40 -6.52
CA ARG M 89 20.30 -73.15 -6.01
C ARG M 89 19.13 -72.24 -5.62
N VAL M 90 19.12 -71.82 -4.36
CA VAL M 90 18.06 -70.98 -3.82
C VAL M 90 18.48 -69.52 -3.93
N PRO M 91 17.53 -68.58 -4.05
CA PRO M 91 17.88 -67.17 -4.04
C PRO M 91 18.44 -66.76 -2.69
N GLU M 92 19.12 -65.61 -2.67
CA GLU M 92 19.79 -65.17 -1.46
C GLU M 92 18.83 -64.78 -0.34
N ASP M 93 17.54 -64.59 -0.66
CA ASP M 93 16.55 -64.18 0.33
C ASP M 93 15.71 -65.35 0.83
N VAL M 94 16.19 -66.58 0.69
CA VAL M 94 15.50 -67.76 1.17
C VAL M 94 16.48 -68.60 1.98
N THR M 95 16.02 -69.11 3.12
CA THR M 95 16.85 -69.96 3.97
C THR M 95 16.30 -71.37 3.93
N ILE M 96 17.20 -72.35 3.78
CA ILE M 96 16.84 -73.76 3.68
C ILE M 96 17.68 -74.56 4.64
N GLU M 97 17.07 -75.56 5.28
CA GLU M 97 17.77 -76.45 6.18
C GLU M 97 17.22 -77.87 5.99
N ILE M 98 18.12 -78.85 5.94
CA ILE M 98 17.76 -80.24 5.67
C ILE M 98 18.27 -81.10 6.81
N GLU M 99 17.44 -82.05 7.25
CA GLU M 99 17.81 -82.98 8.30
C GLU M 99 17.16 -84.33 8.03
N LEU M 100 17.80 -85.38 8.54
CA LEU M 100 17.35 -86.74 8.34
C LEU M 100 16.72 -87.27 9.62
N ILE M 101 15.52 -87.83 9.50
CA ILE M 101 14.83 -88.38 10.66
C ILE M 101 14.58 -89.87 10.45
N LYS N 11 -88.06 -12.41 17.61
CA LYS N 11 -87.57 -12.85 16.33
C LYS N 11 -86.10 -13.28 16.42
N GLU N 12 -85.21 -12.42 15.93
CA GLU N 12 -83.78 -12.69 15.94
C GLU N 12 -83.08 -11.50 16.57
N LYS N 13 -82.47 -11.72 17.73
CA LYS N 13 -81.73 -10.67 18.42
C LYS N 13 -80.29 -10.73 17.94
N TRP N 14 -79.90 -9.77 17.10
CA TRP N 14 -78.57 -9.68 16.54
C TRP N 14 -77.80 -8.55 17.20
N GLY N 15 -76.51 -8.76 17.42
CA GLY N 15 -75.68 -7.75 18.04
C GLY N 15 -74.48 -7.40 17.18
N ILE N 16 -73.54 -6.65 17.75
CA ILE N 16 -72.34 -6.23 17.05
C ILE N 16 -71.14 -6.57 17.91
N ALA N 17 -70.11 -7.15 17.31
CA ALA N 17 -68.87 -7.47 17.99
C ALA N 17 -67.81 -6.49 17.52
N HIS N 18 -67.38 -5.60 18.40
CA HIS N 18 -66.29 -4.68 18.14
C HIS N 18 -65.00 -5.32 18.65
N ILE N 19 -64.02 -5.47 17.76
CA ILE N 19 -62.75 -6.07 18.09
C ILE N 19 -61.66 -5.02 17.90
N TYR N 20 -60.90 -4.77 18.94
CA TYR N 20 -59.80 -3.81 18.91
C TYR N 20 -58.50 -4.58 19.07
N SER N 21 -57.66 -4.55 18.03
CA SER N 21 -56.46 -5.37 18.02
C SER N 21 -55.24 -4.51 17.78
N SER N 22 -54.27 -4.58 18.67
CA SER N 22 -53.01 -3.88 18.53
C SER N 22 -51.86 -4.85 18.78
N TYR N 23 -50.65 -4.31 18.90
CA TYR N 23 -49.48 -5.11 19.20
C TYR N 23 -49.32 -5.38 20.69
N ASN N 24 -50.17 -4.81 21.53
CA ASN N 24 -50.00 -4.93 22.97
C ASN N 24 -51.20 -5.55 23.69
N ASN N 25 -52.36 -5.62 23.05
CA ASN N 25 -53.54 -6.12 23.73
C ASN N 25 -54.63 -6.40 22.69
N THR N 26 -55.74 -6.93 23.18
CA THR N 26 -56.90 -7.21 22.34
C THR N 26 -58.16 -7.08 23.18
N ILE N 27 -59.15 -6.37 22.65
CA ILE N 27 -60.40 -6.12 23.35
C ILE N 27 -61.55 -6.62 22.50
N ILE N 28 -62.48 -7.34 23.11
CA ILE N 28 -63.66 -7.88 22.43
C ILE N 28 -64.88 -7.38 23.17
N HIS N 29 -65.74 -6.65 22.47
CA HIS N 29 -66.84 -5.91 23.09
C HIS N 29 -68.10 -6.19 22.29
N ILE N 30 -69.07 -6.87 22.89
CA ILE N 30 -70.30 -7.22 22.22
C ILE N 30 -71.41 -6.30 22.73
N THR N 31 -72.05 -5.60 21.81
CA THR N 31 -73.15 -4.70 22.07
C THR N 31 -74.36 -5.11 21.25
N ASP N 32 -75.44 -4.37 21.39
CA ASP N 32 -76.67 -4.65 20.67
C ASP N 32 -76.59 -4.10 19.25
N ILE N 33 -77.72 -4.11 18.54
CA ILE N 33 -77.69 -3.74 17.12
C ILE N 33 -77.39 -2.26 16.94
N THR N 34 -77.88 -1.41 17.84
CA THR N 34 -77.65 0.02 17.69
C THR N 34 -76.34 0.47 18.32
N GLY N 35 -75.70 -0.37 19.13
CA GLY N 35 -74.43 -0.05 19.72
C GLY N 35 -74.48 0.77 20.97
N ALA N 36 -75.67 1.17 21.44
CA ALA N 36 -75.75 2.02 22.61
C ALA N 36 -75.86 1.26 23.91
N GLU N 37 -75.99 -0.07 23.86
CA GLU N 37 -76.10 -0.90 25.05
C GLU N 37 -75.05 -1.99 25.02
N THR N 38 -74.33 -2.15 26.11
CA THR N 38 -73.24 -3.12 26.20
C THR N 38 -73.77 -4.44 26.73
N ILE N 39 -73.44 -5.52 26.04
CA ILE N 39 -73.81 -6.85 26.48
C ILE N 39 -72.66 -7.53 27.22
N SER N 40 -71.45 -7.48 26.66
CA SER N 40 -70.30 -8.07 27.35
C SER N 40 -69.03 -7.42 26.84
N ARG N 41 -67.95 -7.59 27.60
CA ARG N 41 -66.70 -6.91 27.29
C ARG N 41 -65.55 -7.62 27.99
N TRP N 42 -64.54 -8.05 27.22
CA TRP N 42 -63.42 -8.77 27.77
C TRP N 42 -62.13 -8.39 27.05
N SER N 43 -61.06 -8.18 27.82
CA SER N 43 -59.77 -7.81 27.27
C SER N 43 -58.76 -8.90 27.57
N GLY N 44 -57.61 -8.82 26.89
CA GLY N 44 -56.60 -9.85 27.03
C GLY N 44 -56.02 -9.93 28.42
N GLY N 45 -55.95 -8.81 29.13
CA GLY N 45 -55.37 -8.81 30.45
C GLY N 45 -56.24 -9.41 31.52
N MET N 46 -57.47 -9.78 31.20
CA MET N 46 -58.38 -10.37 32.15
C MET N 46 -58.39 -11.90 32.11
N VAL N 47 -57.55 -12.52 31.29
CA VAL N 47 -57.61 -13.97 31.12
C VAL N 47 -56.22 -14.59 31.26
N VAL N 48 -55.18 -13.76 31.27
CA VAL N 48 -53.81 -14.23 31.41
C VAL N 48 -53.12 -13.40 32.48
N LYS N 49 -51.98 -13.91 32.95
CA LYS N 49 -51.24 -13.28 34.03
C LYS N 49 -49.98 -12.56 33.58
N ALA N 50 -49.42 -12.90 32.43
CA ALA N 50 -48.17 -12.32 31.97
C ALA N 50 -48.45 -11.22 30.96
N ASP N 51 -47.81 -10.06 31.16
CA ASP N 51 -48.00 -8.94 30.24
C ASP N 51 -47.54 -9.30 28.84
N ARG N 52 -46.61 -10.26 28.73
CA ARG N 52 -46.09 -10.64 27.43
C ARG N 52 -47.13 -11.41 26.61
N ASP N 53 -48.11 -12.00 27.27
CA ASP N 53 -49.07 -12.88 26.59
C ASP N 53 -50.37 -12.18 26.22
N GLU N 54 -50.53 -10.89 26.54
CA GLU N 54 -51.79 -10.22 26.26
C GLU N 54 -52.17 -10.22 24.78
N PRO N 55 -51.29 -9.95 23.82
CA PRO N 55 -51.70 -9.97 22.42
C PRO N 55 -51.62 -11.33 21.73
N SER N 56 -51.40 -12.41 22.46
CA SER N 56 -51.26 -13.71 21.83
C SER N 56 -52.60 -14.20 21.29
N PRO N 57 -52.58 -15.06 20.28
CA PRO N 57 -53.85 -15.62 19.78
C PRO N 57 -54.61 -16.43 20.82
N TYR N 58 -53.90 -17.12 21.72
CA TYR N 58 -54.57 -17.94 22.72
C TYR N 58 -55.39 -17.09 23.67
N ALA N 59 -54.84 -15.97 24.12
CA ALA N 59 -55.60 -15.07 24.98
C ALA N 59 -56.82 -14.53 24.26
N ALA N 60 -56.69 -14.26 22.96
CA ALA N 60 -57.82 -13.82 22.18
C ALA N 60 -58.91 -14.88 22.15
N MET N 61 -58.53 -16.15 21.98
CA MET N 61 -59.51 -17.22 21.99
C MET N 61 -60.23 -17.29 23.33
N LEU N 62 -59.48 -17.20 24.43
CA LEU N 62 -60.10 -17.29 25.74
C LEU N 62 -61.09 -16.15 25.98
N ALA N 63 -60.67 -14.92 25.66
CA ALA N 63 -61.55 -13.78 25.85
C ALA N 63 -62.79 -13.88 24.97
N ALA N 64 -62.61 -14.32 23.72
CA ALA N 64 -63.75 -14.46 22.83
C ALA N 64 -64.74 -15.48 23.37
N ARG N 65 -64.24 -16.60 23.91
CA ARG N 65 -65.15 -17.61 24.45
C ARG N 65 -65.93 -17.06 25.63
N ARG N 66 -65.26 -16.34 26.53
CA ARG N 66 -65.97 -15.79 27.68
C ARG N 66 -67.07 -14.82 27.23
N ALA N 67 -66.71 -13.91 26.32
CA ALA N 67 -67.69 -12.93 25.85
C ALA N 67 -68.85 -13.61 25.15
N ALA N 68 -68.57 -14.63 24.34
CA ALA N 68 -69.63 -15.33 23.62
C ALA N 68 -70.57 -16.04 24.58
N GLU N 69 -70.03 -16.67 25.63
CA GLU N 69 -70.92 -17.30 26.60
C GLU N 69 -71.83 -16.28 27.26
N GLU N 70 -71.26 -15.16 27.71
CA GLU N 70 -72.09 -14.15 28.36
C GLU N 70 -73.16 -13.62 27.42
N ALA N 71 -72.83 -13.42 26.14
CA ALA N 71 -73.81 -12.92 25.20
C ALA N 71 -74.90 -13.96 24.95
N LEU N 72 -74.51 -15.23 24.80
CA LEU N 72 -75.48 -16.27 24.49
C LEU N 72 -76.49 -16.44 25.61
N GLU N 73 -76.04 -16.35 26.86
CA GLU N 73 -77.00 -16.55 27.95
C GLU N 73 -78.02 -15.42 28.04
N LYS N 74 -77.80 -14.31 27.36
CA LYS N 74 -78.73 -13.18 27.39
C LYS N 74 -79.63 -13.11 26.16
N GLY N 75 -79.56 -14.09 25.27
CA GLY N 75 -80.50 -14.18 24.16
C GLY N 75 -79.97 -13.78 22.81
N ILE N 76 -78.75 -13.26 22.71
CA ILE N 76 -78.19 -12.90 21.41
C ILE N 76 -77.93 -14.17 20.61
N VAL N 77 -78.25 -14.13 19.32
CA VAL N 77 -78.09 -15.28 18.45
C VAL N 77 -76.94 -15.11 17.48
N GLY N 78 -76.80 -13.94 16.87
CA GLY N 78 -75.74 -13.70 15.91
C GLY N 78 -75.18 -12.31 16.06
N VAL N 79 -74.04 -12.09 15.40
CA VAL N 79 -73.34 -10.81 15.47
C VAL N 79 -72.76 -10.45 14.11
N HIS N 80 -72.71 -9.16 13.84
CA HIS N 80 -71.89 -8.59 12.78
C HIS N 80 -70.59 -8.10 13.39
N ILE N 81 -69.50 -8.23 12.65
CA ILE N 81 -68.16 -8.03 13.20
C ILE N 81 -67.56 -6.76 12.63
N ARG N 82 -66.99 -5.94 13.51
CA ARG N 82 -66.20 -4.77 13.14
C ARG N 82 -64.86 -4.86 13.83
N VAL N 83 -63.78 -4.97 13.06
CA VAL N 83 -62.44 -5.16 13.59
C VAL N 83 -61.61 -3.95 13.22
N ARG N 84 -60.84 -3.44 14.18
CA ARG N 84 -60.03 -2.25 13.94
C ARG N 84 -58.66 -2.38 14.59
N ALA N 85 -57.67 -1.79 13.92
CA ALA N 85 -56.37 -1.51 14.48
C ALA N 85 -56.41 -0.15 15.16
N PRO N 86 -55.33 0.26 15.84
CA PRO N 86 -55.35 1.60 16.46
C PRO N 86 -55.62 2.72 15.48
N GLY N 87 -55.06 2.65 14.28
CA GLY N 87 -55.34 3.67 13.29
C GLY N 87 -54.78 5.03 13.69
N GLY N 88 -55.38 6.06 13.11
CA GLY N 88 -54.94 7.42 13.36
C GLY N 88 -53.51 7.65 12.92
N SER N 89 -52.69 8.19 13.81
CA SER N 89 -51.27 8.32 13.55
C SER N 89 -50.46 7.14 14.03
N LYS N 90 -51.11 6.12 14.56
CA LYS N 90 -50.45 4.88 14.96
C LYS N 90 -50.49 3.89 13.81
N SER N 91 -50.18 2.63 14.09
CA SER N 91 -50.10 1.63 13.02
C SER N 91 -51.47 1.34 12.43
N LYS N 92 -51.49 1.01 11.15
CA LYS N 92 -52.72 0.71 10.42
C LYS N 92 -53.01 -0.77 10.31
N THR N 93 -52.14 -1.64 10.84
CA THR N 93 -52.27 -3.07 10.62
C THR N 93 -52.77 -3.75 11.89
N PRO N 94 -53.81 -4.57 11.81
CA PRO N 94 -54.29 -5.27 12.99
C PRO N 94 -53.25 -6.24 13.53
N GLY N 95 -53.33 -6.47 14.83
CA GLY N 95 -52.40 -7.37 15.48
C GLY N 95 -52.72 -8.82 15.18
N PRO N 96 -51.99 -9.70 15.86
CA PRO N 96 -52.14 -11.14 15.60
C PRO N 96 -53.38 -11.76 16.21
N GLY N 97 -54.16 -11.04 16.99
CA GLY N 97 -55.28 -11.64 17.69
C GLY N 97 -56.63 -11.52 17.02
N ALA N 98 -56.70 -10.81 15.89
CA ALA N 98 -58.00 -10.57 15.26
C ALA N 98 -58.59 -11.85 14.70
N GLN N 99 -57.82 -12.58 13.90
CA GLN N 99 -58.36 -13.77 13.23
C GLN N 99 -58.74 -14.85 14.23
N ALA N 100 -57.91 -15.06 15.25
CA ALA N 100 -58.23 -16.05 16.27
C ALA N 100 -59.51 -15.68 16.98
N ALA N 101 -59.71 -14.39 17.27
CA ALA N 101 -60.94 -13.95 17.91
C ALA N 101 -62.15 -14.19 17.01
N ILE N 102 -62.01 -13.93 15.71
CA ILE N 102 -63.13 -14.12 14.81
C ILE N 102 -63.52 -15.59 14.75
N ARG N 103 -62.52 -16.48 14.65
CA ARG N 103 -62.84 -17.90 14.59
C ARG N 103 -63.46 -18.40 15.89
N ALA N 104 -63.01 -17.89 17.03
CA ALA N 104 -63.50 -18.39 18.31
C ALA N 104 -64.96 -18.04 18.54
N LEU N 105 -65.41 -16.89 18.06
CA LEU N 105 -66.81 -16.52 18.23
C LEU N 105 -67.73 -17.50 17.53
N ALA N 106 -67.38 -17.88 16.30
CA ALA N 106 -68.19 -18.86 15.57
C ALA N 106 -68.20 -20.20 16.27
N ARG N 107 -67.05 -20.62 16.80
CA ARG N 107 -66.95 -21.94 17.40
C ARG N 107 -67.77 -22.04 18.68
N ALA N 108 -68.04 -20.90 19.31
CA ALA N 108 -68.78 -20.92 20.58
C ALA N 108 -70.28 -21.03 20.39
N GLY N 109 -70.79 -20.83 19.18
CA GLY N 109 -72.20 -21.04 18.90
C GLY N 109 -72.93 -19.86 18.29
N LEU N 110 -72.28 -18.72 18.07
CA LEU N 110 -72.95 -17.58 17.47
C LEU N 110 -72.95 -17.71 15.95
N LYS N 111 -74.00 -17.19 15.33
CA LYS N 111 -74.00 -16.99 13.89
C LYS N 111 -73.20 -15.76 13.54
N ILE N 112 -72.68 -15.72 12.31
CA ILE N 112 -71.84 -14.63 11.87
C ILE N 112 -72.50 -13.94 10.69
N GLY N 113 -72.63 -12.61 10.79
CA GLY N 113 -73.18 -11.83 9.70
C GLY N 113 -72.09 -11.35 8.76
N ARG N 114 -72.11 -10.06 8.41
CA ARG N 114 -71.09 -9.52 7.53
C ARG N 114 -69.90 -9.04 8.35
N VAL N 115 -68.72 -9.08 7.73
CA VAL N 115 -67.46 -8.76 8.38
C VAL N 115 -66.80 -7.64 7.63
N GLU N 116 -66.33 -6.63 8.36
CA GLU N 116 -65.63 -5.51 7.76
C GLU N 116 -64.69 -4.89 8.78
N ASP N 117 -63.74 -4.10 8.29
CA ASP N 117 -62.80 -3.41 9.14
C ASP N 117 -63.07 -1.91 9.11
N VAL N 118 -62.93 -1.26 10.26
CA VAL N 118 -63.34 0.13 10.40
C VAL N 118 -62.20 0.97 10.94
N THR N 119 -60.97 0.58 10.62
CA THR N 119 -59.80 1.31 11.10
C THR N 119 -59.85 2.74 10.60
N PRO N 120 -59.76 3.73 11.48
CA PRO N 120 -59.81 5.13 11.03
C PRO N 120 -58.56 5.50 10.25
N ILE N 121 -58.77 6.13 9.08
CA ILE N 121 -57.70 6.48 8.16
C ILE N 121 -57.71 7.98 7.95
N PRO N 122 -56.62 8.69 8.19
CA PRO N 122 -56.61 10.13 7.95
C PRO N 122 -56.37 10.45 6.49
N HIS N 123 -56.93 11.59 6.07
CA HIS N 123 -56.58 12.17 4.78
C HIS N 123 -55.53 13.26 5.01
N ASP N 124 -54.33 12.80 5.36
CA ASP N 124 -53.22 13.64 5.81
C ASP N 124 -53.52 14.39 7.10
N GLY N 125 -53.62 13.66 8.21
CA GLY N 125 -53.89 14.26 9.50
C GLY N 125 -52.67 14.77 10.24
N THR N 126 -52.53 14.40 11.51
CA THR N 126 -51.55 14.99 12.42
C THR N 126 -50.20 14.28 12.33
N ARG N 127 -49.28 14.74 13.16
CA ARG N 127 -47.89 14.31 13.11
C ARG N 127 -47.63 13.21 14.11
N PRO N 128 -47.00 12.10 13.71
CA PRO N 128 -46.73 11.01 14.64
C PRO N 128 -45.52 11.28 15.53
N LYS N 129 -45.32 10.39 16.51
CA LYS N 129 -44.26 10.56 17.48
C LYS N 129 -42.92 10.05 16.93
N GLY N 130 -41.86 10.43 17.61
CA GLY N 130 -40.54 9.89 17.37
C GLY N 130 -39.53 10.86 16.79
N GLY N 131 -39.97 12.01 16.32
CA GLY N 131 -39.07 12.92 15.63
C GLY N 131 -38.85 12.50 14.20
N ARG N 132 -38.03 13.27 13.50
CA ARG N 132 -37.82 13.02 12.09
C ARG N 132 -36.86 11.88 11.82
N ARG N 133 -36.46 11.14 12.86
CA ARG N 133 -35.63 9.96 12.68
C ARG N 133 -36.25 8.69 13.23
N GLY N 134 -37.33 8.78 14.00
CA GLY N 134 -38.01 7.62 14.51
C GLY N 134 -37.29 6.98 15.68
N ARG N 135 -37.84 5.86 16.14
CA ARG N 135 -37.18 5.09 17.19
C ARG N 135 -35.87 4.54 16.67
N ARG N 136 -34.79 4.74 17.43
CA ARG N 136 -33.48 4.25 17.06
C ARG N 136 -33.10 3.16 18.06
N VAL N 137 -33.40 1.93 17.70
CA VAL N 137 -33.10 0.78 18.54
C VAL N 137 -32.13 -0.15 17.82
N PRO O 2 -16.74 25.00 -17.95
CA PRO O 2 -15.82 26.08 -18.32
C PRO O 2 -15.68 26.22 -19.82
N GLY O 3 -15.83 27.43 -20.33
CA GLY O 3 -15.70 27.68 -21.75
C GLY O 3 -14.26 27.94 -22.15
N LYS O 4 -14.10 28.55 -23.31
CA LYS O 4 -12.77 28.84 -23.83
C LYS O 4 -12.07 29.87 -22.94
N LYS O 5 -10.75 29.75 -22.84
CA LYS O 5 -9.97 30.68 -22.04
C LYS O 5 -10.15 32.10 -22.55
N ALA O 6 -10.31 33.04 -21.62
CA ALA O 6 -10.64 34.42 -21.95
C ALA O 6 -9.73 35.34 -21.17
N PRO O 7 -9.49 36.57 -21.67
CA PRO O 7 -9.93 37.10 -22.96
C PRO O 7 -9.00 36.70 -24.09
N ASN O 8 -9.57 36.59 -25.29
CA ASN O 8 -8.79 36.24 -26.47
C ASN O 8 -8.80 37.33 -27.53
N GLY O 9 -9.55 38.40 -27.31
CA GLY O 9 -9.72 39.40 -28.34
C GLY O 9 -8.43 40.13 -28.68
N GLU O 10 -8.43 40.73 -29.87
CA GLU O 10 -7.23 41.39 -30.36
C GLU O 10 -6.92 42.65 -29.58
N PHE O 11 -7.94 43.35 -29.10
CA PHE O 11 -7.76 44.62 -28.41
C PHE O 11 -7.97 44.50 -26.90
N ALA O 12 -7.72 43.32 -26.34
CA ALA O 12 -7.95 43.06 -24.93
C ALA O 12 -6.64 42.87 -24.17
N GLY O 13 -5.63 43.67 -24.49
CA GLY O 13 -4.35 43.50 -23.84
C GLY O 13 -4.38 43.84 -22.36
N ARG O 14 -5.07 44.93 -22.00
CA ARG O 14 -5.05 45.39 -20.62
C ARG O 14 -5.65 44.36 -19.67
N LYS O 15 -6.79 43.80 -20.05
CA LYS O 15 -7.43 42.81 -19.18
C LYS O 15 -6.58 41.57 -19.04
N LEU O 16 -5.96 41.13 -20.13
CA LEU O 16 -5.11 39.94 -20.08
C LEU O 16 -3.92 40.16 -19.15
N LYS O 17 -3.27 41.31 -19.28
CA LYS O 17 -2.14 41.61 -18.40
C LYS O 17 -2.59 41.69 -16.94
N LEU O 18 -3.75 42.31 -16.70
CA LEU O 18 -4.25 42.40 -15.33
C LEU O 18 -4.54 41.03 -14.75
N LYS O 19 -5.13 40.14 -15.55
CA LYS O 19 -5.42 38.79 -15.07
C LYS O 19 -4.14 38.07 -14.68
N ARG O 20 -3.14 38.12 -15.56
CA ARG O 20 -1.90 37.42 -15.25
C ARG O 20 -1.22 38.00 -14.02
N LYS O 21 -1.24 39.32 -13.87
CA LYS O 21 -0.64 39.91 -12.68
C LYS O 21 -1.41 39.52 -11.43
N LYS O 22 -2.74 39.44 -11.52
CA LYS O 22 -3.56 39.11 -10.36
C LYS O 22 -3.26 37.70 -9.87
N PHE O 23 -3.20 36.74 -10.77
CA PHE O 23 -3.05 35.37 -10.29
C PHE O 23 -1.60 34.97 -10.03
N ARG O 24 -0.64 35.85 -10.28
CA ARG O 24 0.73 35.52 -9.96
C ARG O 24 1.00 35.58 -8.47
N TRP O 25 0.17 36.31 -7.72
CA TRP O 25 0.34 36.39 -6.28
C TRP O 25 -0.03 35.10 -5.56
N SER O 26 -0.68 34.17 -6.24
CA SER O 26 -0.96 32.87 -5.64
C SER O 26 0.26 31.98 -5.61
N ASP O 27 1.35 32.38 -6.27
CA ASP O 27 2.58 31.60 -6.29
C ASP O 27 3.41 32.01 -5.09
N ILE O 28 3.70 31.04 -4.22
CA ILE O 28 4.37 31.35 -2.97
C ILE O 28 5.81 31.79 -3.20
N ARG O 29 6.49 31.23 -4.19
CA ARG O 29 7.88 31.63 -4.44
C ARG O 29 7.96 33.09 -4.85
N TYR O 30 7.06 33.53 -5.73
CA TYR O 30 7.07 34.91 -6.16
C TYR O 30 6.71 35.85 -5.02
N LYS O 31 5.73 35.46 -4.20
CA LYS O 31 5.28 36.33 -3.13
C LYS O 31 6.37 36.56 -2.10
N ARG O 32 7.12 35.52 -1.76
CA ARG O 32 8.16 35.66 -0.76
C ARG O 32 9.30 36.53 -1.26
N ARG O 33 9.64 36.41 -2.54
CA ARG O 33 10.76 37.18 -3.08
C ARG O 33 10.43 38.67 -3.11
N VAL O 34 9.27 39.03 -3.66
CA VAL O 34 8.95 40.44 -3.85
C VAL O 34 8.73 41.13 -2.52
N LEU O 35 8.02 40.50 -1.60
CA LEU O 35 7.79 41.09 -0.30
C LEU O 35 8.99 40.95 0.63
N ARG O 36 10.02 40.21 0.21
CA ARG O 36 11.25 40.04 0.99
C ARG O 36 10.95 39.49 2.37
N LEU O 37 10.17 38.41 2.42
CA LEU O 37 9.75 37.85 3.70
C LEU O 37 10.89 37.16 4.40
N LYS O 38 11.80 36.51 3.66
CA LYS O 38 12.90 35.82 4.30
C LYS O 38 13.83 36.79 5.02
N GLU O 39 14.11 37.93 4.41
CA GLU O 39 15.04 38.90 5.01
C GLU O 39 14.50 39.43 6.32
N LYS O 40 13.18 39.47 6.47
CA LYS O 40 12.60 40.06 7.66
C LYS O 40 12.74 39.17 8.89
N SER O 41 12.95 37.87 8.71
CA SER O 41 13.04 36.95 9.84
C SER O 41 14.36 36.21 9.90
N ASP O 42 15.30 36.49 9.02
CA ASP O 42 16.54 35.72 8.96
C ASP O 42 17.48 36.18 10.06
N PRO O 43 17.86 35.31 10.99
CA PRO O 43 18.84 35.71 12.02
C PRO O 43 20.22 35.99 11.46
N LEU O 44 20.58 35.41 10.32
CA LEU O 44 21.88 35.68 9.73
C LEU O 44 21.90 36.91 8.84
N GLU O 45 20.74 37.51 8.59
CA GLU O 45 20.64 38.77 7.84
C GLU O 45 21.25 38.63 6.45
N GLY O 46 20.94 37.55 5.76
CA GLY O 46 21.35 37.37 4.40
C GLY O 46 22.78 36.95 4.18
N ALA O 47 23.53 36.71 5.24
CA ALA O 47 24.91 36.29 5.07
C ALA O 47 24.98 34.79 4.81
N PRO O 48 26.03 34.33 4.13
CA PRO O 48 26.21 32.88 3.98
C PRO O 48 26.86 32.22 5.17
N GLN O 49 27.56 32.97 6.02
CA GLN O 49 28.21 32.42 7.20
C GLN O 49 28.10 33.44 8.32
N ALA O 50 28.33 32.98 9.54
CA ALA O 50 28.26 33.89 10.68
C ALA O 50 29.22 33.43 11.77
N ARG O 51 29.57 34.35 12.65
CA ARG O 51 30.47 34.10 13.76
C ARG O 51 29.73 34.30 15.08
N GLY O 52 29.99 33.41 16.04
CA GLY O 52 29.29 33.49 17.30
C GLY O 52 30.12 32.93 18.44
N ILE O 53 29.56 33.02 19.64
CA ILE O 53 30.22 32.56 20.86
C ILE O 53 29.37 31.47 21.49
N VAL O 54 30.02 30.39 21.91
CA VAL O 54 29.33 29.22 22.45
C VAL O 54 28.87 29.51 23.87
N LEU O 55 27.62 29.17 24.17
CA LEU O 55 27.08 29.32 25.52
C LEU O 55 27.00 28.01 26.29
N GLU O 56 26.53 26.93 25.67
CA GLU O 56 26.46 25.65 26.37
C GLU O 56 26.36 24.53 25.35
N LYS O 57 26.60 23.31 25.82
CA LYS O 57 26.48 22.12 25.01
C LYS O 57 25.21 21.36 25.37
N ILE O 58 24.58 20.78 24.35
CA ILE O 58 23.34 20.03 24.52
C ILE O 58 23.39 18.79 23.64
N ALA O 59 22.31 18.02 23.67
CA ALA O 59 22.16 16.84 22.83
C ALA O 59 20.70 16.71 22.44
N VAL O 60 20.45 16.30 21.20
CA VAL O 60 19.11 16.23 20.64
C VAL O 60 18.83 14.81 20.18
N GLU O 61 17.65 14.30 20.52
CA GLU O 61 17.28 12.96 20.10
C GLU O 61 16.85 12.95 18.64
N ALA O 62 17.18 11.86 17.95
CA ALA O 62 16.74 11.68 16.57
C ALA O 62 15.26 11.35 16.53
N LYS O 63 14.64 11.65 15.39
CA LYS O 63 13.22 11.37 15.24
C LYS O 63 12.99 9.89 14.94
N GLN O 64 11.77 9.45 15.21
CA GLN O 64 11.41 8.07 14.93
C GLN O 64 11.45 7.80 13.43
N PRO O 65 11.82 6.58 13.02
CA PRO O 65 12.17 5.47 13.90
C PRO O 65 13.66 5.33 14.17
N ASN O 66 14.44 6.38 13.96
CA ASN O 66 15.85 6.33 14.25
C ASN O 66 16.09 6.49 15.75
N SER O 67 17.31 6.17 16.17
CA SER O 67 17.69 6.27 17.57
C SER O 67 19.11 6.78 17.69
N GLY O 68 19.33 7.67 18.65
CA GLY O 68 20.65 8.22 18.89
C GLY O 68 20.55 9.64 19.39
N MET O 69 21.67 10.13 19.90
CA MET O 69 21.79 11.48 20.40
C MET O 69 22.73 12.27 19.49
N ARG O 70 22.27 13.42 19.02
CA ARG O 70 23.07 14.28 18.16
C ARG O 70 23.61 15.44 18.99
N LYS O 71 24.91 15.69 18.87
CA LYS O 71 25.58 16.71 19.68
C LYS O 71 25.48 18.07 19.01
N ALA O 72 25.04 19.07 19.77
CA ALA O 72 24.87 20.42 19.26
C ALA O 72 25.26 21.42 20.34
N VAL O 73 25.36 22.68 19.94
CA VAL O 73 25.72 23.76 20.85
C VAL O 73 24.78 24.93 20.65
N ARG O 74 24.69 25.78 21.67
CA ARG O 74 23.98 27.05 21.58
C ARG O 74 24.99 28.14 21.30
N VAL O 75 24.70 28.99 20.32
CA VAL O 75 25.63 30.00 19.85
C VAL O 75 24.93 31.36 19.89
N GLN O 76 25.59 32.36 20.46
CA GLN O 76 25.10 33.72 20.44
C GLN O 76 25.85 34.49 19.37
N LEU O 77 25.12 35.09 18.45
CA LEU O 77 25.72 35.76 17.30
C LEU O 77 26.27 37.12 17.69
N ILE O 78 27.41 37.48 17.08
CA ILE O 78 28.05 38.74 17.39
C ILE O 78 27.28 39.91 16.78
N LYS O 79 26.79 39.73 15.55
CA LYS O 79 26.28 40.88 14.81
C LYS O 79 24.99 41.43 15.39
N ASN O 80 24.13 40.57 15.94
CA ASN O 80 22.86 41.04 16.47
C ASN O 80 22.47 40.47 17.81
N GLY O 81 23.24 39.54 18.38
CA GLY O 81 22.98 39.06 19.72
C GLY O 81 21.94 37.98 19.84
N LYS O 82 21.41 37.46 18.75
CA LYS O 82 20.45 36.37 18.84
C LYS O 82 21.15 35.06 19.16
N VAL O 83 20.35 34.06 19.55
CA VAL O 83 20.86 32.76 19.97
C VAL O 83 20.25 31.69 19.07
N VAL O 84 21.11 30.82 18.53
CA VAL O 84 20.68 29.74 17.65
C VAL O 84 21.34 28.44 18.09
N THR O 85 20.91 27.35 17.47
CA THR O 85 21.44 26.02 17.75
C THR O 85 22.20 25.51 16.54
N ALA O 86 23.41 25.01 16.76
CA ALA O 86 24.27 24.56 15.68
C ALA O 86 24.75 23.14 15.93
N PHE O 87 24.76 22.34 14.87
CA PHE O 87 25.18 20.95 14.94
C PHE O 87 26.69 20.83 14.75
N CYS O 88 27.27 19.78 15.32
CA CYS O 88 28.72 19.54 15.25
C CYS O 88 28.99 18.25 14.49
N PRO O 89 29.29 18.32 13.19
CA PRO O 89 29.50 17.10 12.41
C PRO O 89 30.80 16.41 12.79
N GLY O 90 30.80 15.09 12.64
CA GLY O 90 32.00 14.32 12.89
C GLY O 90 31.90 13.36 14.05
N ASP O 91 32.78 12.38 14.10
CA ASP O 91 32.79 11.39 15.18
C ASP O 91 33.60 11.92 16.34
N GLY O 92 32.96 12.15 17.47
CA GLY O 92 33.64 12.70 18.62
C GLY O 92 34.07 14.14 18.47
N ALA O 93 33.40 14.91 17.61
CA ALA O 93 33.80 16.29 17.40
C ALA O 93 33.44 17.18 18.58
N ILE O 94 32.51 16.74 19.43
CA ILE O 94 32.07 17.57 20.54
C ILE O 94 33.18 17.80 21.54
N LYS O 95 34.17 16.92 21.59
CA LYS O 95 35.26 17.07 22.55
C LYS O 95 36.17 18.23 22.24
N PHE O 96 36.14 18.76 21.03
CA PHE O 96 36.99 19.88 20.65
C PHE O 96 36.35 21.23 20.91
N ILE O 97 35.14 21.25 21.44
CA ILE O 97 34.44 22.49 21.74
C ILE O 97 34.49 22.73 23.24
N ASP O 98 34.73 23.98 23.60
CA ASP O 98 34.68 24.39 25.00
C ASP O 98 33.79 25.63 25.12
N GLU O 99 33.19 25.79 26.28
CA GLU O 99 32.36 26.95 26.51
C GLU O 99 33.19 28.22 26.44
N HIS O 100 32.60 29.28 25.87
CA HIS O 100 33.19 30.59 25.61
C HIS O 100 34.15 30.58 24.45
N ASP O 101 34.19 29.51 23.65
CA ASP O 101 34.93 29.55 22.39
C ASP O 101 34.12 30.29 21.34
N GLU O 102 34.80 30.74 20.29
CA GLU O 102 34.13 31.38 19.17
C GLU O 102 34.15 30.44 17.97
N VAL O 103 33.04 30.40 17.25
CA VAL O 103 32.85 29.47 16.15
C VAL O 103 32.29 30.19 14.94
N ILE O 104 32.44 29.54 13.79
CA ILE O 104 31.86 29.97 12.53
C ILE O 104 30.83 28.94 12.12
N ILE O 105 29.63 29.39 11.79
CA ILE O 105 28.54 28.49 11.42
C ILE O 105 28.01 28.89 10.06
N GLU O 106 27.38 27.92 9.39
CA GLU O 106 26.75 28.14 8.10
C GLU O 106 25.55 27.20 8.00
N GLY O 107 24.87 27.27 6.85
CA GLY O 107 23.66 26.48 6.69
C GLY O 107 23.95 25.00 6.70
N ILE O 108 22.96 24.22 7.11
CA ILE O 108 23.15 22.77 7.19
C ILE O 108 22.84 22.08 5.87
N GLY O 109 22.06 22.70 5.00
CA GLY O 109 21.87 22.21 3.65
C GLY O 109 20.66 21.35 3.41
N GLY O 110 19.57 21.56 4.12
CA GLY O 110 18.38 20.76 3.92
C GLY O 110 17.49 21.31 2.84
N PRO O 111 16.34 20.69 2.63
CA PRO O 111 15.39 21.19 1.63
C PRO O 111 14.93 22.60 1.94
N LYS O 112 14.76 23.39 0.89
CA LYS O 112 14.28 24.78 0.99
C LYS O 112 15.13 25.59 1.96
N GLY O 113 16.44 25.34 1.99
CA GLY O 113 17.32 26.07 2.87
C GLY O 113 17.03 25.88 4.35
N GLY O 114 16.59 24.70 4.76
CA GLY O 114 16.27 24.47 6.16
C GLY O 114 16.98 23.28 6.75
N SER O 115 16.32 22.57 7.65
CA SER O 115 16.90 21.44 8.33
C SER O 115 16.92 20.22 7.42
N MET O 116 17.64 19.18 7.84
CA MET O 116 17.81 17.98 7.04
C MET O 116 17.78 16.76 7.93
N GLY O 117 17.53 15.61 7.31
CA GLY O 117 17.69 14.34 7.99
C GLY O 117 16.71 14.17 9.13
N ASP O 118 17.15 13.49 10.18
CA ASP O 118 16.31 13.19 11.33
C ASP O 118 16.52 14.16 12.48
N ILE O 119 17.02 15.36 12.22
CA ILE O 119 17.16 16.36 13.27
C ILE O 119 16.54 17.66 12.82
N PRO O 120 15.22 17.74 12.73
CA PRO O 120 14.59 19.03 12.44
C PRO O 120 14.73 19.96 13.64
N GLY O 121 14.67 21.25 13.36
CA GLY O 121 14.88 22.26 14.38
C GLY O 121 16.29 22.76 14.47
N ILE O 122 17.23 22.09 13.83
CA ILE O 122 18.62 22.54 13.74
C ILE O 122 18.85 22.95 12.30
N ARG O 123 19.28 24.19 12.09
CA ARG O 123 19.46 24.71 10.75
C ARG O 123 20.91 25.03 10.42
N TYR O 124 21.83 24.91 11.35
CA TYR O 124 23.20 25.35 11.13
C TYR O 124 24.17 24.28 11.61
N LYS O 125 25.39 24.35 11.09
CA LYS O 125 26.45 23.44 11.48
C LYS O 125 27.73 24.22 11.69
N VAL O 126 28.60 23.69 12.52
CA VAL O 126 29.85 24.36 12.88
C VAL O 126 30.91 24.04 11.84
N VAL O 127 31.73 25.05 11.50
CA VAL O 127 32.77 24.91 10.49
C VAL O 127 34.15 25.16 11.06
N LYS O 128 34.33 26.22 11.82
CA LYS O 128 35.62 26.57 12.40
C LYS O 128 35.49 26.72 13.91
N VAL O 129 36.56 26.39 14.62
CA VAL O 129 36.66 26.61 16.06
C VAL O 129 37.95 27.36 16.32
N ASN O 130 37.83 28.55 16.91
CA ASN O 130 39.00 29.39 17.19
C ASN O 130 39.87 29.56 15.95
N ARG O 131 39.23 29.84 14.82
CA ARG O 131 39.88 30.08 13.54
C ARG O 131 40.65 28.88 13.03
N VAL O 132 40.19 27.67 13.34
CA VAL O 132 40.80 26.44 12.84
C VAL O 132 39.69 25.54 12.31
N SER O 133 39.93 24.93 11.16
CA SER O 133 38.94 24.06 10.54
C SER O 133 38.61 22.88 11.45
N LEU O 134 37.32 22.63 11.64
CA LEU O 134 36.89 21.54 12.51
C LEU O 134 37.18 20.18 11.87
N LYS O 135 37.08 20.09 10.55
CA LYS O 135 37.33 18.82 9.88
C LYS O 135 38.75 18.34 10.11
N GLU O 136 39.72 19.26 10.05
CA GLU O 136 41.08 18.90 10.37
C GLU O 136 41.19 18.36 11.79
N LEU O 137 40.66 19.11 12.76
CA LEU O 137 40.75 18.68 14.16
C LEU O 137 40.17 17.29 14.34
N VAL O 138 39.06 16.99 13.66
CA VAL O 138 38.49 15.65 13.75
C VAL O 138 39.45 14.62 13.16
N LYS O 139 40.02 14.92 11.99
CA LYS O 139 40.90 13.94 11.35
C LYS O 139 42.28 13.90 12.01
N GLY O 140 42.73 15.02 12.55
CA GLY O 140 44.10 15.14 13.02
C GLY O 140 44.80 16.29 12.33
N ARG O 141 46.05 16.11 11.95
CA ARG O 141 46.73 17.04 11.05
C ARG O 141 46.84 18.45 11.61
N LYS O 142 46.29 18.69 12.79
CA LYS O 142 46.24 20.02 13.37
C LYS O 142 45.77 19.93 14.81
N GLU O 143 46.18 20.89 15.61
CA GLU O 143 45.87 20.92 17.03
C GLU O 143 45.15 22.21 17.38
N LYS O 144 44.21 22.11 18.31
CA LYS O 144 43.42 23.27 18.70
C LYS O 144 44.32 24.29 19.39
N PRO O 145 44.29 25.55 18.97
CA PRO O 145 45.18 26.56 19.56
C PRO O 145 44.75 26.89 20.98
N ARG O 146 45.64 27.58 21.69
CA ARG O 146 45.48 27.97 23.09
C ARG O 146 44.84 26.85 23.91
N ARG O 147 45.48 25.68 23.85
CA ARG O 147 45.05 24.49 24.58
C ARG O 147 43.66 24.02 24.17
N ASP P 3 -28.03 -64.98 82.92
CA ASP P 3 -27.06 -65.44 81.94
C ASP P 3 -26.57 -64.30 81.07
N PHE P 4 -27.38 -63.94 80.09
CA PHE P 4 -27.01 -62.93 79.12
C PHE P 4 -26.74 -61.59 79.81
N ARG P 5 -25.64 -60.96 79.45
CA ARG P 5 -25.28 -59.65 79.97
C ARG P 5 -25.05 -58.71 78.80
N HIS P 6 -25.66 -57.53 78.86
CA HIS P 6 -25.51 -56.58 77.77
C HIS P 6 -24.16 -55.87 77.79
N ILE P 7 -23.44 -55.93 78.90
CA ILE P 7 -22.10 -55.35 79.00
C ILE P 7 -21.20 -56.34 79.70
N VAL P 8 -20.05 -56.65 79.09
CA VAL P 8 -19.04 -57.52 79.68
C VAL P 8 -17.70 -56.80 79.58
N ARG P 9 -16.97 -56.76 80.68
CA ARG P 9 -15.68 -56.11 80.72
C ARG P 9 -14.58 -57.17 80.66
N VAL P 10 -13.68 -57.02 79.69
CA VAL P 10 -12.54 -57.92 79.52
C VAL P 10 -11.29 -57.06 79.41
N ALA P 11 -10.29 -57.36 80.23
CA ALA P 11 -9.00 -56.69 80.20
C ALA P 11 -9.12 -55.18 80.30
N GLY P 12 -10.08 -54.71 81.10
CA GLY P 12 -10.25 -53.28 81.28
C GLY P 12 -11.01 -52.58 80.19
N VAL P 13 -11.64 -53.32 79.29
CA VAL P 13 -12.43 -52.74 78.21
C VAL P 13 -13.82 -53.37 78.24
N ASP P 14 -14.85 -52.53 78.12
CA ASP P 14 -16.22 -53.01 78.16
C ASP P 14 -16.64 -53.44 76.75
N LEU P 15 -17.11 -54.67 76.63
CA LEU P 15 -17.43 -55.27 75.35
C LEU P 15 -18.94 -55.34 75.15
N ASP P 16 -19.38 -55.09 73.93
CA ASP P 16 -20.79 -55.23 73.59
C ASP P 16 -21.21 -56.68 73.72
N GLY P 17 -22.43 -56.91 74.20
CA GLY P 17 -22.90 -58.25 74.41
C GLY P 17 -23.72 -58.79 73.27
N ASN P 18 -24.13 -57.92 72.35
CA ASN P 18 -24.92 -58.32 71.21
C ASN P 18 -24.09 -58.68 69.99
N LYS P 19 -22.77 -58.45 70.04
CA LYS P 19 -21.91 -58.76 68.93
C LYS P 19 -21.34 -60.17 69.06
N GLN P 20 -20.94 -60.72 67.93
CA GLN P 20 -20.21 -61.98 67.95
C GLN P 20 -18.87 -61.78 68.64
N LEU P 21 -18.40 -62.83 69.29
CA LEU P 21 -17.21 -62.71 70.14
C LEU P 21 -16.02 -62.23 69.34
N ARG P 22 -15.84 -62.74 68.13
CA ARG P 22 -14.68 -62.36 67.32
C ARG P 22 -14.69 -60.87 67.01
N TRP P 23 -15.85 -60.31 66.70
CA TRP P 23 -15.92 -58.88 66.43
C TRP P 23 -15.99 -58.05 67.70
N ALA P 24 -16.55 -58.61 68.77
CA ALA P 24 -16.59 -57.89 70.03
C ALA P 24 -15.18 -57.64 70.56
N LEU P 25 -14.31 -58.64 70.45
CA LEU P 25 -12.97 -58.50 71.02
C LEU P 25 -12.13 -57.46 70.31
N THR P 26 -12.53 -57.01 69.13
CA THR P 26 -11.71 -56.06 68.38
C THR P 26 -11.72 -54.67 68.99
N ALA P 27 -12.59 -54.40 69.97
CA ALA P 27 -12.62 -53.09 70.59
C ALA P 27 -11.36 -52.81 71.40
N ILE P 28 -10.61 -53.84 71.75
CA ILE P 28 -9.36 -53.66 72.48
C ILE P 28 -8.30 -53.16 71.52
N LYS P 29 -7.59 -52.11 71.90
CA LYS P 29 -6.52 -51.60 71.07
C LYS P 29 -5.34 -52.55 71.11
N GLY P 30 -4.88 -52.99 69.96
CA GLY P 30 -3.87 -54.02 69.85
C GLY P 30 -4.40 -55.37 69.43
N VAL P 31 -5.70 -55.51 69.18
CA VAL P 31 -6.31 -56.76 68.76
C VAL P 31 -7.13 -56.48 67.51
N GLY P 32 -6.82 -57.17 66.42
CA GLY P 32 -7.59 -57.09 65.20
C GLY P 32 -8.48 -58.30 65.02
N ILE P 33 -9.04 -58.42 63.82
CA ILE P 33 -9.98 -59.51 63.56
C ILE P 33 -9.26 -60.85 63.50
N ASN P 34 -8.07 -60.89 62.90
CA ASN P 34 -7.35 -62.15 62.77
C ASN P 34 -6.87 -62.66 64.12
N PHE P 35 -6.23 -61.78 64.89
CA PHE P 35 -5.72 -62.19 66.20
C PHE P 35 -6.87 -62.62 67.11
N ALA P 36 -8.01 -61.95 67.01
CA ALA P 36 -9.17 -62.34 67.80
C ALA P 36 -9.63 -63.74 67.43
N THR P 37 -9.67 -64.06 66.13
CA THR P 37 -10.05 -65.40 65.72
C THR P 37 -9.06 -66.42 66.25
N MET P 38 -7.77 -66.09 66.22
CA MET P 38 -6.77 -67.02 66.75
C MET P 38 -7.00 -67.30 68.23
N VAL P 39 -7.23 -66.25 69.02
CA VAL P 39 -7.39 -66.48 70.46
C VAL P 39 -8.69 -67.21 70.74
N CYS P 40 -9.74 -66.93 69.96
CA CYS P 40 -10.99 -67.66 70.14
C CYS P 40 -10.80 -69.15 69.86
N ARG P 41 -10.07 -69.49 68.80
CA ARG P 41 -9.87 -70.90 68.49
C ARG P 41 -8.98 -71.57 69.53
N VAL P 42 -7.96 -70.86 70.01
CA VAL P 42 -7.08 -71.45 71.02
C VAL P 42 -7.84 -71.70 72.32
N ALA P 43 -8.66 -70.74 72.74
CA ALA P 43 -9.40 -70.90 73.99
C ALA P 43 -10.47 -71.97 73.93
N GLY P 44 -10.78 -72.48 72.74
CA GLY P 44 -11.83 -73.48 72.62
C GLY P 44 -13.23 -72.90 72.63
N LEU P 45 -13.42 -71.73 72.05
CA LEU P 45 -14.72 -71.06 72.02
C LEU P 45 -15.13 -70.82 70.57
N ASP P 46 -16.40 -71.02 70.30
CA ASP P 46 -16.91 -70.77 68.95
C ASP P 46 -16.85 -69.28 68.66
N PRO P 47 -16.15 -68.84 67.62
CA PRO P 47 -16.04 -67.40 67.35
C PRO P 47 -17.36 -66.74 67.04
N PHE P 48 -18.39 -67.50 66.69
CA PHE P 48 -19.68 -66.94 66.32
C PHE P 48 -20.66 -66.85 67.48
N MET P 49 -20.26 -67.24 68.69
CA MET P 49 -21.14 -67.11 69.84
C MET P 49 -21.26 -65.64 70.24
N LYS P 50 -22.40 -65.29 70.83
CA LYS P 50 -22.59 -63.94 71.35
C LYS P 50 -21.62 -63.70 72.49
N ALA P 51 -21.12 -62.46 72.58
CA ALA P 51 -20.22 -62.11 73.67
C ALA P 51 -20.93 -62.10 75.02
N GLY P 52 -22.25 -61.98 75.03
CA GLY P 52 -23.00 -61.89 76.27
C GLY P 52 -23.21 -63.19 77.00
N TYR P 53 -22.81 -64.31 76.43
CA TYR P 53 -22.94 -65.61 77.08
C TYR P 53 -21.66 -66.08 77.73
N LEU P 54 -20.65 -65.22 77.82
CA LEU P 54 -19.40 -65.62 78.45
C LEU P 54 -19.61 -65.81 79.95
N THR P 55 -18.86 -66.76 80.51
CA THR P 55 -18.81 -66.98 81.94
C THR P 55 -17.50 -66.41 82.48
N ASP P 56 -17.42 -66.31 83.82
CA ASP P 56 -16.26 -65.70 84.44
C ASP P 56 -14.98 -66.48 84.18
N GLU P 57 -15.06 -67.81 84.25
CA GLU P 57 -13.87 -68.62 83.99
C GLU P 57 -13.38 -68.44 82.56
N GLN P 58 -14.30 -68.34 81.60
CA GLN P 58 -13.90 -68.10 80.22
C GLN P 58 -13.21 -66.75 80.07
N VAL P 59 -13.73 -65.72 80.74
CA VAL P 59 -13.09 -64.40 80.68
C VAL P 59 -11.71 -64.46 81.28
N LYS P 60 -11.56 -65.17 82.40
CA LYS P 60 -10.25 -65.33 83.01
C LYS P 60 -9.28 -66.03 82.06
N LYS P 61 -9.76 -67.07 81.38
CA LYS P 61 -8.92 -67.78 80.43
C LYS P 61 -8.49 -66.89 79.28
N ILE P 62 -9.42 -66.08 78.75
CA ILE P 62 -9.09 -65.19 77.64
C ILE P 62 -8.04 -64.17 78.08
N GLU P 63 -8.21 -63.60 79.26
CA GLU P 63 -7.22 -62.63 79.74
C GLU P 63 -5.86 -63.28 79.95
N GLU P 64 -5.86 -64.52 80.45
CA GLU P 64 -4.61 -65.24 80.61
C GLU P 64 -3.93 -65.47 79.27
N ILE P 65 -4.70 -65.82 78.25
CA ILE P 65 -4.14 -66.02 76.92
C ILE P 65 -3.55 -64.71 76.41
N LEU P 66 -4.28 -63.62 76.57
CA LEU P 66 -3.76 -62.31 76.14
C LEU P 66 -2.52 -61.91 76.93
N GLN P 67 -2.32 -62.45 78.13
CA GLN P 67 -1.10 -62.14 78.87
C GLN P 67 0.14 -62.66 78.16
N ASP P 68 0.11 -63.90 77.68
CA ASP P 68 1.26 -64.54 77.07
C ASP P 68 0.79 -65.49 75.98
N PRO P 69 0.45 -64.97 74.81
CA PRO P 69 -0.11 -65.84 73.76
C PRO P 69 0.85 -66.92 73.29
N VAL P 70 2.15 -66.63 73.23
CA VAL P 70 3.09 -67.59 72.67
C VAL P 70 3.12 -68.86 73.50
N ALA P 71 3.08 -68.72 74.82
CA ALA P 71 3.08 -69.89 75.69
C ALA P 71 1.83 -70.74 75.53
N HIS P 72 0.78 -70.22 74.90
CA HIS P 72 -0.45 -70.97 74.71
C HIS P 72 -0.64 -71.46 73.28
N GLY P 73 0.40 -71.41 72.46
CA GLY P 73 0.36 -72.03 71.15
C GLY P 73 0.13 -71.11 69.97
N ILE P 74 0.12 -69.80 70.16
CA ILE P 74 0.01 -68.88 69.03
C ILE P 74 1.37 -68.79 68.35
N PRO P 75 1.42 -68.82 67.02
CA PRO P 75 2.71 -68.76 66.32
C PRO P 75 3.45 -67.45 66.61
N ARG P 76 4.78 -67.53 66.57
CA ARG P 76 5.61 -66.39 66.89
C ARG P 76 5.56 -65.30 65.83
N TRP P 77 5.08 -65.60 64.63
CA TRP P 77 5.01 -64.61 63.57
C TRP P 77 3.68 -63.89 63.53
N ALA P 78 2.85 -64.03 64.56
CA ALA P 78 1.55 -63.39 64.60
C ALA P 78 1.43 -62.30 65.66
N VAL P 79 2.37 -62.22 66.59
CA VAL P 79 2.33 -61.20 67.63
C VAL P 79 2.71 -59.85 67.03
N ASN P 80 2.30 -58.78 67.70
CA ASN P 80 2.48 -57.43 67.16
C ASN P 80 3.76 -56.76 67.63
N ARG P 81 4.61 -57.46 68.37
CA ARG P 81 5.95 -56.96 68.71
C ARG P 81 6.88 -58.14 68.90
N PRO P 82 7.34 -58.73 67.80
CA PRO P 82 8.31 -59.83 67.91
C PRO P 82 9.71 -59.30 68.10
N LYS P 83 10.53 -60.08 68.80
CA LYS P 83 11.95 -59.79 68.97
C LYS P 83 12.14 -58.43 69.63
N ASP P 84 11.71 -58.34 70.89
CA ASP P 84 11.67 -57.08 71.60
C ASP P 84 13.04 -56.43 71.67
N TYR P 85 13.04 -55.09 71.63
CA TYR P 85 14.31 -54.36 71.56
C TYR P 85 15.10 -54.47 72.86
N GLU P 86 14.45 -54.72 73.99
CA GLU P 86 15.18 -54.74 75.25
C GLU P 86 15.47 -56.16 75.72
N THR P 87 14.43 -56.97 75.89
CA THR P 87 14.61 -58.32 76.38
C THR P 87 14.91 -59.32 75.27
N GLY P 88 14.53 -59.01 74.03
CA GLY P 88 14.77 -59.92 72.93
C GLY P 88 13.72 -60.97 72.74
N ARG P 89 12.62 -60.93 73.49
CA ARG P 89 11.58 -61.95 73.38
C ARG P 89 10.48 -61.48 72.44
N ASP P 90 9.50 -62.36 72.25
CA ASP P 90 8.35 -62.08 71.39
C ASP P 90 7.17 -61.70 72.27
N LEU P 91 6.66 -60.49 72.09
CA LEU P 91 5.67 -59.93 72.99
C LEU P 91 4.46 -59.43 72.23
N HIS P 92 3.33 -59.38 72.92
CA HIS P 92 2.11 -58.77 72.42
C HIS P 92 1.64 -57.76 73.45
N LEU P 93 1.40 -56.53 73.00
CA LEU P 93 1.06 -55.43 73.89
C LEU P 93 -0.30 -54.87 73.51
N ILE P 94 -1.02 -54.36 74.51
CA ILE P 94 -2.35 -53.80 74.30
C ILE P 94 -2.52 -52.52 75.11
N THR P 95 -3.20 -51.54 74.52
CA THR P 95 -3.68 -50.33 75.19
C THR P 95 -2.50 -49.51 75.70
N ALA P 96 -2.43 -49.20 77.00
CA ALA P 96 -1.49 -48.20 77.48
C ALA P 96 -0.04 -48.65 77.30
N LYS P 97 0.24 -49.93 77.54
CA LYS P 97 1.59 -50.43 77.34
C LYS P 97 2.00 -50.33 75.88
N LEU P 98 1.08 -50.65 74.97
CA LEU P 98 1.36 -50.49 73.55
C LEU P 98 1.68 -49.05 73.21
N ASP P 99 0.86 -48.11 73.72
CA ASP P 99 1.09 -46.70 73.44
C ASP P 99 2.44 -46.24 73.94
N MET P 100 2.80 -46.62 75.17
CA MET P 100 4.05 -46.16 75.71
C MET P 100 5.24 -46.81 75.02
N ALA P 101 5.08 -48.05 74.55
CA ALA P 101 6.16 -48.67 73.79
C ALA P 101 6.39 -47.94 72.47
N ILE P 102 5.32 -47.57 71.77
CA ILE P 102 5.48 -46.84 70.52
C ILE P 102 6.13 -45.48 70.77
N ARG P 103 5.66 -44.79 71.81
CA ARG P 103 6.25 -43.50 72.15
C ARG P 103 7.74 -43.64 72.48
N GLU P 104 8.09 -44.72 73.19
CA GLU P 104 9.49 -44.94 73.52
C GLU P 104 10.32 -45.19 72.29
N ASP P 105 9.79 -45.93 71.32
CA ASP P 105 10.53 -46.15 70.07
C ASP P 105 10.79 -44.83 69.36
N ILE P 106 9.77 -43.98 69.27
CA ILE P 106 9.97 -42.70 68.59
C ILE P 106 10.96 -41.83 69.37
N MET P 107 10.90 -41.87 70.70
CA MET P 107 11.84 -41.10 71.50
C MET P 107 13.27 -41.59 71.29
N ARG P 108 13.46 -42.90 71.21
CA ARG P 108 14.79 -43.43 70.93
C ARG P 108 15.29 -42.92 69.59
N LEU P 109 14.43 -42.92 68.58
CA LEU P 109 14.85 -42.39 67.29
C LEU P 109 15.22 -40.91 67.41
N ARG P 110 14.49 -40.16 68.24
CA ARG P 110 14.75 -38.73 68.34
C ARG P 110 16.05 -38.42 69.09
N ARG P 111 16.39 -39.23 70.09
CA ARG P 111 17.57 -38.93 70.90
C ARG P 111 18.85 -39.01 70.08
N ILE P 112 18.96 -40.00 69.20
CA ILE P 112 20.18 -40.17 68.41
C ILE P 112 20.20 -39.27 67.18
N ARG P 113 19.20 -38.42 67.01
CA ARG P 113 19.16 -37.45 65.91
C ARG P 113 19.18 -38.13 64.55
N ALA P 114 18.48 -39.26 64.45
CA ALA P 114 18.37 -39.95 63.18
C ALA P 114 17.41 -39.21 62.25
N TYR P 115 17.47 -39.58 60.97
CA TYR P 115 16.64 -38.91 59.97
C TYR P 115 15.16 -39.08 60.28
N ARG P 116 14.74 -40.29 60.63
CA ARG P 116 13.33 -40.52 60.95
C ARG P 116 12.91 -39.73 62.18
N GLY P 117 13.81 -39.57 63.14
CA GLY P 117 13.48 -38.77 64.31
C GLY P 117 13.20 -37.33 63.96
N ILE P 118 14.03 -36.74 63.10
CA ILE P 118 13.79 -35.38 62.65
C ILE P 118 12.47 -35.28 61.92
N ARG P 119 12.19 -36.26 61.05
CA ARG P 119 10.93 -36.24 60.33
C ARG P 119 9.73 -36.33 61.26
N HIS P 120 9.84 -37.14 62.32
CA HIS P 120 8.78 -37.20 63.31
C HIS P 120 8.63 -35.86 64.02
N GLU P 121 9.74 -35.22 64.37
CA GLU P 121 9.67 -33.95 65.08
C GLU P 121 8.99 -32.88 64.25
N LEU P 122 9.32 -32.80 62.95
CA LEU P 122 8.76 -31.75 62.12
C LEU P 122 7.36 -32.06 61.62
N GLY P 123 6.83 -33.25 61.89
CA GLY P 123 5.52 -33.61 61.38
C GLY P 123 5.46 -33.74 59.88
N LEU P 124 6.46 -34.39 59.28
CA LEU P 124 6.56 -34.58 57.84
C LEU P 124 6.54 -36.06 57.52
N PRO P 125 6.21 -36.44 56.28
CA PRO P 125 6.17 -37.86 55.92
C PRO P 125 7.53 -38.53 56.16
N VAL P 126 7.47 -39.77 56.63
CA VAL P 126 8.66 -40.47 57.09
C VAL P 126 9.16 -41.51 56.10
N ARG P 127 8.29 -42.11 55.30
CA ARG P 127 8.63 -43.26 54.47
C ARG P 127 8.84 -42.88 53.00
N GLY P 128 9.40 -41.70 52.75
CA GLY P 128 9.90 -41.37 51.44
C GLY P 128 8.91 -40.85 50.43
N GLN P 129 7.79 -40.28 50.87
CA GLN P 129 6.82 -39.75 49.93
C GLN P 129 7.29 -38.43 49.34
N ARG P 130 6.74 -38.09 48.18
CA ARG P 130 6.90 -36.77 47.62
C ARG P 130 6.02 -35.77 48.36
N THR P 131 6.48 -34.53 48.49
CA THR P 131 5.75 -33.53 49.27
C THR P 131 5.42 -32.28 48.47
N ARG P 132 5.74 -32.23 47.17
CA ARG P 132 5.48 -31.01 46.42
C ARG P 132 4.00 -30.86 46.12
N SER P 133 3.29 -31.96 45.86
CA SER P 133 1.91 -31.87 45.41
C SER P 133 0.91 -32.16 46.52
N ASN P 134 1.01 -33.32 47.14
CA ASN P 134 0.03 -33.74 48.13
C ASN P 134 0.54 -33.45 49.54
N PHE P 135 -0.15 -34.00 50.54
CA PHE P 135 0.16 -33.78 51.95
C PHE P 135 0.03 -32.31 52.33
N ARG P 136 -0.91 -31.62 51.69
CA ARG P 136 -1.13 -30.20 51.97
C ARG P 136 -2.19 -30.04 53.05
N ARG P 137 -1.82 -29.43 54.16
CA ARG P 137 -2.74 -29.17 55.27
C ARG P 137 -2.42 -27.78 55.81
N GLY P 138 -3.22 -26.80 55.39
CA GLY P 138 -3.00 -25.43 55.80
C GLY P 138 -4.00 -24.49 55.17
N GLN P 139 -3.57 -23.26 54.88
CA GLN P 139 -4.43 -22.27 54.26
C GLN P 139 -3.69 -21.61 53.11
N THR P 140 -4.45 -21.14 52.13
CA THR P 140 -3.87 -20.52 50.95
C THR P 140 -3.14 -19.24 51.31
N VAL P 141 -2.01 -19.01 50.65
CA VAL P 141 -1.24 -17.79 50.82
C VAL P 141 -1.39 -16.94 49.56
N GLY P 142 -1.77 -15.68 49.76
CA GLY P 142 -2.02 -14.77 48.65
C GLY P 142 -0.73 -14.21 48.06
N VAL P 143 -0.87 -13.52 46.93
CA VAL P 143 0.27 -12.94 46.25
C VAL P 143 0.28 -11.43 46.39
N ALA Q 2 49.93 -44.72 36.93
CA ALA Q 2 49.87 -44.42 35.52
C ALA Q 2 48.90 -43.27 35.25
N LYS Q 3 49.17 -42.53 34.18
CA LYS Q 3 48.33 -41.38 33.81
C LYS Q 3 47.18 -41.74 32.90
N ALA Q 4 47.29 -42.82 32.14
CA ALA Q 4 46.20 -43.22 31.24
C ALA Q 4 45.04 -43.85 31.99
N ASP Q 5 45.27 -44.33 33.22
CA ASP Q 5 44.19 -44.98 33.96
C ASP Q 5 43.11 -43.99 34.37
N TYR Q 6 43.40 -42.69 34.32
CA TYR Q 6 42.45 -41.66 34.69
C TYR Q 6 41.63 -41.17 33.50
N ASN Q 7 41.47 -42.01 32.49
CA ASN Q 7 40.60 -41.72 31.36
C ASN Q 7 39.72 -42.90 30.98
N LYS Q 8 40.02 -44.09 31.47
CA LYS Q 8 39.22 -45.28 31.11
C LYS Q 8 37.96 -45.34 31.97
N ARG Q 9 36.87 -45.81 31.37
CA ARG Q 9 35.60 -45.95 32.04
C ARG Q 9 35.45 -47.33 32.66
N LYS Q 10 34.55 -47.44 33.63
CA LYS Q 10 34.24 -48.73 34.24
C LYS Q 10 33.38 -49.54 33.27
N PRO Q 11 33.65 -50.83 33.12
CA PRO Q 11 32.84 -51.66 32.22
C PRO Q 11 31.53 -52.11 32.85
N ARG Q 12 30.51 -51.27 32.77
CA ARG Q 12 29.21 -51.60 33.34
C ARG Q 12 28.50 -52.64 32.49
N LYS Q 13 27.61 -53.40 33.13
CA LYS Q 13 26.85 -54.43 32.46
C LYS Q 13 25.35 -54.24 32.50
N PHE Q 14 24.85 -53.33 33.33
CA PHE Q 14 23.44 -52.97 33.30
C PHE Q 14 23.30 -51.48 33.57
N GLY Q 15 22.11 -50.96 33.35
CA GLY Q 15 21.84 -49.54 33.46
C GLY Q 15 21.82 -48.86 32.11
N LYS Q 16 21.38 -47.59 32.12
CA LYS Q 16 21.27 -46.85 30.87
C LYS Q 16 22.64 -46.63 30.23
N GLY Q 17 23.70 -46.70 31.00
CA GLY Q 17 25.03 -46.47 30.48
C GLY Q 17 25.69 -47.65 29.82
N ALA Q 18 25.03 -48.80 29.78
CA ALA Q 18 25.62 -49.99 29.19
C ALA Q 18 25.20 -50.24 27.75
N ARG Q 19 24.40 -49.34 27.16
CA ARG Q 19 23.88 -49.56 25.81
C ARG Q 19 23.88 -48.24 25.06
N ARG Q 20 24.45 -48.26 23.85
CA ARG Q 20 24.51 -47.08 23.00
C ARG Q 20 24.04 -47.44 21.59
N CYS Q 21 23.47 -46.45 20.90
CA CYS Q 21 23.05 -46.66 19.52
C CYS Q 21 24.27 -46.94 18.65
N ILE Q 22 24.19 -48.02 17.86
CA ILE Q 22 25.32 -48.38 17.01
C ILE Q 22 25.50 -47.44 15.83
N ARG Q 23 24.55 -46.54 15.61
CA ARG Q 23 24.62 -45.63 14.47
C ARG Q 23 24.96 -44.20 14.88
N CYS Q 24 24.51 -43.74 16.05
CA CYS Q 24 24.79 -42.39 16.50
C CYS Q 24 25.42 -42.30 17.88
N GLY Q 25 25.44 -43.36 18.67
CA GLY Q 25 26.08 -43.34 19.95
C GLY Q 25 25.28 -42.71 21.08
N GLN Q 26 23.99 -42.49 20.88
CA GLN Q 26 23.17 -41.83 21.89
C GLN Q 26 22.75 -42.83 22.98
N TYR Q 27 22.66 -42.34 24.22
CA TYR Q 27 22.09 -43.09 25.31
C TYR Q 27 20.59 -42.79 25.42
N GLY Q 28 19.85 -43.74 25.99
CA GLY Q 28 18.47 -43.50 26.32
C GLY Q 28 17.49 -44.36 25.58
N PRO Q 29 16.72 -43.76 24.68
CA PRO Q 29 15.65 -44.48 24.00
C PRO Q 29 16.15 -45.50 23.00
N ILE Q 30 16.67 -46.62 23.48
CA ILE Q 30 17.23 -47.67 22.64
C ILE Q 30 16.19 -48.77 22.46
N ILE Q 31 15.99 -49.18 21.22
CA ILE Q 31 15.06 -50.27 20.90
C ILE Q 31 15.83 -51.57 21.03
N ARG Q 32 15.38 -52.46 21.92
CA ARG Q 32 16.07 -53.70 22.20
C ARG Q 32 15.36 -54.93 21.67
N ILE Q 33 14.40 -54.75 20.76
CA ILE Q 33 13.58 -55.87 20.33
C ILE Q 33 14.35 -56.72 19.33
N HIS Q 34 14.42 -58.03 19.60
CA HIS Q 34 15.00 -59.00 18.68
C HIS Q 34 16.44 -58.65 18.31
N GLY Q 35 17.17 -58.07 19.24
CA GLY Q 35 18.58 -57.83 19.04
C GLY Q 35 18.93 -56.53 18.37
N LEU Q 36 17.96 -55.75 17.91
CA LEU Q 36 18.26 -54.42 17.41
C LEU Q 36 18.89 -53.57 18.50
N MET Q 37 19.82 -52.71 18.12
CA MET Q 37 20.36 -51.70 19.03
C MET Q 37 20.37 -50.38 18.28
N LEU Q 38 19.24 -49.69 18.29
CA LEU Q 38 19.09 -48.46 17.54
C LEU Q 38 18.25 -47.48 18.34
N CYS Q 39 18.53 -46.19 18.18
CA CYS Q 39 17.69 -45.17 18.78
C CYS Q 39 16.33 -45.16 18.09
N ARG Q 40 15.34 -44.59 18.78
CA ARG Q 40 14.05 -44.40 18.14
C ARG Q 40 14.16 -43.39 17.02
N HIS Q 41 15.16 -42.51 17.07
CA HIS Q 41 15.36 -41.55 15.99
C HIS Q 41 15.96 -42.23 14.76
N CYS Q 42 16.97 -43.08 14.96
CA CYS Q 42 17.66 -43.69 13.83
C CYS Q 42 16.84 -44.78 13.18
N PHE Q 43 15.98 -45.45 13.95
CA PHE Q 43 15.22 -46.55 13.38
C PHE Q 43 14.19 -46.08 12.37
N ARG Q 44 13.64 -44.88 12.55
CA ARG Q 44 12.62 -44.41 11.62
C ARG Q 44 13.19 -44.20 10.22
N GLU Q 45 14.42 -43.69 10.13
CA GLU Q 45 14.95 -43.34 8.83
C GLU Q 45 15.72 -44.47 8.15
N VAL Q 46 15.90 -45.61 8.81
CA VAL Q 46 16.52 -46.77 8.18
C VAL Q 46 15.60 -47.97 8.14
N ALA Q 47 14.37 -47.84 8.62
CA ALA Q 47 13.47 -48.98 8.61
C ALA Q 47 13.19 -49.52 7.21
N PRO Q 48 12.90 -48.71 6.18
CA PRO Q 48 12.66 -49.30 4.86
C PRO Q 48 13.83 -50.10 4.32
N LYS Q 49 15.07 -49.68 4.61
CA LYS Q 49 16.22 -50.44 4.12
C LYS Q 49 16.27 -51.82 4.75
N LEU Q 50 15.81 -51.97 5.99
CA LEU Q 50 15.83 -53.26 6.65
C LEU Q 50 14.70 -54.16 6.21
N GLY Q 51 13.74 -53.64 5.44
CA GLY Q 51 12.63 -54.44 4.97
C GLY Q 51 11.32 -54.23 5.67
N PHE Q 52 11.25 -53.34 6.65
CA PHE Q 52 9.98 -53.03 7.30
C PHE Q 52 9.12 -52.18 6.39
N ARG Q 53 7.81 -52.28 6.57
CA ARG Q 53 6.84 -51.49 5.82
C ARG Q 53 5.69 -51.09 6.72
N LYS Q 54 5.00 -50.03 6.32
CA LYS Q 54 3.82 -49.55 7.04
C LYS Q 54 2.60 -50.04 6.28
N TYR Q 55 2.14 -51.24 6.62
CA TYR Q 55 0.95 -51.78 5.97
C TYR Q 55 -0.32 -51.12 6.48
N GLU Q 56 -0.35 -50.73 7.75
CA GLU Q 56 -1.54 -50.14 8.33
C GLU Q 56 -1.19 -49.36 9.58
N ALA R 2 -31.39 31.57 -28.12
CA ALA R 2 -32.39 31.22 -27.11
C ALA R 2 -33.24 32.42 -26.76
N ARG R 3 -34.21 32.22 -25.86
CA ARG R 3 -35.01 33.34 -25.40
C ARG R 3 -34.15 34.30 -24.59
N MET R 4 -34.59 35.55 -24.50
CA MET R 4 -33.79 36.57 -23.84
C MET R 4 -33.58 36.25 -22.36
N HIS R 5 -34.62 35.76 -21.68
CA HIS R 5 -34.55 35.53 -20.24
C HIS R 5 -34.77 34.08 -19.85
N ALA R 6 -35.72 33.40 -20.50
CA ALA R 6 -36.06 32.04 -20.08
C ALA R 6 -35.12 30.97 -20.62
N ARG R 7 -34.25 31.32 -21.58
CA ARG R 7 -33.24 30.43 -22.11
C ARG R 7 -33.82 29.20 -22.81
N LYS R 8 -35.08 29.24 -23.22
CA LYS R 8 -35.63 28.16 -24.02
C LYS R 8 -35.26 28.36 -25.49
N ARG R 9 -35.51 27.33 -26.29
CA ARG R 9 -35.06 27.30 -27.67
C ARG R 9 -36.19 27.02 -28.65
N GLY R 10 -37.26 27.80 -28.56
CA GLY R 10 -38.34 27.66 -29.52
C GLY R 10 -37.89 27.99 -30.92
N LYS R 11 -38.49 27.31 -31.89
CA LYS R 11 -38.14 27.48 -33.29
C LYS R 11 -39.32 27.86 -34.17
N SER R 12 -40.52 27.95 -33.63
CA SER R 12 -41.68 28.23 -34.46
C SER R 12 -41.57 29.61 -35.10
N GLY R 13 -41.98 29.70 -36.35
CA GLY R 13 -41.90 30.94 -37.08
C GLY R 13 -42.31 30.73 -38.52
N SER R 14 -42.23 31.81 -39.29
CA SER R 14 -42.64 31.77 -40.68
C SER R 14 -41.51 31.25 -41.56
N LYS R 15 -41.88 30.65 -42.69
CA LYS R 15 -40.94 30.09 -43.65
C LYS R 15 -41.26 30.69 -45.02
N ARG R 16 -40.73 31.86 -45.28
CA ARG R 16 -41.05 32.59 -46.50
C ARG R 16 -40.27 32.01 -47.67
N PRO R 17 -40.94 31.61 -48.75
CA PRO R 17 -40.21 31.08 -49.90
C PRO R 17 -39.46 32.18 -50.62
N PRO R 18 -38.37 31.85 -51.31
CA PRO R 18 -37.61 32.89 -52.04
C PRO R 18 -38.31 33.24 -53.35
N ARG R 19 -38.79 34.48 -53.44
CA ARG R 19 -39.41 34.97 -54.65
C ARG R 19 -39.17 36.47 -54.74
N THR R 20 -39.12 36.97 -55.98
CA THR R 20 -38.83 38.37 -56.23
C THR R 20 -40.05 39.13 -56.74
N ALA R 21 -40.70 38.62 -57.77
CA ALA R 21 -41.86 39.27 -58.34
C ALA R 21 -43.14 38.73 -57.73
N PRO R 22 -44.20 39.54 -57.69
CA PRO R 22 -45.47 39.05 -57.17
C PRO R 22 -46.02 37.93 -58.04
N PRO R 23 -46.82 37.04 -57.46
CA PRO R 23 -47.34 35.90 -58.23
C PRO R 23 -48.29 36.35 -59.32
N ILE R 24 -48.47 35.47 -60.30
CA ILE R 24 -49.32 35.79 -61.45
C ILE R 24 -50.77 35.92 -61.05
N TRP R 25 -51.25 35.05 -60.16
CA TRP R 25 -52.66 35.06 -59.79
C TRP R 25 -53.05 36.25 -58.92
N LEU R 26 -52.08 37.05 -58.46
CA LEU R 26 -52.39 38.26 -57.73
C LEU R 26 -52.81 39.34 -58.72
N GLU R 27 -53.95 39.99 -58.45
CA GLU R 27 -54.54 40.89 -59.43
C GLU R 27 -54.58 42.35 -58.97
N TYR R 28 -54.43 42.62 -57.68
CA TYR R 28 -54.47 44.01 -57.22
C TYR R 28 -53.26 44.78 -57.74
N THR R 29 -53.44 46.08 -57.91
CA THR R 29 -52.33 46.96 -58.25
C THR R 29 -51.82 47.64 -56.98
N VAL R 30 -50.78 48.45 -57.13
CA VAL R 30 -50.18 49.10 -55.97
C VAL R 30 -51.15 50.07 -55.33
N GLU R 31 -51.90 50.81 -56.14
CA GLU R 31 -52.79 51.83 -55.59
C GLU R 31 -53.93 51.21 -54.79
N ASP R 32 -54.47 50.08 -55.27
CA ASP R 32 -55.50 49.39 -54.51
C ASP R 32 -54.97 48.96 -53.15
N ILE R 33 -53.72 48.48 -53.12
CA ILE R 33 -53.12 48.04 -51.87
C ILE R 33 -52.98 49.21 -50.90
N GLU R 34 -52.53 50.36 -51.39
CA GLU R 34 -52.41 51.52 -50.51
C GLU R 34 -53.77 51.96 -49.98
N ASN R 35 -54.79 51.95 -50.83
CA ASN R 35 -56.12 52.30 -50.36
C ASN R 35 -56.60 51.34 -49.28
N LEU R 36 -56.38 50.04 -49.47
CA LEU R 36 -56.77 49.08 -48.47
C LEU R 36 -56.03 49.30 -47.16
N VAL R 37 -54.73 49.59 -47.24
CA VAL R 37 -53.96 49.81 -46.02
C VAL R 37 -54.47 51.02 -45.26
N VAL R 38 -54.74 52.12 -45.99
CA VAL R 38 -55.24 53.32 -45.32
C VAL R 38 -56.59 53.05 -44.69
N LYS R 39 -57.46 52.33 -45.39
CA LYS R 39 -58.77 52.02 -44.84
C LYS R 39 -58.66 51.21 -43.56
N LEU R 40 -57.82 50.16 -43.57
CA LEU R 40 -57.68 49.32 -42.40
C LEU R 40 -57.07 50.09 -41.24
N ARG R 41 -56.10 50.96 -41.53
CA ARG R 41 -55.53 51.79 -40.47
C ARG R 41 -56.58 52.70 -39.86
N LYS R 42 -57.43 53.29 -40.70
CA LYS R 42 -58.50 54.13 -40.17
C LYS R 42 -59.51 53.33 -39.38
N GLU R 43 -59.62 52.02 -39.63
CA GLU R 43 -60.45 51.19 -38.77
C GLU R 43 -59.85 50.98 -37.39
N GLY R 44 -58.60 51.38 -37.18
CA GLY R 44 -57.99 51.31 -35.87
C GLY R 44 -57.16 50.08 -35.58
N TYR R 45 -56.60 49.45 -36.60
CA TYR R 45 -55.80 48.25 -36.41
C TYR R 45 -54.32 48.59 -36.26
N SER R 46 -53.58 47.66 -35.67
CA SER R 46 -52.15 47.82 -35.54
C SER R 46 -51.45 47.46 -36.84
N THR R 47 -50.18 47.85 -36.94
CA THR R 47 -49.42 47.57 -38.15
C THR R 47 -49.28 46.07 -38.39
N ALA R 48 -49.01 45.31 -37.33
CA ALA R 48 -48.88 43.86 -37.49
C ALA R 48 -50.21 43.22 -37.87
N MET R 49 -51.32 43.80 -37.42
CA MET R 49 -52.62 43.20 -37.68
C MET R 49 -53.08 43.44 -39.10
N ILE R 50 -52.71 44.59 -39.67
CA ILE R 50 -53.12 44.92 -41.03
C ILE R 50 -52.59 43.89 -42.02
N GLY R 51 -51.31 43.54 -41.87
CA GLY R 51 -50.75 42.53 -42.75
C GLY R 51 -51.42 41.19 -42.58
N THR R 52 -51.79 40.84 -41.35
CA THR R 52 -52.49 39.58 -41.12
C THR R 52 -53.83 39.57 -41.84
N ILE R 53 -54.57 40.67 -41.76
CA ILE R 53 -55.86 40.74 -42.45
C ILE R 53 -55.66 40.65 -43.95
N LEU R 54 -54.67 41.37 -44.48
CA LEU R 54 -54.42 41.34 -45.92
C LEU R 54 -54.08 39.93 -46.38
N ARG R 55 -53.26 39.23 -45.62
CA ARG R 55 -52.88 37.87 -46.00
C ARG R 55 -54.07 36.92 -45.92
N ASP R 56 -54.84 37.00 -44.84
CA ASP R 56 -55.91 36.02 -44.64
C ASP R 56 -57.07 36.23 -45.58
N GLN R 57 -57.54 37.46 -45.73
CA GLN R 57 -58.82 37.69 -46.39
C GLN R 57 -58.69 38.15 -47.83
N TYR R 58 -57.73 39.01 -48.15
CA TYR R 58 -57.59 39.53 -49.50
C TYR R 58 -56.58 38.73 -50.32
N GLY R 59 -56.00 37.69 -49.76
CA GLY R 59 -55.06 36.87 -50.52
C GLY R 59 -53.83 37.60 -50.98
N ILE R 60 -53.38 38.58 -50.21
CA ILE R 60 -52.17 39.33 -50.56
C ILE R 60 -51.04 38.89 -49.63
N PRO R 61 -50.06 38.15 -50.12
CA PRO R 61 -48.84 37.96 -49.32
C PRO R 61 -48.17 39.31 -49.11
N THR R 62 -47.13 39.31 -48.28
CA THR R 62 -46.50 40.54 -47.81
C THR R 62 -46.40 41.63 -48.88
N VAL R 63 -46.72 42.86 -48.52
CA VAL R 63 -46.61 43.96 -49.46
C VAL R 63 -45.17 44.25 -49.83
N LYS R 64 -44.22 43.56 -49.22
CA LYS R 64 -42.81 43.74 -49.58
C LYS R 64 -42.50 42.92 -50.82
N LEU R 65 -43.36 43.04 -51.83
CA LEU R 65 -43.13 42.47 -53.13
C LEU R 65 -43.23 43.50 -54.23
N PHE R 66 -43.56 44.74 -53.89
CA PHE R 66 -43.72 45.82 -54.84
C PHE R 66 -42.68 46.89 -54.59
N ARG R 67 -42.02 47.32 -55.67
CA ARG R 67 -41.10 48.44 -55.57
C ARG R 67 -41.85 49.70 -55.19
N ASP R 68 -41.20 50.55 -54.41
CA ASP R 68 -41.80 51.81 -54.03
C ASP R 68 -41.90 52.71 -55.26
N PRO R 69 -43.08 53.17 -55.66
CA PRO R 69 -43.18 53.99 -56.87
C PRO R 69 -42.39 55.28 -56.79
N ASP R 70 -42.29 55.89 -55.61
CA ASP R 70 -41.55 57.14 -55.50
C ASP R 70 -40.05 56.90 -55.43
N ASN R 71 -39.62 56.03 -54.54
CA ASN R 71 -38.20 55.74 -54.40
C ASN R 71 -37.91 54.37 -54.98
N PRO R 72 -37.27 54.29 -56.15
CA PRO R 72 -37.03 52.98 -56.77
C PRO R 72 -36.02 52.12 -56.03
N ASN R 73 -35.26 52.67 -55.09
CA ASN R 73 -34.19 51.93 -54.46
C ASN R 73 -34.66 51.01 -53.34
N ARG R 74 -35.90 51.12 -52.90
CA ARG R 74 -36.36 50.35 -51.76
C ARG R 74 -37.72 49.75 -52.06
N LYS R 75 -38.02 48.67 -51.35
CA LYS R 75 -39.31 48.00 -51.51
C LYS R 75 -40.33 48.61 -50.55
N LEU R 76 -41.59 48.24 -50.77
CA LEU R 76 -42.69 48.87 -50.06
C LEU R 76 -43.02 48.11 -48.78
N THR R 77 -43.25 48.85 -47.70
CA THR R 77 -43.67 48.27 -46.43
C THR R 77 -44.85 49.05 -45.88
N ILE R 78 -45.52 48.45 -44.90
CA ILE R 78 -46.74 49.05 -44.36
C ILE R 78 -46.44 50.38 -43.70
N THR R 79 -45.37 50.45 -42.91
CA THR R 79 -45.06 51.68 -42.20
C THR R 79 -44.72 52.80 -43.17
N ARG R 80 -44.00 52.50 -44.25
CA ARG R 80 -43.71 53.54 -45.23
C ARG R 80 -44.97 54.03 -45.91
N ILE R 81 -45.90 53.12 -46.21
CA ILE R 81 -47.17 53.50 -46.79
C ILE R 81 -47.91 54.45 -45.87
N LEU R 82 -47.95 54.13 -44.57
CA LEU R 82 -48.62 55.00 -43.63
C LEU R 82 -47.92 56.34 -43.51
N GLU R 83 -46.59 56.34 -43.58
CA GLU R 83 -45.85 57.60 -43.52
C GLU R 83 -46.19 58.50 -44.69
N LYS R 84 -46.39 57.90 -45.87
CA LYS R 84 -46.69 58.72 -47.05
C LYS R 84 -48.01 59.48 -46.91
N HIS R 85 -48.88 59.07 -45.97
CA HIS R 85 -50.16 59.75 -45.77
C HIS R 85 -50.31 60.35 -44.38
N GLY R 86 -49.31 60.27 -43.53
CA GLY R 86 -49.37 60.89 -42.22
C GLY R 86 -50.10 60.11 -41.15
N LEU R 87 -50.21 58.80 -41.27
CA LEU R 87 -50.88 57.98 -40.27
C LEU R 87 -49.89 57.14 -39.45
N ALA R 88 -48.61 57.40 -39.57
CA ALA R 88 -47.62 56.61 -38.86
C ALA R 88 -47.69 56.86 -37.36
N PRO R 89 -47.43 55.83 -36.56
CA PRO R 89 -47.45 56.02 -35.10
C PRO R 89 -46.34 56.96 -34.65
N GLU R 90 -46.63 57.74 -33.61
CA GLU R 90 -45.61 58.63 -33.06
C GLU R 90 -44.57 57.86 -32.26
N ILE R 91 -44.99 56.85 -31.53
CA ILE R 91 -44.09 56.01 -30.75
C ILE R 91 -44.03 54.66 -31.44
N PRO R 92 -42.87 54.02 -31.57
CA PRO R 92 -42.81 52.71 -32.19
C PRO R 92 -43.73 51.73 -31.49
N GLU R 93 -44.37 50.86 -32.28
CA GLU R 93 -45.50 50.09 -31.78
C GLU R 93 -45.11 49.14 -30.67
N ASP R 94 -43.98 48.45 -30.80
CA ASP R 94 -43.59 47.48 -29.78
C ASP R 94 -43.31 48.15 -28.44
N LEU R 95 -42.66 49.32 -28.47
CA LEU R 95 -42.45 50.06 -27.24
C LEU R 95 -43.77 50.47 -26.61
N MET R 96 -44.73 50.90 -27.45
CA MET R 96 -46.04 51.28 -26.93
C MET R 96 -46.74 50.09 -26.29
N PHE R 97 -46.66 48.93 -26.92
CA PHE R 97 -47.29 47.73 -26.36
C PHE R 97 -46.67 47.35 -25.03
N LEU R 98 -45.34 47.39 -24.94
CA LEU R 98 -44.69 47.05 -23.68
C LEU R 98 -45.07 48.04 -22.59
N ILE R 99 -45.09 49.34 -22.90
CA ILE R 99 -45.46 50.33 -21.90
C ILE R 99 -46.89 50.10 -21.44
N LYS R 100 -47.79 49.79 -22.37
CA LYS R 100 -49.17 49.53 -22.01
C LYS R 100 -49.28 48.31 -21.10
N ARG R 101 -48.49 47.27 -21.38
CA ARG R 101 -48.50 46.09 -20.51
C ARG R 101 -47.99 46.42 -19.12
N ALA R 102 -46.96 47.26 -19.03
CA ALA R 102 -46.42 47.59 -17.72
C ALA R 102 -47.39 48.40 -16.86
N VAL R 103 -48.14 49.32 -17.48
CA VAL R 103 -49.08 50.13 -16.71
C VAL R 103 -50.17 49.26 -16.10
N ASN R 104 -50.71 48.32 -16.88
CA ASN R 104 -51.77 47.46 -16.36
C ASN R 104 -51.27 46.59 -15.21
N LEU R 105 -50.03 46.14 -15.29
CA LEU R 105 -49.49 45.27 -14.24
C LEU R 105 -49.23 46.04 -12.96
N ARG R 106 -48.85 47.32 -13.05
CA ARG R 106 -48.52 48.07 -11.84
C ARG R 106 -49.73 48.26 -10.95
N LYS R 107 -50.90 48.48 -11.53
CA LYS R 107 -52.08 48.68 -10.69
C LYS R 107 -52.57 47.38 -10.09
N HIS R 108 -52.15 46.23 -10.65
CA HIS R 108 -52.42 44.97 -10.01
C HIS R 108 -51.58 44.80 -8.75
N LEU R 109 -50.31 45.18 -8.82
CA LEU R 109 -49.42 44.99 -7.69
C LEU R 109 -49.72 45.92 -6.54
N GLU R 110 -50.53 46.96 -6.75
CA GLU R 110 -50.94 47.80 -5.63
C GLU R 110 -51.92 47.07 -4.73
N GLN R 111 -52.82 46.28 -5.30
CA GLN R 111 -53.76 45.50 -4.50
C GLN R 111 -53.17 44.20 -3.99
N HIS R 112 -52.05 43.75 -4.55
CA HIS R 112 -51.44 42.47 -4.19
C HIS R 112 -49.96 42.67 -3.94
N PRO R 113 -49.61 43.34 -2.83
CA PRO R 113 -48.18 43.60 -2.57
C PRO R 113 -47.37 42.35 -2.34
N LYS R 114 -47.98 41.21 -2.04
CA LYS R 114 -47.25 40.00 -1.73
C LYS R 114 -47.09 39.06 -2.93
N ASP R 115 -47.50 39.48 -4.11
CA ASP R 115 -47.35 38.67 -5.32
C ASP R 115 -45.96 38.91 -5.88
N LEU R 116 -44.98 38.22 -5.29
CA LEU R 116 -43.59 38.44 -5.67
C LEU R 116 -43.25 37.82 -7.02
N HIS R 117 -43.93 36.74 -7.41
CA HIS R 117 -43.60 36.10 -8.68
C HIS R 117 -44.04 36.95 -9.86
N SER R 118 -45.13 37.71 -9.70
CA SER R 118 -45.54 38.61 -10.77
C SER R 118 -44.64 39.84 -10.87
N MET R 119 -44.02 40.23 -9.76
CA MET R 119 -43.17 41.41 -9.76
C MET R 119 -41.93 41.22 -10.61
N ARG R 120 -41.37 40.01 -10.61
CA ARG R 120 -40.22 39.73 -11.46
C ARG R 120 -40.56 39.93 -12.93
N GLY R 121 -41.78 39.56 -13.33
CA GLY R 121 -42.21 39.85 -14.68
C GLY R 121 -42.19 41.34 -14.99
N LEU R 122 -42.62 42.15 -14.03
CA LEU R 122 -42.56 43.60 -14.21
C LEU R 122 -41.13 44.06 -14.41
N GLN R 123 -40.20 43.52 -13.61
CA GLN R 123 -38.80 43.91 -13.77
C GLN R 123 -38.27 43.55 -15.14
N LEU R 124 -38.60 42.36 -15.64
CA LEU R 124 -38.14 41.97 -16.96
C LEU R 124 -38.74 42.85 -18.05
N ILE R 125 -40.02 43.19 -17.91
CA ILE R 125 -40.66 44.07 -18.88
C ILE R 125 -39.96 45.42 -18.93
N GLU R 126 -39.64 45.97 -17.76
CA GLU R 126 -39.00 47.27 -17.75
C GLU R 126 -37.57 47.20 -18.29
N SER R 127 -36.89 46.07 -18.09
CA SER R 127 -35.57 45.91 -18.71
C SER R 127 -35.69 45.94 -20.24
N LYS R 128 -36.68 45.24 -20.78
CA LYS R 128 -36.91 45.30 -22.23
C LYS R 128 -37.19 46.72 -22.67
N ILE R 129 -37.99 47.45 -21.91
CA ILE R 129 -38.34 48.83 -22.26
C ILE R 129 -37.09 49.68 -22.33
N ARG R 130 -36.21 49.56 -21.35
CA ARG R 130 -34.99 50.37 -21.36
C ARG R 130 -34.08 50.01 -22.53
N ARG R 131 -33.95 48.73 -22.84
CA ARG R 131 -33.18 48.36 -24.03
C ARG R 131 -33.73 49.04 -25.28
N LEU R 132 -35.04 48.96 -25.47
CA LEU R 132 -35.64 49.54 -26.67
C LEU R 132 -35.48 51.05 -26.70
N VAL R 133 -35.64 51.72 -25.57
CA VAL R 133 -35.54 53.18 -25.57
C VAL R 133 -34.11 53.61 -25.87
N LYS R 134 -33.12 52.86 -25.40
CA LYS R 134 -31.75 53.19 -25.75
C LYS R 134 -31.52 53.04 -27.25
N TYR R 135 -32.00 51.95 -27.83
CA TYR R 135 -31.84 51.76 -29.27
C TYR R 135 -32.51 52.87 -30.05
N TYR R 136 -33.72 53.26 -29.67
CA TYR R 136 -34.44 54.26 -30.44
C TYR R 136 -33.83 55.64 -30.26
N LYS R 137 -33.31 55.95 -29.08
CA LYS R 137 -32.60 57.21 -28.92
C LYS R 137 -31.38 57.26 -29.83
N ARG R 138 -30.68 56.14 -29.97
CA ARG R 138 -29.48 56.16 -30.82
C ARG R 138 -29.82 56.48 -32.27
N LYS R 139 -30.95 55.95 -32.77
CA LYS R 139 -31.28 56.12 -34.18
C LYS R 139 -32.04 57.41 -34.46
N GLY R 140 -32.42 58.17 -33.44
CA GLY R 140 -33.13 59.40 -33.66
C GLY R 140 -34.63 59.29 -33.80
N LYS R 141 -35.22 58.15 -33.41
CA LYS R 141 -36.67 58.01 -33.46
C LYS R 141 -37.36 58.62 -32.25
N LEU R 142 -36.62 59.04 -31.24
CA LEU R 142 -37.17 59.68 -30.07
C LEU R 142 -36.38 60.93 -29.74
N PRO R 143 -37.03 61.95 -29.16
CA PRO R 143 -36.28 63.10 -28.67
C PRO R 143 -35.30 62.69 -27.59
N LYS R 144 -34.14 63.36 -27.57
CA LYS R 144 -33.08 62.96 -26.65
C LYS R 144 -33.45 63.20 -25.20
N ASP R 145 -34.46 64.02 -24.92
CA ASP R 145 -34.91 64.25 -23.56
C ASP R 145 -36.04 63.32 -23.13
N TRP R 146 -36.55 62.50 -24.04
CA TRP R 146 -37.65 61.61 -23.71
C TRP R 146 -37.23 60.63 -22.63
N ARG R 147 -38.08 60.47 -21.62
CA ARG R 147 -37.76 59.60 -20.49
C ARG R 147 -38.97 58.75 -20.14
N TYR R 148 -38.70 57.52 -19.73
CA TYR R 148 -39.74 56.60 -19.26
C TYR R 148 -39.81 56.67 -17.75
N ASP R 149 -40.92 57.21 -17.25
CA ASP R 149 -41.14 57.24 -15.81
C ASP R 149 -42.47 56.57 -15.49
N PRO R 150 -42.47 55.54 -14.65
CA PRO R 150 -43.73 54.90 -14.28
C PRO R 150 -44.70 55.83 -13.58
N GLU R 151 -44.19 56.82 -12.84
CA GLU R 151 -45.06 57.73 -12.09
C GLU R 151 -45.92 58.61 -13.00
N GLN R 152 -45.63 58.67 -14.29
CA GLN R 152 -46.42 59.44 -15.24
C GLN R 152 -47.88 59.01 -15.21
N ARG S 3 -4.12 85.48 -45.09
CA ARG S 3 -2.92 85.33 -44.28
C ARG S 3 -2.56 83.86 -44.13
N ASP S 4 -1.26 83.57 -44.07
CA ASP S 4 -0.78 82.20 -43.96
C ASP S 4 0.19 82.09 -42.79
N ILE S 5 0.10 80.98 -42.07
CA ILE S 5 1.03 80.70 -40.98
C ILE S 5 1.70 79.34 -41.13
N GLY S 6 1.68 78.77 -42.35
CA GLY S 6 2.38 77.53 -42.61
C GLY S 6 1.55 76.28 -42.47
N LEU S 7 0.28 76.39 -42.06
CA LEU S 7 -0.52 75.19 -41.87
C LEU S 7 -1.31 74.83 -43.12
N ARG S 8 -1.50 75.78 -44.03
CA ARG S 8 -2.29 75.59 -45.23
C ARG S 8 -3.73 75.17 -44.90
N ILE S 9 -4.40 75.99 -44.07
CA ILE S 9 -5.81 75.81 -43.77
C ILE S 9 -6.48 77.18 -43.83
N GLN S 10 -7.80 77.17 -43.75
CA GLN S 10 -8.56 78.41 -43.86
C GLN S 10 -8.53 79.17 -42.53
N PRO S 11 -8.29 80.47 -42.56
CA PRO S 11 -8.30 81.27 -41.33
C PRO S 11 -9.72 81.43 -40.81
N PRO S 12 -9.89 81.86 -39.57
CA PRO S 12 -11.23 82.02 -39.01
C PRO S 12 -11.97 83.16 -39.70
N ALA S 13 -13.29 83.17 -39.48
CA ALA S 13 -14.16 84.11 -40.18
C ALA S 13 -13.90 85.55 -39.75
N GLU S 14 -13.84 85.80 -38.45
CA GLU S 14 -13.76 87.15 -37.92
C GLU S 14 -12.44 87.37 -37.20
N LYS S 15 -12.28 88.57 -36.64
CA LYS S 15 -11.03 88.96 -36.02
C LYS S 15 -11.19 89.06 -34.50
N CYS S 16 -10.06 89.18 -33.82
CA CYS S 16 -10.02 89.31 -32.37
C CYS S 16 -8.90 90.26 -31.99
N ASP S 17 -8.87 90.63 -30.70
CA ASP S 17 -7.86 91.54 -30.18
C ASP S 17 -6.89 90.85 -29.22
N ASP S 18 -6.95 89.55 -29.11
CA ASP S 18 -6.08 88.83 -28.19
C ASP S 18 -4.65 88.83 -28.71
N PRO S 19 -3.69 89.32 -27.95
CA PRO S 19 -2.29 89.24 -28.39
C PRO S 19 -1.77 87.83 -28.51
N LYS S 20 -2.44 86.85 -27.90
CA LYS S 20 -2.03 85.47 -27.95
C LYS S 20 -2.70 84.68 -29.07
N CYS S 21 -3.33 85.35 -30.01
CA CYS S 21 -3.93 84.63 -31.12
C CYS S 21 -2.94 84.53 -32.26
N PRO S 22 -2.61 83.32 -32.72
CA PRO S 22 -1.64 83.19 -33.80
C PRO S 22 -2.08 83.81 -35.11
N TRP S 23 -3.39 84.01 -35.32
CA TRP S 23 -3.86 84.62 -36.55
C TRP S 23 -3.79 86.13 -36.50
N HIS S 24 -4.15 86.73 -35.35
CA HIS S 24 -4.28 88.17 -35.25
C HIS S 24 -3.34 88.80 -34.23
N GLY S 25 -2.63 88.00 -33.44
CA GLY S 25 -1.75 88.56 -32.43
C GLY S 25 -0.29 88.38 -32.77
N HIS S 26 0.55 88.21 -31.76
CA HIS S 26 1.99 88.07 -31.94
C HIS S 26 2.49 86.65 -31.69
N LEU S 27 1.60 85.72 -31.39
CA LEU S 27 2.03 84.37 -31.04
C LEU S 27 2.58 83.65 -32.26
N LYS S 28 3.58 82.80 -32.03
CA LYS S 28 4.19 81.99 -33.07
C LYS S 28 4.02 80.52 -32.74
N ILE S 29 3.85 79.70 -33.77
CA ILE S 29 3.66 78.27 -33.62
C ILE S 29 4.81 77.54 -34.29
N HIS S 30 5.29 76.49 -33.63
CA HIS S 30 6.42 75.71 -34.14
C HIS S 30 6.53 74.40 -33.37
N GLY S 31 6.60 73.27 -34.08
CA GLY S 31 6.76 71.97 -33.46
C GLY S 31 5.69 71.00 -33.92
N ARG S 32 5.07 70.32 -32.96
CA ARG S 32 4.09 69.28 -33.27
C ARG S 32 2.72 69.89 -33.54
N VAL S 33 1.93 69.16 -34.32
CA VAL S 33 0.55 69.52 -34.63
C VAL S 33 -0.32 68.29 -34.41
N PHE S 34 -1.36 68.43 -33.59
CA PHE S 34 -2.22 67.32 -33.24
C PHE S 34 -3.67 67.64 -33.56
N GLU S 35 -4.49 66.58 -33.59
CA GLU S 35 -5.92 66.70 -33.84
C GLU S 35 -6.69 65.90 -32.80
N GLY S 36 -7.74 66.48 -32.24
CA GLY S 36 -8.41 65.81 -31.15
C GLY S 36 -9.83 66.27 -30.93
N ILE S 37 -10.41 65.82 -29.82
CA ILE S 37 -11.78 66.09 -29.45
C ILE S 37 -11.80 66.86 -28.13
N VAL S 38 -12.55 67.95 -28.09
CA VAL S 38 -12.67 68.73 -26.87
C VAL S 38 -13.52 67.97 -25.86
N VAL S 39 -13.07 67.93 -24.61
CA VAL S 39 -13.80 67.25 -23.54
C VAL S 39 -14.10 68.16 -22.37
N SER S 40 -13.65 69.40 -22.37
CA SER S 40 -13.95 70.32 -21.30
C SER S 40 -13.61 71.74 -21.73
N ASP S 41 -14.48 72.69 -21.36
CA ASP S 41 -14.22 74.10 -21.66
C ASP S 41 -14.64 75.01 -20.52
N LYS S 42 -14.56 74.56 -19.27
CA LYS S 42 -15.02 75.38 -18.16
C LYS S 42 -14.20 76.65 -17.99
N PRO S 43 -12.88 76.63 -17.94
CA PRO S 43 -12.14 77.86 -17.64
C PRO S 43 -12.18 78.84 -18.80
N ARG S 44 -11.83 80.09 -18.49
CA ARG S 44 -11.82 81.12 -19.52
C ARG S 44 -10.67 80.90 -20.48
N LYS S 45 -10.99 80.87 -21.78
CA LYS S 45 -9.99 80.76 -22.84
C LYS S 45 -9.12 79.51 -22.68
N THR S 46 -9.71 78.39 -22.27
CA THR S 46 -8.95 77.17 -22.07
C THR S 46 -9.82 75.97 -22.39
N VAL S 47 -9.23 74.99 -23.09
CA VAL S 47 -9.94 73.75 -23.39
C VAL S 47 -9.03 72.57 -23.07
N THR S 48 -9.65 71.40 -22.93
CA THR S 48 -8.94 70.15 -22.76
C THR S 48 -9.26 69.24 -23.93
N VAL S 49 -8.21 68.72 -24.57
CA VAL S 49 -8.35 67.94 -25.80
C VAL S 49 -7.80 66.55 -25.53
N GLU S 50 -8.52 65.53 -26.01
CA GLU S 50 -8.17 64.14 -25.79
C GLU S 50 -7.94 63.44 -27.13
N ARG S 51 -6.84 62.70 -27.22
CA ARG S 51 -6.52 61.93 -28.42
C ARG S 51 -6.27 60.48 -28.03
N GLN S 52 -6.77 59.56 -28.84
CA GLN S 52 -6.68 58.14 -28.53
C GLN S 52 -5.72 57.43 -29.48
N TYR S 53 -5.05 56.41 -28.96
CA TYR S 53 -4.14 55.62 -29.78
C TYR S 53 -4.03 54.23 -29.21
N TYR S 54 -3.35 53.35 -29.95
CA TYR S 54 -3.18 51.96 -29.57
C TYR S 54 -1.72 51.69 -29.24
N HIS S 55 -1.49 50.96 -28.16
CA HIS S 55 -0.17 50.57 -27.72
C HIS S 55 -0.04 49.06 -27.80
N TYR S 56 1.10 48.59 -28.28
CA TYR S 56 1.31 47.17 -28.57
C TYR S 56 2.09 46.52 -27.44
N LEU S 57 1.51 45.47 -26.85
CA LEU S 57 2.15 44.72 -25.78
C LEU S 57 2.91 43.56 -26.40
N LYS S 58 4.24 43.60 -26.32
CA LYS S 58 5.05 42.66 -27.05
C LYS S 58 4.86 41.23 -26.56
N LYS S 59 4.76 41.05 -25.24
CA LYS S 59 4.65 39.69 -24.71
C LYS S 59 3.35 39.02 -25.11
N TYR S 60 2.24 39.75 -24.99
CA TYR S 60 0.93 39.20 -25.26
C TYR S 60 0.47 39.39 -26.69
N GLU S 61 1.33 39.97 -27.54
CA GLU S 61 1.06 40.21 -28.96
C GLU S 61 -0.36 40.69 -29.22
N ARG S 62 -0.83 41.65 -28.43
CA ARG S 62 -2.13 42.27 -28.60
C ARG S 62 -2.01 43.75 -28.31
N TYR S 63 -3.11 44.46 -28.49
CA TYR S 63 -3.13 45.91 -28.36
C TYR S 63 -3.94 46.35 -27.15
N GLU S 64 -3.70 47.58 -26.72
CA GLU S 64 -4.52 48.21 -25.70
C GLU S 64 -4.73 49.67 -26.07
N LEU S 65 -5.81 50.25 -25.57
CA LEU S 65 -6.20 51.61 -25.91
C LEU S 65 -5.70 52.57 -24.85
N ARG S 66 -5.04 53.65 -25.28
CA ARG S 66 -4.58 54.68 -24.37
C ARG S 66 -5.04 56.03 -24.87
N ARG S 67 -5.13 56.99 -23.95
CA ARG S 67 -5.61 58.32 -24.28
C ARG S 67 -4.71 59.38 -23.66
N SER S 68 -4.55 60.48 -24.36
CA SER S 68 -3.68 61.58 -23.99
C SER S 68 -4.50 62.86 -23.90
N ARG S 69 -4.32 63.60 -22.81
CA ARG S 69 -5.07 64.83 -22.56
C ARG S 69 -4.13 66.02 -22.50
N ILE S 70 -4.48 67.07 -23.24
CA ILE S 70 -3.65 68.26 -23.39
C ILE S 70 -4.52 69.49 -23.18
N HIS S 71 -4.01 70.45 -22.41
CA HIS S 71 -4.70 71.73 -22.21
C HIS S 71 -4.22 72.72 -23.25
N ALA S 72 -5.15 73.46 -23.85
CA ALA S 72 -4.81 74.37 -24.93
C ALA S 72 -5.53 75.70 -24.77
N HIS S 73 -4.93 76.74 -25.32
CA HIS S 73 -5.47 78.09 -25.29
C HIS S 73 -6.57 78.25 -26.34
N ASN S 74 -7.62 78.97 -25.97
CA ASN S 74 -8.82 79.06 -26.81
C ASN S 74 -9.06 80.51 -27.22
N PRO S 75 -8.64 80.92 -28.42
CA PRO S 75 -8.80 82.33 -28.79
C PRO S 75 -10.27 82.69 -28.97
N PRO S 76 -10.65 83.92 -28.67
CA PRO S 76 -12.06 84.31 -28.84
C PRO S 76 -12.55 84.25 -30.27
N CYS S 77 -11.67 84.44 -31.25
CA CYS S 77 -12.08 84.39 -32.64
C CYS S 77 -12.50 82.99 -33.08
N ILE S 78 -12.12 81.95 -32.34
CA ILE S 78 -12.49 80.58 -32.65
C ILE S 78 -13.52 80.05 -31.68
N ASN S 79 -13.21 80.05 -30.39
CA ASN S 79 -14.16 79.75 -29.33
C ASN S 79 -14.78 78.37 -29.51
N ALA S 80 -13.94 77.35 -29.36
CA ALA S 80 -14.40 75.97 -29.48
C ALA S 80 -15.26 75.57 -28.29
N LYS S 81 -16.09 74.56 -28.49
CA LYS S 81 -17.01 74.07 -27.47
C LYS S 81 -16.79 72.58 -27.26
N VAL S 82 -17.58 72.00 -26.36
CA VAL S 82 -17.42 70.59 -26.03
C VAL S 82 -17.95 69.72 -27.15
N GLY S 83 -17.14 68.77 -27.59
CA GLY S 83 -17.59 67.73 -28.49
C GLY S 83 -17.11 67.83 -29.92
N ASP S 84 -16.40 68.88 -30.29
CA ASP S 84 -16.02 69.08 -31.68
C ASP S 84 -14.55 68.76 -31.90
N ARG S 85 -14.23 68.46 -33.16
CA ARG S 85 -12.86 68.15 -33.55
C ARG S 85 -12.08 69.43 -33.75
N VAL S 86 -10.89 69.50 -33.16
CA VAL S 86 -10.05 70.68 -33.24
C VAL S 86 -8.64 70.29 -33.62
N LEU S 87 -7.90 71.27 -34.13
CA LEU S 87 -6.50 71.11 -34.49
C LEU S 87 -5.67 72.05 -33.62
N ILE S 88 -4.63 71.51 -32.98
CA ILE S 88 -3.84 72.28 -32.02
C ILE S 88 -2.38 72.22 -32.42
N ALA S 89 -1.64 73.26 -32.05
CA ALA S 89 -0.23 73.41 -32.41
C ALA S 89 0.56 73.87 -31.19
N GLU S 90 1.87 73.59 -31.22
CA GLU S 90 2.72 73.83 -30.05
C GLU S 90 3.34 75.22 -30.12
N THR S 91 3.46 75.86 -28.95
CA THR S 91 4.03 77.20 -28.84
C THR S 91 4.93 77.26 -27.62
N ARG S 92 5.31 78.49 -27.25
CA ARG S 92 6.04 78.70 -26.02
C ARG S 92 5.11 78.52 -24.82
N PRO S 93 5.66 78.31 -23.62
CA PRO S 93 4.80 78.15 -22.44
C PRO S 93 3.91 79.37 -22.23
N LEU S 94 2.64 79.10 -21.91
CA LEU S 94 1.67 80.16 -21.65
C LEU S 94 1.19 80.20 -20.21
N SER S 95 1.13 79.05 -19.54
CA SER S 95 0.79 78.98 -18.14
C SER S 95 1.52 77.80 -17.53
N LYS S 96 1.06 77.35 -16.37
CA LYS S 96 1.69 76.19 -15.75
C LYS S 96 1.50 74.94 -16.60
N THR S 97 0.33 74.79 -17.21
CA THR S 97 0.00 73.57 -17.93
C THR S 97 -0.37 73.78 -19.39
N LYS S 98 -0.43 75.01 -19.87
CA LYS S 98 -0.85 75.30 -21.23
C LYS S 98 0.37 75.52 -22.11
N HIS S 99 0.51 74.68 -23.14
CA HIS S 99 1.60 74.83 -24.09
C HIS S 99 1.15 74.70 -25.53
N PHE S 100 -0.16 74.65 -25.78
CA PHE S 100 -0.70 74.51 -27.12
C PHE S 100 -1.78 75.57 -27.34
N VAL S 101 -2.13 75.80 -28.59
CA VAL S 101 -3.18 76.75 -28.96
C VAL S 101 -4.04 76.12 -30.03
N VAL S 102 -5.34 76.36 -29.96
CA VAL S 102 -6.26 75.89 -30.99
C VAL S 102 -6.16 76.79 -32.21
N VAL S 103 -6.00 76.17 -33.38
CA VAL S 103 -5.86 76.93 -34.62
C VAL S 103 -7.01 76.74 -35.58
N ALA S 104 -7.80 75.67 -35.44
CA ALA S 104 -8.89 75.44 -36.38
C ALA S 104 -9.88 74.47 -35.78
N VAL S 105 -11.14 74.66 -36.13
CA VAL S 105 -12.20 73.71 -35.80
C VAL S 105 -12.56 72.95 -37.06
N LEU S 106 -12.38 71.63 -37.04
CA LEU S 106 -12.56 70.83 -38.23
C LEU S 106 -14.00 70.37 -38.41
N GLU S 107 -14.72 70.17 -37.33
CA GLU S 107 -16.09 69.69 -37.40
C GLU S 107 -16.83 70.12 -36.15
N ARG S 108 -17.72 71.09 -36.29
CA ARG S 108 -18.52 71.55 -35.16
C ARG S 108 -19.45 70.44 -34.69
N ALA S 109 -19.65 70.36 -33.39
CA ALA S 109 -20.50 69.32 -32.82
C ALA S 109 -21.96 69.52 -33.22
N GLY T 2 -21.14 -40.58 -1.99
CA GLY T 2 -21.97 -40.69 -3.17
C GLY T 2 -21.42 -41.66 -4.20
N LYS T 3 -22.32 -42.33 -4.92
CA LYS T 3 -21.92 -43.27 -5.96
C LYS T 3 -21.82 -42.55 -7.30
N ILE T 4 -20.73 -41.81 -7.46
CA ILE T 4 -20.46 -41.07 -8.68
C ILE T 4 -19.48 -41.87 -9.52
N ARG T 5 -19.88 -42.20 -10.75
CA ARG T 5 -19.00 -42.95 -11.63
C ARG T 5 -17.78 -42.13 -12.01
N GLN T 6 -16.63 -42.81 -12.10
CA GLN T 6 -15.38 -42.13 -12.35
C GLN T 6 -15.18 -41.86 -13.84
N GLY T 7 -14.36 -40.85 -14.13
CA GLY T 7 -14.23 -40.39 -15.50
C GLY T 7 -13.64 -41.43 -16.43
N PHE T 8 -12.54 -42.07 -16.02
CA PHE T 8 -11.89 -43.00 -16.93
C PHE T 8 -12.71 -44.26 -17.13
N ILE T 9 -13.51 -44.64 -16.13
CA ILE T 9 -14.44 -45.76 -16.32
C ILE T 9 -15.40 -45.45 -17.45
N LYS T 10 -16.02 -44.27 -17.41
CA LYS T 10 -16.97 -43.89 -18.45
C LYS T 10 -16.28 -43.80 -19.80
N ARG T 11 -15.07 -43.24 -19.83
CA ARG T 11 -14.35 -43.11 -21.09
C ARG T 11 -14.09 -44.46 -21.73
N VAL T 12 -13.53 -45.41 -20.96
CA VAL T 12 -13.22 -46.71 -21.53
C VAL T 12 -14.48 -47.46 -21.90
N ALA T 13 -15.56 -47.29 -21.10
CA ALA T 13 -16.80 -47.96 -21.43
C ALA T 13 -17.37 -47.45 -22.75
N ARG T 14 -17.35 -46.14 -22.97
CA ARG T 14 -17.83 -45.60 -24.23
C ARG T 14 -16.96 -46.05 -25.40
N GLU T 15 -15.65 -46.12 -25.19
CA GLU T 15 -14.78 -46.61 -26.25
C GLU T 15 -15.12 -48.05 -26.63
N LEU T 16 -15.32 -48.91 -25.63
CA LEU T 16 -15.63 -50.30 -25.92
C LEU T 16 -16.97 -50.44 -26.61
N PHE T 17 -17.95 -49.64 -26.21
CA PHE T 17 -19.30 -49.79 -26.76
C PHE T 17 -19.33 -49.51 -28.25
N ASN T 18 -18.60 -48.48 -28.70
CA ASN T 18 -18.62 -48.14 -30.12
C ASN T 18 -17.79 -49.13 -30.94
N LYS T 19 -16.70 -49.64 -30.37
CA LYS T 19 -15.82 -50.52 -31.12
C LYS T 19 -16.52 -51.82 -31.50
N TYR T 20 -17.26 -52.42 -30.56
CA TYR T 20 -17.95 -53.68 -30.78
C TYR T 20 -19.40 -53.55 -30.35
N PRO T 21 -20.21 -52.81 -31.12
CA PRO T 21 -21.61 -52.61 -30.71
C PRO T 21 -22.38 -53.91 -30.58
N ASN T 22 -22.12 -54.88 -31.45
CA ASN T 22 -22.82 -56.16 -31.42
C ASN T 22 -22.05 -57.19 -30.59
N GLU T 23 -21.71 -56.83 -29.36
CA GLU T 23 -20.96 -57.72 -28.50
C GLU T 23 -21.47 -57.76 -27.06
N PHE T 24 -22.31 -56.82 -26.64
CA PHE T 24 -22.79 -56.75 -25.27
C PHE T 24 -24.30 -56.82 -25.26
N THR T 25 -24.85 -57.42 -24.21
CA THR T 25 -26.29 -57.59 -24.03
C THR T 25 -26.72 -56.85 -22.77
N ARG T 26 -27.96 -57.09 -22.36
CA ARG T 26 -28.48 -56.54 -21.12
C ARG T 26 -28.27 -57.46 -19.93
N ASP T 27 -27.26 -58.32 -19.98
CA ASP T 27 -26.96 -59.26 -18.91
C ASP T 27 -25.61 -58.90 -18.29
N PHE T 28 -25.57 -58.84 -16.96
CA PHE T 28 -24.37 -58.40 -16.28
C PHE T 28 -23.23 -59.42 -16.42
N GLU T 29 -23.53 -60.71 -16.33
CA GLU T 29 -22.49 -61.72 -16.37
C GLU T 29 -21.80 -61.75 -17.73
N HIS T 30 -22.59 -61.69 -18.81
CA HIS T 30 -22.03 -61.71 -20.15
C HIS T 30 -21.12 -60.51 -20.37
N ASN T 31 -21.58 -59.33 -19.97
CA ASN T 31 -20.75 -58.14 -20.07
C ASN T 31 -19.49 -58.26 -19.24
N LYS T 32 -19.59 -58.85 -18.05
CA LYS T 32 -18.41 -59.02 -17.21
C LYS T 32 -17.36 -59.86 -17.91
N LYS T 33 -17.78 -60.99 -18.49
CA LYS T 33 -16.83 -61.85 -19.18
C LYS T 33 -16.24 -61.15 -20.40
N LYS T 34 -17.08 -60.44 -21.16
CA LYS T 34 -16.58 -59.76 -22.35
C LYS T 34 -15.57 -58.68 -21.98
N VAL T 35 -15.85 -57.90 -20.93
CA VAL T 35 -14.91 -56.88 -20.50
C VAL T 35 -13.62 -57.51 -20.04
N GLU T 36 -13.72 -58.66 -19.35
CA GLU T 36 -12.51 -59.35 -18.92
C GLU T 36 -11.66 -59.76 -20.11
N GLU T 37 -12.29 -60.25 -21.17
CA GLU T 37 -11.52 -60.77 -22.30
C GLU T 37 -11.02 -59.69 -23.24
N LEU T 38 -11.70 -58.54 -23.33
CA LEU T 38 -11.38 -57.56 -24.35
C LEU T 38 -10.42 -56.47 -23.89
N THR T 39 -9.97 -56.49 -22.64
CA THR T 39 -9.07 -55.46 -22.14
C THR T 39 -8.00 -56.10 -21.27
N ASN T 40 -7.07 -55.28 -20.81
CA ASN T 40 -6.00 -55.72 -19.91
C ASN T 40 -6.26 -55.30 -18.47
N VAL T 41 -7.53 -55.12 -18.11
CA VAL T 41 -7.87 -54.75 -16.74
C VAL T 41 -7.52 -55.89 -15.81
N THR T 42 -6.98 -55.55 -14.63
CA THR T 42 -6.58 -56.55 -13.65
C THR T 42 -7.35 -56.47 -12.35
N SER T 43 -7.94 -55.33 -12.02
CA SER T 43 -8.66 -55.16 -10.77
C SER T 43 -10.08 -55.68 -10.92
N LYS T 44 -10.47 -56.58 -10.02
CA LYS T 44 -11.81 -57.16 -10.10
C LYS T 44 -12.89 -56.12 -9.88
N LYS T 45 -12.58 -55.04 -9.16
CA LYS T 45 -13.55 -53.99 -8.91
C LYS T 45 -13.79 -53.15 -10.17
N ILE T 46 -12.71 -52.77 -10.86
CA ILE T 46 -12.81 -51.95 -12.05
C ILE T 46 -13.60 -52.67 -13.13
N ARG T 47 -13.38 -53.99 -13.25
CA ARG T 47 -14.12 -54.77 -14.24
C ARG T 47 -15.61 -54.70 -13.98
N ASN T 48 -16.01 -54.82 -12.71
CA ASN T 48 -17.43 -54.77 -12.38
C ASN T 48 -18.01 -53.38 -12.68
N ARG T 49 -17.26 -52.32 -12.37
CA ARG T 49 -17.75 -50.98 -12.68
C ARG T 49 -17.98 -50.81 -14.17
N ILE T 50 -17.01 -51.23 -14.97
CA ILE T 50 -17.11 -51.07 -16.42
C ILE T 50 -18.29 -51.88 -16.95
N ALA T 51 -18.44 -53.11 -16.48
CA ALA T 51 -19.54 -53.94 -16.95
C ALA T 51 -20.88 -53.33 -16.60
N GLY T 52 -21.02 -52.79 -15.39
CA GLY T 52 -22.28 -52.17 -15.03
C GLY T 52 -22.61 -50.97 -15.90
N TYR T 53 -21.62 -50.11 -16.15
CA TYR T 53 -21.89 -48.95 -16.98
C TYR T 53 -22.24 -49.36 -18.40
N ILE T 54 -21.58 -50.39 -18.93
CA ILE T 54 -21.90 -50.86 -20.27
C ILE T 54 -23.31 -51.40 -20.33
N THR T 55 -23.74 -52.13 -19.29
CA THR T 55 -25.11 -52.62 -19.25
C THR T 55 -26.10 -51.46 -19.28
N LYS T 56 -25.82 -50.41 -18.51
CA LYS T 56 -26.71 -49.25 -18.54
C LYS T 56 -26.74 -48.63 -19.92
N LEU T 57 -25.59 -48.51 -20.57
CA LEU T 57 -25.54 -47.92 -21.91
C LEU T 57 -26.38 -48.75 -22.89
N VAL T 58 -26.26 -50.07 -22.82
CA VAL T 58 -27.02 -50.92 -23.73
C VAL T 58 -28.52 -50.72 -23.52
N ARG T 59 -28.96 -50.81 -22.26
CA ARG T 59 -30.39 -50.66 -22.02
C ARG T 59 -30.88 -49.25 -22.33
N MET T 60 -29.98 -48.26 -22.34
CA MET T 60 -30.41 -46.91 -22.64
C MET T 60 -30.52 -46.67 -24.14
N LYS T 61 -29.55 -47.14 -24.91
CA LYS T 61 -29.62 -46.97 -26.36
C LYS T 61 -30.72 -47.83 -26.96
N GLU T 62 -30.93 -49.03 -26.41
CA GLU T 62 -32.02 -49.87 -26.90
C GLU T 62 -33.37 -49.18 -26.73
N GLU T 63 -33.56 -48.51 -25.59
CA GLU T 63 -34.76 -47.71 -25.40
C GLU T 63 -34.81 -46.53 -26.36
N GLY T 64 -33.67 -46.09 -26.89
CA GLY T 64 -33.63 -44.94 -27.76
C GLY T 64 -33.47 -43.62 -27.06
N LYS T 65 -33.12 -43.62 -25.78
CA LYS T 65 -32.93 -42.40 -24.99
C LYS T 65 -34.21 -41.57 -24.94
N LYS U 4 18.55 -49.37 83.83
CA LYS U 4 18.77 -48.17 83.04
C LYS U 4 19.99 -48.34 82.14
N GLU U 5 20.66 -49.47 82.26
CA GLU U 5 21.81 -49.75 81.42
C GLU U 5 21.33 -50.02 79.99
N PHE U 6 22.28 -50.34 79.11
CA PHE U 6 21.98 -50.57 77.71
C PHE U 6 21.95 -52.07 77.44
N ARG U 7 20.90 -52.52 76.76
CA ARG U 7 20.78 -53.90 76.32
C ARG U 7 20.12 -53.92 74.97
N TYR U 8 20.66 -54.70 74.04
CA TYR U 8 20.17 -54.70 72.67
C TYR U 8 19.18 -55.81 72.37
N ARG U 9 19.42 -57.02 72.86
CA ARG U 9 18.45 -58.10 72.81
C ARG U 9 18.48 -58.87 74.10
N GLY U 10 18.77 -58.19 75.20
CA GLY U 10 19.12 -58.85 76.43
C GLY U 10 20.60 -59.06 76.63
N TYR U 11 21.43 -58.39 75.85
CA TYR U 11 22.88 -58.50 75.92
C TYR U 11 23.47 -57.15 76.29
N THR U 12 24.45 -57.17 77.18
CA THR U 12 25.13 -55.94 77.54
C THR U 12 26.13 -55.56 76.44
N LEU U 13 26.75 -54.39 76.60
CA LEU U 13 27.71 -53.92 75.61
C LEU U 13 28.92 -54.84 75.55
N GLU U 14 29.39 -55.30 76.70
CA GLU U 14 30.56 -56.18 76.72
C GLU U 14 30.28 -57.49 76.01
N GLN U 15 29.09 -58.07 76.23
CA GLN U 15 28.74 -59.29 75.52
C GLN U 15 28.67 -59.06 74.03
N LEU U 16 28.24 -57.88 73.59
CA LEU U 16 28.25 -57.57 72.17
C LEU U 16 29.67 -57.43 71.64
N MET U 17 30.59 -56.93 72.46
CA MET U 17 31.97 -56.78 72.00
C MET U 17 32.60 -58.13 71.69
N ASN U 18 32.34 -59.13 72.52
CA ASN U 18 32.97 -60.44 72.36
C ASN U 18 32.08 -61.37 71.53
N MET U 19 31.75 -60.92 70.33
CA MET U 19 30.92 -61.70 69.42
C MET U 19 31.53 -61.72 68.03
N SER U 20 31.46 -62.87 67.38
CA SER U 20 31.87 -62.96 65.99
C SER U 20 30.89 -62.19 65.12
N LEU U 21 31.37 -61.82 63.93
CA LEU U 21 30.52 -61.08 63.01
C LEU U 21 29.27 -61.89 62.65
N GLU U 22 29.43 -63.19 62.43
CA GLU U 22 28.28 -64.02 62.11
C GLU U 22 27.29 -64.09 63.26
N GLU U 23 27.81 -64.19 64.49
CA GLU U 23 26.93 -64.24 65.65
C GLU U 23 26.12 -62.96 65.79
N LEU U 24 26.77 -61.81 65.59
CA LEU U 24 26.09 -60.53 65.72
C LEU U 24 24.99 -60.37 64.68
N ALA U 25 25.21 -60.88 63.46
CA ALA U 25 24.26 -60.65 62.39
C ALA U 25 22.91 -61.28 62.66
N LYS U 26 22.85 -62.24 63.59
CA LYS U 26 21.57 -62.86 63.92
C LYS U 26 20.70 -61.97 64.77
N LEU U 27 21.22 -60.84 65.25
CA LEU U 27 20.45 -59.94 66.10
C LEU U 27 19.99 -58.68 65.39
N LEU U 28 20.66 -58.29 64.32
CA LEU U 28 20.28 -57.13 63.55
C LEU U 28 19.04 -57.41 62.70
N PRO U 29 18.37 -56.38 62.20
CA PRO U 29 17.24 -56.60 61.29
C PRO U 29 17.64 -57.30 59.99
N ALA U 30 16.66 -57.59 59.15
CA ALA U 30 16.91 -58.39 57.95
C ALA U 30 17.86 -57.68 56.99
N ARG U 31 17.65 -56.37 56.79
CA ARG U 31 18.46 -55.64 55.83
C ARG U 31 19.94 -55.67 56.21
N GLN U 32 20.24 -55.38 57.47
CA GLN U 32 21.63 -55.40 57.91
C GLN U 32 22.22 -56.79 57.86
N ARG U 33 21.43 -57.81 58.19
CA ARG U 33 21.93 -59.18 58.13
C ARG U 33 22.30 -59.55 56.70
N ARG U 34 21.46 -59.18 55.73
CA ARG U 34 21.80 -59.46 54.34
C ARG U 34 23.04 -58.68 53.91
N SER U 35 23.13 -57.41 54.31
CA SER U 35 24.28 -56.61 53.90
C SER U 35 25.57 -57.18 54.45
N LEU U 36 25.57 -57.63 55.70
CA LEU U 36 26.76 -58.25 56.27
C LEU U 36 27.05 -59.60 55.62
N LYS U 37 26.00 -60.35 55.27
CA LYS U 37 26.19 -61.67 54.71
C LYS U 37 26.89 -61.62 53.36
N ARG U 38 26.70 -60.52 52.62
CA ARG U 38 27.37 -60.36 51.34
C ARG U 38 28.77 -59.78 51.46
N GLY U 39 29.22 -59.44 52.67
CA GLY U 39 30.56 -58.93 52.86
C GLY U 39 30.65 -57.43 52.69
N LEU U 40 31.81 -56.90 53.03
CA LEU U 40 32.05 -55.46 52.95
C LEU U 40 32.74 -55.09 51.64
N THR U 41 32.44 -53.89 51.16
CA THR U 41 33.13 -53.34 50.01
C THR U 41 34.54 -52.92 50.42
N PRO U 42 35.47 -52.80 49.46
CA PRO U 42 36.85 -52.45 49.83
C PRO U 42 36.98 -51.17 50.61
N GLU U 43 36.18 -50.15 50.27
CA GLU U 43 36.23 -48.90 51.01
C GLU U 43 35.85 -49.11 52.47
N GLN U 44 34.82 -49.91 52.70
CA GLN U 44 34.43 -50.22 54.07
C GLN U 44 35.53 -51.01 54.77
N LYS U 45 36.25 -51.84 54.03
CA LYS U 45 37.38 -52.56 54.62
C LYS U 45 38.45 -51.59 55.12
N LYS U 46 38.79 -50.59 54.29
CA LYS U 46 39.79 -49.62 54.71
C LYS U 46 39.31 -48.81 55.90
N LEU U 47 38.03 -48.41 55.89
CA LEU U 47 37.50 -47.65 57.02
C LEU U 47 37.53 -48.47 58.29
N LEU U 48 37.18 -49.75 58.21
CA LEU U 48 37.22 -50.60 59.40
C LEU U 48 38.65 -50.78 59.89
N ARG U 49 39.60 -50.90 58.96
CA ARG U 49 41.00 -50.98 59.38
C ARG U 49 41.41 -49.74 60.16
N LYS U 50 41.05 -48.57 59.65
CA LYS U 50 41.38 -47.34 60.37
C LYS U 50 40.72 -47.29 61.74
N ILE U 51 39.46 -47.73 61.81
CA ILE U 51 38.76 -47.72 63.09
C ILE U 51 39.44 -48.63 64.10
N ARG U 52 39.80 -49.85 63.67
CA ARG U 52 40.46 -50.77 64.59
C ARG U 52 41.82 -50.25 65.01
N LEU U 53 42.54 -49.64 64.08
CA LEU U 53 43.83 -49.04 64.43
C LEU U 53 43.65 -47.95 65.47
N ALA U 54 42.62 -47.12 65.32
CA ALA U 54 42.34 -46.09 66.32
C ALA U 54 42.00 -46.70 67.66
N LYS U 55 41.24 -47.80 67.65
CA LYS U 55 40.90 -48.46 68.91
C LYS U 55 42.14 -49.01 69.60
N LYS U 56 43.11 -49.50 68.82
CA LYS U 56 44.32 -50.05 69.41
C LYS U 56 45.18 -48.99 70.10
N GLY U 57 44.91 -47.71 69.88
CA GLY U 57 45.69 -46.65 70.48
C GLY U 57 46.58 -45.90 69.51
N LYS U 58 46.51 -46.21 68.22
CA LYS U 58 47.29 -45.52 67.20
C LYS U 58 46.34 -44.67 66.37
N TYR U 59 46.92 -43.97 65.39
CA TYR U 59 46.16 -43.11 64.50
C TYR U 59 45.33 -42.11 65.29
N ASN U 60 45.99 -41.18 65.98
CA ASN U 60 45.28 -40.18 66.76
C ASN U 60 44.93 -38.95 65.92
N LYS U 61 44.17 -39.17 64.86
CA LYS U 61 43.76 -38.13 63.93
C LYS U 61 42.27 -38.20 63.69
N PRO U 62 41.66 -37.12 63.21
CA PRO U 62 40.24 -37.17 62.86
C PRO U 62 39.98 -38.22 61.78
N ILE U 63 38.85 -38.91 61.93
CA ILE U 63 38.45 -39.96 60.99
C ILE U 63 37.37 -39.38 60.09
N ARG U 64 37.72 -39.10 58.84
CA ARG U 64 36.80 -38.56 57.86
C ARG U 64 36.56 -39.58 56.77
N THR U 65 35.32 -39.67 56.30
CA THR U 65 34.97 -40.73 55.37
C THR U 65 33.98 -40.25 54.33
N HIS U 66 33.90 -40.98 53.23
CA HIS U 66 32.87 -40.84 52.22
C HIS U 66 31.84 -41.96 52.27
N CYS U 67 32.04 -42.97 53.12
CA CYS U 67 31.22 -44.17 53.11
C CYS U 67 29.95 -43.93 53.91
N ARG U 68 28.94 -43.35 53.26
CA ARG U 68 27.69 -43.08 53.94
C ARG U 68 26.87 -44.34 54.19
N ASP U 69 27.23 -45.47 53.58
CA ASP U 69 26.45 -46.69 53.69
C ASP U 69 27.09 -47.70 54.63
N MET U 70 28.01 -47.27 55.47
CA MET U 70 28.62 -48.17 56.44
C MET U 70 27.67 -48.39 57.61
N ILE U 71 27.58 -49.64 58.05
CA ILE U 71 26.71 -50.01 59.16
C ILE U 71 27.46 -49.84 60.46
N VAL U 72 26.82 -49.20 61.43
CA VAL U 72 27.45 -48.97 62.73
C VAL U 72 27.55 -50.29 63.47
N LEU U 73 28.74 -50.59 63.97
CA LEU U 73 29.04 -51.81 64.68
C LEU U 73 29.35 -51.52 66.15
N PRO U 74 29.18 -52.50 67.03
CA PRO U 74 29.44 -52.25 68.45
C PRO U 74 30.85 -51.78 68.76
N GLU U 75 31.84 -52.26 68.02
CA GLU U 75 33.21 -51.85 68.30
C GLU U 75 33.51 -50.41 67.91
N MET U 76 32.59 -49.76 67.20
CA MET U 76 32.77 -48.37 66.82
C MET U 76 32.27 -47.38 67.88
N VAL U 77 31.70 -47.88 68.98
CA VAL U 77 31.10 -46.99 69.97
C VAL U 77 32.19 -46.25 70.72
N GLY U 78 32.01 -44.95 70.89
CA GLY U 78 32.92 -44.12 71.62
C GLY U 78 33.77 -43.20 70.77
N LEU U 79 33.78 -43.39 69.46
CA LEU U 79 34.60 -42.56 68.59
C LEU U 79 33.76 -41.44 67.97
N THR U 80 34.44 -40.60 67.21
CA THR U 80 33.81 -39.51 66.47
C THR U 80 34.23 -39.59 65.02
N ILE U 81 33.25 -39.57 64.11
CA ILE U 81 33.49 -39.78 62.70
C ILE U 81 32.87 -38.62 61.93
N TYR U 82 33.56 -38.18 60.87
CA TYR U 82 33.11 -37.07 60.05
C TYR U 82 32.63 -37.62 58.71
N VAL U 83 31.33 -37.55 58.49
CA VAL U 83 30.69 -38.15 57.32
C VAL U 83 30.39 -37.06 56.30
N HIS U 84 30.82 -37.28 55.07
CA HIS U 84 30.54 -36.33 54.00
C HIS U 84 29.04 -36.23 53.77
N ASN U 85 28.56 -35.01 53.57
CA ASN U 85 27.14 -34.78 53.33
C ASN U 85 26.89 -34.13 51.98
N GLY U 86 27.91 -34.05 51.14
CA GLY U 86 27.76 -33.44 49.85
C GLY U 86 28.72 -32.28 49.64
N LYS U 87 28.94 -31.50 50.69
CA LYS U 87 29.90 -30.41 50.62
C LYS U 87 30.81 -30.30 51.83
N GLU U 88 30.54 -31.01 52.93
CA GLU U 88 31.37 -30.90 54.13
C GLU U 88 31.24 -32.16 54.96
N PHE U 89 32.17 -32.33 55.88
CA PHE U 89 32.17 -33.47 56.80
C PHE U 89 31.61 -33.00 58.14
N VAL U 90 30.53 -33.63 58.58
CA VAL U 90 29.90 -33.23 59.83
C VAL U 90 30.27 -34.23 60.91
N PRO U 91 30.48 -33.79 62.14
CA PRO U 91 30.90 -34.72 63.19
C PRO U 91 29.74 -35.50 63.77
N VAL U 92 29.97 -36.78 64.02
CA VAL U 92 28.99 -37.67 64.61
C VAL U 92 29.65 -38.37 65.79
N GLU U 93 29.03 -38.29 66.96
CA GLU U 93 29.53 -38.96 68.15
C GLU U 93 28.70 -40.21 68.37
N ILE U 94 29.33 -41.37 68.26
CA ILE U 94 28.61 -42.64 68.24
C ILE U 94 28.15 -42.99 69.65
N LYS U 95 26.86 -43.22 69.80
CA LYS U 95 26.23 -43.66 71.03
C LYS U 95 25.85 -45.13 70.92
N PRO U 96 25.72 -45.83 72.05
CA PRO U 96 25.37 -47.26 71.97
C PRO U 96 24.08 -47.54 71.24
N GLU U 97 23.10 -46.63 71.30
CA GLU U 97 21.83 -46.87 70.64
C GLU U 97 21.88 -46.68 69.14
N MET U 98 23.05 -46.40 68.57
CA MET U 98 23.19 -46.27 67.13
C MET U 98 23.54 -47.58 66.46
N ILE U 99 23.62 -48.68 67.19
CA ILE U 99 24.01 -49.96 66.60
C ILE U 99 22.94 -50.39 65.61
N GLY U 100 23.37 -50.72 64.40
CA GLY U 100 22.49 -51.23 63.38
C GLY U 100 22.00 -50.21 62.37
N HIS U 101 22.47 -48.99 62.43
CA HIS U 101 22.04 -47.94 61.51
C HIS U 101 23.16 -47.54 60.57
N TYR U 102 22.79 -47.00 59.42
CA TYR U 102 23.77 -46.49 58.48
C TYR U 102 24.33 -45.16 58.96
N LEU U 103 25.58 -44.89 58.57
CA LEU U 103 26.19 -43.62 58.95
C LEU U 103 25.45 -42.45 58.34
N GLY U 104 25.03 -42.57 57.08
CA GLY U 104 24.37 -41.47 56.39
C GLY U 104 23.10 -41.02 57.05
N GLU U 105 22.56 -41.81 57.98
CA GLU U 105 21.36 -41.39 58.70
C GLU U 105 21.63 -40.23 59.64
N PHE U 106 22.89 -39.94 59.92
CA PHE U 106 23.23 -38.88 60.87
C PHE U 106 23.87 -37.68 60.21
N ALA U 107 23.82 -37.58 58.89
CA ALA U 107 24.39 -36.47 58.14
C ALA U 107 23.38 -35.99 57.12
N PRO U 108 22.49 -35.09 57.50
CA PRO U 108 21.48 -34.60 56.56
C PRO U 108 22.12 -33.93 55.35
N THR U 109 21.48 -34.11 54.20
CA THR U 109 22.00 -33.57 52.95
C THR U 109 21.25 -32.35 52.45
N ARG U 110 20.10 -32.03 53.04
CA ARG U 110 19.31 -30.88 52.62
C ARG U 110 19.07 -29.95 53.80
N LYS U 111 18.92 -28.68 53.49
CA LYS U 111 18.68 -27.66 54.51
C LYS U 111 17.19 -27.48 54.73
N ARG U 112 16.81 -27.22 55.97
CA ARG U 112 15.41 -27.06 56.31
C ARG U 112 14.81 -25.86 55.58
N VAL U 113 13.53 -25.96 55.24
CA VAL U 113 12.88 -24.99 54.36
C VAL U 113 12.11 -23.97 55.19
N GLN U 114 12.35 -22.69 54.92
CA GLN U 114 11.58 -21.58 55.48
C GLN U 114 11.05 -20.76 54.32
N HIS U 115 9.75 -20.88 54.05
CA HIS U 115 9.20 -20.30 52.84
C HIS U 115 9.12 -18.78 52.93
N GLY U 116 9.38 -18.13 51.78
CA GLY U 116 9.17 -16.71 51.64
C GLY U 116 7.82 -16.40 51.01
N ALA U 117 7.64 -15.14 50.67
CA ALA U 117 6.39 -14.70 50.08
C ALA U 117 6.23 -15.27 48.68
N PRO U 118 5.07 -15.80 48.32
CA PRO U 118 4.88 -16.32 46.97
C PRO U 118 5.09 -15.21 45.93
N GLY U 119 5.76 -15.57 44.84
CA GLY U 119 6.13 -14.61 43.82
C GLY U 119 5.10 -14.53 42.71
N ILE U 120 5.47 -13.79 41.67
CA ILE U 120 4.58 -13.60 40.53
C ILE U 120 4.45 -14.90 39.77
N GLY U 121 3.22 -15.31 39.51
CA GLY U 121 2.95 -16.59 38.88
C GLY U 121 2.59 -17.71 39.83
N ALA U 122 2.49 -17.43 41.13
CA ALA U 122 2.12 -18.45 42.10
C ALA U 122 0.63 -18.72 42.12
N THR U 123 -0.19 -17.81 41.59
CA THR U 123 -1.63 -18.01 41.53
C THR U 123 -2.10 -17.65 40.13
N ARG U 124 -3.37 -18.00 39.85
CA ARG U 124 -3.92 -17.72 38.52
C ARG U 124 -3.97 -16.22 38.25
N SER U 125 -4.28 -15.43 39.28
CA SER U 125 -4.43 -13.98 39.12
C SER U 125 -3.11 -13.23 39.18
N SER U 126 -2.00 -13.91 39.47
CA SER U 126 -0.70 -13.26 39.55
C SER U 126 0.10 -13.33 38.26
N MET U 127 -0.46 -13.91 37.21
CA MET U 127 0.27 -14.08 35.96
C MET U 127 0.03 -12.92 35.01
N ALA V 2 -23.49 -93.33 36.30
CA ALA V 2 -23.29 -91.91 36.58
C ALA V 2 -21.82 -91.64 36.87
N THR V 3 -21.35 -90.46 36.47
CA THR V 3 -19.97 -90.05 36.69
C THR V 3 -19.96 -88.65 37.28
N VAL V 4 -18.75 -88.13 37.48
CA VAL V 4 -18.60 -86.78 38.02
C VAL V 4 -19.19 -85.75 37.06
N TYR V 5 -19.14 -86.01 35.76
CA TYR V 5 -19.63 -85.06 34.79
C TYR V 5 -21.14 -84.87 34.85
N ASP V 6 -21.86 -85.72 35.58
CA ASP V 6 -23.32 -85.69 35.57
C ASP V 6 -23.92 -84.91 36.73
N VAL V 7 -23.12 -84.29 37.59
CA VAL V 7 -23.66 -83.59 38.74
C VAL V 7 -23.02 -82.22 38.85
N PRO V 8 -23.71 -81.25 39.45
CA PRO V 8 -23.10 -79.94 39.69
C PRO V 8 -21.93 -80.05 40.63
N GLY V 9 -20.92 -79.20 40.40
CA GLY V 9 -19.66 -79.35 41.11
C GLY V 9 -19.76 -79.06 42.59
N ASP V 10 -20.43 -77.97 42.96
CA ASP V 10 -20.41 -77.54 44.36
C ASP V 10 -21.14 -78.53 45.26
N LEU V 11 -22.27 -79.06 44.81
CA LEU V 11 -22.98 -80.06 45.62
C LEU V 11 -22.13 -81.30 45.82
N LEU V 12 -21.44 -81.74 44.77
CA LEU V 12 -20.56 -82.89 44.90
C LEU V 12 -19.43 -82.61 45.87
N VAL V 13 -18.86 -81.41 45.82
CA VAL V 13 -17.78 -81.06 46.73
C VAL V 13 -18.29 -81.09 48.16
N GLU V 14 -19.50 -80.57 48.39
CA GLU V 14 -20.08 -80.61 49.73
C GLU V 14 -20.23 -82.05 50.24
N ARG V 15 -20.80 -82.91 49.41
CA ARG V 15 -21.00 -84.30 49.83
C ARG V 15 -19.68 -85.00 50.10
N VAL V 16 -18.69 -84.80 49.22
CA VAL V 16 -17.41 -85.45 49.39
C VAL V 16 -16.70 -84.93 50.63
N ALA V 17 -16.81 -83.64 50.90
CA ALA V 17 -16.20 -83.09 52.11
C ALA V 17 -16.83 -83.70 53.34
N GLN V 18 -18.15 -83.87 53.35
CA GLN V 18 -18.78 -84.53 54.49
C GLN V 18 -18.31 -85.96 54.63
N ARG V 19 -18.14 -86.66 53.52
CA ARG V 19 -17.72 -88.06 53.59
C ARG V 19 -16.27 -88.22 54.02
N LEU V 20 -15.40 -87.28 53.67
CA LEU V 20 -13.96 -87.44 53.90
C LEU V 20 -13.59 -87.44 55.37
N LYS V 21 -14.50 -87.06 56.26
CA LYS V 21 -14.16 -87.01 57.67
C LYS V 21 -14.01 -88.39 58.29
N GLU V 22 -14.35 -89.45 57.58
CA GLU V 22 -14.22 -90.80 58.11
C GLU V 22 -12.88 -91.43 57.81
N ILE V 23 -12.02 -90.78 57.03
CA ILE V 23 -10.74 -91.34 56.63
C ILE V 23 -9.70 -90.93 57.67
N PRO V 24 -9.08 -91.87 58.39
CA PRO V 24 -8.13 -91.49 59.44
C PRO V 24 -6.91 -90.76 58.94
N GLU V 25 -6.59 -90.86 57.65
CA GLU V 25 -5.37 -90.26 57.14
C GLU V 25 -5.53 -88.79 56.79
N ILE V 26 -6.74 -88.25 56.81
CA ILE V 26 -7.00 -86.85 56.51
C ILE V 26 -7.11 -86.10 57.83
N LYS V 27 -6.12 -85.26 58.12
CA LYS V 27 -6.11 -84.49 59.34
C LYS V 27 -5.53 -83.13 59.04
N PRO V 28 -6.15 -82.06 59.53
CA PRO V 28 -5.57 -80.74 59.37
C PRO V 28 -4.24 -80.66 60.09
N PRO V 29 -3.27 -79.94 59.53
CA PRO V 29 -1.98 -79.78 60.21
C PRO V 29 -2.12 -78.93 61.45
N GLU V 30 -1.03 -78.83 62.20
CA GLU V 30 -1.06 -78.12 63.47
C GLU V 30 -1.17 -76.61 63.30
N TRP V 31 -0.72 -76.08 62.17
CA TRP V 31 -0.80 -74.64 61.92
C TRP V 31 -2.07 -74.25 61.19
N ALA V 32 -2.99 -75.18 60.99
CA ALA V 32 -4.24 -74.87 60.30
C ALA V 32 -5.05 -73.74 60.93
N PRO V 33 -5.20 -73.63 62.25
CA PRO V 33 -6.07 -72.59 62.79
C PRO V 33 -5.61 -71.16 62.52
N PHE V 34 -4.36 -70.92 62.13
CA PHE V 34 -3.81 -69.58 62.16
C PHE V 34 -3.44 -68.98 60.80
N VAL V 35 -3.86 -69.55 59.68
CA VAL V 35 -3.34 -69.10 58.40
C VAL V 35 -4.46 -68.71 57.45
N LYS V 36 -4.12 -67.87 56.50
CA LYS V 36 -4.97 -67.54 55.36
C LYS V 36 -4.68 -68.48 54.20
N THR V 37 -5.62 -68.56 53.27
CA THR V 37 -5.44 -69.37 52.07
C THR V 37 -4.99 -68.50 50.90
N GLY V 38 -3.87 -67.82 51.07
CA GLY V 38 -3.30 -67.05 49.98
C GLY V 38 -3.03 -65.59 50.30
N ARG V 39 -2.03 -65.02 49.62
CA ARG V 39 -1.65 -63.62 49.86
C ARG V 39 -2.71 -62.64 49.40
N HIS V 40 -3.65 -63.06 48.55
CA HIS V 40 -4.66 -62.16 48.05
C HIS V 40 -5.90 -62.11 48.94
N LYS V 41 -5.97 -62.94 49.96
CA LYS V 41 -7.07 -62.92 50.90
C LYS V 41 -6.80 -61.89 51.99
N GLU V 42 -7.80 -61.68 52.85
CA GLU V 42 -7.71 -60.67 53.89
C GLU V 42 -7.98 -61.21 55.30
N ARG V 43 -8.91 -62.13 55.46
CA ARG V 43 -9.31 -62.62 56.76
C ARG V 43 -9.25 -64.14 56.77
N LEU V 44 -9.14 -64.71 57.97
CA LEU V 44 -9.03 -66.15 58.10
C LEU V 44 -10.33 -66.83 57.68
N PRO V 45 -10.26 -68.11 57.29
CA PRO V 45 -11.49 -68.83 56.94
C PRO V 45 -12.45 -68.89 58.11
N GLU V 46 -13.74 -68.78 57.81
CA GLU V 46 -14.77 -68.74 58.83
C GLU V 46 -15.25 -70.12 59.26
N GLN V 47 -15.30 -71.08 58.35
CA GLN V 47 -15.75 -72.43 58.68
C GLN V 47 -14.70 -73.12 59.53
N GLU V 48 -15.15 -73.82 60.57
CA GLU V 48 -14.20 -74.51 61.45
C GLU V 48 -13.66 -75.79 60.83
N ASP V 49 -14.18 -76.21 59.69
CA ASP V 49 -13.74 -77.42 59.01
C ASP V 49 -13.45 -77.13 57.54
N TRP V 50 -12.73 -76.05 57.26
CA TRP V 50 -12.42 -75.70 55.88
C TRP V 50 -11.42 -76.66 55.26
N TRP V 51 -10.63 -77.35 56.09
CA TRP V 51 -9.62 -78.25 55.57
C TRP V 51 -10.24 -79.33 54.70
N TYR V 52 -11.35 -79.91 55.14
CA TYR V 52 -11.97 -81.00 54.39
C TYR V 52 -12.56 -80.50 53.09
N TYR V 53 -13.12 -79.29 53.08
CA TYR V 53 -13.62 -78.72 51.83
C TYR V 53 -12.48 -78.52 50.84
N ARG V 54 -11.36 -77.99 51.30
CA ARG V 54 -10.22 -77.79 50.41
C ARG V 54 -9.70 -79.12 49.87
N VAL V 55 -9.62 -80.12 50.73
CA VAL V 55 -9.12 -81.43 50.29
C VAL V 55 -10.06 -82.03 49.24
N ALA V 56 -11.37 -81.95 49.48
CA ALA V 56 -12.32 -82.50 48.52
C ALA V 56 -12.24 -81.78 47.19
N SER V 57 -12.10 -80.46 47.22
CA SER V 57 -11.96 -79.71 45.98
C SER V 57 -10.71 -80.12 45.22
N ILE V 58 -9.60 -80.30 45.94
CA ILE V 58 -8.37 -80.71 45.29
C ILE V 58 -8.53 -82.09 44.66
N LEU V 59 -9.20 -83.00 45.35
CA LEU V 59 -9.39 -84.34 44.81
C LEU V 59 -10.21 -84.31 43.54
N ARG V 60 -11.32 -83.58 43.54
CA ARG V 60 -12.12 -83.47 42.33
C ARG V 60 -11.33 -82.80 41.22
N ARG V 61 -10.47 -81.85 41.58
CA ARG V 61 -9.64 -81.18 40.57
C ARG V 61 -8.68 -82.16 39.92
N VAL V 62 -8.06 -83.02 40.72
CA VAL V 62 -7.11 -83.99 40.17
C VAL V 62 -7.84 -85.00 39.30
N TYR V 63 -9.06 -85.36 39.69
CA TYR V 63 -9.84 -86.31 38.90
C TYR V 63 -10.04 -85.81 37.47
N LEU V 64 -10.31 -84.52 37.32
CA LEU V 64 -10.70 -83.97 36.02
C LEU V 64 -9.54 -83.58 35.13
N ASP V 65 -8.41 -83.16 35.71
CA ASP V 65 -7.35 -82.56 34.92
C ASP V 65 -5.98 -83.20 35.15
N GLY V 66 -5.93 -84.38 35.77
CA GLY V 66 -4.67 -85.05 36.00
C GLY V 66 -4.03 -85.50 34.70
N PRO V 67 -2.70 -85.59 34.67
CA PRO V 67 -1.78 -85.24 35.75
C PRO V 67 -1.58 -83.73 35.89
N VAL V 68 -1.38 -83.27 37.12
CA VAL V 68 -1.25 -81.84 37.39
C VAL V 68 -0.38 -81.67 38.63
N GLY V 69 0.38 -80.58 38.66
CA GLY V 69 1.34 -80.33 39.71
C GLY V 69 0.94 -79.19 40.63
N ILE V 70 1.91 -78.79 41.45
CA ILE V 70 1.65 -77.79 42.49
C ILE V 70 1.41 -76.41 41.88
N GLU V 71 2.24 -76.03 40.91
CA GLU V 71 2.18 -74.66 40.40
C GLU V 71 0.86 -74.37 39.71
N ARG V 72 0.36 -75.32 38.91
CA ARG V 72 -0.90 -75.09 38.23
C ARG V 72 -2.06 -75.01 39.21
N LEU V 73 -2.03 -75.82 40.26
CA LEU V 73 -3.05 -75.71 41.31
C LEU V 73 -2.96 -74.37 42.01
N ARG V 74 -1.73 -73.89 42.27
CA ARG V 74 -1.57 -72.57 42.86
C ARG V 74 -2.20 -71.51 41.98
N THR V 75 -2.03 -71.63 40.67
CA THR V 75 -2.69 -70.71 39.75
C THR V 75 -4.20 -70.82 39.87
N TYR V 76 -4.72 -72.04 40.05
CA TYR V 76 -6.16 -72.21 40.11
C TYR V 76 -6.75 -71.52 41.34
N TYR V 77 -6.07 -71.59 42.47
CA TYR V 77 -6.61 -71.06 43.72
C TYR V 77 -6.19 -69.63 44.00
N GLY V 78 -5.68 -68.92 43.01
CA GLY V 78 -5.39 -67.50 43.14
C GLY V 78 -6.65 -66.68 43.00
N GLY V 79 -6.47 -65.38 42.88
CA GLY V 79 -7.61 -64.51 42.74
C GLY V 79 -7.21 -63.05 42.68
N ARG V 80 -8.23 -62.20 42.73
CA ARG V 80 -8.03 -60.76 42.67
C ARG V 80 -7.78 -60.19 44.05
N LYS V 81 -6.82 -59.29 44.15
CA LYS V 81 -6.45 -58.66 45.40
C LYS V 81 -6.66 -57.16 45.32
N ASN V 82 -7.23 -56.61 46.40
CA ASN V 82 -7.40 -55.18 46.61
C ASN V 82 -6.12 -54.62 47.23
N ARG V 83 -5.56 -53.60 46.60
CA ARG V 83 -4.25 -53.08 46.97
C ARG V 83 -4.33 -51.64 47.46
N GLY V 84 -5.35 -51.33 48.26
CA GLY V 84 -5.46 -49.98 48.78
C GLY V 84 -5.74 -48.99 47.67
N HIS V 85 -4.87 -47.99 47.55
CA HIS V 85 -5.05 -46.93 46.56
C HIS V 85 -4.68 -47.36 45.15
N ALA V 86 -4.10 -48.54 44.98
CA ALA V 86 -3.68 -49.02 43.67
C ALA V 86 -4.72 -49.96 43.08
N PRO V 87 -4.73 -50.11 41.75
CA PRO V 87 -5.72 -50.99 41.12
C PRO V 87 -5.52 -52.45 41.51
N GLU V 88 -6.62 -53.20 41.44
CA GLU V 88 -6.63 -54.60 41.83
C GLU V 88 -5.80 -55.44 40.89
N ARG V 89 -5.25 -56.55 41.41
CA ARG V 89 -4.39 -57.38 40.56
C ARG V 89 -4.58 -58.85 40.91
N PHE V 90 -4.25 -59.71 39.95
CA PHE V 90 -4.34 -61.14 40.16
C PHE V 90 -3.08 -61.66 40.85
N TYR V 91 -3.26 -62.66 41.72
CA TYR V 91 -2.12 -63.27 42.40
C TYR V 91 -2.38 -64.75 42.63
N LYS V 92 -1.30 -65.51 42.71
CA LYS V 92 -1.36 -66.94 42.99
C LYS V 92 -1.56 -67.19 44.47
N ALA V 93 -1.82 -68.45 44.80
CA ALA V 93 -1.97 -68.86 46.19
C ALA V 93 -0.66 -69.43 46.72
N GLY V 94 -0.70 -69.87 47.97
CA GLY V 94 0.46 -70.44 48.60
C GLY V 94 0.72 -71.87 48.18
N GLY V 95 1.71 -72.49 48.80
CA GLY V 95 2.11 -73.83 48.41
C GLY V 95 1.96 -74.89 49.47
N SER V 96 2.07 -74.50 50.75
CA SER V 96 2.09 -75.50 51.82
C SER V 96 0.78 -76.27 51.87
N ILE V 97 -0.35 -75.57 51.74
CA ILE V 97 -1.64 -76.23 51.88
C ILE V 97 -1.81 -77.30 50.82
N ILE V 98 -1.55 -76.94 49.57
CA ILE V 98 -1.78 -77.88 48.47
C ILE V 98 -0.85 -79.08 48.59
N ARG V 99 0.42 -78.83 48.91
CA ARG V 99 1.36 -79.94 49.02
C ARG V 99 0.97 -80.89 50.14
N LYS V 100 0.59 -80.36 51.29
CA LYS V 100 0.18 -81.23 52.39
C LYS V 100 -1.07 -82.01 52.02
N ALA V 101 -2.03 -81.36 51.37
CA ALA V 101 -3.24 -82.07 50.98
C ALA V 101 -2.95 -83.21 50.03
N LEU V 102 -2.09 -82.96 49.04
CA LEU V 102 -1.76 -84.02 48.08
C LEU V 102 -1.01 -85.15 48.76
N GLN V 103 -0.11 -84.84 49.68
CA GLN V 103 0.60 -85.91 50.38
C GLN V 103 -0.36 -86.76 51.20
N GLN V 104 -1.31 -86.12 51.88
CA GLN V 104 -2.28 -86.89 52.65
C GLN V 104 -3.16 -87.75 51.74
N LEU V 105 -3.58 -87.20 50.60
CA LEU V 105 -4.40 -87.98 49.67
C LEU V 105 -3.63 -89.20 49.17
N GLU V 106 -2.35 -89.02 48.83
CA GLU V 106 -1.55 -90.16 48.40
C GLU V 106 -1.41 -91.19 49.51
N ALA V 107 -1.22 -90.74 50.74
CA ALA V 107 -1.14 -91.67 51.86
C ALA V 107 -2.45 -92.43 52.02
N ALA V 108 -3.57 -91.81 51.69
CA ALA V 108 -4.86 -92.49 51.78
C ALA V 108 -5.12 -93.45 50.63
N GLY V 109 -4.26 -93.45 49.61
CA GLY V 109 -4.45 -94.35 48.48
C GLY V 109 -5.34 -93.84 47.39
N PHE V 110 -5.60 -92.54 47.32
CA PHE V 110 -6.52 -92.00 46.32
C PHE V 110 -5.82 -91.47 45.09
N VAL V 111 -4.58 -90.99 45.22
CA VAL V 111 -3.83 -90.48 44.08
C VAL V 111 -2.47 -91.14 44.06
N GLU V 112 -1.82 -91.06 42.91
CA GLU V 112 -0.47 -91.59 42.75
C GLU V 112 0.35 -90.60 41.94
N LYS V 113 1.65 -90.78 41.95
CA LYS V 113 2.58 -89.82 41.39
C LYS V 113 3.18 -90.37 40.10
N VAL V 114 2.99 -89.63 39.01
CA VAL V 114 3.59 -89.96 37.72
C VAL V 114 4.86 -89.12 37.55
N PRO V 115 6.04 -89.73 37.44
CA PRO V 115 7.28 -88.97 37.49
C PRO V 115 7.37 -87.94 36.37
N GLY V 116 7.91 -86.77 36.69
CA GLY V 116 8.05 -85.70 35.74
C GLY V 116 6.76 -85.12 35.21
N LYS V 117 5.61 -85.65 35.62
CA LYS V 117 4.34 -85.20 35.09
C LYS V 117 3.37 -84.69 36.14
N GLY V 118 3.35 -85.28 37.33
CA GLY V 118 2.45 -84.78 38.36
C GLY V 118 1.76 -85.88 39.12
N ARG V 119 0.47 -85.73 39.38
CA ARG V 119 -0.29 -86.71 40.14
C ARG V 119 -1.58 -87.03 39.41
N VAL V 120 -1.95 -88.31 39.43
CA VAL V 120 -3.15 -88.80 38.76
C VAL V 120 -3.99 -89.58 39.76
N ILE V 121 -5.20 -89.89 39.35
CA ILE V 121 -6.18 -90.51 40.23
C ILE V 121 -6.10 -92.02 40.11
N THR V 122 -6.05 -92.71 41.24
CA THR V 122 -6.01 -94.16 41.26
C THR V 122 -7.40 -94.73 41.03
N PRO V 123 -7.50 -96.01 40.64
CA PRO V 123 -8.83 -96.62 40.48
C PRO V 123 -9.67 -96.57 41.73
N LYS V 124 -9.05 -96.74 42.90
CA LYS V 124 -9.78 -96.67 44.16
C LYS V 124 -10.43 -95.30 44.33
N GLY V 125 -9.68 -94.24 44.09
CA GLY V 125 -10.24 -92.90 44.21
C GLY V 125 -11.32 -92.63 43.17
N ARG V 126 -11.14 -93.14 41.96
CA ARG V 126 -12.15 -92.97 40.94
C ARG V 126 -13.46 -93.63 41.35
N SER V 127 -13.40 -94.85 41.88
CA SER V 127 -14.60 -95.49 42.39
C SER V 127 -15.20 -94.71 43.54
N PHE V 128 -14.34 -94.20 44.43
CA PHE V 128 -14.81 -93.46 45.60
C PHE V 128 -15.61 -92.23 45.17
N LEU V 129 -15.12 -91.49 44.18
CA LEU V 129 -15.86 -90.31 43.73
C LEU V 129 -17.10 -90.69 42.95
N ASP V 130 -17.02 -91.70 42.07
CA ASP V 130 -18.15 -92.02 41.22
C ASP V 130 -19.32 -92.58 42.01
N LYS V 131 -19.06 -93.32 43.07
CA LYS V 131 -20.17 -93.85 43.87
C LYS V 131 -20.97 -92.73 44.52
N ILE V 132 -20.27 -91.76 45.10
CA ILE V 132 -20.94 -90.61 45.69
C ILE V 132 -21.70 -89.83 44.63
N ALA V 133 -21.10 -89.66 43.45
CA ALA V 133 -21.78 -88.96 42.38
C ALA V 133 -23.06 -89.68 41.98
N THR V 134 -23.01 -91.01 41.92
CA THR V 134 -24.20 -91.78 41.57
C THR V 134 -25.30 -91.59 42.61
N GLU V 135 -24.92 -91.63 43.89
CA GLU V 135 -25.92 -91.42 44.95
C GLU V 135 -26.54 -90.04 44.84
N LEU V 136 -25.72 -89.02 44.63
CA LEU V 136 -26.23 -87.66 44.50
C LEU V 136 -27.16 -87.53 43.31
N LYS V 137 -26.81 -88.15 42.18
CA LYS V 137 -27.68 -88.07 41.02
C LYS V 137 -29.00 -88.79 41.25
N LYS V 138 -28.97 -89.93 41.96
CA LYS V 138 -30.21 -90.60 42.29
C LYS V 138 -31.11 -89.69 43.10
N GLU V 139 -30.54 -88.98 44.08
CA GLU V 139 -31.34 -88.02 44.84
C GLU V 139 -31.84 -86.88 43.95
N LEU V 140 -31.02 -86.43 43.01
CA LEU V 140 -31.31 -85.21 42.28
C LEU V 140 -32.46 -85.40 41.30
N GLU V 141 -32.56 -86.57 40.69
CA GLU V 141 -33.57 -86.78 39.66
C GLU V 141 -34.97 -86.96 40.22
N GLU V 142 -35.14 -86.96 41.54
CA GLU V 142 -36.47 -87.01 42.11
C GLU V 142 -37.22 -85.71 41.87
N ILE V 143 -36.51 -84.61 41.74
CA ILE V 143 -37.14 -83.30 41.55
C ILE V 143 -36.89 -82.73 40.16
N ILE V 144 -36.01 -83.33 39.36
CA ILE V 144 -35.78 -82.90 37.99
C ILE V 144 -35.94 -84.13 37.10
N PRO V 145 -37.15 -84.43 36.62
CA PRO V 145 -37.37 -85.68 35.89
C PRO V 145 -36.56 -85.80 34.62
N GLU V 146 -36.09 -84.69 34.06
CA GLU V 146 -35.33 -84.75 32.82
C GLU V 146 -33.96 -85.40 32.98
N LEU V 147 -33.50 -85.59 34.21
CA LEU V 147 -32.19 -86.19 34.44
C LEU V 147 -32.21 -87.71 34.35
N LYS V 148 -33.38 -88.32 34.23
CA LYS V 148 -33.43 -89.78 34.13
C LYS V 148 -32.83 -90.29 32.84
N LYS V 149 -32.90 -89.50 31.77
CA LYS V 149 -32.32 -89.92 30.49
C LYS V 149 -30.82 -90.07 30.58
N TYR V 150 -30.15 -89.17 31.29
CA TYR V 150 -28.70 -89.22 31.41
C TYR V 150 -28.28 -90.24 32.47
N MET W 1 75.65 37.23 -39.27
CA MET W 1 74.34 37.84 -39.44
C MET W 1 74.25 38.56 -40.78
N GLU W 2 73.07 38.57 -41.37
CA GLU W 2 72.84 39.24 -42.65
C GLU W 2 71.82 40.35 -42.46
N ILE W 3 72.16 41.54 -42.94
CA ILE W 3 71.28 42.70 -42.81
C ILE W 3 70.64 42.98 -44.16
N LYS W 4 69.32 43.15 -44.14
CA LYS W 4 68.56 43.45 -45.34
C LYS W 4 67.74 44.71 -45.10
N ILE W 5 67.86 45.68 -46.00
CA ILE W 5 67.15 46.94 -45.88
C ILE W 5 65.76 46.77 -46.49
N THR W 6 64.73 47.13 -45.73
CA THR W 6 63.36 46.99 -46.22
C THR W 6 62.84 48.28 -46.82
N GLU W 7 63.07 49.41 -46.16
CA GLU W 7 62.54 50.67 -46.63
C GLU W 7 63.39 51.82 -46.12
N VAL W 8 63.59 52.82 -46.97
CA VAL W 8 64.26 54.06 -46.60
C VAL W 8 63.36 55.22 -47.03
N LYS W 9 63.08 56.13 -46.10
CA LYS W 9 62.17 57.23 -46.33
C LYS W 9 62.85 58.54 -45.97
N GLU W 10 62.52 59.58 -46.73
CA GLU W 10 63.08 60.91 -46.50
C GLU W 10 62.06 61.80 -45.81
N ASN W 11 62.50 62.51 -44.77
CA ASN W 11 61.64 63.39 -43.99
C ASN W 11 62.27 64.77 -44.04
N LYS W 12 61.87 65.59 -45.01
CA LYS W 12 62.45 66.92 -45.15
C LYS W 12 62.08 67.83 -44.01
N LEU W 13 60.88 67.68 -43.46
CA LEU W 13 60.42 68.56 -42.40
C LEU W 13 61.30 68.43 -41.15
N ILE W 14 61.50 67.20 -40.68
CA ILE W 14 62.43 66.99 -39.58
C ILE W 14 63.87 67.19 -40.03
N GLY W 15 64.22 66.69 -41.21
CA GLY W 15 65.59 66.74 -41.68
C GLY W 15 66.35 65.47 -41.32
N ARG W 16 65.78 64.33 -41.70
CA ARG W 16 66.37 63.04 -41.34
C ARG W 16 65.86 62.00 -42.33
N LYS W 17 66.47 60.83 -42.27
CA LYS W 17 66.02 59.67 -43.02
C LYS W 17 65.80 58.51 -42.08
N GLU W 18 64.76 57.71 -42.35
CA GLU W 18 64.34 56.63 -41.49
C GLU W 18 64.57 55.31 -42.18
N ILE W 19 65.16 54.35 -41.47
CA ILE W 19 65.60 53.10 -42.06
C ILE W 19 64.98 51.94 -41.28
N TYR W 20 64.36 51.02 -42.01
CA TYR W 20 63.84 49.78 -41.45
C TYR W 20 64.62 48.61 -42.02
N PHE W 21 64.95 47.64 -41.17
CA PHE W 21 65.80 46.56 -41.64
C PHE W 21 65.50 45.27 -40.88
N GLU W 22 65.92 44.17 -41.48
CA GLU W 22 65.84 42.85 -40.87
C GLU W 22 67.24 42.25 -40.74
N ILE W 23 67.43 41.47 -39.69
CA ILE W 23 68.69 40.80 -39.43
C ILE W 23 68.42 39.31 -39.33
N TYR W 24 69.06 38.53 -40.19
CA TYR W 24 68.93 37.08 -40.22
C TYR W 24 70.13 36.47 -39.53
N HIS W 25 69.89 35.65 -38.50
CA HIS W 25 70.97 35.14 -37.67
C HIS W 25 70.60 33.84 -36.96
N PRO W 26 70.42 32.75 -37.68
CA PRO W 26 70.09 31.49 -37.01
C PRO W 26 71.21 31.03 -36.10
N GLY W 27 70.83 30.47 -34.95
CA GLY W 27 71.79 29.91 -34.02
C GLY W 27 72.73 30.89 -33.37
N GLU W 28 72.41 32.18 -33.38
CA GLU W 28 73.24 33.21 -32.80
C GLU W 28 72.40 34.09 -31.89
N PRO W 29 73.02 34.72 -30.89
CA PRO W 29 72.25 35.62 -30.03
C PRO W 29 71.86 36.89 -30.76
N THR W 30 71.00 37.66 -30.14
CA THR W 30 70.54 38.91 -30.72
C THR W 30 71.72 39.85 -30.89
N PRO W 31 71.90 40.46 -32.06
CA PRO W 31 73.06 41.31 -32.28
C PRO W 31 73.08 42.51 -31.34
N SER W 32 74.29 42.95 -30.99
CA SER W 32 74.46 44.13 -30.16
C SER W 32 74.24 45.40 -30.96
N ARG W 33 74.01 46.50 -30.25
CA ARG W 33 73.77 47.77 -30.92
C ARG W 33 74.99 48.25 -31.67
N LYS W 34 76.18 48.05 -31.09
CA LYS W 34 77.41 48.51 -31.74
C LYS W 34 77.62 47.82 -33.07
N ASP W 35 77.43 46.49 -33.11
CA ASP W 35 77.64 45.76 -34.35
C ASP W 35 76.67 46.21 -35.42
N VAL W 36 75.41 46.39 -35.06
CA VAL W 36 74.41 46.82 -36.04
C VAL W 36 74.75 48.21 -36.56
N LYS W 37 75.15 49.12 -35.67
CA LYS W 37 75.48 50.46 -36.13
C LYS W 37 76.68 50.45 -37.06
N GLY W 38 77.70 49.66 -36.72
CA GLY W 38 78.86 49.58 -37.59
C GLY W 38 78.51 49.02 -38.97
N LYS W 39 77.72 47.95 -38.98
CA LYS W 39 77.32 47.36 -40.26
C LYS W 39 76.50 48.34 -41.08
N LEU W 40 75.59 49.08 -40.44
CA LEU W 40 74.77 50.04 -41.17
C LEU W 40 75.60 51.17 -41.74
N VAL W 41 76.50 51.74 -40.94
CA VAL W 41 77.29 52.86 -41.47
C VAL W 41 78.20 52.38 -42.57
N ALA W 42 78.68 51.14 -42.50
CA ALA W 42 79.45 50.59 -43.61
C ALA W 42 78.59 50.43 -44.86
N MET W 43 77.34 49.97 -44.68
CA MET W 43 76.51 49.61 -45.82
C MET W 43 75.96 50.82 -46.58
N LEU W 44 75.75 51.95 -45.91
CA LEU W 44 75.12 53.09 -46.54
C LEU W 44 75.96 54.35 -46.54
N ASP W 45 77.23 54.28 -46.12
CA ASP W 45 78.13 55.43 -46.13
C ASP W 45 77.55 56.59 -45.32
N LEU W 46 77.40 56.34 -44.02
CA LEU W 46 76.82 57.31 -43.12
C LEU W 46 77.83 57.70 -42.05
N ASN W 47 77.78 58.95 -41.63
CA ASN W 47 78.61 59.40 -40.52
C ASN W 47 78.10 58.75 -39.24
N PRO W 48 78.93 57.99 -38.53
CA PRO W 48 78.43 57.31 -37.32
C PRO W 48 78.03 58.25 -36.20
N GLU W 49 78.45 59.51 -36.23
CA GLU W 49 78.17 60.41 -35.12
C GLU W 49 76.72 60.88 -35.10
N THR W 50 76.03 60.85 -36.23
CA THR W 50 74.64 61.30 -36.30
C THR W 50 73.71 60.17 -36.72
N THR W 51 73.95 58.97 -36.19
CA THR W 51 73.13 57.81 -36.48
C THR W 51 72.62 57.23 -35.16
N VAL W 52 71.31 57.09 -35.04
CA VAL W 52 70.68 56.57 -33.84
C VAL W 52 69.89 55.33 -34.19
N ILE W 53 70.06 54.27 -33.40
CA ILE W 53 69.30 53.05 -33.55
C ILE W 53 68.11 53.13 -32.61
N GLN W 54 66.92 53.31 -33.16
CA GLN W 54 65.74 53.41 -32.32
C GLN W 54 65.48 52.11 -31.58
N TYR W 55 65.40 50.99 -32.30
CA TYR W 55 65.18 49.75 -31.58
C TYR W 55 65.60 48.54 -32.40
N ILE W 56 65.92 47.47 -31.67
CA ILE W 56 66.15 46.13 -32.22
C ILE W 56 65.26 45.18 -31.43
N ARG W 57 64.46 44.38 -32.13
CA ARG W 57 63.46 43.54 -31.49
C ARG W 57 63.52 42.13 -32.04
N SER W 58 63.51 41.15 -31.14
CA SER W 58 63.43 39.74 -31.49
C SER W 58 62.02 39.22 -31.30
N TYR W 59 61.75 38.06 -31.88
CA TYR W 59 60.42 37.46 -31.84
C TYR W 59 60.49 36.06 -31.23
N PHE W 60 59.32 35.44 -31.11
CA PHE W 60 59.17 34.22 -30.34
C PHE W 60 59.99 33.07 -30.91
N GLY W 61 59.65 32.59 -32.10
CA GLY W 61 60.34 31.43 -32.63
C GLY W 61 60.97 31.70 -33.97
N SER W 62 61.50 32.90 -34.14
CA SER W 62 62.05 33.34 -35.41
C SER W 62 63.57 33.31 -35.37
N TYR W 63 64.15 33.20 -36.56
CA TYR W 63 65.59 33.29 -36.74
C TYR W 63 66.02 34.69 -37.12
N LYS W 64 65.11 35.64 -37.15
CA LYS W 64 65.42 36.99 -37.59
C LYS W 64 64.83 38.01 -36.63
N SER W 65 65.44 39.20 -36.64
CA SER W 65 65.03 40.30 -35.79
C SER W 65 64.76 41.52 -36.65
N LYS W 66 63.95 42.44 -36.13
CA LYS W 66 63.58 43.64 -36.85
C LYS W 66 64.15 44.86 -36.16
N GLY W 67 64.61 45.82 -36.95
CA GLY W 67 65.26 47.00 -36.41
C GLY W 67 64.82 48.25 -37.12
N TYR W 68 64.83 49.35 -36.37
CA TYR W 68 64.48 50.66 -36.89
C TYR W 68 65.48 51.68 -36.39
N ALA W 69 65.95 52.54 -37.30
CA ALA W 69 67.01 53.50 -37.02
C ALA W 69 66.75 54.80 -37.78
N LYS W 70 67.41 55.86 -37.32
CA LYS W 70 67.25 57.19 -37.92
C LYS W 70 68.61 57.81 -38.15
N TYR W 71 68.71 58.65 -39.17
CA TYR W 71 69.95 59.31 -39.53
C TYR W 71 69.69 60.78 -39.79
N TYR W 72 70.43 61.64 -39.10
CA TYR W 72 70.26 63.09 -39.19
C TYR W 72 71.41 63.71 -39.98
N TYR W 73 71.08 64.75 -40.76
CA TYR W 73 72.09 65.44 -41.53
C TYR W 73 72.86 66.49 -40.73
N ASP W 74 72.40 66.84 -39.54
CA ASP W 74 73.04 67.88 -38.75
C ASP W 74 73.04 67.48 -37.29
N LYS W 75 74.18 67.66 -36.63
CA LYS W 75 74.30 67.26 -35.23
C LYS W 75 73.41 68.10 -34.32
N ASP W 76 73.36 69.41 -34.56
CA ASP W 76 72.55 70.27 -33.71
C ASP W 76 71.07 69.94 -33.85
N ARG W 77 70.61 69.68 -35.06
CA ARG W 77 69.22 69.28 -35.25
C ARG W 77 68.92 67.99 -34.51
N MET W 78 69.85 67.04 -34.55
CA MET W 78 69.65 65.79 -33.81
C MET W 78 69.55 66.03 -32.32
N LEU W 79 70.43 66.89 -31.78
CA LEU W 79 70.35 67.21 -30.36
C LEU W 79 69.06 67.92 -30.02
N TYR W 80 68.54 68.73 -30.94
CA TYR W 80 67.33 69.49 -30.68
C TYR W 80 66.07 68.64 -30.74
N ILE W 81 66.04 67.62 -31.58
CA ILE W 81 64.82 66.85 -31.78
C ILE W 81 64.76 65.63 -30.86
N GLU W 82 65.84 64.85 -30.82
CA GLU W 82 65.78 63.56 -30.14
C GLU W 82 65.65 63.73 -28.63
N PRO W 83 64.95 62.81 -27.98
CA PRO W 83 64.91 62.82 -26.51
C PRO W 83 66.28 62.49 -25.93
N GLU W 84 66.50 62.94 -24.70
CA GLU W 84 67.80 62.74 -24.07
C GLU W 84 68.08 61.26 -23.82
N TYR W 85 67.06 60.50 -23.40
CA TYR W 85 67.31 59.14 -22.95
C TYR W 85 67.81 58.26 -24.09
N ILE W 86 67.29 58.44 -25.30
CA ILE W 86 67.70 57.59 -26.41
C ILE W 86 69.15 57.87 -26.78
N LEU W 87 69.59 59.13 -26.69
CA LEU W 87 70.99 59.43 -26.98
C LEU W 87 71.91 58.79 -25.95
N ILE W 88 71.53 58.80 -24.68
CA ILE W 88 72.34 58.15 -23.66
C ILE W 88 72.39 56.64 -23.90
N ARG W 89 71.24 56.05 -24.24
CA ARG W 89 71.19 54.61 -24.43
C ARG W 89 72.04 54.17 -25.61
N ASP W 90 72.22 55.03 -26.61
CA ASP W 90 73.01 54.70 -27.79
C ASP W 90 74.45 55.14 -27.67
N GLY W 91 74.85 55.68 -26.52
CA GLY W 91 76.24 56.03 -26.31
C GLY W 91 76.70 57.30 -26.98
N ILE W 92 75.79 58.08 -27.57
CA ILE W 92 76.21 59.30 -28.25
C ILE W 92 76.69 60.35 -27.25
N ILE W 93 75.96 60.52 -26.15
CA ILE W 93 76.32 61.48 -25.12
C ILE W 93 76.50 60.73 -23.82
N GLU W 94 77.04 61.43 -22.83
CA GLU W 94 77.38 60.84 -21.54
C GLU W 94 76.35 61.27 -20.50
N LYS W 95 75.90 60.31 -19.70
CA LYS W 95 74.92 60.59 -18.66
C LYS W 95 75.55 61.39 -17.53
N LYS W 96 74.76 62.24 -16.89
CA LYS W 96 75.24 63.04 -15.77
C LYS W 96 75.20 62.23 -14.48
N ARG X 5 -31.37 19.85 -51.55
CA ARG X 5 -32.55 19.23 -50.96
C ARG X 5 -33.42 20.25 -50.23
N ASN X 6 -33.68 20.01 -48.94
CA ASN X 6 -34.48 20.90 -48.12
C ASN X 6 -33.67 22.04 -47.52
N VAL X 7 -32.57 22.43 -48.16
CA VAL X 7 -31.79 23.56 -47.69
C VAL X 7 -32.62 24.84 -47.75
N ILE X 8 -33.32 25.04 -48.85
CA ILE X 8 -34.23 26.17 -48.99
C ILE X 8 -35.53 25.84 -48.24
N PRO X 9 -35.96 26.68 -47.31
CA PRO X 9 -37.21 26.39 -46.58
C PRO X 9 -38.41 26.65 -47.47
N MET X 10 -39.39 25.74 -47.42
CA MET X 10 -40.59 25.86 -48.23
C MET X 10 -41.82 25.79 -47.33
N PRO X 11 -42.77 26.71 -47.48
CA PRO X 11 -43.95 26.69 -46.62
C PRO X 11 -44.83 25.49 -46.87
N ARG X 12 -45.52 25.08 -45.82
CA ARG X 12 -46.49 24.00 -45.91
C ARG X 12 -47.92 24.50 -46.06
N SER X 13 -48.14 25.81 -46.04
CA SER X 13 -49.46 26.38 -46.23
C SER X 13 -49.68 26.70 -47.70
N ARG X 14 -50.93 26.95 -48.05
CA ARG X 14 -51.29 27.20 -49.44
C ARG X 14 -52.29 28.34 -49.51
N PHE X 15 -52.35 28.98 -50.67
CA PHE X 15 -53.39 29.94 -50.99
C PHE X 15 -54.44 29.27 -51.87
N LEU X 16 -55.70 29.48 -51.53
CA LEU X 16 -56.80 28.75 -52.16
C LEU X 16 -57.79 29.72 -52.79
N ARG X 17 -58.37 29.31 -53.91
CA ARG X 17 -59.46 30.03 -54.55
C ARG X 17 -60.76 29.33 -54.23
N VAL X 18 -61.65 30.03 -53.54
CA VAL X 18 -62.89 29.43 -53.04
C VAL X 18 -64.08 30.26 -53.50
N LYS X 19 -65.26 29.67 -53.41
CA LYS X 19 -66.48 30.29 -53.87
C LYS X 19 -67.50 30.31 -52.75
N CYS X 20 -68.06 31.49 -52.48
CA CYS X 20 -69.05 31.61 -51.41
C CYS X 20 -70.32 30.85 -51.77
N ILE X 21 -70.86 30.13 -50.79
CA ILE X 21 -72.07 29.35 -51.03
C ILE X 21 -73.27 30.27 -51.23
N ASP X 22 -73.40 31.29 -50.40
CA ASP X 22 -74.56 32.16 -50.45
C ASP X 22 -74.45 33.21 -51.54
N CYS X 23 -73.43 34.08 -51.44
CA CYS X 23 -73.29 35.16 -52.39
C CYS X 23 -72.94 34.67 -53.78
N GLY X 24 -72.16 33.60 -53.89
CA GLY X 24 -71.62 33.17 -55.16
C GLY X 24 -70.31 33.83 -55.52
N ASN X 25 -69.82 34.75 -54.70
CA ASN X 25 -68.57 35.44 -54.98
C ASN X 25 -67.38 34.47 -54.86
N GLU X 26 -66.30 34.81 -55.55
CA GLU X 26 -65.07 34.05 -55.50
C GLU X 26 -63.95 34.90 -54.91
N GLN X 27 -63.19 34.31 -53.99
CA GLN X 27 -62.10 35.01 -53.33
C GLN X 27 -60.88 34.09 -53.28
N ILE X 28 -59.77 34.66 -52.83
CA ILE X 28 -58.55 33.92 -52.57
C ILE X 28 -58.22 34.09 -51.09
N VAL X 29 -58.01 32.97 -50.39
CA VAL X 29 -57.85 32.98 -48.95
C VAL X 29 -56.60 32.20 -48.58
N PHE X 30 -56.24 32.26 -47.30
CA PHE X 30 -55.08 31.58 -46.76
C PHE X 30 -55.51 30.34 -45.99
N SER X 31 -54.72 29.28 -46.08
CA SER X 31 -55.12 28.01 -45.51
C SER X 31 -54.86 27.93 -44.01
N HIS X 32 -54.07 28.84 -43.46
CA HIS X 32 -53.74 28.86 -42.03
C HIS X 32 -54.07 30.24 -41.47
N PRO X 33 -55.34 30.61 -41.43
CA PRO X 33 -55.68 31.96 -40.97
C PRO X 33 -55.54 32.09 -39.47
N ALA X 34 -55.30 33.31 -39.02
CA ALA X 34 -55.29 33.65 -37.61
C ALA X 34 -56.50 34.48 -37.22
N THR X 35 -57.40 34.73 -38.16
CA THR X 35 -58.63 35.48 -37.90
C THR X 35 -59.77 34.76 -38.59
N ARG X 36 -60.99 35.22 -38.33
CA ARG X 36 -62.14 34.71 -39.04
C ARG X 36 -62.23 35.34 -40.42
N VAL X 37 -62.32 34.51 -41.45
CA VAL X 37 -62.34 34.99 -42.83
C VAL X 37 -63.79 35.03 -43.30
N ARG X 38 -64.22 36.19 -43.78
CA ARG X 38 -65.60 36.40 -44.20
C ARG X 38 -65.63 36.93 -45.63
N CYS X 39 -66.74 36.64 -46.31
CA CYS X 39 -66.89 37.04 -47.70
C CYS X 39 -66.88 38.56 -47.84
N ASN X 40 -66.21 39.05 -48.87
CA ASN X 40 -66.10 40.49 -49.06
C ASN X 40 -67.40 41.13 -49.53
N VAL X 41 -68.40 40.35 -49.90
CA VAL X 41 -69.66 40.91 -50.37
C VAL X 41 -70.75 40.66 -49.35
N CYS X 42 -71.10 39.40 -49.12
CA CYS X 42 -72.21 39.07 -48.24
C CYS X 42 -71.84 39.03 -46.77
N GLY X 43 -70.55 38.93 -46.45
CA GLY X 43 -70.11 38.94 -45.07
C GLY X 43 -70.22 37.62 -44.35
N ALA X 44 -70.63 36.56 -45.02
CA ALA X 44 -70.74 35.26 -44.38
C ALA X 44 -69.35 34.68 -44.13
N THR X 45 -69.28 33.80 -43.12
CA THR X 45 -68.02 33.19 -42.73
C THR X 45 -67.56 32.18 -43.77
N LEU X 46 -66.27 32.21 -44.10
CA LEU X 46 -65.67 31.28 -45.03
C LEU X 46 -64.73 30.28 -44.39
N VAL X 47 -63.83 30.72 -43.51
CA VAL X 47 -62.86 29.85 -42.86
C VAL X 47 -62.85 30.16 -41.36
N GLU X 48 -62.82 29.12 -40.55
CA GLU X 48 -62.74 29.28 -39.10
C GLU X 48 -61.33 28.99 -38.62
N PRO X 49 -60.72 29.88 -37.84
CA PRO X 49 -59.36 29.63 -37.35
C PRO X 49 -59.32 28.57 -36.28
N THR X 50 -58.20 27.84 -36.25
CA THR X 50 -57.98 26.78 -35.27
C THR X 50 -56.53 26.88 -34.80
N GLY X 51 -56.06 25.82 -34.15
CA GLY X 51 -54.67 25.80 -33.74
C GLY X 51 -53.70 25.76 -34.91
N GLY X 52 -54.03 24.98 -35.93
CA GLY X 52 -53.21 24.87 -37.11
C GLY X 52 -53.94 25.26 -38.38
N LYS X 53 -54.25 24.28 -39.20
CA LYS X 53 -54.98 24.53 -40.43
C LYS X 53 -56.44 24.87 -40.13
N GLY X 54 -56.97 25.84 -40.88
CA GLY X 54 -58.33 26.27 -40.65
C GLY X 54 -59.36 25.33 -41.23
N ILE X 55 -60.62 25.57 -40.84
CA ILE X 55 -61.75 24.78 -41.32
C ILE X 55 -62.46 25.57 -42.39
N ILE X 56 -62.60 24.98 -43.57
CA ILE X 56 -63.17 25.68 -44.72
C ILE X 56 -64.64 25.33 -44.83
N ARG X 57 -65.49 26.36 -44.89
CA ARG X 57 -66.93 26.17 -45.04
C ARG X 57 -67.42 26.49 -46.43
N ALA X 58 -66.54 26.94 -47.33
CA ALA X 58 -66.91 27.28 -48.69
C ALA X 58 -66.49 26.16 -49.63
N LYS X 59 -66.74 26.37 -50.92
CA LYS X 59 -66.42 25.37 -51.93
C LYS X 59 -65.07 25.68 -52.54
N ILE X 60 -64.18 24.69 -52.56
CA ILE X 60 -62.83 24.88 -53.09
C ILE X 60 -62.87 24.75 -54.59
N LEU X 61 -62.23 25.70 -55.28
CA LEU X 61 -62.11 25.66 -56.73
C LEU X 61 -60.74 25.26 -57.22
N GLU X 62 -59.68 25.73 -56.56
CA GLU X 62 -58.33 25.50 -57.05
C GLU X 62 -57.34 25.73 -55.91
N VAL X 63 -56.26 24.96 -55.94
CA VAL X 63 -55.14 25.15 -55.01
C VAL X 63 -54.04 25.87 -55.77
N LEU X 64 -53.83 27.14 -55.45
CA LEU X 64 -52.84 27.93 -56.15
C LEU X 64 -51.44 27.52 -55.71
N GLU X 65 -50.45 27.95 -56.49
CA GLU X 65 -49.07 27.67 -56.17
C GLU X 65 -48.66 28.32 -54.86
N ASP Y 4 -60.93 -34.46 28.63
CA ASP Y 4 -60.21 -34.94 29.80
C ASP Y 4 -59.28 -36.09 29.43
N GLU Y 5 -59.56 -36.73 28.30
CA GLU Y 5 -58.76 -37.84 27.81
C GLU Y 5 -58.09 -37.54 26.48
N GLY Y 6 -58.38 -36.39 25.88
CA GLY Y 6 -57.82 -36.05 24.59
C GLY Y 6 -58.55 -36.73 23.45
N TYR Y 7 -58.12 -36.39 22.24
CA TYR Y 7 -58.74 -36.89 21.03
C TYR Y 7 -57.65 -37.44 20.12
N PRO Y 8 -57.83 -38.63 19.57
CA PRO Y 8 -56.82 -39.20 18.68
C PRO Y 8 -56.86 -38.59 17.29
N ALA Y 9 -55.68 -38.43 16.71
CA ALA Y 9 -55.52 -37.92 15.37
C ALA Y 9 -54.49 -38.76 14.65
N GLU Y 10 -54.58 -38.81 13.33
CA GLU Y 10 -53.68 -39.63 12.52
C GLU Y 10 -52.86 -38.76 11.60
N VAL Y 11 -51.54 -38.98 11.58
CA VAL Y 11 -50.65 -38.22 10.72
C VAL Y 11 -50.80 -38.72 9.30
N ILE Y 12 -50.98 -37.79 8.37
CA ILE Y 12 -51.16 -38.14 6.97
C ILE Y 12 -50.11 -37.53 6.07
N GLU Y 13 -49.33 -36.55 6.53
CA GLU Y 13 -48.33 -35.92 5.68
C GLU Y 13 -47.28 -35.24 6.54
N ILE Y 14 -46.03 -35.30 6.10
CA ILE Y 14 -44.91 -34.67 6.76
C ILE Y 14 -44.53 -33.43 5.97
N ILE Y 15 -44.38 -32.30 6.64
CA ILE Y 15 -44.10 -31.05 5.96
C ILE Y 15 -42.61 -30.72 6.02
N GLY Y 16 -42.06 -30.59 7.22
CA GLY Y 16 -40.63 -30.32 7.33
C GLY Y 16 -40.24 -30.07 8.77
N ARG Y 17 -38.92 -30.03 8.97
CA ARG Y 17 -38.34 -29.78 10.27
C ARG Y 17 -38.33 -28.29 10.57
N THR Y 18 -38.35 -27.97 11.86
CA THR Y 18 -38.31 -26.58 12.29
C THR Y 18 -37.77 -26.55 13.72
N GLY Y 19 -37.94 -25.41 14.39
CA GLY Y 19 -37.43 -25.23 15.73
C GLY Y 19 -36.05 -24.61 15.74
N THR Y 20 -35.62 -24.23 16.94
CA THR Y 20 -34.33 -23.58 17.09
C THR Y 20 -33.19 -24.49 16.67
N THR Y 21 -33.24 -25.76 17.07
CA THR Y 21 -32.18 -26.72 16.78
C THR Y 21 -32.67 -27.87 15.91
N GLY Y 22 -33.69 -27.65 15.10
CA GLY Y 22 -34.21 -28.70 14.25
C GLY Y 22 -34.83 -29.86 15.00
N ASP Y 23 -35.46 -29.60 16.13
CA ASP Y 23 -35.99 -30.65 16.98
C ASP Y 23 -37.48 -30.90 16.77
N VAL Y 24 -38.15 -30.06 15.99
CA VAL Y 24 -39.60 -30.11 15.86
C VAL Y 24 -39.96 -30.36 14.40
N THR Y 25 -40.99 -31.16 14.18
CA THR Y 25 -41.48 -31.45 12.84
C THR Y 25 -42.90 -30.91 12.71
N GLN Y 26 -43.26 -30.45 11.52
CA GLN Y 26 -44.61 -29.99 11.28
C GLN Y 26 -45.35 -31.01 10.41
N VAL Y 27 -46.55 -31.39 10.85
CA VAL Y 27 -47.30 -32.46 10.20
C VAL Y 27 -48.74 -32.02 9.97
N LYS Y 28 -49.42 -32.75 9.10
CA LYS Y 28 -50.86 -32.61 8.88
C LYS Y 28 -51.56 -33.82 9.45
N VAL Y 29 -52.60 -33.59 10.25
CA VAL Y 29 -53.31 -34.66 10.94
C VAL Y 29 -54.78 -34.54 10.66
N ARG Y 30 -55.49 -35.65 10.82
CA ARG Y 30 -56.92 -35.75 10.65
C ARG Y 30 -57.54 -36.22 11.95
N ILE Y 31 -58.53 -35.48 12.45
CA ILE Y 31 -59.16 -35.84 13.71
C ILE Y 31 -60.01 -37.09 13.53
N LEU Y 32 -59.90 -38.02 14.47
CA LEU Y 32 -60.65 -39.27 14.40
C LEU Y 32 -61.87 -39.30 15.28
N GLU Y 33 -61.99 -38.39 16.25
CA GLU Y 33 -63.06 -38.46 17.22
C GLU Y 33 -63.31 -37.06 17.79
N GLY Y 34 -64.57 -36.78 18.09
CA GLY Y 34 -64.91 -35.54 18.76
C GLY Y 34 -65.82 -34.66 17.92
N ARG Y 35 -65.92 -33.41 18.38
CA ARG Y 35 -66.80 -32.45 17.74
C ARG Y 35 -66.38 -32.18 16.29
N ASP Y 36 -65.09 -32.02 16.06
CA ASP Y 36 -64.55 -31.69 14.75
C ASP Y 36 -63.94 -32.89 14.05
N LYS Y 37 -64.56 -34.05 14.21
CA LYS Y 37 -64.07 -35.27 13.58
C LYS Y 37 -64.03 -35.12 12.07
N GLY Y 38 -62.93 -35.52 11.47
CA GLY Y 38 -62.76 -35.51 10.02
C GLY Y 38 -61.97 -34.34 9.48
N ARG Y 39 -61.79 -33.27 10.25
CA ARG Y 39 -61.07 -32.11 9.77
C ARG Y 39 -59.58 -32.36 9.71
N VAL Y 40 -58.90 -31.64 8.83
CA VAL Y 40 -57.46 -31.77 8.64
C VAL Y 40 -56.79 -30.47 9.09
N ILE Y 41 -55.88 -30.56 10.06
CA ILE Y 41 -55.18 -29.40 10.56
C ILE Y 41 -53.70 -29.72 10.70
N ARG Y 42 -52.87 -28.69 10.77
CA ARG Y 42 -51.43 -28.86 10.90
C ARG Y 42 -50.99 -28.60 12.33
N ARG Y 43 -49.95 -29.32 12.75
CA ARG Y 43 -49.51 -29.35 14.14
C ARG Y 43 -48.01 -29.50 14.20
N ASN Y 44 -47.45 -29.20 15.36
CA ASN Y 44 -46.02 -29.31 15.62
C ASN Y 44 -45.78 -30.47 16.59
N VAL Y 45 -44.82 -31.33 16.26
CA VAL Y 45 -44.57 -32.56 16.99
C VAL Y 45 -43.11 -32.60 17.38
N ARG Y 46 -42.84 -33.07 18.61
CA ARG Y 46 -41.49 -33.26 19.11
C ARG Y 46 -41.21 -34.75 19.21
N GLY Y 47 -40.17 -35.21 18.54
CA GLY Y 47 -39.83 -36.62 18.53
C GLY Y 47 -39.97 -37.23 17.16
N PRO Y 48 -39.34 -38.37 16.93
CA PRO Y 48 -39.44 -39.03 15.63
C PRO Y 48 -40.88 -39.46 15.35
N VAL Y 49 -41.29 -39.32 14.09
CA VAL Y 49 -42.67 -39.55 13.70
C VAL Y 49 -42.70 -39.94 12.23
N ARG Y 50 -43.65 -40.79 11.88
CA ARG Y 50 -43.84 -41.22 10.50
C ARG Y 50 -45.33 -41.26 10.20
N VAL Y 51 -45.65 -41.45 8.91
CA VAL Y 51 -47.04 -41.49 8.47
C VAL Y 51 -47.73 -42.70 9.08
N GLY Y 52 -48.92 -42.48 9.63
CA GLY Y 52 -49.68 -43.54 10.27
C GLY Y 52 -49.68 -43.51 11.78
N ASP Y 53 -48.81 -42.72 12.40
CA ASP Y 53 -48.81 -42.61 13.85
C ASP Y 53 -50.06 -41.88 14.32
N ILE Y 54 -50.41 -42.09 15.57
CA ILE Y 54 -51.60 -41.50 16.17
C ILE Y 54 -51.19 -40.64 17.34
N LEU Y 55 -51.58 -39.37 17.32
CA LEU Y 55 -51.32 -38.43 18.40
C LEU Y 55 -52.57 -38.26 19.26
N ILE Y 56 -52.36 -37.84 20.49
CA ILE Y 56 -53.43 -37.58 21.43
C ILE Y 56 -53.44 -36.09 21.70
N LEU Y 57 -54.33 -35.36 21.05
CA LEU Y 57 -54.40 -33.93 21.22
C LEU Y 57 -55.28 -33.58 22.41
N ARG Y 58 -54.78 -32.70 23.28
CA ARG Y 58 -55.58 -32.27 24.42
C ARG Y 58 -56.65 -31.26 24.05
N GLU Y 59 -56.50 -30.55 22.95
CA GLU Y 59 -57.56 -29.70 22.41
C GLU Y 59 -57.30 -29.52 20.93
N THR Y 60 -58.37 -29.23 20.18
CA THR Y 60 -58.30 -29.26 18.73
C THR Y 60 -58.66 -27.92 18.09
N GLU Y 61 -58.33 -26.80 18.73
CA GLU Y 61 -58.63 -25.51 18.16
C GLU Y 61 -57.39 -24.68 17.85
N ARG Y 62 -56.21 -25.15 18.20
CA ARG Y 62 -54.97 -24.44 17.91
C ARG Y 62 -54.33 -25.04 16.66
N GLU Y 63 -53.92 -24.19 15.74
CA GLU Y 63 -53.27 -24.62 14.51
C GLU Y 63 -51.91 -23.93 14.39
N ALA Y 64 -50.89 -24.72 14.08
CA ALA Y 64 -49.55 -24.18 13.98
C ALA Y 64 -49.42 -23.29 12.74
N ARG Y 65 -48.60 -22.25 12.86
CA ARG Y 65 -48.34 -21.37 11.75
C ARG Y 65 -47.56 -22.12 10.66
N GLU Y 66 -47.92 -21.85 9.40
CA GLU Y 66 -47.27 -22.53 8.29
C GLU Y 66 -45.80 -22.15 8.20
N ILE Y 67 -44.96 -23.14 7.90
CA ILE Y 67 -43.56 -22.90 7.63
C ILE Y 67 -43.30 -23.17 6.15
N LYS Y 68 -42.23 -22.57 5.63
CA LYS Y 68 -41.88 -22.73 4.22
C LYS Y 68 -41.39 -24.14 3.93
N GLY Z 2 71.64 -36.11 38.20
CA GLY Z 2 72.94 -36.30 37.57
C GLY Z 2 73.26 -37.76 37.32
N GLN Z 3 74.26 -38.27 38.03
CA GLN Z 3 74.72 -39.64 37.87
C GLN Z 3 74.60 -40.37 39.19
N LYS Z 4 74.04 -41.58 39.14
CA LYS Z 4 73.86 -42.42 40.33
C LYS Z 4 74.46 -43.80 40.03
N TRP Z 5 75.77 -43.93 40.23
CA TRP Z 5 76.43 -45.22 40.08
C TRP Z 5 77.58 -45.26 41.08
N LYS Z 6 77.33 -45.83 42.24
CA LYS Z 6 78.29 -45.89 43.33
C LYS Z 6 77.77 -46.89 44.36
N LEU Z 7 78.38 -46.88 45.54
CA LEU Z 7 78.08 -47.76 46.68
C LEU Z 7 78.43 -49.21 46.41
N TYR Z 8 78.94 -49.54 45.23
CA TYR Z 8 79.40 -50.88 44.93
C TYR Z 8 80.90 -50.93 45.19
N ILE Z 9 81.33 -51.84 46.06
CA ILE Z 9 82.74 -51.89 46.46
C ILE Z 9 83.55 -52.35 45.25
N VAL Z 10 84.25 -51.40 44.64
CA VAL Z 10 85.05 -51.66 43.44
C VAL Z 10 86.44 -51.09 43.67
N LYS Z 11 87.46 -51.92 43.47
CA LYS Z 11 88.85 -51.52 43.61
C LYS Z 11 89.55 -51.68 42.26
N ASP Z 12 90.89 -51.57 42.29
CA ASP Z 12 91.67 -51.61 41.06
C ASP Z 12 91.72 -53.02 40.50
N GLY Z 13 90.67 -53.42 39.79
CA GLY Z 13 90.60 -54.72 39.14
C GLY Z 13 89.55 -55.65 39.70
N LYS Z 14 88.99 -55.39 40.86
CA LYS Z 14 87.97 -56.25 41.46
C LYS Z 14 86.67 -55.49 41.58
N VAL Z 15 85.59 -56.08 41.06
CA VAL Z 15 84.27 -55.47 41.08
C VAL Z 15 83.31 -56.42 41.80
N ILE Z 16 82.70 -55.92 42.87
CA ILE Z 16 81.73 -56.66 43.66
C ILE Z 16 80.58 -55.70 43.94
N ARG Z 17 79.36 -56.24 44.04
CA ARG Z 17 78.20 -55.37 44.20
C ARG Z 17 77.61 -55.45 45.60
N LYS Z 18 77.52 -54.29 46.25
CA LYS Z 18 76.86 -54.18 47.54
C LYS Z 18 75.38 -54.53 47.44
N ASN Z 19 74.74 -54.08 46.37
CA ASN Z 19 73.32 -54.33 46.16
C ASN Z 19 73.16 -55.55 45.26
N LYS Z 20 72.51 -56.59 45.78
CA LYS Z 20 72.31 -57.80 45.01
C LYS Z 20 71.27 -57.58 43.92
N PHE Z 21 71.03 -58.63 43.14
CA PHE Z 21 70.03 -58.57 42.09
C PHE Z 21 68.81 -59.40 42.47
N CYS Z 22 67.71 -59.14 41.78
CA CYS Z 22 66.47 -59.87 42.05
C CYS Z 22 66.65 -61.34 41.71
N PRO Z 23 66.33 -62.26 42.62
CA PRO Z 23 66.36 -63.69 42.26
C PRO Z 23 65.41 -64.03 41.14
N ARG Z 24 64.36 -63.24 40.91
CA ARG Z 24 63.50 -63.46 39.76
C ARG Z 24 64.18 -63.06 38.47
N CYS Z 25 65.20 -62.19 38.54
CA CYS Z 25 65.89 -61.71 37.37
C CYS Z 25 67.37 -62.08 37.45
N GLY Z 26 68.16 -61.54 36.53
CA GLY Z 26 69.59 -61.79 36.49
C GLY Z 26 70.38 -60.69 37.16
N PRO Z 27 71.70 -60.75 37.01
CA PRO Z 27 72.56 -59.74 37.64
C PRO Z 27 72.43 -58.39 36.95
N GLY Z 28 72.86 -57.36 37.67
CA GLY Z 28 72.82 -56.01 37.15
C GLY Z 28 71.74 -55.17 37.81
N VAL Z 29 70.57 -55.76 38.01
CA VAL Z 29 69.50 -55.09 38.74
C VAL Z 29 69.94 -54.96 40.20
N PHE Z 30 69.59 -53.84 40.82
CA PHE Z 30 70.03 -53.55 42.17
C PHE Z 30 68.84 -53.17 43.05
N MET Z 31 68.92 -53.58 44.31
CA MET Z 31 67.88 -53.26 45.29
C MET Z 31 68.20 -51.90 45.91
N ALA Z 32 67.32 -51.41 46.77
CA ALA Z 32 67.55 -50.15 47.45
C ALA Z 32 68.28 -50.40 48.77
N ASP Z 33 68.32 -49.39 49.63
CA ASP Z 33 69.00 -49.46 50.92
C ASP Z 33 68.02 -49.13 52.04
N HIS Z 34 66.85 -49.77 52.00
CA HIS Z 34 65.84 -49.53 53.02
C HIS Z 34 66.34 -49.97 54.40
N GLY Z 35 67.14 -51.02 54.46
CA GLY Z 35 67.70 -51.51 55.71
C GLY Z 35 66.73 -52.37 56.49
N ASP Z 36 65.45 -52.00 56.50
CA ASP Z 36 64.45 -52.88 57.08
C ASP Z 36 64.29 -54.14 56.25
N ARG Z 37 64.09 -53.99 54.94
CA ARG Z 37 63.88 -55.11 54.04
C ARG Z 37 64.46 -54.76 52.68
N TRP Z 38 64.56 -55.78 51.83
CA TRP Z 38 65.11 -55.62 50.49
C TRP Z 38 64.02 -55.05 49.59
N ALA Z 39 64.19 -53.78 49.21
CA ALA Z 39 63.21 -53.13 48.34
C ALA Z 39 63.17 -53.78 46.97
N CYS Z 40 64.33 -54.23 46.47
CA CYS Z 40 64.44 -55.02 45.25
C CYS Z 40 64.18 -54.17 44.01
N GLY Z 41 63.77 -52.92 44.18
CA GLY Z 41 63.64 -52.02 43.06
C GLY Z 41 62.43 -52.27 42.18
N ARG Z 42 62.19 -53.52 41.80
CA ARG Z 42 61.10 -53.84 40.89
C ARG Z 42 60.20 -54.98 41.35
N CYS Z 43 60.68 -55.88 42.21
CA CYS Z 43 59.88 -57.01 42.66
C CYS Z 43 59.48 -56.90 44.12
N GLY Z 44 60.35 -56.38 44.98
CA GLY Z 44 60.03 -56.24 46.37
C GLY Z 44 60.19 -57.54 47.14
N TYR Z 45 60.79 -57.47 48.33
CA TYR Z 45 60.93 -58.66 49.16
C TYR Z 45 60.79 -58.28 50.63
N THR Z 46 60.03 -59.09 51.35
CA THR Z 46 59.82 -58.95 52.79
C THR Z 46 60.71 -59.99 53.45
N GLU Z 47 61.94 -59.60 53.77
CA GLU Z 47 62.95 -60.52 54.26
C GLU Z 47 63.59 -60.10 55.57
N TRP Z 48 63.42 -58.85 56.00
CA TRP Z 48 64.06 -58.31 57.20
C TRP Z 48 65.58 -58.46 57.10
N LYS Z 49 66.14 -57.76 56.13
CA LYS Z 49 67.58 -57.78 55.91
C LYS Z 49 68.30 -57.31 57.17
N LYS Z 50 69.34 -58.06 57.55
CA LYS Z 50 70.06 -57.80 58.79
C LYS Z 50 70.93 -56.56 58.69
N ALA AA 2 15.82 -66.73 18.11
CA ALA AA 2 15.36 -67.77 17.20
C ALA AA 2 15.59 -67.34 15.76
N ILE AA 3 14.67 -67.75 14.89
CA ILE AA 3 14.84 -67.51 13.46
C ILE AA 3 14.77 -66.02 13.15
N GLU AA 4 13.92 -65.27 13.86
CA GLU AA 4 13.80 -63.85 13.61
C GLU AA 4 15.12 -63.14 13.87
N ARG AA 5 15.82 -63.51 14.93
CA ARG AA 5 17.09 -62.88 15.25
C ARG AA 5 18.10 -63.06 14.13
N TYR AA 6 18.02 -64.17 13.41
CA TYR AA 6 18.94 -64.40 12.30
C TYR AA 6 18.69 -63.42 11.16
N PHE AA 7 17.41 -63.25 10.78
CA PHE AA 7 17.10 -62.35 9.68
C PHE AA 7 17.49 -60.92 9.98
N ILE AA 8 17.22 -60.45 11.19
CA ILE AA 8 17.50 -59.05 11.52
C ILE AA 8 19.00 -58.80 11.58
N ARG AA 9 19.77 -59.78 12.05
CA ARG AA 9 21.21 -59.58 12.16
C ARG AA 9 21.84 -59.30 10.81
N GLU AA 10 21.42 -60.03 9.77
CA GLU AA 10 22.00 -59.83 8.46
C GLU AA 10 21.60 -58.49 7.87
N ALA AA 11 20.37 -58.06 8.12
CA ALA AA 11 19.89 -56.81 7.54
C ALA AA 11 20.68 -55.61 8.06
N VAL AA 12 21.11 -55.66 9.32
CA VAL AA 12 21.83 -54.54 9.90
C VAL AA 12 23.23 -54.43 9.30
N LYS AA 13 23.89 -55.57 9.08
CA LYS AA 13 25.23 -55.54 8.50
C LYS AA 13 25.24 -54.84 7.16
N GLU AA 14 24.26 -55.16 6.30
CA GLU AA 14 24.21 -54.52 5.00
C GLU AA 14 23.99 -53.03 5.13
N MET AA 15 23.13 -52.60 6.05
CA MET AA 15 22.87 -51.19 6.21
C MET AA 15 24.12 -50.44 6.65
N LEU AA 16 24.85 -51.00 7.63
CA LEU AA 16 26.07 -50.35 8.09
C LEU AA 16 27.11 -50.28 6.98
N ILE AA 17 27.30 -51.39 6.26
CA ILE AA 17 28.28 -51.41 5.19
C ILE AA 17 27.91 -50.41 4.11
N ASP AA 18 26.62 -50.37 3.74
CA ASP AA 18 26.19 -49.46 2.69
C ASP AA 18 26.41 -48.02 3.09
N GLU AA 19 26.08 -47.66 4.33
CA GLU AA 19 26.32 -46.29 4.75
C GLU AA 19 27.80 -45.94 4.75
N PHE AA 20 28.64 -46.87 5.22
CA PHE AA 20 30.07 -46.62 5.22
C PHE AA 20 30.59 -46.40 3.81
N LEU AA 21 30.20 -47.26 2.87
CA LEU AA 21 30.66 -47.11 1.49
C LEU AA 21 30.12 -45.83 0.86
N GLU AA 22 28.87 -45.48 1.14
CA GLU AA 22 28.30 -44.26 0.59
C GLU AA 22 29.07 -43.04 1.06
N LYS AA 23 29.48 -43.04 2.33
CA LYS AA 23 30.28 -41.92 2.82
C LYS AA 23 31.69 -41.96 2.26
N GLU AA 24 32.22 -43.16 2.01
CA GLU AA 24 33.63 -43.28 1.63
C GLU AA 24 33.83 -42.99 0.14
N LEU AA 25 33.11 -43.70 -0.71
CA LEU AA 25 33.28 -43.61 -2.16
C LEU AA 25 32.39 -42.54 -2.76
N ARG AA 26 32.43 -41.33 -2.21
CA ARG AA 26 31.53 -40.30 -2.69
C ARG AA 26 31.97 -39.74 -4.04
N ARG AA 27 33.25 -39.53 -4.24
CA ARG AA 27 33.74 -38.96 -5.49
C ARG AA 27 33.64 -39.92 -6.66
N ALA AA 28 33.43 -41.21 -6.41
CA ALA AA 28 33.37 -42.21 -7.46
C ALA AA 28 31.96 -42.47 -7.96
N GLY AA 29 30.98 -41.73 -7.48
CA GLY AA 29 29.61 -41.93 -7.91
C GLY AA 29 29.03 -43.25 -7.48
N TYR AA 30 29.19 -43.58 -6.19
CA TYR AA 30 28.69 -44.83 -5.65
C TYR AA 30 27.20 -44.97 -5.88
N GLY AA 31 26.76 -46.15 -6.28
CA GLY AA 31 25.37 -46.36 -6.63
C GLY AA 31 24.74 -47.62 -6.08
N GLY AA 32 25.17 -48.07 -4.91
CA GLY AA 32 24.61 -49.25 -4.28
C GLY AA 32 25.59 -50.41 -4.31
N LEU AA 33 25.19 -51.48 -3.64
CA LEU AA 33 26.03 -52.67 -3.55
C LEU AA 33 25.14 -53.91 -3.51
N ASP AA 34 25.79 -55.07 -3.53
CA ASP AA 34 25.09 -56.34 -3.42
C ASP AA 34 26.02 -57.36 -2.78
N ILE AA 35 25.45 -58.21 -1.94
CA ILE AA 35 26.22 -59.20 -1.21
C ILE AA 35 25.63 -60.58 -1.49
N LYS AA 36 26.49 -61.51 -1.89
CA LYS AA 36 26.09 -62.89 -2.17
C LYS AA 36 26.96 -63.81 -1.34
N LYS AA 37 26.39 -64.92 -0.88
CA LYS AA 37 27.10 -65.86 -0.04
C LYS AA 37 27.42 -67.11 -0.84
N THR AA 38 28.68 -67.54 -0.79
CA THR AA 38 29.16 -68.73 -1.48
C THR AA 38 29.88 -69.61 -0.46
N PRO AA 39 29.99 -70.92 -0.73
CA PRO AA 39 30.70 -71.80 0.22
C PRO AA 39 32.13 -71.37 0.48
N LEU AA 40 32.76 -70.69 -0.48
CA LEU AA 40 34.10 -70.16 -0.27
C LEU AA 40 34.12 -68.89 0.56
N GLY AA 41 33.05 -68.11 0.54
CA GLY AA 41 33.03 -66.86 1.27
C GLY AA 41 31.91 -65.92 0.87
N THR AA 42 32.25 -64.65 0.59
CA THR AA 42 31.26 -63.64 0.27
C THR AA 42 31.70 -62.90 -0.98
N LYS AA 43 30.78 -62.78 -1.94
CA LYS AA 43 30.99 -61.99 -3.15
C LYS AA 43 30.31 -60.64 -2.98
N VAL AA 44 31.10 -59.58 -3.03
CA VAL AA 44 30.62 -58.22 -2.78
C VAL AA 44 30.74 -57.42 -4.06
N ILE AA 45 29.60 -57.04 -4.65
CA ILE AA 45 29.57 -56.31 -5.91
C ILE AA 45 29.26 -54.85 -5.59
N ILE AA 46 30.04 -53.94 -6.16
CA ILE AA 46 29.90 -52.51 -5.93
C ILE AA 46 29.64 -51.82 -7.26
N PHE AA 47 28.61 -50.97 -7.29
CA PHE AA 47 28.26 -50.23 -8.48
C PHE AA 47 28.76 -48.79 -8.37
N ALA AA 48 29.48 -48.34 -9.39
CA ALA AA 48 30.04 -47.00 -9.39
C ALA AA 48 30.22 -46.54 -10.82
N ALA AA 49 30.37 -45.23 -10.99
CA ALA AA 49 30.55 -44.63 -12.30
C ALA AA 49 32.01 -44.41 -12.66
N ASN AA 50 32.91 -44.43 -11.69
CA ASN AA 50 34.34 -44.23 -11.91
C ASN AA 50 35.10 -45.37 -11.23
N PRO AA 51 35.11 -46.56 -11.85
CA PRO AA 51 35.79 -47.70 -11.21
C PRO AA 51 37.26 -47.46 -10.95
N GLY AA 52 37.91 -46.58 -11.70
CA GLY AA 52 39.31 -46.28 -11.44
C GLY AA 52 39.54 -45.71 -10.05
N TYR AA 53 38.67 -44.81 -9.61
CA TYR AA 53 38.80 -44.28 -8.26
C TYR AA 53 38.65 -45.37 -7.22
N VAL AA 54 37.71 -46.29 -7.43
CA VAL AA 54 37.51 -47.38 -6.49
C VAL AA 54 38.76 -48.26 -6.42
N ILE AA 55 39.29 -48.64 -7.59
CA ILE AA 55 40.49 -49.48 -7.60
C ILE AA 55 41.69 -48.72 -7.04
N GLY AA 56 41.85 -47.47 -7.45
CA GLY AA 56 42.86 -46.62 -6.86
C GLY AA 56 44.27 -46.88 -7.31
N ARG AA 57 44.52 -46.75 -8.62
CA ARG AA 57 45.86 -46.86 -9.20
C ARG AA 57 46.48 -48.23 -8.89
N GLY AA 58 45.86 -49.27 -9.45
CA GLY AA 58 46.40 -50.61 -9.33
C GLY AA 58 46.38 -51.14 -7.91
N GLY AA 59 45.19 -51.41 -7.39
CA GLY AA 59 45.09 -51.92 -6.03
C GLY AA 59 45.35 -50.83 -5.02
N ARG AA 60 45.85 -51.25 -3.86
CA ARG AA 60 46.23 -50.35 -2.76
C ARG AA 60 45.01 -49.67 -2.15
N ARG AA 61 43.83 -49.93 -2.73
CA ARG AA 61 42.59 -49.41 -2.18
C ARG AA 61 41.60 -50.55 -2.03
N ILE AA 62 41.57 -51.44 -3.02
CA ILE AA 62 40.71 -52.62 -2.92
C ILE AA 62 41.18 -53.51 -1.78
N ARG AA 63 42.49 -53.67 -1.63
CA ARG AA 63 43.00 -54.47 -0.52
C ARG AA 63 42.62 -53.84 0.81
N GLU AA 64 42.72 -52.52 0.92
CA GLU AA 64 42.33 -51.85 2.14
C GLU AA 64 40.85 -52.02 2.43
N LEU AA 65 40.02 -51.92 1.39
CA LEU AA 65 38.59 -52.12 1.59
C LEU AA 65 38.29 -53.54 2.05
N THR AA 66 38.94 -54.54 1.45
CA THR AA 66 38.73 -55.91 1.88
C THR AA 66 39.14 -56.10 3.33
N ARG AA 67 40.29 -55.54 3.71
CA ARG AA 67 40.75 -55.68 5.09
C ARG AA 67 39.78 -55.02 6.05
N ILE AA 68 39.28 -53.82 5.70
CA ILE AA 68 38.35 -53.13 6.58
C ILE AA 68 37.04 -53.91 6.71
N LEU AA 69 36.54 -54.43 5.58
CA LEU AA 69 35.30 -55.19 5.62
C LEU AA 69 35.43 -56.42 6.47
N GLU AA 70 36.56 -57.13 6.37
CA GLU AA 70 36.72 -58.35 7.15
C GLU AA 70 36.94 -58.05 8.62
N ARG AA 71 37.68 -56.98 8.94
CA ARG AA 71 37.99 -56.70 10.33
C ARG AA 71 36.85 -55.94 11.01
N GLN AA 72 36.55 -54.74 10.54
CA GLN AA 72 35.56 -53.90 11.22
C GLN AA 72 34.17 -54.53 11.16
N PHE AA 73 33.78 -55.07 10.02
CA PHE AA 73 32.49 -55.70 9.86
C PHE AA 73 32.65 -57.21 9.90
N GLY AA 74 31.53 -57.92 9.92
CA GLY AA 74 31.56 -59.35 10.17
C GLY AA 74 31.68 -60.23 8.95
N LEU AA 75 32.00 -59.63 7.80
CA LEU AA 75 32.15 -60.40 6.58
C LEU AA 75 33.33 -61.36 6.71
N GLU AA 76 33.13 -62.58 6.20
CA GLU AA 76 34.16 -63.61 6.24
C GLU AA 76 34.66 -63.87 4.83
N ASN AA 77 35.99 -63.79 4.64
CA ASN AA 77 36.64 -64.02 3.36
C ASN AA 77 35.96 -63.22 2.25
N PRO AA 78 36.02 -61.90 2.29
CA PRO AA 78 35.35 -61.09 1.27
C PRO AA 78 36.10 -61.14 -0.06
N GLN AA 79 35.39 -60.72 -1.11
CA GLN AA 79 35.95 -60.65 -2.45
C GLN AA 79 35.20 -59.56 -3.20
N ILE AA 80 35.87 -58.47 -3.52
CA ILE AA 80 35.21 -57.27 -4.03
C ILE AA 80 35.31 -57.23 -5.55
N ASP AA 81 34.17 -57.13 -6.21
CA ASP AA 81 34.07 -56.90 -7.64
C ASP AA 81 33.41 -55.54 -7.87
N VAL AA 82 33.87 -54.84 -8.89
CA VAL AA 82 33.41 -53.49 -9.20
C VAL AA 82 32.78 -53.52 -10.59
N GLN AA 83 31.58 -52.99 -10.70
CA GLN AA 83 30.88 -52.95 -11.98
C GLN AA 83 30.44 -51.54 -12.33
N GLU AA 84 29.62 -51.41 -13.35
CA GLU AA 84 29.14 -50.12 -13.83
C GLU AA 84 27.65 -49.99 -13.56
N ILE AA 85 27.24 -48.76 -13.23
CA ILE AA 85 25.85 -48.49 -12.93
C ILE AA 85 25.00 -48.73 -14.18
N LYS AA 86 23.84 -49.34 -13.98
CA LYS AA 86 23.03 -49.79 -15.12
C LYS AA 86 22.36 -48.62 -15.83
N ASN AA 87 21.55 -47.85 -15.11
CA ASN AA 87 20.79 -46.74 -15.68
C ASN AA 87 21.10 -45.50 -14.85
N PRO AA 88 22.22 -44.84 -15.12
CA PRO AA 88 22.62 -43.70 -14.29
C PRO AA 88 21.60 -42.57 -14.27
N TYR AA 89 20.86 -42.38 -15.36
CA TYR AA 89 19.92 -41.28 -15.42
C TYR AA 89 18.54 -41.65 -14.87
N LEU AA 90 18.36 -42.86 -14.39
CA LEU AA 90 17.11 -43.26 -13.75
C LEU AA 90 17.28 -43.54 -12.27
N ASN AA 91 18.45 -43.25 -11.70
CA ASN AA 91 18.72 -43.46 -10.28
C ASN AA 91 18.73 -42.09 -9.61
N ALA AA 92 17.78 -41.87 -8.70
CA ALA AA 92 17.64 -40.56 -8.09
C ALA AA 92 18.81 -40.21 -7.19
N LYS AA 93 19.36 -41.21 -6.49
CA LYS AA 93 20.46 -40.95 -5.56
C LYS AA 93 21.68 -40.42 -6.31
N VAL AA 94 22.02 -41.04 -7.44
CA VAL AA 94 23.18 -40.61 -8.20
C VAL AA 94 23.01 -39.18 -8.67
N GLN AA 95 21.83 -38.86 -9.21
CA GLN AA 95 21.60 -37.52 -9.71
C GLN AA 95 21.64 -36.49 -8.58
N ALA AA 96 21.10 -36.83 -7.43
CA ALA AA 96 21.14 -35.91 -6.30
C ALA AA 96 22.57 -35.62 -5.88
N VAL AA 97 23.41 -36.65 -5.81
CA VAL AA 97 24.80 -36.43 -5.43
C VAL AA 97 25.52 -35.60 -6.49
N ARG AA 98 25.23 -35.85 -7.76
CA ARG AA 98 25.85 -35.06 -8.82
C ARG AA 98 25.47 -33.59 -8.71
N ILE AA 99 24.20 -33.31 -8.45
CA ILE AA 99 23.76 -31.91 -8.32
C ILE AA 99 24.44 -31.27 -7.12
N ALA AA 100 24.56 -32.01 -6.01
CA ALA AA 100 25.24 -31.47 -4.85
C ALA AA 100 26.69 -31.13 -5.16
N GLN AA 101 27.38 -32.01 -5.88
CA GLN AA 101 28.76 -31.73 -6.25
C GLN AA 101 28.86 -30.52 -7.17
N ALA AA 102 27.92 -30.41 -8.12
CA ALA AA 102 27.93 -29.26 -9.01
C ALA AA 102 27.75 -27.97 -8.23
N LEU AA 103 26.85 -27.97 -7.24
CA LEU AA 103 26.70 -26.79 -6.40
C LEU AA 103 27.97 -26.49 -5.63
N GLU AA 104 28.62 -27.53 -5.12
CA GLU AA 104 29.87 -27.33 -4.38
C GLU AA 104 30.96 -26.74 -5.26
N ARG AA 105 30.94 -27.06 -6.55
CA ARG AA 105 31.92 -26.47 -7.46
C ARG AA 105 31.75 -24.96 -7.56
N GLY AA 106 30.51 -24.48 -7.63
CA GLY AA 106 30.28 -23.05 -7.69
C GLY AA 106 29.28 -22.62 -8.75
N ILE AA 107 28.58 -23.58 -9.33
CA ILE AA 107 27.59 -23.27 -10.36
C ILE AA 107 26.33 -22.71 -9.72
N HIS AA 108 25.68 -21.78 -10.42
CA HIS AA 108 24.40 -21.25 -9.96
C HIS AA 108 23.36 -22.36 -10.01
N PHE AA 109 22.48 -22.38 -9.00
CA PHE AA 109 21.64 -23.56 -8.81
C PHE AA 109 20.63 -23.72 -9.94
N ARG AA 110 20.19 -22.63 -10.55
CA ARG AA 110 19.25 -22.74 -11.65
C ARG AA 110 19.85 -23.51 -12.82
N ARG AA 111 21.09 -23.19 -13.18
CA ARG AA 111 21.73 -23.89 -14.30
C ARG AA 111 21.88 -25.37 -14.01
N ALA AA 112 22.32 -25.71 -12.80
CA ALA AA 112 22.49 -27.11 -12.44
C ALA AA 112 21.18 -27.86 -12.50
N ALA AA 113 20.13 -27.26 -11.94
CA ALA AA 113 18.83 -27.92 -11.93
C ALA AA 113 18.31 -28.13 -13.35
N TYR AA 114 18.42 -27.11 -14.21
CA TYR AA 114 17.90 -27.25 -15.56
C TYR AA 114 18.71 -28.26 -16.36
N ALA AA 115 20.03 -28.27 -16.20
CA ALA AA 115 20.84 -29.26 -16.89
C ALA AA 115 20.46 -30.67 -16.49
N ALA AA 116 20.31 -30.89 -15.18
CA ALA AA 116 19.94 -32.23 -14.71
C ALA AA 116 18.58 -32.64 -15.25
N MET AA 117 17.59 -31.74 -15.18
CA MET AA 117 16.27 -32.08 -15.67
C MET AA 117 16.30 -32.39 -17.17
N ARG AA 118 17.04 -31.59 -17.93
CA ARG AA 118 17.11 -31.82 -19.37
C ARG AA 118 17.70 -33.18 -19.68
N ALA AA 119 18.80 -33.53 -19.01
CA ALA AA 119 19.42 -34.84 -19.26
C ALA AA 119 18.47 -35.97 -18.89
N ILE AA 120 17.84 -35.87 -17.72
CA ILE AA 120 16.99 -36.96 -17.24
C ILE AA 120 15.80 -37.16 -18.17
N MET AA 121 15.15 -36.06 -18.57
CA MET AA 121 14.02 -36.18 -19.47
C MET AA 121 14.46 -36.68 -20.84
N SER AA 122 15.67 -36.29 -21.29
CA SER AA 122 16.17 -36.78 -22.56
C SER AA 122 16.38 -38.29 -22.54
N ASN AA 123 16.85 -38.84 -21.42
CA ASN AA 123 17.08 -40.28 -21.37
C ASN AA 123 15.80 -41.09 -21.19
N GLY AA 124 14.63 -40.49 -21.37
CA GLY AA 124 13.39 -41.25 -21.44
C GLY AA 124 12.73 -41.52 -20.11
N ALA AA 125 12.44 -40.48 -19.35
CA ALA AA 125 11.75 -40.60 -18.07
C ALA AA 125 10.41 -39.88 -18.15
N ARG AA 126 9.40 -40.47 -17.50
CA ARG AA 126 8.07 -39.89 -17.59
C ARG AA 126 7.95 -38.58 -16.83
N GLY AA 127 8.67 -38.42 -15.74
CA GLY AA 127 8.61 -37.19 -14.98
C GLY AA 127 9.70 -37.12 -13.95
N VAL AA 128 10.02 -35.89 -13.55
CA VAL AA 128 11.08 -35.63 -12.59
C VAL AA 128 10.71 -34.39 -11.79
N GLU AA 129 11.12 -34.37 -10.53
CA GLU AA 129 10.95 -33.19 -9.69
C GLU AA 129 12.18 -33.00 -8.83
N ILE AA 130 12.65 -31.75 -8.73
CA ILE AA 130 13.85 -31.42 -7.99
C ILE AA 130 13.54 -30.28 -7.04
N ARG AA 131 13.97 -30.41 -5.78
CA ARG AA 131 13.75 -29.37 -4.79
C ARG AA 131 15.07 -29.02 -4.12
N ILE AA 132 15.35 -27.72 -4.04
CA ILE AA 132 16.60 -27.23 -3.46
C ILE AA 132 16.27 -26.24 -2.35
N SER AA 133 16.88 -26.44 -1.18
CA SER AA 133 16.58 -25.61 -0.02
C SER AA 133 17.87 -25.19 0.68
N GLY AA 134 17.88 -24.00 1.26
CA GLY AA 134 19.02 -23.53 2.00
C GLY AA 134 19.16 -22.03 1.86
N LYS AA 135 20.36 -21.54 2.18
CA LYS AA 135 20.66 -20.10 2.11
C LYS AA 135 21.15 -19.74 0.71
N LEU AA 136 20.22 -19.76 -0.23
CA LEU AA 136 20.52 -19.38 -1.60
C LEU AA 136 20.30 -17.88 -1.74
N THR AA 137 21.36 -17.16 -2.11
CA THR AA 137 21.29 -15.72 -2.39
C THR AA 137 20.75 -14.95 -1.18
N GLY AA 138 21.54 -14.92 -0.12
CA GLY AA 138 21.21 -14.16 1.07
C GLY AA 138 21.32 -14.99 2.32
N GLU AA 139 21.03 -14.33 3.45
CA GLU AA 139 21.08 -15.00 4.74
C GLU AA 139 19.71 -15.45 5.22
N ARG AA 140 18.65 -15.23 4.46
CA ARG AA 140 17.33 -15.74 4.77
C ARG AA 140 17.08 -16.96 3.89
N ALA AA 141 16.74 -18.08 4.53
CA ALA AA 141 16.63 -19.33 3.80
C ALA AA 141 15.45 -19.32 2.84
N LYS AA 142 15.53 -20.17 1.82
CA LYS AA 142 14.55 -20.22 0.75
C LYS AA 142 14.50 -21.63 0.22
N SER AA 143 13.42 -21.96 -0.48
CA SER AA 143 13.27 -23.24 -1.16
C SER AA 143 12.70 -23.02 -2.54
N VAL AA 144 13.23 -23.74 -3.52
CA VAL AA 144 12.77 -23.63 -4.90
C VAL AA 144 12.51 -25.03 -5.45
N ARG AA 145 11.63 -25.10 -6.43
CA ARG AA 145 11.12 -26.36 -6.95
C ARG AA 145 11.08 -26.32 -8.48
N PHE AA 146 11.58 -27.38 -9.10
CA PHE AA 146 11.62 -27.52 -10.55
C PHE AA 146 10.90 -28.81 -10.91
N TYR AA 147 10.13 -28.78 -12.00
CA TYR AA 147 9.25 -29.90 -12.29
C TYR AA 147 8.90 -29.91 -13.76
N GLN AA 148 8.72 -31.13 -14.30
CA GLN AA 148 8.11 -31.32 -15.61
C GLN AA 148 7.83 -32.80 -15.81
N GLY AA 149 6.70 -33.10 -16.44
CA GLY AA 149 6.31 -34.45 -16.75
C GLY AA 149 5.14 -34.94 -15.91
N TYR AA 150 5.02 -36.26 -15.82
CA TYR AA 150 4.04 -36.93 -14.98
C TYR AA 150 4.73 -37.46 -13.74
N LEU AA 151 4.10 -37.26 -12.58
CA LEU AA 151 4.71 -37.68 -11.32
C LEU AA 151 3.62 -37.93 -10.29
N ALA AA 152 3.59 -39.13 -9.73
CA ALA AA 152 2.68 -39.45 -8.64
C ALA AA 152 3.31 -39.08 -7.31
N LYS AA 153 2.47 -38.65 -6.37
CA LYS AA 153 2.95 -38.20 -5.07
C LYS AA 153 2.27 -38.85 -3.89
N VAL AA 154 1.00 -39.24 -4.01
CA VAL AA 154 0.24 -39.75 -2.89
C VAL AA 154 -0.37 -41.08 -3.29
N GLY AA 155 -0.30 -42.05 -2.40
CA GLY AA 155 -0.89 -43.36 -2.62
C GLY AA 155 0.16 -44.43 -2.76
N ASN AA 156 -0.31 -45.67 -2.87
CA ASN AA 156 0.59 -46.80 -3.01
C ASN AA 156 1.46 -46.74 -4.27
N PRO AA 157 0.95 -46.40 -5.46
CA PRO AA 157 1.85 -46.35 -6.62
C PRO AA 157 3.00 -45.40 -6.45
N ALA AA 158 2.78 -44.25 -5.80
CA ALA AA 158 3.87 -43.31 -5.58
C ALA AA 158 4.91 -43.89 -4.64
N GLU AA 159 4.51 -44.89 -3.83
CA GLU AA 159 5.45 -45.51 -2.90
C GLU AA 159 6.35 -46.52 -3.62
N THR AA 160 5.80 -47.24 -4.60
CA THR AA 160 6.50 -48.39 -5.15
C THR AA 160 7.04 -48.17 -6.56
N LEU AA 161 6.75 -47.04 -7.19
CA LEU AA 161 7.20 -46.80 -8.56
C LEU AA 161 8.22 -45.67 -8.66
N VAL AA 162 8.06 -44.61 -7.91
CA VAL AA 162 8.94 -43.45 -8.02
C VAL AA 162 10.23 -43.71 -7.25
N SER AA 163 11.34 -43.27 -7.80
CA SER AA 163 12.63 -43.37 -7.14
C SER AA 163 12.99 -42.02 -6.52
N LYS AA 164 13.47 -42.05 -5.28
CA LYS AA 164 13.73 -40.83 -4.52
C LYS AA 164 15.17 -40.82 -4.03
N GLY AA 165 15.75 -39.62 -3.98
CA GLY AA 165 17.11 -39.47 -3.50
C GLY AA 165 17.29 -38.13 -2.82
N TYR AA 166 18.22 -38.09 -1.87
CA TYR AA 166 18.48 -36.90 -1.08
C TYR AA 166 19.97 -36.74 -0.88
N ALA AA 167 20.43 -35.48 -0.85
CA ALA AA 167 21.85 -35.22 -0.66
C ALA AA 167 22.06 -33.85 -0.02
N GLN AA 168 23.22 -33.69 0.60
CA GLN AA 168 23.65 -32.44 1.20
C GLN AA 168 24.82 -31.85 0.43
N ALA AA 169 24.81 -30.54 0.27
CA ALA AA 169 25.91 -29.81 -0.35
C ALA AA 169 26.46 -28.83 0.67
N LEU AA 170 27.74 -28.98 1.00
CA LEU AA 170 28.38 -28.17 2.03
C LEU AA 170 29.12 -27.03 1.37
N LEU AA 171 28.56 -25.83 1.46
CA LEU AA 171 29.17 -24.64 0.92
C LEU AA 171 29.87 -23.86 2.03
N LYS AA 172 30.34 -22.66 1.70
CA LYS AA 172 31.02 -21.84 2.68
C LYS AA 172 30.07 -21.31 3.75
N LEU AA 173 28.83 -20.99 3.37
CA LEU AA 173 27.90 -20.37 4.29
C LEU AA 173 27.03 -21.36 5.05
N GLY AA 174 27.02 -22.62 4.67
CA GLY AA 174 26.20 -23.62 5.33
C GLY AA 174 25.87 -24.74 4.38
N VAL AA 175 24.92 -25.57 4.77
CA VAL AA 175 24.55 -26.73 3.98
C VAL AA 175 23.35 -26.38 3.11
N ILE AA 176 23.22 -27.10 1.99
CA ILE AA 176 22.12 -26.95 1.06
C ILE AA 176 21.54 -28.33 0.83
N GLY AA 177 20.23 -28.47 0.98
CA GLY AA 177 19.58 -29.76 0.81
C GLY AA 177 19.02 -29.91 -0.60
N VAL AA 178 19.23 -31.09 -1.18
CA VAL AA 178 18.81 -31.41 -2.53
C VAL AA 178 17.96 -32.66 -2.48
N LYS AA 179 16.76 -32.60 -3.08
CA LYS AA 179 15.88 -33.75 -3.20
C LYS AA 179 15.52 -33.97 -4.65
N VAL AA 180 15.53 -35.24 -5.08
CA VAL AA 180 15.24 -35.60 -6.46
C VAL AA 180 14.25 -36.77 -6.47
N ALA AA 181 13.26 -36.69 -7.36
CA ALA AA 181 12.31 -37.77 -7.56
C ALA AA 181 12.13 -38.02 -9.06
N ILE AA 182 12.14 -39.29 -9.46
CA ILE AA 182 12.13 -39.68 -10.86
C ILE AA 182 11.12 -40.80 -11.07
N MET AA 183 10.39 -40.76 -12.18
CA MET AA 183 9.49 -41.84 -12.52
C MET AA 183 9.98 -42.59 -13.75
N PRO AA 184 10.14 -43.91 -13.67
CA PRO AA 184 10.70 -44.67 -14.79
C PRO AA 184 9.75 -44.70 -15.97
N PRO AA 185 10.27 -44.95 -17.18
CA PRO AA 185 9.39 -44.96 -18.36
C PRO AA 185 8.39 -46.10 -18.39
N ASP AA 186 8.64 -47.17 -17.64
CA ASP AA 186 7.78 -48.34 -17.69
C ASP AA 186 6.69 -48.35 -16.63
N ALA AA 187 6.61 -47.28 -15.82
CA ALA AA 187 5.60 -47.21 -14.79
C ALA AA 187 4.21 -47.07 -15.41
N ARG AA 188 3.26 -47.85 -14.89
CA ARG AA 188 1.88 -47.80 -15.37
C ARG AA 188 0.95 -47.57 -14.19
N LEU AA 189 0.18 -46.50 -14.26
CA LEU AA 189 -0.76 -46.17 -13.20
C LEU AA 189 -1.99 -47.08 -13.28
N PRO AA 190 -2.70 -47.25 -12.16
CA PRO AA 190 -3.85 -48.17 -12.17
C PRO AA 190 -4.92 -47.81 -13.18
N ASP AA 191 -5.12 -46.53 -13.47
CA ASP AA 191 -6.19 -46.11 -14.35
C ASP AA 191 -5.74 -45.96 -15.81
N GLU AA 192 -4.70 -46.68 -16.21
CA GLU AA 192 -4.24 -46.68 -17.59
C GLU AA 192 -4.57 -48.06 -18.17
N ILE AA 193 -5.75 -48.15 -18.79
CA ILE AA 193 -6.25 -49.41 -19.33
C ILE AA 193 -6.22 -49.33 -20.85
N GLU AA 194 -5.93 -50.48 -21.47
CA GLU AA 194 -5.78 -50.55 -22.91
C GLU AA 194 -6.78 -51.56 -23.48
N ILE AA 195 -7.30 -51.22 -24.66
CA ILE AA 195 -8.26 -52.07 -25.35
C ILE AA 195 -7.51 -53.03 -26.26
N ILE AA 196 -7.78 -54.32 -26.12
CA ILE AA 196 -7.13 -55.32 -26.95
C ILE AA 196 -7.78 -55.29 -28.33
N GLU AA 197 -6.97 -55.18 -29.37
CA GLU AA 197 -7.48 -55.13 -30.73
C GLU AA 197 -7.64 -56.51 -31.34
N MET BA 1 -18.56 31.59 7.87
CA MET BA 1 -17.23 31.14 7.54
C MET BA 1 -17.15 30.67 6.10
N LYS BA 2 -15.93 30.55 5.58
CA LYS BA 2 -15.74 30.07 4.22
C LYS BA 2 -15.83 28.54 4.18
N ARG BA 3 -16.16 28.02 3.01
CA ARG BA 3 -16.41 26.59 2.84
C ARG BA 3 -15.11 25.86 2.50
N ARG BA 4 -14.82 24.81 3.26
CA ARG BA 4 -13.73 23.90 2.97
C ARG BA 4 -14.28 22.48 3.02
N PRO BA 5 -14.90 22.02 1.94
CA PRO BA 5 -15.51 20.69 1.97
C PRO BA 5 -14.51 19.58 2.23
N ARG BA 6 -13.23 19.83 2.05
CA ARG BA 6 -12.21 18.84 2.42
C ARG BA 6 -12.22 18.58 3.91
N LYS BA 7 -12.57 19.58 4.72
CA LYS BA 7 -12.55 19.42 6.17
C LYS BA 7 -13.60 18.45 6.68
N TRP BA 8 -14.67 18.22 5.91
CA TRP BA 8 -15.76 17.41 6.41
C TRP BA 8 -15.44 15.92 6.39
N LYS BA 9 -14.41 15.50 5.67
CA LYS BA 9 -14.03 14.11 5.64
C LYS BA 9 -13.53 13.67 7.01
N LYS BA 10 -13.96 12.50 7.44
CA LYS BA 10 -13.84 12.09 8.82
C LYS BA 10 -12.57 11.33 9.13
N LYS BA 11 -11.74 11.03 8.14
CA LYS BA 11 -10.54 10.23 8.37
C LYS BA 11 -9.47 10.99 9.13
N GLY BA 12 -9.20 10.60 10.37
CA GLY BA 12 -8.14 11.19 11.13
C GLY BA 12 -8.43 12.55 11.73
N ARG BA 13 -9.68 12.84 12.06
CA ARG BA 13 -10.04 14.11 12.67
C ARG BA 13 -11.43 14.00 13.28
N MET BA 14 -11.80 15.01 14.06
CA MET BA 14 -13.13 15.03 14.63
C MET BA 14 -14.10 15.78 13.72
N ARG BA 15 -15.37 15.74 14.07
CA ARG BA 15 -16.42 16.27 13.21
C ARG BA 15 -16.29 17.77 13.06
N TRP BA 16 -16.42 18.26 11.83
CA TRP BA 16 -16.20 19.67 11.55
C TRP BA 16 -17.23 20.54 12.25
N LYS BA 17 -18.48 20.07 12.34
CA LYS BA 17 -19.53 20.84 12.98
C LYS BA 17 -19.15 21.26 14.38
N TRP BA 18 -18.63 20.33 15.18
CA TRP BA 18 -18.32 20.63 16.56
C TRP BA 18 -17.04 21.46 16.68
N ILE BA 19 -16.10 21.32 15.75
CA ILE BA 19 -14.96 22.22 15.72
C ILE BA 19 -15.42 23.65 15.47
N LYS BA 20 -16.37 23.81 14.55
CA LYS BA 20 -16.95 25.13 14.29
C LYS BA 20 -17.62 25.69 15.53
N LYS BA 21 -18.38 24.85 16.24
CA LYS BA 21 -19.02 25.29 17.47
C LYS BA 21 -18.00 25.72 18.51
N ARG BA 22 -16.93 24.95 18.65
CA ARG BA 22 -15.89 25.27 19.62
C ARG BA 22 -15.20 26.58 19.29
N ILE BA 23 -14.89 26.81 18.02
CA ILE BA 23 -14.26 28.06 17.62
C ILE BA 23 -15.18 29.24 17.89
N ARG BA 24 -16.47 29.08 17.58
CA ARG BA 24 -17.40 30.18 17.84
C ARG BA 24 -17.51 30.46 19.34
N ARG BA 25 -17.46 29.41 20.17
CA ARG BA 25 -17.40 29.65 21.61
C ARG BA 25 -16.17 30.44 21.99
N LEU BA 26 -15.03 30.10 21.40
CA LEU BA 26 -13.79 30.78 21.76
C LEU BA 26 -13.82 32.24 21.32
N LYS BA 27 -14.46 32.55 20.20
CA LYS BA 27 -14.47 33.92 19.70
C LYS BA 27 -15.36 34.82 20.53
N ARG BA 28 -16.37 34.28 21.20
CA ARG BA 28 -17.21 35.09 22.07
C ARG BA 28 -16.41 35.65 23.23
N GLN BA 29 -15.55 34.83 23.83
CA GLN BA 29 -14.80 35.26 25.00
C GLN BA 29 -13.83 36.37 24.66
N ARG BA 30 -13.13 36.26 23.53
CA ARG BA 30 -12.22 37.33 23.12
C ARG BA 30 -12.97 38.63 22.88
N LYS BA 31 -14.14 38.55 22.25
CA LYS BA 31 -14.91 39.75 21.99
C LYS BA 31 -15.37 40.44 23.26
N LYS BA 32 -15.78 39.65 24.26
CA LYS BA 32 -16.23 40.25 25.52
C LYS BA 32 -15.09 40.99 26.21
N GLU BA 33 -13.91 40.39 26.24
CA GLU BA 33 -12.78 41.03 26.91
C GLU BA 33 -12.31 42.26 26.16
N ARG BA 34 -12.52 42.29 24.84
CA ARG BA 34 -12.12 43.45 24.05
C ARG BA 34 -12.96 44.68 24.38
N GLY BA 35 -14.24 44.51 24.68
CA GLY BA 35 -15.09 45.65 24.96
C GLY BA 35 -14.81 46.32 26.28
N LEU BA 36 -14.19 45.60 27.22
CA LEU BA 36 -13.85 46.17 28.52
C LEU BA 36 -12.69 47.14 28.40
N ALA CA 2 87.76 -44.21 27.89
CA ALA CA 2 87.41 -43.81 29.25
C ALA CA 2 87.70 -42.34 29.48
N LYS CA 3 88.96 -42.01 29.73
CA LYS CA 3 89.37 -40.63 29.93
C LYS CA 3 90.82 -40.49 29.49
N PRO CA 4 91.17 -39.42 28.78
CA PRO CA 4 92.57 -39.25 28.36
C PRO CA 4 93.55 -39.20 29.52
N SER CA 5 93.12 -38.73 30.70
CA SER CA 5 93.99 -38.73 31.87
C SER CA 5 93.98 -40.10 32.52
N TYR CA 6 94.18 -41.14 31.71
CA TYR CA 6 94.28 -42.51 32.23
C TYR CA 6 95.20 -43.25 31.26
N VAL CA 7 96.49 -43.32 31.61
CA VAL CA 7 97.52 -43.79 30.69
C VAL CA 7 97.41 -45.32 30.62
N LYS CA 8 96.78 -45.80 29.55
CA LYS CA 8 96.69 -47.23 29.25
C LYS CA 8 97.71 -47.64 28.21
N PHE CA 9 97.65 -47.03 27.02
CA PHE CA 9 98.67 -47.16 26.00
C PHE CA 9 98.50 -46.00 25.02
N GLU CA 10 99.17 -46.08 23.88
CA GLU CA 10 99.16 -44.99 22.91
C GLU CA 10 97.86 -45.01 22.13
N VAL CA 11 97.80 -44.22 21.06
CA VAL CA 11 96.60 -44.13 20.24
C VAL CA 11 96.90 -44.66 18.84
N PRO CA 12 96.84 -45.97 18.64
CA PRO CA 12 97.11 -46.50 17.29
C PRO CA 12 96.09 -46.00 16.29
N LYS CA 13 96.57 -45.70 15.08
CA LYS CA 13 95.66 -45.26 14.03
C LYS CA 13 94.78 -46.41 13.56
N GLU CA 14 95.33 -47.63 13.50
CA GLU CA 14 94.54 -48.78 13.07
C GLU CA 14 93.39 -49.06 14.02
N LEU CA 15 93.60 -48.90 15.33
CA LEU CA 15 92.53 -49.10 16.28
C LEU CA 15 91.37 -48.15 16.01
N ALA CA 16 91.68 -46.87 15.79
CA ALA CA 16 90.63 -45.91 15.45
C ALA CA 16 89.96 -46.24 14.12
N GLU CA 17 90.75 -46.65 13.13
CA GLU CA 17 90.19 -46.99 11.83
C GLU CA 17 89.19 -48.14 11.93
N LYS CA 18 89.53 -49.17 12.69
CA LYS CA 18 88.67 -50.34 12.82
C LYS CA 18 87.60 -50.18 13.90
N ALA CA 19 87.69 -49.15 14.75
CA ALA CA 19 86.68 -48.91 15.75
C ALA CA 19 85.61 -47.92 15.32
N LEU CA 20 85.99 -46.90 14.54
CA LEU CA 20 85.05 -45.88 14.11
C LEU CA 20 84.49 -46.15 12.72
N GLN CA 21 85.36 -46.42 11.76
CA GLN CA 21 84.97 -46.59 10.35
C GLN CA 21 84.41 -47.98 10.06
N ALA CA 22 84.16 -48.79 11.09
CA ALA CA 22 83.64 -50.14 10.90
C ALA CA 22 82.27 -50.33 11.54
N VAL CA 23 81.57 -49.23 11.83
CA VAL CA 23 80.26 -49.32 12.47
C VAL CA 23 79.21 -48.73 11.53
N GLU CA 24 79.62 -47.76 10.70
CA GLU CA 24 78.68 -47.18 9.75
C GLU CA 24 78.18 -48.22 8.76
N ILE CA 25 79.08 -49.08 8.28
CA ILE CA 25 78.68 -50.23 7.46
C ILE CA 25 77.92 -51.27 8.26
N ALA CA 26 77.97 -51.20 9.59
CA ALA CA 26 77.26 -52.13 10.45
C ALA CA 26 76.09 -51.49 11.17
N ARG CA 27 75.99 -50.16 11.16
CA ARG CA 27 74.86 -49.49 11.80
C ARG CA 27 73.55 -49.81 11.09
N ASP CA 28 73.57 -49.85 9.76
CA ASP CA 28 72.37 -50.17 8.99
C ASP CA 28 72.01 -51.65 9.04
N THR CA 29 72.87 -52.50 9.58
CA THR CA 29 72.63 -53.93 9.65
C THR CA 29 73.00 -54.45 11.03
N GLY CA 30 72.54 -53.76 12.06
CA GLY CA 30 72.83 -54.18 13.42
C GLY CA 30 72.00 -53.42 14.44
N LYS CA 31 72.42 -53.55 15.70
CA LYS CA 31 71.77 -52.87 16.81
C LYS CA 31 72.79 -52.01 17.53
N ILE CA 32 72.30 -50.97 18.21
CA ILE CA 32 73.16 -50.03 18.92
C ILE CA 32 72.61 -49.83 20.32
N ARG CA 33 73.50 -49.89 21.32
CA ARG CA 33 73.13 -49.72 22.72
C ARG CA 33 74.17 -48.82 23.37
N LYS CA 34 73.81 -47.55 23.57
CA LYS CA 34 74.73 -46.57 24.13
C LYS CA 34 74.57 -46.52 25.65
N GLY CA 35 75.20 -45.53 26.27
CA GLY CA 35 75.04 -45.31 27.69
C GLY CA 35 75.92 -46.20 28.54
N THR CA 36 76.63 -45.59 29.50
CA THR CA 36 77.50 -46.37 30.38
C THR CA 36 76.71 -47.30 31.29
N ASN CA 37 75.61 -46.81 31.88
CA ASN CA 37 74.81 -47.66 32.76
C ASN CA 37 74.12 -48.78 31.98
N GLU CA 38 73.61 -48.46 30.79
CA GLU CA 38 72.98 -49.48 29.96
C GLU CA 38 73.98 -50.55 29.53
N THR CA 39 75.17 -50.11 29.11
CA THR CA 39 76.18 -51.06 28.65
C THR CA 39 76.77 -51.85 29.81
N THR CA 40 76.74 -51.31 31.02
CA THR CA 40 77.33 -52.01 32.16
C THR CA 40 76.63 -53.34 32.40
N LYS CA 41 75.30 -53.35 32.32
CA LYS CA 41 74.58 -54.63 32.37
C LYS CA 41 74.90 -55.47 31.14
N ALA CA 42 75.06 -54.83 29.98
CA ALA CA 42 75.36 -55.57 28.76
C ALA CA 42 76.69 -56.30 28.87
N VAL CA 43 77.73 -55.61 29.34
CA VAL CA 43 79.04 -56.26 29.50
C VAL CA 43 79.00 -57.26 30.64
N GLU CA 44 78.27 -56.94 31.72
CA GLU CA 44 78.22 -57.82 32.87
C GLU CA 44 77.57 -59.16 32.50
N ARG CA 45 76.52 -59.13 31.68
CA ARG CA 45 75.91 -60.35 31.18
C ARG CA 45 76.47 -60.78 29.83
N GLY CA 46 77.44 -60.06 29.29
CA GLY CA 46 77.99 -60.39 28.00
C GLY CA 46 77.10 -60.06 26.82
N GLN CA 47 76.13 -59.16 27.00
CA GLN CA 47 75.21 -58.85 25.91
C GLN CA 47 75.90 -58.14 24.76
N ALA CA 48 76.85 -57.26 25.08
CA ALA CA 48 77.53 -56.47 24.05
C ALA CA 48 78.45 -57.35 23.21
N LYS CA 49 78.75 -56.88 22.01
CA LYS CA 49 79.65 -57.58 21.10
C LYS CA 49 80.83 -56.73 20.63
N LEU CA 50 80.62 -55.44 20.39
CA LEU CA 50 81.70 -54.55 19.99
C LEU CA 50 81.65 -53.32 20.89
N VAL CA 51 82.58 -53.24 21.84
CA VAL CA 51 82.59 -52.18 22.84
C VAL CA 51 83.67 -51.17 22.45
N ILE CA 52 83.24 -50.01 21.97
CA ILE CA 52 84.17 -48.94 21.60
C ILE CA 52 84.09 -47.88 22.69
N ILE CA 53 85.05 -47.91 23.60
CA ILE CA 53 85.07 -47.02 24.76
C ILE CA 53 85.80 -45.74 24.37
N ALA CA 54 85.08 -44.62 24.41
CA ALA CA 54 85.66 -43.32 24.12
C ALA CA 54 86.26 -42.71 25.38
N GLU CA 55 87.24 -41.84 25.19
CA GLU CA 55 87.89 -41.16 26.29
C GLU CA 55 87.33 -39.74 26.42
N ASP CA 56 86.10 -39.68 26.95
CA ASP CA 56 85.39 -38.40 27.03
C ASP CA 56 84.60 -38.22 28.32
N VAL CA 57 84.63 -39.16 29.25
CA VAL CA 57 83.73 -39.16 30.40
C VAL CA 57 84.55 -38.86 31.66
N ASP CA 58 84.17 -37.81 32.38
CA ASP CA 58 84.82 -37.43 33.61
C ASP CA 58 83.81 -37.37 34.75
N PRO CA 59 84.23 -37.68 35.98
CA PRO CA 59 85.58 -38.14 36.32
C PRO CA 59 85.72 -39.65 36.14
N GLU CA 60 86.70 -40.24 36.81
CA GLU CA 60 86.89 -41.68 36.83
C GLU CA 60 85.97 -42.31 37.89
N GLU CA 61 84.67 -42.12 37.69
CA GLU CA 61 83.67 -42.61 38.64
C GLU CA 61 82.82 -43.73 38.05
N ILE CA 62 82.13 -43.47 36.93
CA ILE CA 62 81.40 -44.53 36.25
C ILE CA 62 82.22 -45.19 35.15
N VAL CA 63 83.40 -44.65 34.85
CA VAL CA 63 84.25 -45.23 33.82
C VAL CA 63 85.19 -46.30 34.38
N ALA CA 64 85.45 -46.29 35.69
CA ALA CA 64 86.32 -47.30 36.29
C ALA CA 64 85.54 -48.56 36.58
N HIS CA 65 84.79 -49.04 35.61
CA HIS CA 65 84.04 -50.29 35.71
C HIS CA 65 84.30 -51.22 34.54
N LEU CA 66 84.61 -50.67 33.36
CA LEU CA 66 84.84 -51.48 32.18
C LEU CA 66 86.27 -52.03 32.14
N PRO CA 67 87.31 -51.23 32.40
CA PRO CA 67 88.66 -51.81 32.51
C PRO CA 67 88.75 -52.84 33.63
N PRO CA 68 88.16 -52.60 34.81
CA PRO CA 68 88.17 -53.67 35.83
C PRO CA 68 87.38 -54.91 35.41
N LEU CA 69 86.44 -54.79 34.48
CA LEU CA 69 85.68 -55.94 34.01
C LEU CA 69 86.24 -56.54 32.74
N CYS CA 70 87.31 -55.96 32.18
CA CYS CA 70 87.86 -56.46 30.93
C CYS CA 70 88.38 -57.88 31.08
N GLU CA 71 89.01 -58.19 32.22
CA GLU CA 71 89.55 -59.52 32.45
C GLU CA 71 88.49 -60.52 32.91
N GLU CA 72 87.26 -60.07 33.14
CA GLU CA 72 86.21 -60.95 33.61
C GLU CA 72 85.47 -61.65 32.47
N LYS CA 73 85.47 -61.05 31.28
CA LYS CA 73 84.82 -61.64 30.12
C LYS CA 73 85.68 -61.39 28.89
N GLU CA 74 85.23 -61.91 27.75
CA GLU CA 74 85.96 -61.68 26.51
C GLU CA 74 86.00 -60.19 26.17
N ILE CA 75 84.84 -59.53 26.19
CA ILE CA 75 84.66 -58.09 26.01
C ILE CA 75 85.62 -57.54 24.95
N PRO CA 76 85.43 -57.90 23.67
CA PRO CA 76 86.30 -57.32 22.63
C PRO CA 76 86.09 -55.83 22.54
N TYR CA 77 87.07 -55.04 22.98
CA TYR CA 77 86.87 -53.61 23.12
C TYR CA 77 88.01 -52.83 22.48
N ILE CA 78 87.65 -51.69 21.92
CA ILE CA 78 88.59 -50.75 21.29
C ILE CA 78 88.39 -49.40 21.94
N TYR CA 79 89.24 -48.44 21.59
CA TYR CA 79 89.17 -47.10 22.13
C TYR CA 79 88.90 -46.09 21.03
N VAL CA 80 88.23 -45.01 21.40
CA VAL CA 80 87.79 -43.97 20.47
C VAL CA 80 88.51 -42.68 20.83
N PRO CA 81 89.05 -41.94 19.86
CA PRO CA 81 89.69 -40.67 20.22
C PRO CA 81 88.71 -39.58 20.62
N SER CA 82 87.62 -39.40 19.87
CA SER CA 82 86.70 -38.31 20.08
C SER CA 82 85.26 -38.82 20.17
N LYS CA 83 84.38 -37.96 20.68
CA LYS CA 83 82.99 -38.32 20.93
C LYS CA 83 82.00 -37.64 20.01
N LYS CA 84 82.34 -36.48 19.45
CA LYS CA 84 81.36 -35.67 18.73
C LYS CA 84 80.79 -36.42 17.54
N GLU CA 85 81.65 -37.06 16.76
CA GLU CA 85 81.21 -37.86 15.63
C GLU CA 85 80.96 -39.32 16.02
N LEU CA 86 81.25 -39.70 17.26
CA LEU CA 86 80.99 -41.07 17.68
C LEU CA 86 79.50 -41.37 17.66
N GLY CA 87 78.69 -40.45 18.16
CA GLY CA 87 77.24 -40.61 18.07
C GLY CA 87 76.73 -40.52 16.64
N ALA CA 88 77.33 -39.63 15.83
CA ALA CA 88 76.92 -39.51 14.44
C ALA CA 88 77.24 -40.78 13.67
N ALA CA 89 78.39 -41.41 13.95
CA ALA CA 89 78.77 -42.63 13.26
C ALA CA 89 77.77 -43.75 13.52
N ALA CA 90 77.31 -43.87 14.77
CA ALA CA 90 76.32 -44.89 15.10
C ALA CA 90 75.44 -44.32 16.21
N GLY CA 91 74.22 -43.91 15.84
CA GLY CA 91 73.29 -43.38 16.81
C GLY CA 91 72.62 -42.10 16.37
N ILE CA 92 72.69 -41.07 17.22
CA ILE CA 92 72.01 -39.80 16.98
C ILE CA 92 72.99 -38.67 17.28
N GLU CA 93 72.59 -37.45 16.91
CA GLU CA 93 73.47 -36.29 16.99
C GLU CA 93 73.66 -35.81 18.42
N VAL CA 94 74.22 -36.66 19.28
CA VAL CA 94 74.60 -36.30 20.63
C VAL CA 94 76.02 -36.82 20.88
N ALA CA 95 76.52 -36.56 22.07
CA ALA CA 95 77.84 -37.03 22.48
C ALA CA 95 77.70 -38.45 23.02
N ALA CA 96 78.40 -39.39 22.41
CA ALA CA 96 78.35 -40.79 22.78
C ALA CA 96 79.61 -41.17 23.55
N ALA CA 97 79.43 -42.09 24.50
CA ALA CA 97 80.53 -42.59 25.33
C ALA CA 97 80.88 -44.04 25.04
N SER CA 98 79.91 -44.87 24.69
CA SER CA 98 80.17 -46.27 24.37
C SER CA 98 79.02 -46.78 23.53
N VAL CA 99 79.28 -47.04 22.25
CA VAL CA 99 78.28 -47.52 21.31
C VAL CA 99 78.53 -49.01 21.12
N ALA CA 100 77.71 -49.85 21.76
CA ALA CA 100 77.86 -51.29 21.66
C ALA CA 100 76.93 -51.82 20.57
N ILE CA 101 77.50 -52.49 19.57
CA ILE CA 101 76.74 -53.11 18.50
C ILE CA 101 76.86 -54.62 18.65
N ILE CA 102 75.73 -55.31 18.54
CA ILE CA 102 75.67 -56.75 18.72
C ILE CA 102 75.31 -57.38 17.38
N GLU CA 103 76.12 -58.35 16.95
CA GLU CA 103 75.97 -59.04 15.68
C GLU CA 103 75.87 -58.06 14.51
N PRO CA 104 76.98 -57.43 14.14
CA PRO CA 104 76.98 -56.54 12.97
C PRO CA 104 76.94 -57.32 11.67
N GLY CA 105 76.57 -56.61 10.60
CA GLY CA 105 76.49 -57.23 9.29
C GLY CA 105 77.73 -56.95 8.46
N LYS CA 106 78.41 -58.03 8.05
CA LYS CA 106 79.58 -57.95 7.18
C LYS CA 106 80.66 -57.06 7.77
N ALA CA 107 80.86 -57.20 9.09
CA ALA CA 107 81.86 -56.42 9.82
C ALA CA 107 82.68 -57.36 10.70
N ARG CA 108 83.14 -58.47 10.10
CA ARG CA 108 83.78 -59.54 10.85
C ARG CA 108 85.29 -59.55 10.71
N ASP CA 109 85.81 -59.45 9.48
CA ASP CA 109 87.25 -59.59 9.27
C ASP CA 109 88.01 -58.46 9.96
N LEU CA 110 87.63 -57.21 9.70
CA LEU CA 110 88.38 -56.08 10.26
C LEU CA 110 88.27 -56.04 11.77
N VAL CA 111 87.07 -56.29 12.31
CA VAL CA 111 86.88 -56.28 13.75
C VAL CA 111 87.67 -57.40 14.40
N GLU CA 112 87.64 -58.59 13.82
CA GLU CA 112 88.41 -59.70 14.38
C GLU CA 112 89.91 -59.42 14.34
N GLU CA 113 90.40 -58.85 13.24
CA GLU CA 113 91.81 -58.54 13.12
C GLU CA 113 92.23 -57.50 14.15
N ILE CA 114 91.42 -56.45 14.32
CA ILE CA 114 91.79 -55.42 15.29
C ILE CA 114 91.65 -55.96 16.72
N ALA CA 115 90.71 -56.88 16.95
CA ALA CA 115 90.60 -57.50 18.26
C ALA CA 115 91.84 -58.32 18.59
N MET CA 116 92.33 -59.09 17.61
CA MET CA 116 93.56 -59.85 17.82
C MET CA 116 94.74 -58.91 18.02
N LYS CA 117 94.77 -57.80 17.28
CA LYS CA 117 95.85 -56.82 17.43
C LYS CA 117 95.84 -56.24 18.84
N VAL CA 118 94.66 -55.93 19.38
CA VAL CA 118 94.58 -55.40 20.74
C VAL CA 118 94.97 -56.48 21.74
N ARG CA 119 94.57 -57.73 21.48
CA ARG CA 119 94.96 -58.83 22.38
C ARG CA 119 96.47 -58.95 22.46
N GLU CA 120 97.15 -58.87 21.32
CA GLU CA 120 98.61 -58.90 21.31
C GLU CA 120 99.23 -57.57 21.67
N LEU CA 121 98.42 -56.52 21.82
CA LEU CA 121 98.92 -55.18 22.13
C LEU CA 121 98.97 -54.94 23.63
N MET CA 122 97.82 -55.00 24.29
CA MET CA 122 97.75 -54.85 25.74
C MET CA 122 96.38 -55.26 26.26
N LYS CA 123 96.35 -56.11 27.27
CA LYS CA 123 95.09 -56.56 27.85
C LYS CA 123 95.11 -56.44 29.38
N1 4SU EA 8 -24.94 -3.63 64.85
C2 4SU EA 8 -25.72 -4.09 63.77
N3 4SU EA 8 -26.33 -3.22 62.96
C4 4SU EA 8 -26.21 -1.90 63.17
C5 4SU EA 8 -25.45 -1.42 64.23
C6 4SU EA 8 -24.82 -2.32 65.08
O2 4SU EA 8 -25.85 -5.31 63.56
S4 4SU EA 8 -26.94 -0.87 62.19
C1' 4SU EA 8 -24.27 -4.60 65.75
C2' 4SU EA 8 -23.06 -5.25 65.10
O2' 4SU EA 8 -22.93 -6.57 65.58
C3' 4SU EA 8 -21.93 -4.38 65.63
C4' 4SU EA 8 -22.39 -4.07 67.04
O3' 4SU EA 8 -20.66 -5.01 65.59
O4' 4SU EA 8 -23.82 -3.92 66.90
C5' 4SU EA 8 -21.81 -2.83 67.67
O5' 4SU EA 8 -22.26 -1.66 67.02
P 4SU EA 8 -21.39 -0.33 67.02
OP1 4SU EA 8 -19.96 -0.73 67.31
OP2 4SU EA 8 -21.71 0.44 65.75
P H2U EA 21 -32.89 -19.21 67.92
OP1 H2U EA 21 -33.37 -20.00 66.73
OP2 H2U EA 21 -31.80 -19.78 68.80
O5' H2U EA 21 -32.42 -17.78 67.41
C5' H2U EA 21 -31.12 -17.59 66.85
C4' H2U EA 21 -31.10 -17.91 65.38
O4' H2U EA 21 -32.16 -17.19 64.71
C3' H2U EA 21 -29.85 -17.50 64.62
O3' H2U EA 21 -28.79 -18.42 64.78
C1' H2U EA 21 -31.82 -16.99 63.35
C2' H2U EA 21 -30.34 -17.36 63.19
O2' H2U EA 21 -30.25 -18.61 62.50
N1 H2U EA 21 -32.11 -15.59 62.98
C2 H2U EA 21 -31.54 -14.55 63.58
O2 H2U EA 21 -31.27 -14.56 64.77
N3 H2U EA 21 -31.32 -13.48 62.84
C4 H2U EA 21 -32.10 -13.23 61.78
O4 H2U EA 21 -31.84 -12.42 60.92
C5 H2U EA 21 -33.38 -14.06 61.70
C6 H2U EA 21 -33.05 -15.53 61.87
N1 OMC EA 33 -14.17 -16.82 32.84
C2 OMC EA 33 -13.88 -15.44 32.79
N3 OMC EA 33 -12.76 -14.97 33.35
C4 OMC EA 33 -11.90 -15.79 33.96
C5 OMC EA 33 -12.16 -17.15 34.02
C6 OMC EA 33 -13.32 -17.64 33.44
O2 OMC EA 33 -14.67 -14.65 32.23
N4 OMC EA 33 -10.77 -15.31 34.51
C1' OMC EA 33 -15.41 -17.34 32.23
C2' OMC EA 33 -15.40 -17.26 30.71
O2' OMC EA 33 -16.72 -16.98 30.28
CM2 OMC EA 33 -16.74 -16.04 29.21
C3' OMC EA 33 -14.99 -18.66 30.32
C4' OMC EA 33 -15.66 -19.51 31.38
O4' OMC EA 33 -15.54 -18.70 32.57
O3' OMC EA 33 -15.38 -19.02 29.00
C5' OMC EA 33 -15.07 -20.87 31.61
O5' OMC EA 33 -13.69 -20.78 31.93
P OMC EA 33 -12.99 -21.91 32.80
OP1 OMC EA 33 -13.18 -23.22 32.12
OP2 OMC EA 33 -11.61 -21.46 33.16
N1 5MU EA 55 -34.33 -10.77 83.32
C2 5MU EA 55 -34.31 -10.88 81.91
N3 5MU EA 55 -33.30 -11.46 81.26
C4 5MU EA 55 -32.26 -11.96 81.94
C5 5MU EA 55 -32.24 -11.85 83.41
C5M 5MU EA 55 -31.09 -12.40 84.21
C6 5MU EA 55 -33.31 -11.24 84.05
O2 5MU EA 55 -35.27 -10.43 81.25
O4 5MU EA 55 -31.31 -12.50 81.33
C1' 5MU EA 55 -35.47 -10.11 84.02
C2' 5MU EA 55 -36.75 -10.94 83.95
O2' 5MU EA 55 -37.86 -10.07 83.92
C3' 5MU EA 55 -36.69 -11.70 85.27
C4' 5MU EA 55 -36.08 -10.67 86.21
O3' 5MU EA 55 -37.94 -12.18 85.72
O4' 5MU EA 55 -35.12 -9.96 85.38
C5' 5MU EA 55 -35.38 -11.23 87.42
O5' 5MU EA 55 -34.38 -12.17 87.05
P 5MU EA 55 -33.28 -12.65 88.10
OP1 5MU EA 55 -34.00 -13.27 89.27
OP2 5MU EA 55 -32.23 -13.44 87.37
N1 PSU EA 56 -34.30 -14.40 83.35
C2 PSU EA 56 -33.42 -15.01 82.55
N3 PSU EA 56 -33.74 -15.38 81.29
C4 PSU EA 56 -34.95 -15.14 80.80
C5 PSU EA 56 -35.95 -14.46 81.67
C6 PSU EA 56 -35.55 -14.11 82.94
O2 PSU EA 56 -32.27 -15.25 82.99
O4 PSU EA 56 -35.23 -15.48 79.63
C1' PSU EA 56 -37.32 -14.16 81.20
C2' PSU EA 56 -38.07 -15.45 80.87
O2' PSU EA 56 -38.94 -15.21 79.78
C3' PSU EA 56 -38.85 -15.67 82.16
C4' PSU EA 56 -39.21 -14.25 82.57
O3' PSU EA 56 -39.98 -16.51 82.00
O4' PSU EA 56 -38.04 -13.48 82.21
C5' PSU EA 56 -39.52 -14.06 84.03
O5' PSU EA 56 -38.45 -14.48 84.85
P PSU EA 56 -38.08 -13.71 86.20
OP1 PSU EA 56 -39.27 -13.80 87.13
OP2 PSU EA 56 -36.72 -14.18 86.65
N VAL FA 37 25.01 -2.91 42.43
CA VAL FA 37 26.32 -3.04 43.03
C VAL FA 37 27.19 -1.78 42.87
N PRO FA 38 27.26 -1.20 41.66
CA PRO FA 38 28.02 0.05 41.52
C PRO FA 38 27.42 1.16 42.39
N LEU FA 39 28.31 2.00 42.91
CA LEU FA 39 27.94 3.09 43.81
C LEU FA 39 28.06 4.43 43.10
N PRO FA 40 27.33 5.45 43.58
CA PRO FA 40 27.48 6.79 43.01
C PRO FA 40 28.92 7.30 43.14
N GLU FA 41 29.37 8.01 42.12
CA GLU FA 41 30.75 8.51 42.04
C GLU FA 41 30.71 9.95 41.53
N GLY FA 42 30.86 10.90 42.45
CA GLY FA 42 30.85 12.31 42.09
C GLY FA 42 29.67 13.05 42.71
N ASN FA 43 28.91 13.75 41.87
CA ASN FA 43 27.70 14.44 42.30
C ASN FA 43 26.49 13.53 42.32
N GLN FA 44 26.64 12.27 41.93
CA GLN FA 44 25.54 11.32 41.90
C GLN FA 44 25.10 10.97 43.32
N LEU FA 45 23.84 10.53 43.43
CA LEU FA 45 23.27 10.16 44.71
C LEU FA 45 22.08 9.25 44.46
N PHE FA 46 21.59 8.64 45.54
CA PHE FA 46 20.49 7.71 45.45
C PHE FA 46 19.18 8.45 45.14
N GLY FA 47 18.10 7.69 45.05
CA GLY FA 47 16.79 8.27 44.81
C GLY FA 47 15.72 7.21 44.83
N VAL FA 48 14.50 7.66 45.11
CA VAL FA 48 13.32 6.79 45.17
C VAL FA 48 12.30 7.32 44.18
N VAL FA 49 11.85 6.45 43.28
CA VAL FA 49 10.87 6.84 42.27
C VAL FA 49 9.51 7.06 42.94
N GLU FA 50 8.87 8.17 42.61
CA GLU FA 50 7.59 8.55 43.22
C GLU FA 50 6.41 8.45 42.27
N GLN FA 51 6.56 8.93 41.04
CA GLN FA 51 5.45 8.92 40.10
C GLN FA 51 5.98 9.13 38.69
N ALA FA 52 5.49 8.33 37.75
CA ALA FA 52 5.88 8.48 36.35
C ALA FA 52 4.99 9.51 35.67
N LEU FA 53 5.61 10.41 34.90
CA LEU FA 53 4.92 11.51 34.27
C LEU FA 53 4.68 11.30 32.78
N GLY FA 54 5.13 10.20 32.22
CA GLY FA 54 4.87 9.93 30.82
C GLY FA 54 5.98 10.43 29.92
N ALA FA 55 6.08 9.83 28.73
CA ALA FA 55 7.09 10.19 27.74
C ALA FA 55 8.50 10.08 28.30
N GLY FA 56 8.75 9.05 29.09
CA GLY FA 56 10.06 8.83 29.68
C GLY FA 56 10.48 9.87 30.69
N TRP FA 57 9.57 10.29 31.56
CA TRP FA 57 9.86 11.25 32.61
C TRP FA 57 9.41 10.68 33.94
N MET FA 58 10.28 10.74 34.95
CA MET FA 58 9.95 10.26 36.28
C MET FA 58 10.08 11.40 37.28
N ASP FA 59 9.57 11.17 38.49
CA ASP FA 59 9.62 12.15 39.56
C ASP FA 59 10.31 11.48 40.74
N VAL FA 60 11.58 11.80 40.96
CA VAL FA 60 12.43 11.06 41.90
C VAL FA 60 12.72 11.91 43.12
N ARG FA 61 12.61 11.31 44.30
CA ARG FA 61 12.98 11.92 45.55
C ARG FA 61 14.39 11.48 45.91
N CYS FA 62 15.30 12.43 46.07
CA CYS FA 62 16.70 12.13 46.27
C CYS FA 62 17.03 12.06 47.77
N GLU FA 63 18.31 11.88 48.08
CA GLU FA 63 18.77 11.78 49.46
C GLU FA 63 18.98 13.15 50.11
N ASP FA 64 19.02 14.23 49.33
CA ASP FA 64 19.22 15.57 49.86
C ASP FA 64 17.90 16.30 50.11
N GLY FA 65 16.81 15.55 50.26
CA GLY FA 65 15.52 16.14 50.54
C GLY FA 65 15.00 17.06 49.45
N LYS FA 66 15.16 16.65 48.19
CA LYS FA 66 14.66 17.41 47.05
C LYS FA 66 13.91 16.48 46.11
N ILE FA 67 12.91 17.04 45.45
CA ILE FA 67 12.09 16.34 44.48
C ILE FA 67 12.59 16.82 43.13
N ARG FA 68 12.86 15.88 42.22
CA ARG FA 68 13.43 16.24 40.93
C ARG FA 68 12.64 15.59 39.81
N ARG FA 69 12.32 16.39 38.78
CA ARG FA 69 11.74 15.89 37.54
C ARG FA 69 12.86 15.33 36.68
N CYS FA 70 13.02 14.01 36.70
CA CYS FA 70 14.18 13.35 36.10
C CYS FA 70 13.84 12.76 34.74
N ARG FA 71 14.83 12.78 33.86
CA ARG FA 71 14.70 12.26 32.50
C ARG FA 71 15.50 10.97 32.36
N ILE FA 72 14.87 9.97 31.73
CA ILE FA 72 15.47 8.65 31.57
C ILE FA 72 16.21 8.63 30.24
N PRO FA 73 17.51 8.39 30.22
CA PRO FA 73 18.21 8.19 28.94
C PRO FA 73 17.63 7.03 28.16
N GLY FA 74 17.54 7.18 26.84
CA GLY FA 74 16.89 6.19 26.01
C GLY FA 74 17.66 4.89 25.87
N LYS FA 75 18.96 4.92 26.18
CA LYS FA 75 19.82 3.74 26.04
C LYS FA 75 19.39 2.59 26.94
N LEU FA 76 19.05 2.91 28.19
CA LEU FA 76 18.54 1.93 29.13
C LEU FA 76 17.02 1.95 29.24
N ARG FA 77 16.38 2.92 28.60
CA ARG FA 77 14.93 2.99 28.62
C ARG FA 77 14.27 1.80 27.93
N ARG FA 78 14.89 1.32 26.86
CA ARG FA 78 14.27 0.28 26.04
C ARG FA 78 14.34 -1.09 26.71
N ARG FA 79 15.43 -1.36 27.42
CA ARG FA 79 15.63 -2.68 28.05
C ARG FA 79 15.38 -2.86 29.56
N VAL FA 80 15.33 -1.76 30.31
CA VAL FA 80 15.11 -1.84 31.75
C VAL FA 80 13.79 -1.16 32.07
N TRP FA 81 12.90 -1.90 32.71
CA TRP FA 81 11.59 -1.37 33.09
C TRP FA 81 11.68 -0.86 34.52
N ILE FA 82 11.27 0.37 34.72
CA ILE FA 82 11.31 0.99 36.05
C ILE FA 82 9.89 1.24 36.52
N ARG FA 83 9.66 0.93 37.79
CA ARG FA 83 8.35 1.10 38.42
C ARG FA 83 8.50 1.93 39.70
N VAL FA 84 7.41 2.59 40.09
CA VAL FA 84 7.43 3.48 41.24
C VAL FA 84 7.94 2.75 42.48
N GLY FA 85 8.83 3.41 43.22
CA GLY FA 85 9.35 2.86 44.45
C GLY FA 85 10.57 1.99 44.28
N ASP FA 86 11.62 2.53 43.66
CA ASP FA 86 12.87 1.79 43.45
C ASP FA 86 14.04 2.68 43.80
N LEU FA 87 15.15 2.04 44.18
CA LEU FA 87 16.39 2.74 44.48
C LEU FA 87 17.21 2.88 43.21
N VAL FA 88 17.51 4.11 42.82
CA VAL FA 88 18.21 4.40 41.58
C VAL FA 88 19.28 5.45 41.82
N ILE FA 89 20.18 5.58 40.86
CA ILE FA 89 21.25 6.58 40.88
C ILE FA 89 20.88 7.69 39.91
N VAL FA 90 20.93 8.93 40.38
CA VAL FA 90 20.52 10.09 39.59
C VAL FA 90 21.65 11.11 39.59
N GLN FA 91 22.02 11.59 38.41
CA GLN FA 91 22.98 12.67 38.26
C GLN FA 91 22.26 13.94 37.85
N PRO FA 92 22.33 15.01 38.64
CA PRO FA 92 21.65 16.25 38.26
C PRO FA 92 22.24 16.87 36.99
N TRP FA 93 21.40 17.61 36.28
CA TRP FA 93 21.85 18.28 35.07
C TRP FA 93 22.88 19.35 35.42
N PRO FA 94 23.86 19.61 34.55
CA PRO FA 94 24.89 20.62 34.89
C PRO FA 94 24.32 22.01 35.11
N VAL FA 95 23.25 22.38 34.40
CA VAL FA 95 22.61 23.68 34.55
C VAL FA 95 21.27 23.47 35.24
N GLN FA 96 21.00 24.27 36.27
CA GLN FA 96 19.80 24.15 37.09
C GLN FA 96 19.75 22.77 37.76
N SER FA 97 20.78 22.50 38.57
CA SER FA 97 20.92 21.18 39.20
C SER FA 97 20.11 21.09 40.48
N ASP FA 98 18.84 21.48 40.43
CA ASP FA 98 17.97 21.40 41.59
C ASP FA 98 16.65 20.70 41.31
N LYS FA 99 16.18 20.65 40.05
CA LYS FA 99 14.91 20.03 39.73
C LYS FA 99 14.99 19.05 38.57
N ARG FA 100 16.15 18.91 37.91
CA ARG FA 100 16.28 18.03 36.76
C ARG FA 100 17.46 17.09 36.97
N GLY FA 101 17.36 15.90 36.41
CA GLY FA 101 18.43 14.91 36.54
C GLY FA 101 18.21 13.76 35.59
N ASP FA 102 19.23 12.93 35.49
CA ASP FA 102 19.21 11.74 34.64
C ASP FA 102 19.42 10.50 35.49
N ILE FA 103 18.61 9.47 35.25
CA ILE FA 103 18.71 8.20 35.98
C ILE FA 103 19.65 7.28 35.21
N VAL FA 104 20.64 6.74 35.91
CA VAL FA 104 21.71 5.99 35.25
C VAL FA 104 21.67 4.51 35.58
N TYR FA 105 21.16 4.10 36.75
CA TYR FA 105 21.21 2.70 37.12
C TYR FA 105 20.11 2.39 38.12
N ARG FA 106 19.57 1.17 38.04
CA ARG FA 106 18.50 0.67 38.91
C ARG FA 106 19.02 -0.44 39.81
N TYR FA 107 18.63 -0.42 41.07
CA TYR FA 107 19.12 -1.38 42.06
C TYR FA 107 18.10 -2.50 42.23
N THR FA 108 18.55 -3.74 42.07
CA THR FA 108 17.70 -4.90 42.21
C THR FA 108 17.43 -5.19 43.69
N GLN FA 109 16.63 -6.22 43.94
CA GLN FA 109 16.25 -6.56 45.31
C GLN FA 109 17.47 -6.98 46.13
N THR FA 110 18.34 -7.81 45.55
CA THR FA 110 19.52 -8.27 46.28
C THR FA 110 20.47 -7.12 46.59
N GLN FA 111 20.65 -6.20 45.64
CA GLN FA 111 21.56 -5.08 45.86
C GLN FA 111 21.03 -4.15 46.94
N VAL FA 112 19.73 -3.84 46.91
CA VAL FA 112 19.17 -2.94 47.93
C VAL FA 112 19.17 -3.62 49.30
N ASP FA 113 18.93 -4.94 49.34
CA ASP FA 113 19.01 -5.65 50.61
C ASP FA 113 20.43 -5.62 51.16
N TRP FA 114 21.42 -5.84 50.30
CA TRP FA 114 22.82 -5.78 50.74
C TRP FA 114 23.17 -4.39 51.24
N LEU FA 115 22.69 -3.34 50.56
CA LEU FA 115 22.97 -1.98 51.01
C LEU FA 115 22.32 -1.70 52.36
N LEU FA 116 21.08 -2.16 52.54
CA LEU FA 116 20.40 -1.97 53.81
C LEU FA 116 21.13 -2.68 54.95
N ARG FA 117 21.60 -3.90 54.70
CA ARG FA 117 22.35 -4.62 55.73
C ARG FA 117 23.70 -3.97 56.01
N LYS FA 118 24.37 -3.49 54.97
CA LYS FA 118 25.66 -2.83 55.15
C LYS FA 118 25.52 -1.55 55.95
N GLY FA 119 24.49 -0.77 55.69
CA GLY FA 119 24.24 0.45 56.41
C GLY FA 119 24.57 1.74 55.69
N LYS FA 120 24.90 1.67 54.40
CA LYS FA 120 25.14 2.90 53.64
C LYS FA 120 23.86 3.74 53.51
N ILE FA 121 22.70 3.08 53.49
CA ILE FA 121 21.41 3.77 53.41
C ILE FA 121 20.50 3.16 54.46
N THR FA 122 19.53 3.95 54.91
CA THR FA 122 18.60 3.53 55.95
C THR FA 122 17.33 2.96 55.33
N GLN FA 123 16.39 2.58 56.21
CA GLN FA 123 15.12 2.01 55.76
C GLN FA 123 14.07 3.09 55.52
N GLU FA 124 14.11 4.18 56.29
CA GLU FA 124 13.06 5.18 56.19
C GLU FA 124 13.18 5.99 54.91
N PHE FA 125 14.38 6.12 54.35
CA PHE FA 125 14.52 6.74 53.03
C PHE FA 125 13.78 5.93 51.97
N LEU FA 126 13.94 4.60 52.00
CA LEU FA 126 13.23 3.75 51.04
C LEU FA 126 11.74 3.77 51.29
N THR FA 127 11.31 3.68 52.56
CA THR FA 127 9.90 3.60 52.87
C THR FA 127 9.21 4.97 52.90
N GLY FA 128 9.96 6.04 53.13
CA GLY FA 128 9.40 7.37 53.15
C GLY FA 128 8.60 7.67 54.41
N GLY GA 490 5.28 26.82 73.39
CA GLY GA 490 4.59 27.02 74.66
C GLY GA 490 3.85 25.79 75.14
N VAL GA 491 3.99 25.49 76.43
CA VAL GA 491 3.30 24.37 77.06
C VAL GA 491 2.68 24.85 78.36
N ILE GA 492 1.39 24.54 78.54
CA ILE GA 492 0.60 25.03 79.66
C ILE GA 492 -0.20 23.86 80.24
N ARG GA 493 -0.79 24.08 81.41
CA ARG GA 493 -1.61 23.06 82.06
C ARG GA 493 -2.84 23.73 82.67
N LEU GA 494 -4.01 23.17 82.38
CA LEU GA 494 -5.25 23.70 82.92
C LEU GA 494 -5.32 23.50 84.42
N TYR GA 495 -5.88 24.48 85.12
CA TYR GA 495 -6.10 24.34 86.55
C TYR GA 495 -7.07 23.21 86.82
N PRO GA 496 -6.83 22.39 87.85
CA PRO GA 496 -7.84 21.41 88.26
C PRO GA 496 -8.94 22.05 89.09
N ASP GA 497 -8.99 23.38 89.07
CA ASP GA 497 -9.93 24.16 89.86
C ASP GA 497 -11.14 24.53 89.02
N GLU GA 498 -12.34 24.29 89.58
CA GLU GA 498 -13.57 24.63 88.88
C GLU GA 498 -13.74 26.14 88.74
N ARG GA 499 -13.13 26.93 89.63
CA ARG GA 499 -13.38 28.36 89.68
C ARG GA 499 -12.95 29.05 88.38
N TYR GA 500 -11.80 28.65 87.83
CA TYR GA 500 -11.24 29.36 86.68
C TYR GA 500 -12.11 29.27 85.44
N VAL GA 501 -13.01 28.29 85.35
CA VAL GA 501 -13.90 28.17 84.20
C VAL GA 501 -15.01 29.19 84.36
N PHE GA 502 -15.09 30.15 83.43
CA PHE GA 502 -16.10 31.19 83.48
C PHE GA 502 -17.08 31.14 82.31
N ARG GA 503 -16.77 30.42 81.24
CA ARG GA 503 -17.73 30.17 80.17
C ARG GA 503 -17.32 28.89 79.45
N ARG GA 504 -18.32 28.12 79.04
CA ARG GA 504 -18.07 26.78 78.52
C ARG GA 504 -17.81 26.75 77.03
N SER GA 505 -18.71 27.33 76.22
CA SER GA 505 -18.57 27.25 74.77
C SER GA 505 -18.99 28.58 74.15
N ASN GA 506 -18.31 28.93 73.06
CA ASN GA 506 -18.57 30.14 72.28
C ASN GA 506 -18.59 31.39 73.15
N PRO GA 507 -17.45 31.82 73.71
CA PRO GA 507 -16.16 31.15 73.66
C PRO GA 507 -15.90 30.31 74.91
N ALA GA 508 -14.81 29.55 74.92
CA ALA GA 508 -14.40 28.83 76.12
C ALA GA 508 -13.46 29.73 76.92
N ILE GA 509 -13.90 30.14 78.11
CA ILE GA 509 -13.15 31.06 78.95
C ILE GA 509 -12.66 30.29 80.18
N VAL GA 510 -11.35 30.14 80.29
CA VAL GA 510 -10.78 29.36 81.39
C VAL GA 510 -9.41 29.93 81.73
N GLY GA 511 -9.09 29.96 83.03
CA GLY GA 511 -7.79 30.41 83.46
C GLY GA 511 -6.69 29.41 83.15
N ILE GA 512 -5.45 29.91 83.12
CA ILE GA 512 -4.30 29.07 82.81
C ILE GA 512 -3.07 29.66 83.48
N GLU GA 513 -2.16 28.77 83.87
CA GLU GA 513 -0.81 29.13 84.30
C GLU GA 513 0.17 28.58 83.27
N VAL GA 514 1.23 29.33 82.98
CA VAL GA 514 2.20 28.93 81.97
C VAL GA 514 3.24 28.02 82.61
N ILE GA 515 3.48 26.87 81.98
CA ILE GA 515 4.58 26.01 82.41
C ILE GA 515 5.87 26.42 81.73
N GLU GA 516 5.85 26.50 80.40
CA GLU GA 516 7.05 26.88 79.66
C GLU GA 516 6.64 27.61 78.39
N GLY GA 517 7.56 28.42 77.88
CA GLY GA 517 7.31 29.13 76.64
C GLY GA 517 6.52 30.41 76.84
N ARG GA 518 6.03 30.94 75.71
CA ARG GA 518 5.30 32.20 75.69
C ARG GA 518 4.00 32.00 74.93
N ILE GA 519 2.90 32.49 75.50
CA ILE GA 519 1.59 32.43 74.85
C ILE GA 519 1.35 33.71 74.05
N LYS GA 520 0.87 33.55 72.82
CA LYS GA 520 0.52 34.67 71.96
C LYS GA 520 -0.87 34.45 71.39
N PRO GA 521 -1.58 35.54 71.09
CA PRO GA 521 -2.89 35.40 70.44
C PRO GA 521 -2.75 34.85 69.03
N GLY GA 522 -3.81 34.18 68.58
CA GLY GA 522 -3.81 33.60 67.25
C GLY GA 522 -2.83 32.45 67.06
N VAL GA 523 -2.66 31.60 68.07
CA VAL GA 523 -1.77 30.45 68.00
C VAL GA 523 -2.61 29.20 68.28
N THR GA 524 -2.47 28.20 67.42
CA THR GA 524 -3.22 26.95 67.57
C THR GA 524 -2.65 26.10 68.68
N LEU GA 525 -3.55 25.44 69.42
CA LEU GA 525 -3.19 24.54 70.51
C LEU GA 525 -3.58 23.12 70.14
N ILE GA 526 -2.74 22.16 70.51
CA ILE GA 526 -3.00 20.74 70.26
C ILE GA 526 -2.66 19.94 71.50
N LYS GA 527 -3.24 18.74 71.58
CA LYS GA 527 -3.01 17.81 72.67
C LYS GA 527 -1.94 16.80 72.26
N GLN GA 528 -1.74 15.78 73.09
CA GLN GA 528 -0.81 14.72 72.74
C GLN GA 528 -1.26 13.98 71.49
N ASN GA 529 -2.56 13.72 71.36
CA ASN GA 529 -3.09 13.08 70.16
C ASN GA 529 -3.33 14.06 69.02
N GLY GA 530 -3.18 15.36 69.27
CA GLY GA 530 -3.17 16.34 68.19
C GLY GA 530 -4.53 16.86 67.74
N GLN GA 531 -5.57 16.72 68.57
CA GLN GA 531 -6.86 17.26 68.19
C GLN GA 531 -6.81 18.79 68.13
N LYS GA 532 -7.46 19.35 67.11
CA LYS GA 532 -7.50 20.80 66.92
C LYS GA 532 -8.52 21.38 67.90
N VAL GA 533 -8.05 21.86 69.05
CA VAL GA 533 -8.94 22.52 69.99
C VAL GA 533 -9.33 23.92 69.54
N GLY GA 534 -8.71 24.42 68.48
CA GLY GA 534 -9.04 25.73 67.94
C GLY GA 534 -7.88 26.70 67.96
N VAL GA 535 -8.19 27.99 67.90
CA VAL GA 535 -7.20 29.05 67.91
C VAL GA 535 -7.53 30.00 69.05
N ILE GA 536 -6.53 30.37 69.85
CA ILE GA 536 -6.75 31.30 70.95
C ILE GA 536 -7.28 32.61 70.39
N ARG GA 537 -8.49 32.98 70.80
CA ARG GA 537 -9.12 34.21 70.33
C ARG GA 537 -8.68 35.42 71.13
N SER GA 538 -8.61 35.30 72.45
CA SER GA 538 -8.20 36.44 73.27
C SER GA 538 -7.62 35.95 74.59
N ILE GA 539 -6.78 36.80 75.19
CA ILE GA 539 -6.17 36.53 76.49
C ILE GA 539 -6.41 37.74 77.39
N LYS GA 540 -6.69 37.49 78.66
CA LYS GA 540 -6.90 38.58 79.61
C LYS GA 540 -6.48 38.12 81.00
N SER GA 541 -5.56 38.85 81.62
CA SER GA 541 -5.23 38.59 83.01
C SER GA 541 -6.29 39.14 83.95
N ARG GA 542 -6.92 40.25 83.57
CA ARG GA 542 -8.00 40.87 84.33
C ARG GA 542 -9.04 41.33 83.32
N ASP GA 543 -9.94 42.23 83.75
CA ASP GA 543 -10.87 42.85 82.81
C ASP GA 543 -10.14 43.58 81.70
N GLU GA 544 -8.91 44.04 81.96
CA GLU GA 544 -8.10 44.70 80.95
C GLU GA 544 -7.70 43.71 79.85
N PHE GA 545 -7.43 44.28 78.67
CA PHE GA 545 -7.02 43.48 77.52
C PHE GA 545 -5.50 43.34 77.51
N LEU GA 546 -5.04 42.11 77.31
CA LEU GA 546 -3.62 41.79 77.32
C LEU GA 546 -3.11 41.55 75.90
N GLN GA 547 -1.79 41.36 75.80
CA GLN GA 547 -1.14 41.08 74.53
C GLN GA 547 -0.35 39.77 74.56
N GLU GA 548 0.35 39.47 75.66
CA GLU GA 548 1.10 38.23 75.76
C GLU GA 548 1.36 37.95 77.24
N ALA GA 549 1.72 36.70 77.52
CA ALA GA 549 2.00 36.25 78.89
C ALA GA 549 3.35 35.54 78.91
N LYS GA 550 4.19 35.92 79.87
CA LYS GA 550 5.50 35.31 80.04
C LYS GA 550 5.45 34.30 81.19
N LYS GA 551 6.63 33.78 81.52
CA LYS GA 551 6.74 32.73 82.54
C LYS GA 551 6.25 33.24 83.90
N GLY GA 552 5.56 32.36 84.62
CA GLY GA 552 5.04 32.70 85.94
C GLY GA 552 3.93 33.73 85.94
N GLN GA 553 3.02 33.66 84.96
CA GLN GA 553 1.90 34.59 84.87
C GLN GA 553 0.63 33.81 84.62
N ALA GA 554 -0.43 34.16 85.34
CA ALA GA 554 -1.72 33.53 85.14
C ALA GA 554 -2.62 34.41 84.29
N VAL GA 555 -3.38 33.78 83.40
CA VAL GA 555 -4.20 34.53 82.44
C VAL GA 555 -5.39 33.68 82.04
N ALA GA 556 -6.56 34.31 81.93
CA ALA GA 556 -7.76 33.65 81.44
C ALA GA 556 -7.78 33.73 79.91
N ILE GA 557 -7.87 32.57 79.28
CA ILE GA 557 -7.88 32.46 77.82
C ILE GA 557 -9.33 32.27 77.39
N ALA GA 558 -9.74 33.03 76.37
CA ALA GA 558 -11.02 32.84 75.69
C ALA GA 558 -10.67 32.29 74.30
N ILE GA 559 -10.97 31.01 74.10
CA ILE GA 559 -10.59 30.29 72.91
C ILE GA 559 -11.84 29.86 72.16
N GLU GA 560 -11.68 29.60 70.87
CA GLU GA 560 -12.76 29.14 70.02
C GLU GA 560 -12.54 27.69 69.61
N GLY GA 561 -13.64 26.96 69.44
CA GLY GA 561 -13.59 25.58 69.02
C GLY GA 561 -13.28 24.58 70.10
N ALA GA 562 -13.13 25.01 71.35
CA ALA GA 562 -12.83 24.12 72.47
C ALA GA 562 -14.02 24.09 73.41
N ILE GA 563 -14.35 22.89 73.88
CA ILE GA 563 -15.46 22.67 74.80
C ILE GA 563 -14.94 21.80 75.95
N VAL GA 564 -15.29 22.18 77.18
CA VAL GA 564 -14.89 21.39 78.33
C VAL GA 564 -15.53 20.01 78.24
N GLY GA 565 -14.80 18.99 78.70
CA GLY GA 565 -15.29 17.63 78.59
C GLY GA 565 -14.81 16.92 77.35
N ARG GA 566 -15.63 16.92 76.30
CA ARG GA 566 -15.32 16.15 75.09
C ARG GA 566 -14.04 16.65 74.43
N HIS GA 567 -13.84 17.97 74.37
CA HIS GA 567 -12.67 18.52 73.69
C HIS GA 567 -11.51 18.78 74.65
N ILE GA 568 -11.79 19.30 75.84
CA ILE GA 568 -10.75 19.58 76.83
C ILE GA 568 -11.25 19.18 78.20
N HIS GA 569 -10.33 18.69 79.04
CA HIS GA 569 -10.63 18.31 80.40
C HIS GA 569 -9.82 19.16 81.38
N PRO GA 570 -10.38 19.49 82.54
CA PRO GA 570 -9.61 20.21 83.55
C PRO GA 570 -8.42 19.38 84.02
N GLY GA 571 -7.33 20.08 84.31
CA GLY GA 571 -6.11 19.40 84.73
C GLY GA 571 -5.35 18.70 83.64
N GLU GA 572 -5.68 18.97 82.38
CA GLU GA 572 -5.00 18.36 81.25
C GLU GA 572 -3.98 19.34 80.67
N THR GA 573 -2.86 18.80 80.20
CA THR GA 573 -1.75 19.61 79.73
C THR GA 573 -1.90 19.89 78.24
N LEU GA 574 -1.77 21.16 77.85
CA LEU GA 574 -1.93 21.61 76.48
C LEU GA 574 -0.60 22.06 75.89
N TYR GA 575 -0.41 21.75 74.61
CA TYR GA 575 0.81 22.02 73.88
C TYR GA 575 0.51 22.95 72.71
N VAL GA 576 1.46 23.83 72.42
CA VAL GA 576 1.35 24.72 71.25
C VAL GA 576 1.85 23.98 70.02
N ASP GA 577 1.02 23.93 68.97
CA ASP GA 577 1.44 23.32 67.72
C ASP GA 577 2.61 24.08 67.12
N LEU GA 578 3.61 23.34 66.65
CA LEU GA 578 4.85 23.92 66.17
C LEU GA 578 5.06 23.58 64.69
N SER GA 579 5.68 24.51 63.97
CA SER GA 579 6.06 24.31 62.58
C SER GA 579 7.52 23.87 62.53
N ARG GA 580 7.81 22.83 61.75
CA ARG GA 580 9.17 22.32 61.66
C ARG GA 580 10.13 23.35 61.08
N ASP GA 581 9.67 24.14 60.11
CA ASP GA 581 10.50 25.23 59.60
C ASP GA 581 10.79 26.25 60.70
N ASP GA 582 9.80 26.57 61.53
CA ASP GA 582 10.02 27.48 62.64
C ASP GA 582 11.01 26.89 63.64
N ALA GA 583 10.91 25.59 63.90
CA ALA GA 583 11.86 24.94 64.81
C ALA GA 583 13.28 25.01 64.25
N ILE GA 584 13.44 24.77 62.95
CA ILE GA 584 14.76 24.85 62.33
C ILE GA 584 15.30 26.27 62.42
N THR GA 585 14.44 27.26 62.16
CA THR GA 585 14.86 28.65 62.27
C THR GA 585 15.30 28.99 63.71
N LEU GA 586 14.53 28.54 64.69
CA LEU GA 586 14.88 28.81 66.09
C LEU GA 586 16.21 28.14 66.47
N LEU GA 587 16.42 26.90 66.02
CA LEU GA 587 17.63 26.17 66.40
C LEU GA 587 18.86 26.62 65.63
N LYS GA 588 18.69 27.24 64.47
CA LYS GA 588 19.84 27.63 63.65
C LYS GA 588 19.95 29.15 63.51
N HIS GA 589 18.90 29.82 63.05
CA HIS GA 589 18.99 31.26 62.80
C HIS GA 589 18.93 32.06 64.09
N LEU GA 590 17.82 31.95 64.83
CA LEU GA 590 17.62 32.72 66.06
C LEU GA 590 18.01 31.86 67.27
N ARG GA 591 19.30 31.58 67.35
CA ARG GA 591 19.86 30.87 68.48
C ARG GA 591 20.36 31.79 69.58
N ASP GA 592 20.46 33.09 69.31
CA ASP GA 592 20.85 34.03 70.36
C ASP GA 592 19.70 34.28 71.34
N THR GA 593 18.49 34.41 70.82
CA THR GA 593 17.32 34.70 71.65
C THR GA 593 16.61 33.39 72.01
N LEU GA 594 17.30 32.57 72.79
CA LEU GA 594 16.76 31.33 73.32
C LEU GA 594 17.29 31.13 74.72
N GLU GA 595 16.39 30.85 75.67
CA GLU GA 595 16.78 30.72 77.06
C GLU GA 595 16.34 29.38 77.63
N ASP GA 596 16.47 29.21 78.94
CA ASP GA 596 16.27 27.91 79.58
C ASP GA 596 14.84 27.40 79.37
N THR GA 597 13.85 28.22 79.70
CA THR GA 597 12.46 27.77 79.58
C THR GA 597 12.10 27.48 78.13
N ASP GA 598 12.57 28.32 77.20
CA ASP GA 598 12.25 28.14 75.79
C ASP GA 598 12.84 26.83 75.26
N ILE GA 599 14.12 26.57 75.58
CA ILE GA 599 14.74 25.35 75.07
C ILE GA 599 14.15 24.11 75.73
N LYS GA 600 13.82 24.19 77.02
CA LYS GA 600 13.16 23.06 77.67
C LYS GA 600 11.82 22.76 77.04
N ALA GA 601 11.02 23.81 76.80
CA ALA GA 601 9.71 23.63 76.17
C ALA GA 601 9.85 23.03 74.78
N LEU GA 602 10.77 23.57 73.97
CA LEU GA 602 10.92 23.08 72.62
C LEU GA 602 11.41 21.64 72.60
N LYS GA 603 12.34 21.30 73.49
CA LYS GA 603 12.85 19.92 73.54
C LYS GA 603 11.75 18.95 73.91
N MET GA 604 10.99 19.26 74.97
CA MET GA 604 9.93 18.33 75.37
C MET GA 604 8.81 18.27 74.35
N ILE GA 605 8.54 19.39 73.66
CA ILE GA 605 7.55 19.38 72.59
C ILE GA 605 8.01 18.48 71.46
N ALA GA 606 9.30 18.53 71.10
CA ALA GA 606 9.82 17.63 70.08
C ALA GA 606 9.71 16.18 70.52
N LYS GA 607 10.03 15.90 71.79
CA LYS GA 607 9.92 14.54 72.29
C LYS GA 607 8.48 14.04 72.21
N VAL GA 608 7.52 14.90 72.56
CA VAL GA 608 6.11 14.51 72.50
C VAL GA 608 5.68 14.29 71.05
N LYS GA 609 6.04 15.22 70.16
CA LYS GA 609 5.64 15.15 68.76
C LYS GA 609 6.37 14.06 68.00
N ALA GA 610 7.39 13.45 68.59
CA ALA GA 610 8.10 12.35 67.95
C ALA GA 610 7.25 11.09 67.94
N LYS GA 611 6.15 11.11 67.20
CA LYS GA 611 5.24 9.97 67.09
C LYS GA 611 5.00 9.53 65.67
N GLU GA 612 4.90 10.46 64.73
CA GLU GA 612 4.60 10.15 63.33
C GLU GA 612 5.74 10.49 62.39
N ASP GA 613 6.28 11.70 62.46
CA ASP GA 613 7.38 12.12 61.62
C ASP GA 613 8.70 11.81 62.32
N PRO GA 614 9.59 11.02 61.72
CA PRO GA 614 10.91 10.80 62.34
C PRO GA 614 11.74 12.07 62.49
N PHE GA 615 11.32 13.18 61.89
CA PHE GA 615 12.08 14.42 62.02
C PHE GA 615 12.14 14.89 63.47
N TRP GA 616 10.99 14.86 64.16
CA TRP GA 616 11.01 15.16 65.60
C TRP GA 616 11.67 14.07 66.42
N ARG GA 617 11.68 12.82 65.93
CA ARG GA 617 12.40 11.77 66.62
C ARG GA 617 13.90 12.04 66.63
N ALA GA 618 14.43 12.51 65.50
CA ALA GA 618 15.83 12.92 65.42
C ALA GA 618 16.05 14.34 65.90
N ILE GA 619 14.98 15.10 66.13
CA ILE GA 619 15.04 16.48 66.59
C ILE GA 619 15.91 17.33 65.65
MG MG HA . -6.76 5.53 -23.13
MG MG IA . 33.81 107.31 -20.91
MG MG JA . -70.20 8.91 32.03
MG MG KA . -14.59 -15.07 -11.53
MG MG LA . -35.55 15.34 -26.56
MG MG MA . 7.51 -42.77 31.24
MG MG NA . -13.01 -52.28 45.40
MG MG OA . -11.33 -33.78 42.28
MG MG PA . 33.04 52.83 4.20
MG MG QA . -12.40 41.68 13.79
MG MG RA . -47.51 12.24 -29.39
MG MG SA . -3.99 -6.15 -23.94
MG MG TA . -2.11 0.39 5.27
MG MG UA . 13.63 -44.39 39.48
MG MG VA . 11.13 -34.58 38.03
MG MG WA . 22.80 -39.79 39.05
MG MG XA . 12.75 -27.81 37.01
MG MG YA . -26.10 -31.72 24.01
MG MG ZA . -23.95 27.25 -8.83
MG MG AB . -16.43 -28.24 23.03
MG MG BB . -2.36 7.01 -1.40
MG MG CB . -32.50 21.49 -1.91
MG MG DB . -28.37 -0.69 21.70
MG MG EB . -1.50 21.13 -13.30
MG MG FB . -12.28 19.81 -3.87
MG MG GB . 26.79 51.69 -30.91
MG MG HB . 38.49 45.80 -31.87
MG MG IB . -22.56 5.66 14.97
MG MG JB . 34.48 70.48 -9.46
MG MG KB . 52.19 36.26 -36.81
MG MG LB . 36.76 35.70 -30.83
MG MG MB . -19.03 3.76 18.38
MG MG NB . -40.03 12.10 24.50
MG MG OB . 26.82 2.45 -11.33
MG MG PB . -20.10 41.34 -39.96
MG MG QB . 20.15 54.95 -2.58
MG MG RB . 34.17 50.12 -5.90
MG MG SB . 35.85 3.31 2.50
MG MG TB . 10.79 -19.66 16.52
MG MG UB . 11.45 -21.25 13.24
MG MG VB . -13.25 -52.64 55.11
MG MG WB . 15.57 -46.36 52.60
MG MG XB . 24.04 52.36 -12.72
MG MG YB . -21.32 25.70 -5.52
MG MG ZB . 44.15 34.26 -36.79
MG MG AC . -23.65 -43.13 54.16
MG MG BC . -24.17 6.49 -23.32
MG MG CC . -26.02 40.40 -17.43
MG MG DC . -3.08 54.16 -42.47
MG MG EC . -29.77 15.69 27.33
MG MG FC . 16.50 50.25 -11.72
MG MG GC . -11.27 -69.25 42.15
MG MG HC . -53.15 -5.76 31.19
MG MG IC . 36.96 38.77 -2.01
MG MG JC . -7.25 -41.88 -1.12
MG MG KC . -10.37 -33.00 -9.53
MG MG LC . 44.35 50.18 0.54
MG MG MC . 13.52 21.12 -9.02
ZN ZN NC . -17.91 -5.28 -61.45
ZN ZN OC . -12.56 3.86 -47.00
ZN ZN PC . 18.04 16.03 -43.46
MG MG QC . -7.86 -17.81 3.07
MG MG RC . -11.55 -52.74 23.04
ZN ZN SC . 20.54 -43.56 17.00
ZN ZN TC . -8.01 85.50 -33.49
ZN ZN UC . -70.57 35.70 -50.22
MG MG VC . -11.26 -4.10 19.17
N MET WC . -9.03 36.67 86.60
CA MET WC . -9.28 37.11 85.21
C MET WC . -10.78 37.21 84.99
O MET WC . -11.45 37.89 85.76
CB MET WC . -8.62 36.18 84.25
CG MET WC . -7.34 35.56 84.67
SD MET WC . -7.45 34.07 85.70
CE MET WC . -5.95 33.89 86.61
MG MG XC . -10.56 -10.66 34.16
#